data_3H1H
#
_entry.id   3H1H
#
_cell.length_a   169.590
_cell.length_b   182.518
_cell.length_c   240.573
_cell.angle_alpha   90.00
_cell.angle_beta   90.00
_cell.angle_gamma   90.00
#
_symmetry.space_group_name_H-M   'P 21 21 21'
#
loop_
_entity.id
_entity.type
_entity.pdbx_description
1 polymer 'UBIQUINOL-CYTOCHROME-C REDUCTASE COMPLEX CORE PROTEIN I, MITOCHONDRIAL'
2 polymer 'UBIQUINOL-CYTOCHROME-C REDUCTASE COMPLEX CORE PROTEIN 2, MITOCHONDRIAL'
3 polymer 'Cytochrome b'
4 polymer 'CYTOCHROME C1, HEME PROTEIN, MITOCHONDRIAL'
5 polymer 'Cytochrome b-c1 complex subunit Rieske, mitochondrial'
6 polymer 'UBIQUINOL-CYTOCHROME C REDUCTASE COMPLEX 14 KDA PROTEIN'
7 polymer 'UBIQUINOL-CYTOCHROME C REDUCTASE COMPLEX UBIQUINONE-BINDING PROTEIN QP-C'
8 polymer 'UBIQUINOL-CYTOCHROME C REDUCTASE COMPLEX 11 KDA PROTEIN'
9 polymer 'Cytochrome b-c1 complex subunit Rieske, mitochondrial'
10 polymer 'UBIQUINOL-CYTOCHROME C REDUCTASE COMPLEX 7.2 KDA PROTEIN'
11 non-polymer 'UNKNOWN LIGAND'
12 non-polymer 'PROTOPORPHYRIN IX CONTAINING FE'
13 non-polymer 'Coenzyme Q10, (2Z,6E,10Z,14E,18E,22E,26Z)-isomer'
14 non-polymer CARDIOLIPIN
15 non-polymer 1,2-dioleoyl-sn-glycero-3-phosphoethanolamine
16 non-polymer GLYCEROL
17 non-polymer 'HEME C'
18 non-polymer 'octyl beta-D-glucopyranoside'
19 non-polymer 'FE2/S2 (INORGANIC) CLUSTER'
20 water water
#
loop_
_entity_poly.entity_id
_entity_poly.type
_entity_poly.pdbx_seq_one_letter_code
_entity_poly.pdbx_strand_id
1 'polypeptide(L)'
;AATYAQTLQNIPETNVTTLDNGLRVASEESSQPTCTVGVWIGAGSRYENEKNNGAGYFVEHLAFKGTKKRPCAAFEKEVE
SMGAHFNGYTSREQTAFYIKALSKDMPKVVELLADVVQNCALEESQIEKERGVILQELKEMDNDMTNVTFDYLHATAFQG
TALARTVEGTTENIKHLTRADLASYIDTHFKAPRMVLAAAGGISHKELVDAARQHFSGVSFTYKEDAVPILPRCRFTGSE
IRARDDALPVAHVALAVEGPGWADPDNVVLHVANAIIGRYDRTFGGGKHLSSRLAALAVEHKLCHSFQTFNTSYSDTGLF
GFHFVADPLSIDDMMFCAQGEWMRLCTSTTESEVKRAKNHLRSAMVAQLDGTTPVCETIGSHLLNYGRRISLEEWDSRIS
AVDARMVRDVCSKYIYDKCPALAAVGPIEQLLDYNRIRSGMYWIRF
;
A,N
2 'polypeptide(L)'
;SLKVAPKVAVSAAAERVKLCPGAEDLEITKLPNGLIIASLENFSPASRIGVFIKAGSRYETTANLGTAHLLRLASPLTTK
GASSFRITRGIEAVGGSLSVYSTREKMTYCVECLRDHVDTVMEYLLNVTTAPEFRPWEVTDLQPQLKVDKAVAFQSPQVG
VLENLHAAAYKTALANPLYCPDYRIGKITSEQLHHFVQNNFTSARMALVGIGVKHSDLKQVAEQFLNIRSGAGTSSAKAT
YWGGEIREQNGHSLVHAAVVTEGAAVGSAEANAFSVLQHVLGAGPLIKRGSSVTSKLYQGVAKATTQPFDASAFNVNYSD
SGLFGFYTISQAAHAGEVIRAAMNQLKAAAQGGVTEEDVTKAKNQLKATYLMSVETAQGLLNEIGSEALLSGTHTAPSVV
AQKIDSVTSADVVNAAKKFVSGKKSMAASGDLGSTPFLDEL
;
B,O
3 'polypeptide(L)'
;MAPNIRKSHPLLKMINNSLIDLPAPSNISAWWNFGSLLAVCLMTQILTGLLLAMHYTADTSLAFSSVAHTCRNVQYGWLI
RNLHANGASFFFICIFLHIGRGLYYGSYLYKETWNTGVILLLTLMATAFVGYVLPWGQMSFWGATVITNLFSAIPYIGHT
LVEWAWGGFSVDNPTLTRFFALHFLLPFAIAGITIIHLTFLHESGSNNPLGISSDSDKIPFHPYYSFKDILGLTLMLTPF
LTLALFSPNLLGDPENFTPANPLVTPPHIKPEWYFLFAYAILRSIPNKLGGVLALAASVLILFLIPFLHKSKQRTMTFRP
LSQTLFWLLVANLLILTWIGSQPVEHPFIIIGQMASLSYFTILLILFPTIGTLENKMLNY
;
C,P
4 'polypeptide(L)'
;GELELHPPAFPWSHGGPLSALDHSSVRRGFQVYKQVCSACHSMDYVAFRNLIGVTHTEAEAKALAEEVEVQDGPDENGEL
FMRPGKISDYFPKPYPNPEAARAANNGALPPDLSYIVNARHGGEDYVFSLLTGYCDPPAGVVVREGLHYNPYFPGQAIGM
APPIYNEILEYDDGTPATMSQIAKDVCTFLRWAAEPEHDQRKRMGLKMLLISALLTSLLYYMKRHKWSVLKSRKMAYRPP
K
;
D,Q
5 'polypeptide(L)'
;VHNDVTVPDFSAYRREDVMDATTSSQTSSEDRKGFSYLVTATACVATAYAAKNVVTQFISSLSASADVLALSKIEIKLSD
IPEGKNVAFKWRGKPLFVRHRTQAEINQEAEVDVSKLRDPQHDLDRVKKPEWVILVGVCTHLGCVPIANSGDFGGYYCPC
HGSHYDASGRIRKGPAPYNLEVPTYQFVGDDLVVVG
;
E,R
6 'polypeptide(L)'
;AARATVAGGGRLMDRIRKWYYNAAGFNKYGLMRDDTLYEDDDVKEALKRLPEDLYNERMFRIKRALDLSLKHRILPKEQW
VKYEEDKPYLEPYLKEVIRERLEREAWNKK
;
F,S
7 'polypeptide(L)'
;GIHFGNLARVRHIITYSLSPFEQRAIPNIFSDALPNVWRRFSSQVFKVAPPFLGAYLLYSWGTQEFERLKRKNPADYEND
Q
;
G,T
8 'polypeptide(L)' LRGSGEEEEEELVDPLTTIREHCEQTEKCVKARERLELCDARVSSRSHTEEQCTEELFDFLHARDHCVAHKLFNKLK H,U
9 'polypeptide(L)'
;(UNK)(UNK)(UNK)(UNK)(UNK)(UNK)(UNK)(UNK)(UNK)(UNK)(UNK)(UNK)(UNK)(UNK)(UNK)RPLLC
RESMSGRSARRDLVAGISLNAPASVRY
;
I,V
10 'polypeptide(L)' ALLRQAYSALFRRTSTFALTVVLGAVLFERAFDQGADAIFEHLNEGKLWKHIKHKYEASEE J,W
#
loop_
_chem_comp.id
_chem_comp.type
_chem_comp.name
_chem_comp.formula
BOG D-saccharide 'octyl beta-D-glucopyranoside' 'C14 H28 O6'
CDL non-polymer CARDIOLIPIN 'C81 H156 O17 P2 -2'
FES non-polymer 'FE2/S2 (INORGANIC) CLUSTER' 'Fe2 S2'
GOL non-polymer GLYCEROL 'C3 H8 O3'
HEC non-polymer 'HEME C' 'C34 H34 Fe N4 O4'
HEM non-polymer 'PROTOPORPHYRIN IX CONTAINING FE' 'C34 H32 Fe N4 O4'
PEE non-polymer 1,2-dioleoyl-sn-glycero-3-phosphoethanolamine 'C41 H78 N O8 P'
UNL non-polymer 'UNKNOWN LIGAND' ?
UQ non-polymer 'Coenzyme Q10, (2Z,6E,10Z,14E,18E,22E,26Z)-isomer' 'C59 H90 O4'
#
# COMPACT_ATOMS: atom_id res chain seq x y z
N ALA A 2 10.61 50.29 41.03
CA ALA A 2 9.15 50.20 40.74
C ALA A 2 8.79 48.80 40.22
N THR A 3 8.12 48.00 41.05
CA THR A 3 7.73 46.65 40.66
C THR A 3 6.32 46.54 40.05
N TYR A 4 6.15 45.55 39.18
CA TYR A 4 4.87 45.28 38.54
C TYR A 4 3.81 45.39 39.62
N ALA A 5 4.04 44.69 40.73
CA ALA A 5 3.11 44.71 41.85
C ALA A 5 2.64 46.13 42.17
N GLN A 6 3.60 47.04 42.37
CA GLN A 6 3.28 48.42 42.70
C GLN A 6 2.63 49.16 41.54
N THR A 7 3.25 49.10 40.37
CA THR A 7 2.71 49.79 39.19
C THR A 7 1.22 49.49 39.05
N LEU A 8 0.79 48.36 39.60
CA LEU A 8 -0.61 47.98 39.53
C LEU A 8 -1.43 48.74 40.56
N GLN A 9 -0.96 48.71 41.81
CA GLN A 9 -1.65 49.41 42.89
C GLN A 9 -1.80 50.89 42.58
N ASN A 10 -0.78 51.46 41.95
CA ASN A 10 -0.76 52.87 41.61
C ASN A 10 -1.62 53.27 40.43
N ILE A 11 -2.37 52.32 39.89
CA ILE A 11 -3.23 52.67 38.77
C ILE A 11 -4.46 53.36 39.35
N PRO A 12 -4.69 54.61 38.93
CA PRO A 12 -5.84 55.38 39.42
C PRO A 12 -7.12 54.56 39.39
N GLU A 13 -8.06 54.92 40.25
CA GLU A 13 -9.32 54.20 40.33
C GLU A 13 -10.34 54.59 39.26
N THR A 14 -11.34 53.74 39.07
CA THR A 14 -12.39 54.00 38.08
C THR A 14 -13.62 54.48 38.83
N ASN A 15 -13.97 55.74 38.61
CA ASN A 15 -15.11 56.35 39.29
C ASN A 15 -16.44 55.99 38.66
N VAL A 16 -17.38 55.58 39.50
CA VAL A 16 -18.69 55.20 39.03
C VAL A 16 -19.81 55.85 39.84
N THR A 17 -20.65 56.63 39.15
CA THR A 17 -21.79 57.28 39.78
C THR A 17 -23.03 57.11 38.91
N THR A 18 -24.16 56.86 39.55
CA THR A 18 -25.40 56.67 38.82
C THR A 18 -26.20 57.96 38.85
N LEU A 19 -26.78 58.35 37.71
CA LEU A 19 -27.60 59.54 37.70
C LEU A 19 -28.92 59.13 38.32
N ASP A 20 -29.97 59.91 38.05
CA ASP A 20 -31.26 59.59 38.60
C ASP A 20 -32.04 58.68 37.64
N ASN A 21 -31.92 58.95 36.36
CA ASN A 21 -32.62 58.14 35.37
C ASN A 21 -32.08 56.72 35.27
N GLY A 22 -31.03 56.42 36.05
CA GLY A 22 -30.45 55.08 36.05
C GLY A 22 -29.15 54.90 35.29
N LEU A 23 -28.80 55.87 34.46
CA LEU A 23 -27.58 55.81 33.68
C LEU A 23 -26.37 55.81 34.59
N ARG A 24 -25.33 55.09 34.21
CA ARG A 24 -24.11 55.04 35.02
C ARG A 24 -22.96 55.71 34.30
N VAL A 25 -22.29 56.61 35.00
CA VAL A 25 -21.18 57.31 34.40
C VAL A 25 -19.88 56.85 35.05
N ALA A 26 -18.94 56.39 34.24
CA ALA A 26 -17.67 55.89 34.74
C ALA A 26 -16.51 56.38 33.91
N SER A 27 -15.33 56.43 34.51
CA SER A 27 -14.18 56.93 33.80
C SER A 27 -12.88 56.78 34.54
N GLU A 28 -11.79 56.70 33.79
CA GLU A 28 -10.46 56.58 34.38
C GLU A 28 -9.62 57.74 33.89
N GLU A 29 -9.25 58.60 34.83
CA GLU A 29 -8.46 59.80 34.56
C GLU A 29 -6.95 59.57 34.58
N SER A 30 -6.32 60.01 33.49
CA SER A 30 -4.88 59.90 33.30
C SER A 30 -4.38 61.30 32.99
N SER A 31 -3.07 61.43 32.79
CA SER A 31 -2.51 62.73 32.49
C SER A 31 -2.54 62.98 30.98
N GLN A 32 -3.44 62.32 30.27
CA GLN A 32 -3.51 62.45 28.81
C GLN A 32 -4.42 63.54 28.23
N PRO A 33 -3.86 64.40 27.35
CA PRO A 33 -4.49 65.52 26.65
C PRO A 33 -5.61 65.12 25.73
N THR A 34 -5.57 63.86 25.32
CA THR A 34 -6.58 63.33 24.43
C THR A 34 -7.38 62.30 25.21
N CYS A 35 -8.55 61.93 24.73
CA CYS A 35 -9.35 60.95 25.45
C CYS A 35 -10.36 60.19 24.57
N THR A 36 -11.15 59.37 25.22
CA THR A 36 -12.17 58.58 24.56
C THR A 36 -13.38 58.47 25.46
N VAL A 37 -14.51 58.98 25.01
CA VAL A 37 -15.71 58.88 25.81
C VAL A 37 -16.77 58.28 24.92
N GLY A 38 -17.67 57.50 25.51
CA GLY A 38 -18.72 56.88 24.74
C GLY A 38 -19.73 56.16 25.61
N VAL A 39 -20.84 55.81 24.98
CA VAL A 39 -21.91 55.09 25.67
C VAL A 39 -21.92 53.63 25.18
N TRP A 40 -21.84 52.71 26.13
CA TRP A 40 -21.86 51.28 25.87
C TRP A 40 -23.25 50.75 26.28
N ILE A 41 -24.01 50.26 25.30
CA ILE A 41 -25.36 49.76 25.53
C ILE A 41 -25.58 48.25 25.63
N GLY A 42 -26.52 47.87 26.49
CA GLY A 42 -26.87 46.47 26.66
C GLY A 42 -28.00 46.13 25.70
N ALA A 43 -27.69 46.18 24.41
CA ALA A 43 -28.63 45.87 23.35
C ALA A 43 -27.89 45.11 22.26
N GLY A 44 -28.63 44.57 21.30
CA GLY A 44 -27.99 43.83 20.22
C GLY A 44 -28.91 42.79 19.64
N SER A 45 -28.45 42.13 18.58
CA SER A 45 -29.24 41.13 17.88
C SER A 45 -29.91 40.18 18.85
N ARG A 46 -29.24 39.77 19.91
CA ARG A 46 -29.91 38.84 20.81
C ARG A 46 -31.23 39.42 21.28
N TYR A 47 -31.23 40.71 21.54
CA TYR A 47 -32.45 41.35 22.01
C TYR A 47 -33.44 41.52 20.89
N GLU A 48 -33.07 41.14 19.67
CA GLU A 48 -34.00 41.28 18.56
C GLU A 48 -34.92 40.06 18.52
N ASN A 49 -35.76 39.99 17.51
CA ASN A 49 -36.66 38.87 17.36
C ASN A 49 -36.71 38.53 15.87
N GLU A 50 -37.53 37.56 15.50
CA GLU A 50 -37.63 37.13 14.12
C GLU A 50 -38.01 38.24 13.12
N LYS A 51 -38.81 39.19 13.58
CA LYS A 51 -39.28 40.25 12.70
C LYS A 51 -38.44 41.51 12.63
N ASN A 52 -37.66 41.77 13.68
CA ASN A 52 -36.82 42.96 13.69
C ASN A 52 -35.32 42.66 13.69
N ASN A 53 -34.95 41.39 13.51
CA ASN A 53 -33.55 40.98 13.48
C ASN A 53 -32.82 41.81 12.43
N GLY A 54 -31.84 42.59 12.89
CA GLY A 54 -31.07 43.41 11.99
C GLY A 54 -31.31 44.89 12.20
N ALA A 55 -32.34 45.24 12.97
CA ALA A 55 -32.65 46.63 13.26
C ALA A 55 -31.47 47.32 13.94
N GLY A 56 -31.02 46.74 15.06
CA GLY A 56 -29.90 47.30 15.78
C GLY A 56 -28.69 47.62 14.91
N TYR A 57 -28.59 46.94 13.78
CA TYR A 57 -27.49 47.15 12.85
C TYR A 57 -27.87 48.26 11.88
N PHE A 58 -29.14 48.27 11.48
CA PHE A 58 -29.64 49.27 10.55
C PHE A 58 -29.53 50.59 11.29
N VAL A 59 -29.77 50.54 12.59
CA VAL A 59 -29.68 51.71 13.44
C VAL A 59 -28.24 52.18 13.46
N GLU A 60 -27.32 51.25 13.67
CA GLU A 60 -25.91 51.59 13.69
C GLU A 60 -25.55 52.35 12.43
N HIS A 61 -26.15 51.96 11.32
CA HIS A 61 -25.89 52.60 10.05
C HIS A 61 -26.44 54.02 9.92
N LEU A 62 -27.34 54.41 10.81
CA LEU A 62 -27.93 55.75 10.74
C LEU A 62 -27.55 56.61 11.94
N ALA A 63 -26.99 55.98 12.96
CA ALA A 63 -26.61 56.68 14.18
C ALA A 63 -25.78 57.90 13.89
N PHE A 64 -24.97 57.83 12.83
CA PHE A 64 -24.11 58.94 12.48
C PHE A 64 -24.64 59.82 11.36
N LYS A 65 -25.59 59.33 10.58
CA LYS A 65 -26.13 60.12 9.48
C LYS A 65 -26.94 61.33 9.96
N GLY A 66 -26.65 61.80 11.16
CA GLY A 66 -27.32 62.97 11.69
C GLY A 66 -28.55 62.80 12.56
N THR A 67 -28.76 63.77 13.44
CA THR A 67 -29.89 63.80 14.36
C THR A 67 -30.89 64.88 13.94
N LYS A 68 -31.91 65.11 14.76
CA LYS A 68 -32.93 66.12 14.47
C LYS A 68 -32.42 67.54 14.71
N LYS A 69 -31.72 67.75 15.82
CA LYS A 69 -31.19 69.08 16.15
C LYS A 69 -30.17 69.56 15.11
N ARG A 70 -29.38 68.63 14.57
CA ARG A 70 -28.37 68.99 13.59
C ARG A 70 -28.17 67.90 12.54
N PRO A 71 -28.86 68.03 11.40
CA PRO A 71 -28.81 67.08 10.29
C PRO A 71 -27.42 66.61 9.85
N CYS A 72 -27.42 65.67 8.88
CA CYS A 72 -26.21 65.04 8.33
C CYS A 72 -25.03 65.97 8.10
N ALA A 73 -25.11 66.76 7.04
CA ALA A 73 -24.04 67.70 6.70
C ALA A 73 -23.44 68.35 7.93
N ALA A 74 -24.28 69.05 8.69
CA ALA A 74 -23.87 69.74 9.90
C ALA A 74 -23.20 68.82 10.91
N PHE A 75 -23.88 67.74 11.29
CA PHE A 75 -23.33 66.82 12.27
C PHE A 75 -21.94 66.38 11.87
N GLU A 76 -21.82 65.93 10.64
CA GLU A 76 -20.53 65.47 10.16
C GLU A 76 -19.50 66.59 10.23
N LYS A 77 -19.83 67.72 9.60
CA LYS A 77 -18.94 68.86 9.57
C LYS A 77 -18.50 69.30 10.98
N GLU A 78 -19.44 69.32 11.92
CA GLU A 78 -19.11 69.73 13.27
C GLU A 78 -18.11 68.82 13.99
N VAL A 79 -18.11 67.53 13.65
CA VAL A 79 -17.21 66.59 14.31
C VAL A 79 -15.84 66.59 13.66
N GLU A 80 -15.83 66.46 12.33
CA GLU A 80 -14.58 66.45 11.59
C GLU A 80 -13.76 67.68 11.97
N SER A 81 -14.41 68.85 11.91
CA SER A 81 -13.76 70.12 12.21
C SER A 81 -13.12 70.27 13.58
N MET A 82 -13.39 69.34 14.49
CA MET A 82 -12.77 69.42 15.81
C MET A 82 -11.76 68.29 16.00
N GLY A 83 -11.45 67.60 14.89
CA GLY A 83 -10.50 66.50 14.90
C GLY A 83 -10.89 65.28 15.69
N ALA A 84 -12.18 65.13 15.99
CA ALA A 84 -12.67 63.98 16.77
C ALA A 84 -12.97 62.78 15.87
N HIS A 85 -12.75 61.59 16.40
CA HIS A 85 -13.03 60.37 15.65
C HIS A 85 -14.29 59.73 16.23
N PHE A 86 -15.27 59.46 15.38
CA PHE A 86 -16.51 58.83 15.82
C PHE A 86 -16.66 57.41 15.28
N ASN A 87 -16.67 56.44 16.20
CA ASN A 87 -16.76 55.04 15.83
C ASN A 87 -17.77 54.34 16.72
N GLY A 88 -18.17 53.14 16.31
CA GLY A 88 -19.12 52.38 17.10
C GLY A 88 -19.32 50.99 16.53
N TYR A 89 -20.04 50.14 17.26
CA TYR A 89 -20.28 48.79 16.80
C TYR A 89 -21.48 48.14 17.46
N THR A 90 -21.75 46.91 17.08
CA THR A 90 -22.88 46.20 17.63
C THR A 90 -22.64 44.69 17.57
N SER A 91 -22.81 44.01 18.69
CA SER A 91 -22.63 42.57 18.72
C SER A 91 -23.98 41.94 19.08
N ARG A 92 -23.95 40.69 19.55
CA ARG A 92 -25.19 40.01 19.89
C ARG A 92 -25.81 40.52 21.19
N GLU A 93 -24.96 40.80 22.18
CA GLU A 93 -25.42 41.32 23.48
C GLU A 93 -24.89 42.70 23.88
N GLN A 94 -24.24 43.41 22.97
CA GLN A 94 -23.66 44.71 23.32
C GLN A 94 -23.47 45.62 22.13
N THR A 95 -23.96 46.85 22.25
CA THR A 95 -23.83 47.85 21.18
C THR A 95 -23.07 49.02 21.81
N ALA A 96 -22.41 49.85 20.99
CA ALA A 96 -21.66 50.99 21.53
C ALA A 96 -21.28 52.06 20.50
N PHE A 97 -21.30 53.32 20.93
CA PHE A 97 -20.89 54.44 20.10
C PHE A 97 -19.91 55.23 20.97
N TYR A 98 -18.72 55.47 20.45
CA TYR A 98 -17.73 56.21 21.22
C TYR A 98 -16.95 57.18 20.39
N ILE A 99 -16.41 58.21 21.04
CA ILE A 99 -15.63 59.23 20.35
C ILE A 99 -14.24 59.43 20.91
N LYS A 100 -13.33 59.77 20.02
CA LYS A 100 -11.93 60.02 20.35
C LYS A 100 -11.60 61.46 20.02
N ALA A 101 -11.37 62.25 21.07
CA ALA A 101 -11.05 63.67 20.91
C ALA A 101 -10.23 64.16 22.09
N LEU A 102 -9.84 65.43 22.03
CA LEU A 102 -9.05 66.05 23.08
C LEU A 102 -9.91 66.18 24.34
N SER A 103 -9.30 66.01 25.50
CA SER A 103 -10.01 66.11 26.75
C SER A 103 -10.74 67.45 26.81
N LYS A 104 -10.11 68.47 26.25
CA LYS A 104 -10.66 69.81 26.19
C LYS A 104 -12.12 69.85 25.72
N ASP A 105 -12.49 68.92 24.87
CA ASP A 105 -13.85 68.91 24.35
C ASP A 105 -14.74 67.84 24.96
N MET A 106 -14.25 67.23 26.03
CA MET A 106 -15.00 66.18 26.71
C MET A 106 -16.50 66.50 26.83
N PRO A 107 -16.85 67.75 27.20
CA PRO A 107 -18.28 68.08 27.31
C PRO A 107 -19.03 68.19 25.99
N LYS A 108 -18.47 68.89 25.01
CA LYS A 108 -19.14 69.03 23.71
C LYS A 108 -19.33 67.64 23.13
N VAL A 109 -18.41 66.74 23.45
CA VAL A 109 -18.50 65.37 22.98
C VAL A 109 -19.76 64.78 23.62
N VAL A 110 -19.74 64.67 24.94
CA VAL A 110 -20.86 64.14 25.68
C VAL A 110 -22.18 64.62 25.12
N GLU A 111 -22.23 65.88 24.73
CA GLU A 111 -23.46 66.43 24.17
C GLU A 111 -23.82 65.67 22.91
N LEU A 112 -22.84 65.59 22.00
CA LEU A 112 -23.01 64.89 20.74
C LEU A 112 -23.53 63.47 20.95
N LEU A 113 -22.83 62.72 21.80
CA LEU A 113 -23.21 61.34 22.10
C LEU A 113 -24.70 61.32 22.39
N ALA A 114 -25.06 61.95 23.50
CA ALA A 114 -26.44 62.04 23.94
C ALA A 114 -27.41 62.40 22.82
N ASP A 115 -26.97 63.26 21.91
CA ASP A 115 -27.84 63.65 20.82
C ASP A 115 -28.05 62.49 19.83
N VAL A 116 -27.03 61.64 19.71
CA VAL A 116 -27.07 60.50 18.80
C VAL A 116 -27.97 59.37 19.27
N VAL A 117 -27.77 58.95 20.52
CA VAL A 117 -28.56 57.87 21.10
C VAL A 117 -29.99 58.30 21.35
N GLN A 118 -30.19 59.58 21.67
CA GLN A 118 -31.53 60.07 21.97
C GLN A 118 -32.31 60.67 20.83
N ASN A 119 -31.64 61.31 19.87
CA ASN A 119 -32.34 61.94 18.76
C ASN A 119 -31.95 61.60 17.33
N CYS A 120 -31.69 60.33 17.04
CA CYS A 120 -31.32 59.95 15.69
C CYS A 120 -32.36 60.43 14.68
N ALA A 121 -31.87 60.99 13.58
CA ALA A 121 -32.75 61.51 12.54
C ALA A 121 -33.73 60.46 12.05
N LEU A 122 -33.18 59.43 11.41
CA LEU A 122 -33.99 58.36 10.86
C LEU A 122 -34.73 58.95 9.70
N GLU A 123 -34.03 59.80 8.97
CA GLU A 123 -34.62 60.44 7.82
C GLU A 123 -35.09 59.40 6.82
N GLU A 124 -36.39 59.37 6.58
CA GLU A 124 -36.98 58.42 5.66
C GLU A 124 -36.14 58.18 4.41
N SER A 125 -35.53 59.25 3.90
CA SER A 125 -34.73 59.16 2.68
C SER A 125 -33.38 58.48 2.88
N GLN A 126 -32.82 58.58 4.08
CA GLN A 126 -31.52 57.98 4.39
C GLN A 126 -31.65 56.47 4.49
N ILE A 127 -32.69 56.03 5.16
CA ILE A 127 -32.93 54.62 5.32
C ILE A 127 -32.81 53.89 3.99
N GLU A 128 -33.69 54.20 3.05
CA GLU A 128 -33.66 53.53 1.74
C GLU A 128 -32.28 53.47 1.07
N LYS A 129 -31.35 54.31 1.53
CA LYS A 129 -30.01 54.30 0.94
C LYS A 129 -29.12 53.33 1.71
N GLU A 130 -29.09 53.45 3.03
CA GLU A 130 -28.29 52.57 3.89
C GLU A 130 -28.77 51.14 3.73
N ARG A 131 -29.99 51.00 3.25
CA ARG A 131 -30.56 49.68 3.02
C ARG A 131 -29.78 49.05 1.87
N GLY A 132 -29.53 49.81 0.81
CA GLY A 132 -28.77 49.29 -0.31
C GLY A 132 -27.35 49.03 0.15
N VAL A 133 -26.85 49.89 1.04
CA VAL A 133 -25.49 49.80 1.59
C VAL A 133 -25.31 48.54 2.42
N ILE A 134 -26.17 48.36 3.42
CA ILE A 134 -26.07 47.19 4.26
C ILE A 134 -26.13 45.96 3.36
N LEU A 135 -27.09 45.95 2.44
CA LEU A 135 -27.21 44.83 1.52
C LEU A 135 -25.87 44.52 0.85
N GLN A 136 -25.06 45.55 0.63
CA GLN A 136 -23.75 45.36 0.02
C GLN A 136 -22.79 44.80 1.03
N GLU A 137 -22.83 45.34 2.23
CA GLU A 137 -21.93 44.86 3.25
C GLU A 137 -22.12 43.36 3.47
N LEU A 138 -23.36 42.89 3.39
CA LEU A 138 -23.60 41.46 3.59
C LEU A 138 -22.87 40.64 2.56
N LYS A 139 -22.94 41.04 1.28
CA LYS A 139 -22.25 40.29 0.25
C LYS A 139 -20.74 40.25 0.44
N GLU A 140 -20.16 41.33 0.94
CA GLU A 140 -18.73 41.37 1.18
C GLU A 140 -18.38 40.48 2.35
N MET A 141 -19.21 40.50 3.39
CA MET A 141 -18.94 39.70 4.57
C MET A 141 -19.15 38.22 4.30
N ASP A 142 -19.97 37.94 3.31
CA ASP A 142 -20.27 36.57 2.95
C ASP A 142 -19.01 35.90 2.43
N ASN A 143 -18.03 36.70 2.00
CA ASN A 143 -16.79 36.12 1.52
C ASN A 143 -15.70 36.08 2.58
N ASP A 144 -16.06 36.28 3.84
CA ASP A 144 -15.08 36.23 4.92
C ASP A 144 -15.29 34.96 5.75
N MET A 145 -14.88 33.83 5.18
CA MET A 145 -15.02 32.53 5.81
C MET A 145 -14.93 32.49 7.32
N THR A 146 -14.03 33.28 7.90
CA THR A 146 -13.88 33.26 9.35
C THR A 146 -15.14 33.72 10.09
N ASN A 147 -15.82 34.72 9.56
CA ASN A 147 -17.04 35.17 10.22
C ASN A 147 -18.24 34.37 9.71
N VAL A 148 -18.19 33.87 8.48
CA VAL A 148 -19.28 33.05 8.02
C VAL A 148 -19.28 31.83 8.92
N THR A 149 -18.11 31.37 9.33
CA THR A 149 -18.01 30.20 10.19
C THR A 149 -18.54 30.42 11.59
N PHE A 150 -18.06 31.48 12.25
CA PHE A 150 -18.53 31.76 13.60
C PHE A 150 -20.02 31.98 13.62
N ASP A 151 -20.56 32.57 12.56
CA ASP A 151 -22.01 32.77 12.52
C ASP A 151 -22.64 31.38 12.54
N TYR A 152 -22.25 30.53 11.59
CA TYR A 152 -22.80 29.17 11.56
C TYR A 152 -22.60 28.49 12.90
N LEU A 153 -21.44 28.68 13.52
CA LEU A 153 -21.19 28.06 14.81
C LEU A 153 -22.34 28.37 15.75
N HIS A 154 -22.62 29.66 15.92
CA HIS A 154 -23.72 30.10 16.78
C HIS A 154 -25.03 29.52 16.27
N ALA A 155 -25.24 29.69 14.97
CA ALA A 155 -26.45 29.23 14.29
C ALA A 155 -26.87 27.86 14.75
N THR A 156 -25.91 27.00 15.05
CA THR A 156 -26.22 25.65 15.47
C THR A 156 -25.97 25.41 16.94
N ALA A 157 -24.94 26.02 17.51
CA ALA A 157 -24.63 25.83 18.93
C ALA A 157 -25.78 26.33 19.78
N PHE A 158 -26.50 27.34 19.27
CA PHE A 158 -27.66 27.93 19.97
C PHE A 158 -28.89 27.85 19.10
N GLN A 159 -28.86 26.92 18.15
CA GLN A 159 -29.97 26.71 17.22
C GLN A 159 -31.33 26.84 17.91
N GLY A 160 -32.27 27.45 17.20
CA GLY A 160 -33.61 27.61 17.73
C GLY A 160 -33.78 28.67 18.80
N THR A 161 -32.73 29.43 19.08
CA THR A 161 -32.83 30.48 20.10
C THR A 161 -32.44 31.86 19.61
N ALA A 162 -32.54 32.81 20.53
CA ALA A 162 -32.22 34.20 20.27
C ALA A 162 -30.76 34.38 19.84
N LEU A 163 -29.84 33.67 20.49
CA LEU A 163 -28.44 33.78 20.17
C LEU A 163 -28.04 33.21 18.84
N ALA A 164 -28.91 32.41 18.22
CA ALA A 164 -28.60 31.81 16.92
C ALA A 164 -28.70 32.76 15.74
N ARG A 165 -28.98 34.04 15.99
CA ARG A 165 -29.13 35.01 14.93
C ARG A 165 -27.88 35.83 14.65
N THR A 166 -27.68 36.17 13.38
CA THR A 166 -26.54 36.99 12.97
C THR A 166 -26.77 38.42 13.43
N VAL A 167 -25.69 39.14 13.71
CA VAL A 167 -25.83 40.52 14.16
C VAL A 167 -26.35 41.40 13.04
N GLU A 168 -25.92 41.12 11.82
CA GLU A 168 -26.39 41.94 10.73
C GLU A 168 -27.84 41.68 10.38
N GLY A 169 -28.28 40.42 10.47
CA GLY A 169 -29.67 40.12 10.15
C GLY A 169 -30.00 39.44 8.82
N THR A 170 -31.26 39.09 8.66
CA THR A 170 -31.75 38.43 7.47
C THR A 170 -31.73 39.38 6.28
N THR A 171 -31.83 38.82 5.08
CA THR A 171 -31.87 39.61 3.86
C THR A 171 -33.23 40.24 3.77
N GLU A 172 -34.26 39.44 4.03
CA GLU A 172 -35.60 39.97 3.99
C GLU A 172 -35.68 41.11 5.00
N ASN A 173 -35.45 40.78 6.27
CA ASN A 173 -35.49 41.77 7.33
C ASN A 173 -34.92 43.13 6.95
N ILE A 174 -33.79 43.13 6.24
CA ILE A 174 -33.19 44.38 5.85
C ILE A 174 -33.89 45.01 4.66
N LYS A 175 -34.52 44.18 3.84
CA LYS A 175 -35.24 44.70 2.69
C LYS A 175 -36.56 45.36 3.08
N HIS A 176 -37.12 44.97 4.23
CA HIS A 176 -38.40 45.50 4.62
C HIS A 176 -38.49 46.30 5.92
N LEU A 177 -37.46 46.27 6.76
CA LEU A 177 -37.51 47.01 8.02
C LEU A 177 -38.01 48.41 7.74
N THR A 178 -38.67 49.00 8.72
CA THR A 178 -39.28 50.32 8.55
C THR A 178 -38.88 51.43 9.52
N ARG A 179 -38.97 52.67 9.02
CA ARG A 179 -38.66 53.86 9.81
C ARG A 179 -39.20 53.60 11.22
N ALA A 180 -40.37 52.95 11.26
CA ALA A 180 -41.05 52.62 12.50
C ALA A 180 -40.26 51.63 13.34
N ASP A 181 -40.05 50.45 12.78
CA ASP A 181 -39.33 49.38 13.46
C ASP A 181 -38.01 49.86 14.04
N LEU A 182 -37.30 50.68 13.26
CA LEU A 182 -36.01 51.23 13.70
C LEU A 182 -36.24 52.16 14.88
N ALA A 183 -37.18 53.08 14.70
CA ALA A 183 -37.53 54.03 15.75
C ALA A 183 -37.84 53.22 17.00
N SER A 184 -38.77 52.28 16.85
CA SER A 184 -39.18 51.41 17.94
C SER A 184 -38.00 50.78 18.66
N TYR A 185 -37.07 50.19 17.90
CA TYR A 185 -35.90 49.55 18.50
C TYR A 185 -35.17 50.50 19.43
N ILE A 186 -34.93 51.72 18.93
CA ILE A 186 -34.22 52.73 19.71
C ILE A 186 -34.98 53.09 20.99
N ASP A 187 -36.25 53.40 20.82
CA ASP A 187 -37.13 53.79 21.94
C ASP A 187 -37.40 52.66 22.93
N THR A 188 -37.18 51.43 22.49
CA THR A 188 -37.40 50.25 23.32
C THR A 188 -36.12 49.82 24.03
N HIS A 189 -34.99 49.94 23.34
CA HIS A 189 -33.72 49.50 23.91
C HIS A 189 -32.75 50.53 24.45
N PHE A 190 -32.55 51.64 23.76
CA PHE A 190 -31.59 52.65 24.24
C PHE A 190 -32.09 53.41 25.45
N LYS A 191 -31.93 52.84 26.64
CA LYS A 191 -32.40 53.50 27.84
C LYS A 191 -31.40 53.52 28.99
N ALA A 192 -31.34 54.68 29.64
CA ALA A 192 -30.44 54.97 30.75
C ALA A 192 -29.98 53.83 31.67
N PRO A 193 -30.92 53.08 32.25
CA PRO A 193 -30.53 51.98 33.14
C PRO A 193 -29.71 50.90 32.44
N ARG A 194 -29.84 50.84 31.12
CA ARG A 194 -29.15 49.86 30.31
C ARG A 194 -27.95 50.47 29.57
N MET A 195 -27.64 51.73 29.88
CA MET A 195 -26.52 52.42 29.24
C MET A 195 -25.41 52.83 30.21
N VAL A 196 -24.23 53.08 29.66
CA VAL A 196 -23.12 53.51 30.47
C VAL A 196 -22.30 54.52 29.69
N LEU A 197 -22.12 55.68 30.32
CA LEU A 197 -21.30 56.72 29.72
C LEU A 197 -19.95 56.47 30.37
N ALA A 198 -19.01 55.97 29.58
CA ALA A 198 -17.68 55.68 30.08
C ALA A 198 -16.71 56.56 29.35
N ALA A 199 -15.59 56.86 29.99
CA ALA A 199 -14.59 57.70 29.37
C ALA A 199 -13.24 57.52 30.03
N ALA A 200 -12.19 57.85 29.29
CA ALA A 200 -10.86 57.75 29.83
C ALA A 200 -9.90 58.72 29.12
N GLY A 201 -8.96 59.24 29.91
CA GLY A 201 -8.01 60.20 29.39
C GLY A 201 -7.76 61.30 30.40
N GLY A 202 -7.69 62.54 29.93
CA GLY A 202 -7.47 63.66 30.83
C GLY A 202 -8.79 64.31 31.18
N ILE A 203 -9.72 63.51 31.71
CA ILE A 203 -11.03 64.01 32.08
C ILE A 203 -11.33 63.94 33.58
N SER A 204 -12.05 64.96 34.05
CA SER A 204 -12.43 65.07 35.45
C SER A 204 -13.78 64.37 35.60
N HIS A 205 -13.83 63.33 36.42
CA HIS A 205 -15.07 62.62 36.61
C HIS A 205 -16.22 63.61 36.79
N LYS A 206 -16.00 64.58 37.67
CA LYS A 206 -17.01 65.58 37.96
C LYS A 206 -17.39 66.39 36.73
N GLU A 207 -16.40 66.95 36.02
CA GLU A 207 -16.73 67.72 34.82
C GLU A 207 -17.60 66.86 33.89
N LEU A 208 -17.33 65.55 33.90
CA LEU A 208 -18.05 64.58 33.08
C LEU A 208 -19.46 64.33 33.59
N VAL A 209 -19.54 63.89 34.84
CA VAL A 209 -20.83 63.61 35.44
C VAL A 209 -21.74 64.84 35.38
N ASP A 210 -21.16 66.04 35.46
CA ASP A 210 -21.95 67.29 35.40
C ASP A 210 -22.53 67.42 34.01
N ALA A 211 -21.67 67.31 33.01
CA ALA A 211 -22.08 67.42 31.62
C ALA A 211 -23.05 66.29 31.28
N ALA A 212 -23.01 65.24 32.10
CA ALA A 212 -23.89 64.10 31.91
C ALA A 212 -25.32 64.45 32.31
N ARG A 213 -25.49 64.91 33.55
CA ARG A 213 -26.79 65.31 34.09
C ARG A 213 -27.46 66.32 33.18
N GLN A 214 -26.64 67.12 32.51
CA GLN A 214 -27.13 68.16 31.63
C GLN A 214 -27.77 67.67 30.33
N HIS A 215 -27.20 66.65 29.69
CA HIS A 215 -27.75 66.17 28.41
C HIS A 215 -28.50 64.84 28.43
N PHE A 216 -28.27 64.02 29.45
CA PHE A 216 -28.97 62.75 29.57
C PHE A 216 -30.06 62.97 30.61
N SER A 217 -31.18 63.55 30.19
CA SER A 217 -32.29 63.85 31.09
C SER A 217 -33.36 62.76 31.09
N GLY A 218 -34.31 62.91 30.17
CA GLY A 218 -35.40 61.96 30.01
C GLY A 218 -35.63 61.05 31.20
N VAL A 219 -36.38 61.54 32.18
CA VAL A 219 -36.66 60.76 33.36
C VAL A 219 -37.88 59.89 33.14
N SER A 220 -37.77 58.66 33.62
CA SER A 220 -38.80 57.63 33.51
C SER A 220 -39.90 57.78 34.57
N PHE A 221 -41.14 57.46 34.18
CA PHE A 221 -42.28 57.56 35.09
C PHE A 221 -42.66 56.26 35.78
N THR A 222 -42.97 55.24 34.98
CA THR A 222 -43.37 53.93 35.50
C THR A 222 -42.20 53.09 36.00
N TYR A 223 -42.49 52.02 36.73
CA TYR A 223 -41.48 51.12 37.28
C TYR A 223 -40.85 50.26 36.19
N LYS A 224 -41.63 50.00 35.14
CA LYS A 224 -41.16 49.21 34.02
C LYS A 224 -39.94 49.87 33.40
N GLU A 225 -40.01 51.18 33.22
CA GLU A 225 -38.94 51.95 32.60
C GLU A 225 -37.57 51.90 33.28
N ASP A 226 -37.49 51.57 34.56
CA ASP A 226 -36.16 51.54 35.17
C ASP A 226 -35.64 50.23 35.78
N ALA A 227 -36.21 49.11 35.33
CA ALA A 227 -35.76 47.78 35.74
C ALA A 227 -35.21 47.17 34.44
N VAL A 228 -34.02 46.57 34.52
CA VAL A 228 -33.38 45.97 33.35
C VAL A 228 -33.96 44.57 33.11
N PRO A 229 -34.61 44.35 31.95
CA PRO A 229 -35.22 43.08 31.58
C PRO A 229 -34.26 41.92 31.36
N ILE A 230 -34.53 40.81 32.04
CA ILE A 230 -33.73 39.60 31.94
C ILE A 230 -34.19 38.81 30.73
N LEU A 231 -33.23 38.36 29.92
CA LEU A 231 -33.53 37.64 28.70
C LEU A 231 -33.82 36.16 28.88
N PRO A 232 -34.74 35.61 28.06
CA PRO A 232 -35.05 34.19 28.17
C PRO A 232 -33.78 33.46 27.76
N ARG A 233 -33.48 32.37 28.43
CA ARG A 233 -32.28 31.61 28.17
C ARG A 233 -32.09 30.95 26.80
N CYS A 234 -30.83 30.79 26.40
CA CYS A 234 -30.47 30.16 25.13
C CYS A 234 -29.93 28.75 25.37
N ARG A 235 -30.56 27.78 24.73
CA ARG A 235 -30.19 26.39 24.88
C ARG A 235 -29.10 25.93 23.91
N PHE A 236 -28.05 25.34 24.47
CA PHE A 236 -26.93 24.83 23.69
C PHE A 236 -27.32 23.47 23.13
N THR A 237 -26.72 23.10 22.00
CA THR A 237 -27.01 21.80 21.38
C THR A 237 -25.81 21.20 20.68
N GLY A 238 -25.39 20.03 21.16
CA GLY A 238 -24.27 19.37 20.54
C GLY A 238 -24.70 19.05 19.12
N SER A 239 -24.09 19.71 18.14
CA SER A 239 -24.50 19.43 16.79
C SER A 239 -23.50 20.00 15.82
N GLU A 240 -23.73 19.73 14.54
CA GLU A 240 -22.83 20.19 13.52
C GLU A 240 -23.59 20.72 12.32
N ILE A 241 -22.92 21.61 11.58
CA ILE A 241 -23.44 22.20 10.37
C ILE A 241 -22.24 22.20 9.45
N ARG A 242 -22.42 21.66 8.25
CA ARG A 242 -21.34 21.56 7.28
C ARG A 242 -21.74 22.19 5.98
N ALA A 243 -21.10 23.31 5.69
CA ALA A 243 -21.36 24.05 4.49
C ALA A 243 -20.19 23.72 3.59
N ARG A 244 -20.40 22.75 2.72
CA ARG A 244 -19.34 22.34 1.84
C ARG A 244 -19.30 23.07 0.51
N ASP A 245 -18.08 23.28 0.03
CA ASP A 245 -17.82 23.94 -1.24
C ASP A 245 -16.37 23.66 -1.64
N ASP A 246 -16.15 22.54 -2.31
CA ASP A 246 -14.81 22.18 -2.72
C ASP A 246 -14.16 23.25 -3.57
N ALA A 247 -14.94 24.23 -3.98
CA ALA A 247 -14.41 25.31 -4.81
C ALA A 247 -13.57 26.29 -4.01
N LEU A 248 -13.76 26.33 -2.70
CA LEU A 248 -12.95 27.22 -1.87
C LEU A 248 -11.58 26.55 -1.70
N PRO A 249 -10.51 27.37 -1.69
CA PRO A 249 -9.09 26.98 -1.55
C PRO A 249 -8.72 26.38 -0.20
N VAL A 250 -9.36 26.83 0.87
CA VAL A 250 -9.07 26.26 2.19
C VAL A 250 -10.36 25.94 2.97
N ALA A 251 -10.23 25.19 4.05
CA ALA A 251 -11.39 24.83 4.82
C ALA A 251 -11.32 25.48 6.18
N HIS A 252 -12.48 25.81 6.74
CA HIS A 252 -12.56 26.43 8.05
C HIS A 252 -13.32 25.54 9.02
N VAL A 253 -12.79 25.31 10.21
CA VAL A 253 -13.46 24.46 11.19
C VAL A 253 -13.49 25.13 12.57
N ALA A 254 -14.63 25.08 13.24
CA ALA A 254 -14.77 25.67 14.56
C ALA A 254 -15.47 24.65 15.43
N LEU A 255 -14.94 24.42 16.63
CA LEU A 255 -15.53 23.44 17.52
C LEU A 255 -15.68 24.04 18.91
N ALA A 256 -16.82 23.79 19.57
CA ALA A 256 -17.00 24.39 20.89
C ALA A 256 -17.98 23.71 21.81
N VAL A 257 -17.77 23.92 23.11
CA VAL A 257 -18.64 23.37 24.12
C VAL A 257 -19.25 24.61 24.71
N GLU A 258 -20.31 24.46 25.52
CA GLU A 258 -20.96 25.62 26.11
C GLU A 258 -20.11 26.28 27.19
N GLY A 259 -20.10 27.62 27.16
CA GLY A 259 -19.34 28.41 28.12
C GLY A 259 -20.14 28.77 29.36
N PRO A 260 -19.48 29.23 30.45
CA PRO A 260 -20.13 29.60 31.72
C PRO A 260 -20.84 30.95 31.81
N GLY A 261 -20.35 31.96 31.10
CA GLY A 261 -21.02 33.25 31.18
C GLY A 261 -20.23 34.22 32.05
N TRP A 262 -20.18 35.48 31.59
CA TRP A 262 -19.46 36.57 32.23
C TRP A 262 -19.17 36.48 33.71
N ALA A 263 -20.23 36.46 34.52
CA ALA A 263 -20.12 36.40 35.97
C ALA A 263 -19.26 35.28 36.56
N ASP A 264 -19.31 34.08 35.98
CA ASP A 264 -18.57 32.95 36.53
C ASP A 264 -17.05 33.12 36.60
N PRO A 265 -16.49 32.84 37.78
CA PRO A 265 -15.05 32.94 38.03
C PRO A 265 -14.24 31.98 37.18
N ASP A 266 -14.78 30.80 36.95
CA ASP A 266 -14.06 29.81 36.16
C ASP A 266 -13.50 30.42 34.89
N ASN A 267 -14.25 31.34 34.29
CA ASN A 267 -13.80 32.01 33.09
C ASN A 267 -12.32 32.39 33.16
N VAL A 268 -11.85 32.73 34.36
CA VAL A 268 -10.45 33.09 34.48
C VAL A 268 -9.59 31.88 34.16
N VAL A 269 -9.89 30.76 34.82
CA VAL A 269 -9.13 29.54 34.58
C VAL A 269 -9.28 29.15 33.12
N LEU A 270 -10.50 29.24 32.59
CA LEU A 270 -10.72 28.89 31.19
C LEU A 270 -9.78 29.67 30.30
N HIS A 271 -9.63 30.97 30.58
CA HIS A 271 -8.72 31.80 29.79
C HIS A 271 -7.29 31.32 29.99
N VAL A 272 -6.93 31.01 31.23
CA VAL A 272 -5.60 30.52 31.54
C VAL A 272 -5.33 29.28 30.69
N ALA A 273 -6.37 28.49 30.50
CA ALA A 273 -6.29 27.27 29.71
C ALA A 273 -5.98 27.61 28.26
N ASN A 274 -6.86 28.38 27.61
CA ASN A 274 -6.62 28.74 26.23
C ASN A 274 -5.23 29.34 26.04
N ALA A 275 -4.67 29.89 27.12
CA ALA A 275 -3.34 30.51 27.07
C ALA A 275 -2.29 29.44 26.79
N ILE A 276 -2.57 28.23 27.26
CA ILE A 276 -1.67 27.12 27.06
C ILE A 276 -1.73 26.67 25.59
N ILE A 277 -2.92 26.38 25.09
CA ILE A 277 -3.06 25.95 23.70
C ILE A 277 -2.70 27.10 22.78
N GLY A 278 -3.12 28.30 23.16
CA GLY A 278 -2.78 29.49 22.39
C GLY A 278 -3.24 29.62 20.96
N ARG A 279 -2.33 30.06 20.10
CA ARG A 279 -2.65 30.25 18.70
C ARG A 279 -1.45 30.23 17.78
N TYR A 280 -1.69 29.98 16.50
CA TYR A 280 -0.63 29.90 15.51
C TYR A 280 -1.05 30.55 14.22
N ASP A 281 -0.09 30.76 13.35
CA ASP A 281 -0.36 31.37 12.07
C ASP A 281 0.98 31.44 11.33
N ARG A 282 1.02 30.79 10.17
CA ARG A 282 2.20 30.69 9.30
C ARG A 282 3.22 31.82 9.34
N THR A 283 2.90 32.95 9.98
CA THR A 283 3.86 34.03 10.01
C THR A 283 4.50 34.19 11.38
N PHE A 284 4.28 33.24 12.27
CA PHE A 284 4.93 33.30 13.56
C PHE A 284 6.31 32.77 13.27
N GLY A 285 7.34 33.52 13.66
CA GLY A 285 8.69 33.07 13.40
C GLY A 285 9.16 31.98 14.35
N GLY A 286 8.50 31.90 15.50
CA GLY A 286 8.87 30.92 16.49
C GLY A 286 8.94 29.54 15.87
N GLY A 287 8.08 29.30 14.90
CA GLY A 287 8.06 28.03 14.21
C GLY A 287 8.10 26.86 15.18
N LYS A 288 8.85 25.84 14.77
CA LYS A 288 8.98 24.62 15.55
C LYS A 288 9.38 24.73 17.00
N HIS A 289 9.74 25.92 17.44
CA HIS A 289 10.15 26.06 18.82
C HIS A 289 9.11 26.68 19.69
N LEU A 290 8.05 27.14 19.06
CA LEU A 290 6.95 27.73 19.79
C LEU A 290 6.69 26.80 20.95
N SER A 291 6.17 27.37 22.03
CA SER A 291 5.91 26.60 23.24
C SER A 291 4.60 25.81 23.16
N SER A 292 3.66 26.30 22.36
CA SER A 292 2.36 25.65 22.20
C SER A 292 2.44 24.35 21.41
N ARG A 293 2.22 23.24 22.10
CA ARG A 293 2.28 21.93 21.49
C ARG A 293 1.52 21.88 20.17
N LEU A 294 0.28 22.35 20.17
CA LEU A 294 -0.52 22.34 18.97
C LEU A 294 0.19 23.12 17.88
N ALA A 295 0.70 24.31 18.21
CA ALA A 295 1.41 25.12 17.22
C ALA A 295 2.58 24.35 16.62
N ALA A 296 3.34 23.68 17.48
CA ALA A 296 4.49 22.89 17.04
C ALA A 296 4.03 21.86 16.03
N LEU A 297 3.17 20.95 16.46
CA LEU A 297 2.65 19.93 15.57
C LEU A 297 2.20 20.60 14.30
N ALA A 298 1.48 21.70 14.44
CA ALA A 298 1.00 22.42 13.28
C ALA A 298 2.16 22.69 12.34
N VAL A 299 3.31 23.02 12.90
CA VAL A 299 4.51 23.32 12.11
C VAL A 299 5.23 22.04 11.66
N GLU A 300 5.50 21.15 12.60
CA GLU A 300 6.18 19.90 12.33
C GLU A 300 5.51 19.18 11.18
N HIS A 301 4.18 19.13 11.20
CA HIS A 301 3.42 18.42 10.17
C HIS A 301 2.61 19.24 9.18
N LYS A 302 2.87 20.53 9.08
CA LYS A 302 2.13 21.40 8.16
C LYS A 302 0.62 21.20 8.33
N LEU A 303 0.16 21.13 9.58
CA LEU A 303 -1.24 20.91 9.86
C LEU A 303 -2.21 22.01 9.51
N CYS A 304 -1.77 23.27 9.44
CA CYS A 304 -2.74 24.31 9.13
C CYS A 304 -2.13 25.67 8.84
N HIS A 305 -2.95 26.60 8.39
CA HIS A 305 -2.53 27.96 8.08
C HIS A 305 -2.63 28.87 9.29
N SER A 306 -3.46 28.46 10.25
CA SER A 306 -3.66 29.27 11.44
C SER A 306 -4.67 28.58 12.30
N PHE A 307 -4.76 29.01 13.55
CA PHE A 307 -5.73 28.47 14.47
C PHE A 307 -5.78 29.35 15.68
N GLN A 308 -6.92 29.39 16.34
CA GLN A 308 -7.11 30.24 17.50
C GLN A 308 -8.05 29.61 18.48
N THR A 309 -7.76 29.81 19.76
CA THR A 309 -8.62 29.32 20.82
C THR A 309 -9.43 30.53 21.24
N PHE A 310 -10.60 30.31 21.83
CA PHE A 310 -11.43 31.44 22.23
C PHE A 310 -12.35 31.13 23.39
N ASN A 311 -12.73 32.16 24.10
CA ASN A 311 -13.66 31.97 25.18
C ASN A 311 -14.65 33.09 25.12
N THR A 312 -15.47 33.05 24.08
CA THR A 312 -16.52 34.04 23.88
C THR A 312 -17.62 33.90 24.94
N SER A 313 -17.70 34.88 25.83
CA SER A 313 -18.68 34.88 26.91
C SER A 313 -19.89 35.72 26.63
N TYR A 314 -20.96 35.38 27.35
CA TYR A 314 -22.23 36.08 27.25
C TYR A 314 -22.81 36.20 28.65
N SER A 315 -23.90 36.94 28.75
CA SER A 315 -24.56 37.16 30.03
C SER A 315 -24.82 35.88 30.81
N ASP A 316 -25.53 34.96 30.19
CA ASP A 316 -25.90 33.70 30.82
C ASP A 316 -25.29 32.46 30.18
N THR A 317 -24.43 32.63 29.17
CA THR A 317 -23.83 31.47 28.51
C THR A 317 -22.52 31.84 27.78
N GLY A 318 -22.04 30.98 26.89
CA GLY A 318 -20.82 31.28 26.17
C GLY A 318 -20.36 30.19 25.20
N LEU A 319 -19.21 30.39 24.57
CA LEU A 319 -18.70 29.41 23.65
C LEU A 319 -17.22 29.26 23.86
N PHE A 320 -16.81 28.07 24.30
CA PHE A 320 -15.40 27.81 24.53
C PHE A 320 -14.96 26.78 23.52
N GLY A 321 -14.14 27.19 22.57
CA GLY A 321 -13.68 26.26 21.57
C GLY A 321 -12.48 26.74 20.77
N PHE A 322 -12.40 26.32 19.52
CA PHE A 322 -11.28 26.72 18.68
C PHE A 322 -11.66 26.69 17.20
N HIS A 323 -10.84 27.39 16.42
CA HIS A 323 -11.10 27.52 15.00
C HIS A 323 -9.80 27.39 14.24
N PHE A 324 -9.82 26.76 13.07
CA PHE A 324 -8.61 26.64 12.31
C PHE A 324 -8.88 26.57 10.84
N VAL A 325 -7.92 27.03 10.06
CA VAL A 325 -8.03 27.06 8.62
C VAL A 325 -6.98 26.09 8.13
N ALA A 326 -7.36 25.19 7.23
CA ALA A 326 -6.40 24.23 6.73
C ALA A 326 -6.70 23.85 5.30
N ASP A 327 -5.80 23.07 4.71
CA ASP A 327 -6.01 22.63 3.35
C ASP A 327 -6.85 21.38 3.40
N PRO A 328 -7.64 21.16 2.35
CA PRO A 328 -8.51 19.99 2.27
C PRO A 328 -7.91 18.68 2.77
N LEU A 329 -6.63 18.44 2.53
CA LEU A 329 -6.06 17.16 2.95
C LEU A 329 -5.35 17.10 4.29
N SER A 330 -5.38 18.19 5.06
CA SER A 330 -4.75 18.13 6.38
C SER A 330 -5.75 18.48 7.48
N ILE A 331 -7.03 18.47 7.14
CA ILE A 331 -8.07 18.78 8.10
C ILE A 331 -8.08 17.77 9.21
N ASP A 332 -8.11 16.49 8.85
CA ASP A 332 -8.19 15.45 9.87
C ASP A 332 -7.07 15.45 10.91
N ASP A 333 -5.83 15.40 10.44
CA ASP A 333 -4.69 15.39 11.36
C ASP A 333 -4.80 16.58 12.29
N MET A 334 -5.11 17.73 11.72
CA MET A 334 -5.23 18.95 12.49
C MET A 334 -6.24 18.74 13.59
N MET A 335 -7.47 18.40 13.20
CA MET A 335 -8.53 18.19 14.16
C MET A 335 -8.13 17.18 15.20
N PHE A 336 -7.59 16.07 14.73
CA PHE A 336 -7.16 15.01 15.63
C PHE A 336 -6.23 15.54 16.72
N CYS A 337 -5.19 16.26 16.33
CA CYS A 337 -4.22 16.83 17.26
C CYS A 337 -4.87 17.82 18.20
N ALA A 338 -5.68 18.72 17.65
CA ALA A 338 -6.37 19.71 18.45
C ALA A 338 -7.10 19.02 19.58
N GLN A 339 -8.11 18.23 19.24
CA GLN A 339 -8.88 17.55 20.27
C GLN A 339 -7.93 16.88 21.25
N GLY A 340 -6.75 16.53 20.78
CA GLY A 340 -5.78 15.88 21.65
C GLY A 340 -5.41 16.80 22.79
N GLU A 341 -5.07 18.04 22.44
CA GLU A 341 -4.67 19.02 23.42
C GLU A 341 -5.77 19.29 24.42
N TRP A 342 -7.01 19.39 23.97
CA TRP A 342 -8.10 19.61 24.89
C TRP A 342 -8.06 18.49 25.91
N MET A 343 -7.83 17.29 25.43
CA MET A 343 -7.77 16.16 26.33
C MET A 343 -6.61 16.30 27.29
N ARG A 344 -5.46 16.76 26.79
CA ARG A 344 -4.29 16.97 27.65
C ARG A 344 -4.65 17.93 28.78
N LEU A 345 -5.33 19.03 28.44
CA LEU A 345 -5.75 20.00 29.45
C LEU A 345 -6.47 19.31 30.60
N CYS A 346 -7.48 18.51 30.28
CA CYS A 346 -8.27 17.83 31.28
C CYS A 346 -7.54 16.78 32.10
N THR A 347 -6.61 16.07 31.48
CA THR A 347 -5.95 14.98 32.18
C THR A 347 -4.50 15.12 32.61
N SER A 348 -3.73 15.94 31.92
CA SER A 348 -2.32 16.02 32.27
C SER A 348 -1.61 17.35 32.13
N THR A 349 -2.24 18.43 32.60
CA THR A 349 -1.60 19.74 32.52
C THR A 349 -0.45 19.77 33.52
N THR A 350 0.56 20.58 33.24
CA THR A 350 1.74 20.71 34.08
C THR A 350 1.79 22.08 34.73
N GLU A 351 2.49 22.18 35.87
CA GLU A 351 2.63 23.46 36.54
C GLU A 351 3.40 24.36 35.58
N SER A 352 4.40 23.80 34.93
CA SER A 352 5.21 24.57 33.99
C SER A 352 4.32 25.22 32.95
N GLU A 353 3.39 24.45 32.40
CA GLU A 353 2.48 24.97 31.39
C GLU A 353 1.70 26.16 31.90
N VAL A 354 0.97 25.99 33.00
CA VAL A 354 0.15 27.05 33.56
C VAL A 354 0.96 28.28 33.92
N LYS A 355 2.12 28.08 34.56
CA LYS A 355 2.97 29.20 34.96
C LYS A 355 3.15 30.14 33.79
N ARG A 356 3.46 29.57 32.63
CA ARG A 356 3.65 30.36 31.44
C ARG A 356 2.32 30.95 30.99
N ALA A 357 1.33 30.08 30.79
CA ALA A 357 0.02 30.53 30.35
C ALA A 357 -0.38 31.77 31.11
N LYS A 358 -0.15 31.75 32.42
CA LYS A 358 -0.49 32.88 33.27
C LYS A 358 0.22 34.15 32.80
N ASN A 359 1.54 34.12 32.72
CA ASN A 359 2.28 35.29 32.28
C ASN A 359 1.78 35.76 30.94
N HIS A 360 1.47 34.82 30.06
CA HIS A 360 0.97 35.22 28.76
C HIS A 360 -0.37 35.92 28.94
N LEU A 361 -1.16 35.40 29.87
CA LEU A 361 -2.47 35.97 30.14
C LEU A 361 -2.36 37.34 30.77
N ARG A 362 -1.45 37.50 31.74
CA ARG A 362 -1.25 38.78 32.40
C ARG A 362 -0.91 39.83 31.35
N SER A 363 0.12 39.55 30.56
CA SER A 363 0.53 40.47 29.51
C SER A 363 -0.66 40.81 28.63
N ALA A 364 -1.55 39.83 28.47
CA ALA A 364 -2.71 40.02 27.63
C ALA A 364 -3.67 41.06 28.18
N MET A 365 -4.07 40.89 29.44
CA MET A 365 -5.02 41.82 30.06
C MET A 365 -4.45 43.24 30.06
N VAL A 366 -3.17 43.35 30.36
CA VAL A 366 -2.52 44.65 30.39
C VAL A 366 -2.57 45.28 29.01
N ALA A 367 -2.28 44.51 27.97
CA ALA A 367 -2.33 45.04 26.62
C ALA A 367 -3.76 45.40 26.18
N GLN A 368 -4.75 44.86 26.88
CA GLN A 368 -6.14 45.15 26.53
C GLN A 368 -6.48 46.58 26.91
N LEU A 369 -5.58 47.21 27.65
CA LEU A 369 -5.76 48.58 28.10
C LEU A 369 -4.59 49.40 27.59
N ASP A 370 -4.38 49.37 26.28
CA ASP A 370 -3.28 50.09 25.69
C ASP A 370 -3.79 51.27 24.90
N GLY A 371 -4.14 52.33 25.62
CA GLY A 371 -4.65 53.52 24.98
C GLY A 371 -5.88 53.96 25.75
N THR A 372 -6.62 54.92 25.20
CA THR A 372 -7.81 55.37 25.89
C THR A 372 -9.02 54.62 25.40
N THR A 373 -9.18 54.49 24.09
CA THR A 373 -10.31 53.76 23.55
C THR A 373 -10.39 52.38 24.23
N PRO A 374 -9.30 51.60 24.20
CA PRO A 374 -9.37 50.29 24.84
C PRO A 374 -9.77 50.32 26.30
N VAL A 375 -9.31 51.32 27.04
CA VAL A 375 -9.65 51.40 28.46
C VAL A 375 -11.15 51.66 28.58
N CYS A 376 -11.59 52.69 27.87
CA CYS A 376 -12.98 53.08 27.87
C CYS A 376 -13.85 51.89 27.52
N GLU A 377 -13.36 51.07 26.59
CA GLU A 377 -14.07 49.88 26.15
C GLU A 377 -14.14 48.82 27.25
N THR A 378 -13.15 48.84 28.14
CA THR A 378 -13.09 47.90 29.24
C THR A 378 -14.01 48.32 30.34
N ILE A 379 -14.10 49.63 30.54
CA ILE A 379 -14.97 50.19 31.57
C ILE A 379 -16.42 50.02 31.13
N GLY A 380 -16.69 50.42 29.89
CA GLY A 380 -18.03 50.31 29.34
C GLY A 380 -18.54 48.88 29.41
N SER A 381 -17.62 47.93 29.39
CA SER A 381 -17.97 46.52 29.44
C SER A 381 -18.07 45.95 30.84
N HIS A 382 -17.04 46.10 31.66
CA HIS A 382 -17.13 45.54 33.00
C HIS A 382 -18.41 45.93 33.72
N LEU A 383 -18.83 47.18 33.58
CA LEU A 383 -20.05 47.63 34.24
C LEU A 383 -21.22 46.88 33.66
N LEU A 384 -21.37 47.00 32.36
CA LEU A 384 -22.45 46.36 31.65
C LEU A 384 -22.55 44.84 31.94
N ASN A 385 -21.40 44.17 32.12
CA ASN A 385 -21.36 42.72 32.36
C ASN A 385 -21.13 42.26 33.79
N TYR A 386 -20.11 42.80 34.44
CA TYR A 386 -19.79 42.43 35.82
C TYR A 386 -20.50 43.35 36.83
N GLY A 387 -21.01 44.48 36.34
CA GLY A 387 -21.70 45.42 37.22
C GLY A 387 -20.77 46.34 37.97
N ARG A 388 -19.48 46.27 37.65
CA ARG A 388 -18.48 47.08 38.30
C ARG A 388 -17.18 47.01 37.51
N ARG A 389 -16.09 47.46 38.10
CA ARG A 389 -14.80 47.40 37.42
C ARG A 389 -13.84 46.46 38.11
N ILE A 390 -13.18 45.63 37.31
CA ILE A 390 -12.20 44.72 37.84
C ILE A 390 -10.86 45.25 37.35
N SER A 391 -10.07 45.69 38.33
CA SER A 391 -8.76 46.29 38.09
C SER A 391 -7.70 45.25 37.85
N LEU A 392 -6.71 45.61 37.06
CA LEU A 392 -5.62 44.70 36.80
C LEU A 392 -5.16 44.13 38.12
N GLU A 393 -5.12 44.97 39.15
CA GLU A 393 -4.68 44.50 40.45
C GLU A 393 -5.47 43.26 40.85
N GLU A 394 -6.78 43.28 40.59
CA GLU A 394 -7.61 42.13 40.95
C GLU A 394 -7.37 40.96 40.01
N TRP A 395 -7.63 41.19 38.71
CA TRP A 395 -7.42 40.17 37.67
C TRP A 395 -6.18 39.38 38.00
N ASP A 396 -5.08 40.09 38.20
CA ASP A 396 -3.82 39.45 38.52
C ASP A 396 -3.92 38.48 39.69
N SER A 397 -4.58 38.90 40.76
CA SER A 397 -4.71 38.01 41.91
C SER A 397 -5.45 36.74 41.56
N ARG A 398 -6.52 36.89 40.76
CA ARG A 398 -7.34 35.76 40.34
C ARG A 398 -6.56 34.85 39.42
N ILE A 399 -5.71 35.44 38.59
CA ILE A 399 -4.90 34.68 37.66
C ILE A 399 -3.74 34.02 38.41
N SER A 400 -3.14 34.72 39.35
CA SER A 400 -2.02 34.15 40.10
C SER A 400 -2.43 32.93 40.92
N ALA A 401 -3.71 32.84 41.27
CA ALA A 401 -4.20 31.73 42.09
C ALA A 401 -4.45 30.43 41.34
N VAL A 402 -4.44 30.50 40.01
CA VAL A 402 -4.66 29.33 39.18
C VAL A 402 -3.43 28.43 39.18
N ASP A 403 -3.66 27.13 39.35
CA ASP A 403 -2.58 26.14 39.34
C ASP A 403 -3.02 24.98 38.47
N ALA A 404 -2.10 24.10 38.11
CA ALA A 404 -2.44 22.94 37.28
C ALA A 404 -3.71 22.26 37.77
N ARG A 405 -3.60 21.58 38.91
CA ARG A 405 -4.74 20.89 39.49
C ARG A 405 -6.05 21.65 39.28
N MET A 406 -5.98 22.96 39.16
CA MET A 406 -7.17 23.77 38.96
C MET A 406 -7.60 23.83 37.50
N VAL A 407 -6.64 24.04 36.61
CA VAL A 407 -6.91 24.08 35.19
C VAL A 407 -7.55 22.77 34.78
N ARG A 408 -6.98 21.69 35.28
CA ARG A 408 -7.50 20.38 34.97
C ARG A 408 -8.97 20.31 35.34
N ASP A 409 -9.27 20.44 36.62
CA ASP A 409 -10.64 20.36 37.07
C ASP A 409 -11.66 21.15 36.25
N VAL A 410 -11.36 22.40 35.94
CA VAL A 410 -12.30 23.23 35.18
C VAL A 410 -12.52 22.73 33.76
N CYS A 411 -11.43 22.52 33.04
CA CYS A 411 -11.51 22.05 31.67
C CYS A 411 -12.30 20.75 31.62
N SER A 412 -12.01 19.87 32.57
CA SER A 412 -12.72 18.62 32.67
C SER A 412 -14.18 18.97 32.79
N LYS A 413 -14.50 19.84 33.75
CA LYS A 413 -15.86 20.25 34.00
C LYS A 413 -16.59 20.83 32.80
N TYR A 414 -15.85 21.48 31.90
CA TYR A 414 -16.48 22.08 30.72
C TYR A 414 -16.25 21.39 29.37
N ILE A 415 -15.19 20.61 29.26
CA ILE A 415 -14.87 19.94 28.02
C ILE A 415 -15.06 18.43 27.98
N TYR A 416 -14.50 17.73 28.96
CA TYR A 416 -14.57 16.28 28.99
C TYR A 416 -15.92 15.63 28.81
N ASP A 417 -15.99 14.81 27.77
CA ASP A 417 -17.16 14.05 27.38
C ASP A 417 -18.38 14.91 27.15
N LYS A 418 -18.21 16.07 26.54
CA LYS A 418 -19.34 16.93 26.28
C LYS A 418 -19.65 16.85 24.80
N CYS A 419 -20.93 16.97 24.43
CA CYS A 419 -21.26 16.92 23.02
C CYS A 419 -20.98 18.33 22.51
N PRO A 420 -20.04 18.49 21.58
CA PRO A 420 -19.71 19.80 21.05
C PRO A 420 -20.53 20.27 19.85
N ALA A 421 -20.42 21.56 19.58
CA ALA A 421 -21.09 22.15 18.46
C ALA A 421 -19.96 22.40 17.48
N LEU A 422 -20.16 22.04 16.23
CA LEU A 422 -19.13 22.20 15.23
C LEU A 422 -19.68 22.74 13.92
N ALA A 423 -18.92 23.63 13.27
CA ALA A 423 -19.28 24.24 12.00
C ALA A 423 -18.10 24.13 11.04
N ALA A 424 -18.33 23.59 9.86
CA ALA A 424 -17.27 23.44 8.88
C ALA A 424 -17.70 24.09 7.59
N VAL A 425 -16.77 24.77 6.95
CA VAL A 425 -17.06 25.47 5.72
C VAL A 425 -15.92 25.24 4.74
N GLY A 426 -16.28 25.11 3.46
CA GLY A 426 -15.28 24.90 2.42
C GLY A 426 -15.22 23.49 1.91
N PRO A 427 -14.01 23.01 1.58
CA PRO A 427 -13.66 21.67 1.06
C PRO A 427 -13.44 20.69 2.20
N ILE A 428 -14.43 20.60 3.07
CA ILE A 428 -14.39 19.76 4.26
C ILE A 428 -14.57 18.23 4.17
N GLU A 429 -14.39 17.63 2.99
CA GLU A 429 -14.61 16.19 2.86
C GLU A 429 -13.79 15.33 3.75
N GLN A 430 -12.53 15.67 3.99
CA GLN A 430 -11.70 14.83 4.84
C GLN A 430 -12.07 14.89 6.31
N LEU A 431 -12.69 15.98 6.73
CA LEU A 431 -13.10 16.11 8.13
C LEU A 431 -14.39 15.37 8.17
N LEU A 432 -14.56 14.36 9.00
CA LEU A 432 -15.89 13.79 8.94
C LEU A 432 -16.39 13.13 10.18
N ASP A 433 -17.69 12.87 10.14
CA ASP A 433 -18.48 12.24 11.16
C ASP A 433 -18.48 12.87 12.55
N TYR A 434 -19.64 13.42 12.93
CA TYR A 434 -19.81 14.00 14.23
C TYR A 434 -19.43 12.94 15.23
N ASN A 435 -19.95 11.75 15.02
CA ASN A 435 -19.67 10.63 15.89
C ASN A 435 -18.21 10.52 16.24
N ARG A 436 -17.37 10.49 15.21
CA ARG A 436 -15.95 10.38 15.42
C ARG A 436 -15.42 11.53 16.24
N ILE A 437 -15.84 12.74 15.89
CA ILE A 437 -15.43 13.92 16.62
C ILE A 437 -15.90 13.87 18.06
N ARG A 438 -17.09 13.33 18.28
CA ARG A 438 -17.63 13.22 19.62
C ARG A 438 -16.80 12.34 20.51
N SER A 439 -16.20 11.31 19.93
CA SER A 439 -15.39 10.40 20.71
C SER A 439 -14.00 10.93 20.94
N GLY A 440 -13.67 12.03 20.28
CA GLY A 440 -12.38 12.64 20.48
C GLY A 440 -12.56 13.53 21.71
N MET A 441 -13.69 13.37 22.38
CA MET A 441 -13.95 14.17 23.53
C MET A 441 -13.65 13.44 24.82
N TYR A 442 -12.94 12.31 24.75
CA TYR A 442 -12.56 11.59 25.97
C TYR A 442 -11.42 10.60 25.78
N TRP A 443 -10.64 10.45 26.85
CA TRP A 443 -9.45 9.60 26.95
C TRP A 443 -8.26 10.35 26.30
N ILE A 444 -7.41 10.94 27.15
CA ILE A 444 -6.21 11.70 26.75
C ILE A 444 -5.82 11.62 25.27
N PRO B 21 3.49 59.19 42.84
CA PRO B 21 4.38 58.42 41.92
C PRO B 21 3.99 58.52 40.43
N GLY B 22 4.17 59.71 39.84
CA GLY B 22 3.84 59.87 38.43
C GLY B 22 4.07 61.29 37.93
N ALA B 23 5.30 61.59 37.52
CA ALA B 23 5.65 62.92 37.01
C ALA B 23 7.12 63.02 36.55
N GLU B 24 7.49 62.16 35.60
CA GLU B 24 8.84 62.13 35.04
C GLU B 24 8.89 63.06 33.83
N ASP B 25 10.06 63.19 33.19
CA ASP B 25 10.18 64.05 32.01
C ASP B 25 10.93 63.47 30.79
N LEU B 26 11.55 62.29 30.95
CA LEU B 26 12.26 61.62 29.86
C LEU B 26 13.74 61.92 29.71
N GLU B 27 14.59 61.06 30.26
CA GLU B 27 16.04 61.25 30.15
C GLU B 27 16.54 60.79 28.78
N ILE B 28 17.81 61.03 28.47
CA ILE B 28 18.33 60.65 27.15
C ILE B 28 19.84 60.88 26.98
N THR B 29 20.63 59.88 27.37
CA THR B 29 22.09 59.94 27.28
C THR B 29 22.59 59.76 25.84
N LYS B 30 23.90 59.83 25.64
CA LYS B 30 24.52 59.65 24.33
C LYS B 30 25.99 59.22 24.45
N LEU B 31 26.20 57.96 24.80
CA LEU B 31 27.52 57.36 24.96
C LEU B 31 28.66 57.92 24.07
N PRO B 32 29.90 57.48 24.34
CA PRO B 32 31.09 57.92 23.58
C PRO B 32 31.03 57.57 22.08
N ASN B 33 30.66 56.31 21.80
CA ASN B 33 30.59 55.78 20.43
C ASN B 33 29.44 56.29 19.53
N GLY B 34 28.56 57.13 20.07
CA GLY B 34 27.45 57.65 19.29
C GLY B 34 26.12 56.96 19.49
N LEU B 35 26.08 55.96 20.38
CA LEU B 35 24.86 55.21 20.68
C LEU B 35 23.91 55.94 21.61
N ILE B 36 22.84 56.49 21.06
CA ILE B 36 21.85 57.22 21.84
C ILE B 36 20.95 56.33 22.67
N ILE B 37 20.69 56.75 23.91
CA ILE B 37 19.85 55.99 24.83
C ILE B 37 18.70 56.82 25.38
N ALA B 38 17.48 56.60 24.88
CA ALA B 38 16.31 57.35 25.37
C ALA B 38 15.56 56.49 26.40
N SER B 39 14.84 57.13 27.30
CA SER B 39 14.12 56.40 28.34
C SER B 39 12.97 57.19 28.92
N LEU B 40 12.01 56.50 29.53
CA LEU B 40 10.87 57.18 30.15
C LEU B 40 10.03 56.24 30.99
N GLU B 41 10.10 56.42 32.30
CA GLU B 41 9.33 55.60 33.22
C GLU B 41 7.92 56.18 33.42
N ASN B 42 6.90 55.49 32.92
CA ASN B 42 5.52 55.97 33.08
C ASN B 42 4.76 55.05 34.02
N PHE B 43 5.52 54.27 34.79
CA PHE B 43 4.98 53.33 35.76
C PHE B 43 3.88 52.39 35.28
N SER B 44 3.91 52.05 34.01
CA SER B 44 2.94 51.12 33.43
C SER B 44 3.34 49.75 33.94
N PRO B 45 2.36 48.89 34.26
CA PRO B 45 2.70 47.56 34.75
C PRO B 45 3.49 46.75 33.72
N ALA B 46 3.72 47.35 32.56
CA ALA B 46 4.46 46.70 31.49
C ALA B 46 5.44 47.60 30.74
N SER B 47 6.58 47.02 30.37
CA SER B 47 7.65 47.71 29.65
C SER B 47 7.56 47.50 28.14
N ARG B 48 8.55 48.00 27.41
CA ARG B 48 8.59 47.88 25.96
C ARG B 48 9.87 48.52 25.44
N ILE B 49 10.97 47.79 25.57
CA ILE B 49 12.28 48.23 25.11
C ILE B 49 12.38 48.13 23.59
N GLY B 50 13.33 48.83 22.99
CA GLY B 50 13.44 48.75 21.54
C GLY B 50 14.65 49.37 20.85
N VAL B 51 15.38 48.54 20.13
CA VAL B 51 16.56 48.98 19.39
C VAL B 51 16.14 49.56 18.04
N PHE B 52 16.39 50.85 17.84
CA PHE B 52 16.06 51.47 16.56
C PHE B 52 17.33 51.54 15.73
N ILE B 53 17.20 51.47 14.41
CA ILE B 53 18.37 51.45 13.56
C ILE B 53 18.19 52.07 12.18
N LYS B 54 19.27 52.64 11.66
CA LYS B 54 19.28 53.25 10.34
C LYS B 54 19.73 52.16 9.39
N ALA B 55 18.77 51.41 8.86
CA ALA B 55 19.05 50.32 7.92
C ALA B 55 17.78 50.06 7.13
N GLY B 56 17.88 49.30 6.05
CA GLY B 56 16.70 49.04 5.27
C GLY B 56 16.98 48.80 3.81
N SER B 57 15.95 48.42 3.07
CA SER B 57 16.07 48.13 1.65
C SER B 57 16.69 49.30 0.88
N ARG B 58 16.79 50.44 1.53
CA ARG B 58 17.35 51.64 0.94
C ARG B 58 18.84 51.49 0.68
N TYR B 59 19.49 50.68 1.51
CA TYR B 59 20.93 50.47 1.42
C TYR B 59 21.30 49.26 0.58
N GLU B 60 20.30 48.58 0.02
CA GLU B 60 20.56 47.41 -0.79
C GLU B 60 21.08 47.81 -2.17
N THR B 61 21.85 46.92 -2.78
CA THR B 61 22.42 47.14 -4.11
C THR B 61 21.85 46.05 -4.99
N THR B 62 21.81 46.29 -6.29
CA THR B 62 21.29 45.29 -7.23
C THR B 62 21.83 43.90 -6.88
N ALA B 63 22.97 43.85 -6.20
CA ALA B 63 23.59 42.58 -5.86
C ALA B 63 23.16 41.87 -4.57
N ASN B 64 22.45 42.53 -3.67
CA ASN B 64 22.03 41.86 -2.44
C ASN B 64 20.57 42.09 -2.09
N LEU B 65 19.80 42.52 -3.10
CA LEU B 65 18.37 42.79 -2.96
C LEU B 65 17.67 41.78 -2.08
N GLY B 66 16.79 42.28 -1.22
CA GLY B 66 16.04 41.44 -0.33
C GLY B 66 16.73 41.08 0.98
N THR B 67 18.05 41.20 1.02
CA THR B 67 18.79 40.85 2.22
C THR B 67 18.29 41.59 3.47
N ALA B 68 17.72 42.78 3.25
CA ALA B 68 17.16 43.55 4.35
C ALA B 68 15.90 42.82 4.82
N HIS B 69 15.08 42.42 3.85
CA HIS B 69 13.83 41.70 4.12
C HIS B 69 14.13 40.42 4.91
N LEU B 70 14.88 39.52 4.30
CA LEU B 70 15.22 38.27 4.95
C LEU B 70 15.73 38.52 6.36
N LEU B 71 16.55 39.56 6.51
CA LEU B 71 17.10 39.90 7.81
C LEU B 71 15.96 40.12 8.80
N ARG B 72 14.94 40.84 8.34
CA ARG B 72 13.78 41.12 9.17
C ARG B 72 13.17 39.81 9.67
N LEU B 73 13.04 38.83 8.79
CA LEU B 73 12.44 37.53 9.13
C LEU B 73 13.36 36.64 9.94
N ALA B 74 14.66 36.86 9.82
CA ALA B 74 15.66 36.05 10.50
C ALA B 74 15.82 36.30 12.00
N SER B 75 15.08 37.25 12.53
CA SER B 75 15.19 37.56 13.95
C SER B 75 15.21 36.41 14.97
N PRO B 76 14.53 35.29 14.69
CA PRO B 76 14.55 34.21 15.69
C PRO B 76 15.60 33.14 15.51
N LEU B 77 16.51 33.34 14.56
CA LEU B 77 17.58 32.37 14.29
C LEU B 77 18.62 32.45 15.41
N THR B 78 19.43 31.42 15.56
CA THR B 78 20.44 31.40 16.63
C THR B 78 21.44 32.57 16.66
N THR B 79 21.85 32.94 17.86
CA THR B 79 22.80 34.01 18.11
C THR B 79 23.98 33.37 18.85
N LYS B 80 25.01 34.14 19.17
CA LYS B 80 26.18 33.60 19.88
C LYS B 80 25.92 33.35 21.36
N GLY B 81 24.91 34.02 21.92
CA GLY B 81 24.61 33.84 23.33
C GLY B 81 23.32 33.10 23.64
N ALA B 82 22.47 32.90 22.62
CA ALA B 82 21.20 32.20 22.78
C ALA B 82 20.84 31.49 21.48
N SER B 83 20.36 30.25 21.64
CA SER B 83 19.96 29.42 20.51
C SER B 83 18.52 29.74 20.09
N SER B 84 18.24 29.53 18.81
CA SER B 84 16.91 29.78 18.27
C SER B 84 15.86 29.20 19.18
N PHE B 85 16.18 28.04 19.74
CA PHE B 85 15.28 27.39 20.65
C PHE B 85 15.06 28.28 21.87
N ARG B 86 16.14 28.61 22.57
CA ARG B 86 16.04 29.41 23.78
C ARG B 86 15.46 30.77 23.52
N ILE B 87 15.80 31.37 22.39
CA ILE B 87 15.26 32.68 22.10
C ILE B 87 13.74 32.67 22.11
N THR B 88 13.12 31.68 21.46
CA THR B 88 11.66 31.62 21.44
C THR B 88 11.07 31.09 22.74
N ARG B 89 11.56 29.95 23.21
CA ARG B 89 11.04 29.43 24.45
C ARG B 89 11.29 30.43 25.55
N GLY B 90 12.49 31.00 25.55
CA GLY B 90 12.87 31.97 26.56
C GLY B 90 11.92 33.14 26.70
N ILE B 91 11.66 33.82 25.59
CA ILE B 91 10.77 34.96 25.59
C ILE B 91 9.35 34.56 25.99
N GLU B 92 8.91 33.40 25.50
CA GLU B 92 7.56 32.93 25.79
C GLU B 92 7.32 32.55 27.23
N ALA B 93 8.37 32.07 27.89
CA ALA B 93 8.25 31.63 29.28
C ALA B 93 7.80 32.71 30.24
N VAL B 94 7.86 33.96 29.79
CA VAL B 94 7.49 35.10 30.60
C VAL B 94 6.50 36.00 29.88
N GLY B 95 5.62 35.41 29.10
CA GLY B 95 4.62 36.20 28.38
C GLY B 95 5.25 37.31 27.59
N GLY B 96 6.48 37.10 27.16
CA GLY B 96 7.18 38.12 26.40
C GLY B 96 6.76 38.14 24.94
N SER B 97 7.32 39.06 24.16
CA SER B 97 6.99 39.16 22.75
C SER B 97 8.18 39.79 22.05
N LEU B 98 8.42 39.43 20.79
CA LEU B 98 9.55 40.00 20.07
C LEU B 98 9.15 40.27 18.63
N SER B 99 9.35 41.49 18.16
CA SER B 99 8.98 41.83 16.80
C SER B 99 9.97 42.76 16.10
N VAL B 100 9.90 42.80 14.77
CA VAL B 100 10.81 43.62 14.00
C VAL B 100 10.03 44.40 12.95
N TYR B 101 9.89 45.71 13.13
CA TYR B 101 9.17 46.51 12.15
C TYR B 101 10.20 47.28 11.34
N SER B 102 9.99 47.42 10.04
CA SER B 102 10.96 48.16 9.23
C SER B 102 10.45 48.80 7.95
N THR B 103 10.88 50.03 7.71
CA THR B 103 10.53 50.80 6.53
C THR B 103 11.67 50.67 5.54
N ARG B 104 11.64 51.45 4.46
CA ARG B 104 12.71 51.38 3.49
C ARG B 104 14.03 51.87 4.08
N GLU B 105 13.97 52.63 5.17
CA GLU B 105 15.19 53.16 5.77
C GLU B 105 15.35 53.08 7.28
N LYS B 106 14.55 52.26 7.96
CA LYS B 106 14.68 52.13 9.40
C LYS B 106 14.21 50.77 9.87
N MET B 107 14.95 50.15 10.79
CA MET B 107 14.57 48.85 11.30
C MET B 107 14.50 48.88 12.82
N THR B 108 13.33 48.61 13.38
CA THR B 108 13.18 48.63 14.83
C THR B 108 13.02 47.23 15.42
N TYR B 109 13.88 46.88 16.37
CA TYR B 109 13.77 45.59 17.02
C TYR B 109 13.24 45.80 18.43
N CYS B 110 11.97 45.55 18.67
CA CYS B 110 11.47 45.73 20.03
C CYS B 110 10.86 44.50 20.67
N VAL B 111 10.78 44.53 21.99
CA VAL B 111 10.22 43.45 22.75
C VAL B 111 9.35 44.05 23.83
N GLU B 112 8.38 43.28 24.31
CA GLU B 112 7.48 43.73 25.37
C GLU B 112 7.44 42.66 26.44
N CYS B 113 7.01 43.04 27.64
CA CYS B 113 6.90 42.10 28.76
C CYS B 113 6.53 42.87 30.00
N LEU B 114 6.37 42.16 31.10
CA LEU B 114 6.02 42.80 32.35
C LEU B 114 7.29 43.28 33.04
N ARG B 115 7.20 44.46 33.67
CA ARG B 115 8.34 45.07 34.36
C ARG B 115 9.29 44.03 34.93
N ASP B 116 8.74 43.06 35.64
CA ASP B 116 9.54 42.02 36.28
C ASP B 116 10.45 41.19 35.41
N HIS B 117 10.17 41.11 34.13
CA HIS B 117 10.98 40.28 33.26
C HIS B 117 11.83 40.98 32.22
N VAL B 118 11.91 42.30 32.31
CA VAL B 118 12.70 43.06 31.36
C VAL B 118 14.12 42.54 31.23
N ASP B 119 14.82 42.43 32.35
CA ASP B 119 16.19 41.95 32.31
C ASP B 119 16.34 40.65 31.54
N THR B 120 15.30 39.81 31.57
CA THR B 120 15.33 38.53 30.88
C THR B 120 15.13 38.71 29.38
N VAL B 121 14.04 39.35 29.01
CA VAL B 121 13.73 39.60 27.62
C VAL B 121 14.84 40.38 26.96
N MET B 122 15.53 41.21 27.75
CA MET B 122 16.60 42.06 27.22
C MET B 122 17.74 41.29 26.57
N GLU B 123 18.15 40.21 27.23
CA GLU B 123 19.23 39.38 26.72
C GLU B 123 18.99 39.05 25.26
N TYR B 124 17.89 38.35 24.99
CA TYR B 124 17.58 37.94 23.62
C TYR B 124 17.58 39.16 22.70
N LEU B 125 16.89 40.21 23.11
CA LEU B 125 16.85 41.42 22.29
C LEU B 125 18.28 41.81 21.94
N LEU B 126 19.11 41.89 22.97
CA LEU B 126 20.51 42.25 22.80
C LEU B 126 21.17 41.30 21.81
N ASN B 127 21.06 40.01 22.10
CA ASN B 127 21.64 38.95 21.29
C ASN B 127 21.26 38.99 19.82
N VAL B 128 19.98 39.19 19.55
CA VAL B 128 19.49 39.22 18.18
C VAL B 128 20.13 40.29 17.31
N THR B 129 20.13 41.53 17.81
CA THR B 129 20.67 42.68 17.09
C THR B 129 22.19 42.78 17.00
N THR B 130 22.90 42.23 17.99
CA THR B 130 24.36 42.32 18.01
C THR B 130 25.14 41.02 18.05
N ALA B 131 24.47 39.89 17.82
CA ALA B 131 25.18 38.61 17.86
C ALA B 131 24.63 37.52 16.92
N PRO B 132 24.08 37.92 15.76
CA PRO B 132 23.55 36.89 14.86
C PRO B 132 24.62 36.01 14.23
N GLU B 133 24.41 34.71 14.28
CA GLU B 133 25.35 33.77 13.69
C GLU B 133 25.01 33.43 12.23
N PHE B 134 23.75 33.65 11.84
CA PHE B 134 23.30 33.36 10.47
C PHE B 134 23.92 32.08 9.92
N ARG B 135 23.62 30.97 10.58
CA ARG B 135 24.15 29.70 10.16
C ARG B 135 23.56 29.35 8.80
N PRO B 136 24.42 28.90 7.87
CA PRO B 136 24.07 28.51 6.50
C PRO B 136 22.79 27.70 6.39
N TRP B 137 22.65 26.67 7.21
CA TRP B 137 21.45 25.87 7.17
C TRP B 137 20.26 26.68 7.68
N GLU B 138 20.30 27.11 8.94
CA GLU B 138 19.18 27.90 9.47
C GLU B 138 18.67 28.86 8.42
N VAL B 139 19.59 29.62 7.83
CA VAL B 139 19.25 30.59 6.80
C VAL B 139 18.55 29.89 5.63
N THR B 140 19.25 28.94 5.04
CA THR B 140 18.73 28.17 3.91
C THR B 140 17.31 27.65 4.12
N ASP B 141 17.00 27.17 5.32
CA ASP B 141 15.66 26.67 5.62
C ASP B 141 14.66 27.77 5.93
N LEU B 142 15.15 29.00 6.07
CA LEU B 142 14.28 30.12 6.38
C LEU B 142 13.86 30.86 5.14
N GLN B 143 14.72 30.89 4.14
CA GLN B 143 14.40 31.62 2.94
C GLN B 143 13.06 31.31 2.26
N PRO B 144 12.69 30.04 2.14
CA PRO B 144 11.41 29.80 1.47
C PRO B 144 10.29 30.58 2.16
N GLN B 145 10.55 31.06 3.37
CA GLN B 145 9.54 31.84 4.09
C GLN B 145 9.22 33.15 3.38
N LEU B 146 10.20 33.76 2.76
CA LEU B 146 9.98 35.02 2.07
C LEU B 146 8.81 34.87 1.11
N LYS B 147 8.79 33.76 0.39
CA LYS B 147 7.73 33.48 -0.58
C LYS B 147 6.37 33.63 0.10
N VAL B 148 6.27 33.13 1.33
CA VAL B 148 5.05 33.19 2.13
C VAL B 148 4.78 34.58 2.66
N ASP B 149 5.64 35.04 3.55
CA ASP B 149 5.53 36.36 4.17
C ASP B 149 5.17 37.41 3.12
N LYS B 150 5.80 37.29 1.96
CA LYS B 150 5.56 38.21 0.88
C LYS B 150 4.19 38.02 0.26
N ALA B 151 3.71 36.79 0.20
CA ALA B 151 2.41 36.50 -0.40
C ALA B 151 1.22 36.97 0.42
N VAL B 152 1.31 36.95 1.74
CA VAL B 152 0.18 37.40 2.54
C VAL B 152 0.09 38.94 2.52
N ALA B 153 1.23 39.60 2.41
CA ALA B 153 1.26 41.05 2.40
C ALA B 153 0.59 41.57 1.14
N PHE B 154 1.00 41.01 0.00
CA PHE B 154 0.45 41.44 -1.28
C PHE B 154 -1.03 41.15 -1.46
N GLN B 155 -1.69 40.66 -0.42
CA GLN B 155 -3.12 40.39 -0.53
C GLN B 155 -3.86 41.72 -0.54
N SER B 156 -3.17 42.75 -0.04
CA SER B 156 -3.69 44.10 0.02
C SER B 156 -3.13 44.80 -1.22
N PRO B 157 -3.99 45.13 -2.20
CA PRO B 157 -3.52 45.80 -3.41
C PRO B 157 -2.77 47.04 -2.98
N GLN B 158 -3.24 47.58 -1.85
CA GLN B 158 -2.66 48.75 -1.23
C GLN B 158 -1.10 48.62 -1.31
N VAL B 159 -0.56 47.51 -0.80
CA VAL B 159 0.90 47.30 -0.80
C VAL B 159 1.51 47.12 -2.19
N GLY B 160 0.78 46.54 -3.12
CA GLY B 160 1.31 46.33 -4.46
C GLY B 160 1.71 47.60 -5.20
N VAL B 161 0.82 48.58 -5.23
CA VAL B 161 1.10 49.83 -5.91
C VAL B 161 2.19 50.65 -5.21
N LEU B 162 2.24 50.63 -3.88
CA LEU B 162 3.27 51.40 -3.20
C LEU B 162 4.66 50.92 -3.64
N GLU B 163 4.85 49.60 -3.70
CA GLU B 163 6.14 49.07 -4.13
C GLU B 163 6.47 49.65 -5.49
N ASN B 164 5.57 49.49 -6.45
CA ASN B 164 5.81 50.01 -7.78
C ASN B 164 5.85 51.51 -7.81
N LEU B 165 5.30 52.17 -6.79
CA LEU B 165 5.33 53.62 -6.79
C LEU B 165 6.79 53.99 -6.63
N HIS B 166 7.34 53.67 -5.46
CA HIS B 166 8.75 53.97 -5.20
C HIS B 166 9.62 53.56 -6.37
N ALA B 167 9.24 52.51 -7.09
CA ALA B 167 10.04 52.08 -8.21
C ALA B 167 9.95 53.09 -9.35
N ALA B 168 8.84 53.80 -9.45
CA ALA B 168 8.66 54.77 -10.52
C ALA B 168 9.03 56.16 -10.03
N ALA B 169 9.19 56.28 -8.73
CA ALA B 169 9.53 57.56 -8.16
C ALA B 169 11.04 57.71 -8.05
N TYR B 170 11.76 56.61 -8.02
CA TYR B 170 13.20 56.71 -7.89
C TYR B 170 13.98 55.89 -8.90
N LYS B 171 15.30 56.04 -8.87
CA LYS B 171 16.18 55.29 -9.76
C LYS B 171 17.06 54.45 -8.86
N THR B 172 16.99 54.74 -7.56
CA THR B 172 17.78 54.02 -6.57
C THR B 172 17.28 54.14 -5.13
N ALA B 173 18.14 53.74 -4.21
CA ALA B 173 17.88 53.79 -2.77
C ALA B 173 16.45 53.50 -2.36
N LEU B 174 15.59 54.50 -2.53
CA LEU B 174 14.20 54.35 -2.17
C LEU B 174 13.43 53.48 -3.17
N ALA B 175 13.76 53.58 -4.45
CA ALA B 175 13.07 52.77 -5.45
C ALA B 175 13.22 51.29 -5.13
N ASN B 176 14.11 50.97 -4.18
CA ASN B 176 14.32 49.58 -3.78
C ASN B 176 13.14 49.05 -2.97
N PRO B 177 12.49 47.99 -3.48
CA PRO B 177 11.33 47.29 -2.90
C PRO B 177 11.53 46.83 -1.46
N LEU B 178 10.46 46.92 -0.69
CA LEU B 178 10.44 46.58 0.71
C LEU B 178 10.39 45.08 0.97
N TYR B 179 9.93 44.33 -0.02
CA TYR B 179 9.85 42.87 0.09
C TYR B 179 10.75 42.24 -0.94
N CYS B 180 11.59 41.32 -0.49
CA CYS B 180 12.53 40.65 -1.35
C CYS B 180 11.95 40.27 -2.72
N PRO B 181 12.53 40.79 -3.82
CA PRO B 181 12.01 40.46 -5.15
C PRO B 181 12.03 38.94 -5.35
N ASP B 182 11.08 38.46 -6.14
CA ASP B 182 10.95 37.02 -6.36
C ASP B 182 12.22 36.29 -6.77
N TYR B 183 12.85 36.72 -7.85
CA TYR B 183 14.05 36.06 -8.36
C TYR B 183 15.14 35.85 -7.34
N ARG B 184 15.19 36.69 -6.33
CA ARG B 184 16.23 36.54 -5.32
C ARG B 184 15.89 35.63 -4.16
N ILE B 185 14.70 35.04 -4.15
CA ILE B 185 14.34 34.16 -3.04
C ILE B 185 15.22 32.92 -3.09
N GLY B 186 15.87 32.65 -1.97
CA GLY B 186 16.73 31.50 -1.85
C GLY B 186 18.13 31.71 -2.41
N LYS B 187 18.45 32.95 -2.75
CA LYS B 187 19.76 33.29 -3.30
C LYS B 187 20.57 34.19 -2.41
N ILE B 188 19.98 34.61 -1.29
CA ILE B 188 20.66 35.47 -0.33
C ILE B 188 21.59 34.57 0.47
N THR B 189 22.72 35.08 0.93
CA THR B 189 23.67 34.24 1.67
C THR B 189 24.01 34.71 3.07
N SER B 190 24.46 33.79 3.93
CA SER B 190 24.85 34.16 5.29
C SER B 190 25.80 35.35 5.20
N GLU B 191 26.66 35.33 4.18
CA GLU B 191 27.60 36.43 3.95
C GLU B 191 26.79 37.72 3.96
N GLN B 192 26.07 37.95 2.87
CA GLN B 192 25.24 39.12 2.69
C GLN B 192 24.48 39.56 3.93
N LEU B 193 24.04 38.60 4.72
CA LEU B 193 23.33 38.94 5.93
C LEU B 193 24.35 39.55 6.87
N HIS B 194 25.43 38.80 7.12
CA HIS B 194 26.49 39.28 7.99
C HIS B 194 26.95 40.68 7.60
N HIS B 195 27.42 40.83 6.36
CA HIS B 195 27.88 42.12 5.86
C HIS B 195 26.84 43.19 6.08
N PHE B 196 25.65 42.97 5.54
CA PHE B 196 24.57 43.95 5.70
C PHE B 196 24.47 44.42 7.14
N VAL B 197 24.68 43.52 8.09
CA VAL B 197 24.60 43.93 9.48
C VAL B 197 25.82 44.74 9.91
N GLN B 198 27.01 44.14 9.77
CA GLN B 198 28.28 44.79 10.13
C GLN B 198 28.41 46.20 9.56
N ASN B 199 27.83 46.44 8.38
CA ASN B 199 27.92 47.74 7.76
C ASN B 199 26.79 48.71 8.05
N ASN B 200 25.73 48.26 8.72
CA ASN B 200 24.62 49.16 8.97
C ASN B 200 24.23 49.21 10.42
N PHE B 201 24.36 48.10 11.12
CA PHE B 201 24.01 48.05 12.53
C PHE B 201 25.20 48.49 13.36
N THR B 202 25.61 49.75 13.16
CA THR B 202 26.76 50.35 13.86
C THR B 202 26.30 51.36 14.92
N SER B 203 26.91 51.27 16.10
CA SER B 203 26.57 52.12 17.24
C SER B 203 26.18 53.58 16.97
N ALA B 204 26.65 54.16 15.87
CA ALA B 204 26.30 55.54 15.58
C ALA B 204 25.01 55.64 14.77
N ARG B 205 24.40 54.49 14.49
CA ARG B 205 23.17 54.45 13.72
C ARG B 205 22.09 53.79 14.57
N MET B 206 22.44 53.46 15.81
CA MET B 206 21.52 52.79 16.72
C MET B 206 21.10 53.58 17.96
N ALA B 207 19.90 53.29 18.44
CA ALA B 207 19.35 53.93 19.62
C ALA B 207 18.69 52.85 20.45
N LEU B 208 18.83 52.92 21.76
CA LEU B 208 18.23 51.94 22.64
C LEU B 208 17.07 52.55 23.42
N VAL B 209 15.99 52.88 22.71
CA VAL B 209 14.80 53.47 23.32
C VAL B 209 14.08 52.48 24.24
N GLY B 210 13.47 52.98 25.31
CA GLY B 210 12.79 52.07 26.22
C GLY B 210 11.80 52.66 27.20
N ILE B 211 10.52 52.47 26.90
CA ILE B 211 9.43 52.94 27.75
C ILE B 211 9.19 52.00 28.93
N GLY B 212 8.88 52.54 30.09
CA GLY B 212 8.61 51.71 31.26
C GLY B 212 9.80 51.26 32.07
N VAL B 213 10.92 51.94 31.94
CA VAL B 213 12.12 51.60 32.70
C VAL B 213 12.89 52.83 33.19
N LYS B 214 13.76 52.63 34.17
CA LYS B 214 14.55 53.72 34.71
C LYS B 214 15.77 53.90 33.82
N HIS B 215 16.00 55.13 33.35
CA HIS B 215 17.11 55.42 32.44
C HIS B 215 18.48 54.81 32.79
N SER B 216 18.85 54.85 34.06
CA SER B 216 20.12 54.30 34.50
C SER B 216 20.23 52.82 34.15
N ASP B 217 19.15 52.09 34.41
CA ASP B 217 19.10 50.66 34.13
C ASP B 217 19.29 50.40 32.64
N LEU B 218 18.54 51.12 31.81
CA LEU B 218 18.63 50.97 30.37
C LEU B 218 20.00 51.35 29.86
N LYS B 219 20.65 52.29 30.55
CA LYS B 219 21.98 52.75 30.18
C LYS B 219 23.01 51.68 30.48
N GLN B 220 22.99 51.17 31.71
CA GLN B 220 23.92 50.14 32.17
C GLN B 220 23.96 48.92 31.24
N VAL B 221 22.84 48.68 30.57
CA VAL B 221 22.74 47.56 29.63
C VAL B 221 23.54 47.91 28.38
N ALA B 222 23.14 48.99 27.71
CA ALA B 222 23.82 49.44 26.51
C ALA B 222 25.32 49.36 26.71
N GLU B 223 25.78 49.91 27.84
CA GLU B 223 27.19 49.93 28.18
C GLU B 223 27.91 48.59 28.15
N GLN B 224 27.80 47.81 29.22
CA GLN B 224 28.48 46.53 29.31
C GLN B 224 28.17 45.46 28.25
N PHE B 225 27.15 45.69 27.43
CA PHE B 225 26.81 44.69 26.43
C PHE B 225 26.85 45.11 24.98
N LEU B 226 25.93 45.97 24.56
CA LEU B 226 25.87 46.41 23.15
C LEU B 226 27.21 46.87 22.59
N ASN B 227 27.98 45.91 22.05
CA ASN B 227 29.43 46.00 22.05
C ASN B 227 30.02 46.21 20.65
N ILE B 228 29.35 45.65 19.63
CA ILE B 228 29.82 45.80 18.25
C ILE B 228 30.14 47.28 17.99
N ARG B 229 31.42 47.54 17.74
CA ARG B 229 31.94 48.89 17.54
C ARG B 229 31.17 49.89 16.69
N SER B 230 31.65 51.12 16.79
CA SER B 230 31.10 52.29 16.12
C SER B 230 31.37 52.40 14.62
N GLY B 231 31.21 53.62 14.12
CA GLY B 231 31.41 53.88 12.72
C GLY B 231 30.07 54.29 12.16
N ALA B 232 30.00 54.49 10.85
CA ALA B 232 28.75 54.87 10.20
C ALA B 232 28.52 53.85 9.08
N GLY B 233 29.58 53.14 8.72
CA GLY B 233 29.53 52.12 7.69
C GLY B 233 28.97 52.59 6.35
N THR B 234 28.58 51.62 5.52
CA THR B 234 28.03 51.90 4.20
C THR B 234 27.09 53.11 4.27
N SER B 235 27.15 53.96 3.24
CA SER B 235 26.31 55.15 3.17
C SER B 235 25.37 55.08 1.97
N SER B 236 24.08 55.22 2.25
CA SER B 236 23.07 55.17 1.20
C SER B 236 23.29 56.21 0.11
N ALA B 237 23.22 55.79 -1.13
CA ALA B 237 23.40 56.72 -2.24
C ALA B 237 22.24 57.73 -2.17
N LYS B 238 22.46 58.94 -2.69
CA LYS B 238 21.42 59.96 -2.69
C LYS B 238 20.19 59.44 -3.42
N ALA B 239 19.03 59.74 -2.89
CA ALA B 239 17.79 59.31 -3.53
C ALA B 239 17.59 60.19 -4.76
N THR B 240 17.78 59.61 -5.94
CA THR B 240 17.63 60.36 -7.18
C THR B 240 16.22 60.21 -7.74
N TYR B 241 15.55 61.32 -8.00
CA TYR B 241 14.20 61.26 -8.52
C TYR B 241 14.17 60.85 -10.00
N TRP B 242 13.18 60.05 -10.36
CA TRP B 242 13.03 59.59 -11.74
C TRP B 242 11.83 60.22 -12.43
N GLY B 243 10.63 59.92 -11.90
CA GLY B 243 9.42 60.44 -12.49
C GLY B 243 8.94 59.46 -13.54
N GLY B 244 8.69 58.23 -13.12
CA GLY B 244 8.24 57.21 -14.03
C GLY B 244 6.80 56.79 -13.82
N GLU B 245 6.31 55.96 -14.73
CA GLU B 245 4.94 55.49 -14.66
C GLU B 245 4.91 53.98 -14.89
N ILE B 246 4.45 53.23 -13.90
CA ILE B 246 4.35 51.77 -13.98
C ILE B 246 2.88 51.37 -13.93
N ARG B 247 2.46 50.52 -14.85
CA ARG B 247 1.05 50.09 -14.91
C ARG B 247 0.87 48.56 -14.88
N GLU B 248 0.12 48.06 -13.89
CA GLU B 248 -0.12 46.63 -13.76
C GLU B 248 -1.55 46.20 -14.13
N GLN B 249 -1.69 45.65 -15.34
CA GLN B 249 -2.98 45.19 -15.82
C GLN B 249 -3.23 43.80 -15.25
N ASN B 250 -4.21 43.67 -14.35
CA ASN B 250 -4.48 42.37 -13.77
C ASN B 250 -5.93 41.89 -13.80
N GLY B 251 -6.86 42.78 -14.13
CA GLY B 251 -8.24 42.33 -14.20
C GLY B 251 -9.18 42.59 -13.04
N HIS B 252 -8.65 42.92 -11.86
CA HIS B 252 -9.49 43.22 -10.69
C HIS B 252 -10.51 44.30 -11.05
N SER B 253 -11.73 44.18 -10.53
CA SER B 253 -12.79 45.15 -10.80
C SER B 253 -12.52 46.52 -10.15
N LEU B 254 -11.50 46.57 -9.30
CA LEU B 254 -11.13 47.81 -8.64
C LEU B 254 -9.75 48.29 -9.07
N VAL B 255 -9.66 49.56 -9.46
CA VAL B 255 -8.39 50.15 -9.88
C VAL B 255 -7.78 51.01 -8.81
N HIS B 256 -6.56 50.70 -8.40
CA HIS B 256 -5.86 51.53 -7.42
C HIS B 256 -4.90 52.38 -8.22
N ALA B 257 -4.78 53.65 -7.86
CA ALA B 257 -3.87 54.54 -8.57
C ALA B 257 -3.30 55.55 -7.61
N ALA B 258 -2.04 55.90 -7.85
CA ALA B 258 -1.37 56.86 -6.99
C ALA B 258 -0.52 57.78 -7.86
N VAL B 259 -0.73 59.08 -7.71
CA VAL B 259 0.05 60.04 -8.47
C VAL B 259 0.76 60.95 -7.49
N VAL B 260 2.08 61.01 -7.59
CA VAL B 260 2.81 61.85 -6.67
C VAL B 260 3.88 62.71 -7.33
N THR B 261 4.55 63.49 -6.48
CA THR B 261 5.60 64.39 -6.87
C THR B 261 6.58 64.40 -5.72
N GLU B 262 7.83 64.75 -6.00
CA GLU B 262 8.82 64.80 -4.94
C GLU B 262 8.22 65.71 -3.87
N GLY B 263 7.99 65.16 -2.68
CA GLY B 263 7.43 65.93 -1.59
C GLY B 263 8.53 66.53 -0.73
N ALA B 264 8.32 66.55 0.59
CA ALA B 264 9.32 67.11 1.49
C ALA B 264 10.09 66.02 2.23
N ALA B 265 11.15 66.40 2.94
CA ALA B 265 11.96 65.45 3.69
C ALA B 265 11.73 65.58 5.19
N VAL B 266 12.15 64.57 5.95
CA VAL B 266 11.99 64.59 7.40
C VAL B 266 12.76 65.74 7.99
N GLY B 267 12.10 66.54 8.81
CA GLY B 267 12.78 67.69 9.41
C GLY B 267 13.00 68.78 8.38
N SER B 268 11.98 69.02 7.56
CA SER B 268 12.03 70.02 6.51
C SER B 268 11.07 71.16 6.81
N ALA B 269 11.45 72.35 6.36
CA ALA B 269 10.62 73.53 6.56
C ALA B 269 9.32 73.30 5.78
N GLU B 270 9.46 72.81 4.56
CA GLU B 270 8.32 72.57 3.70
C GLU B 270 7.50 71.36 4.18
N ALA B 271 8.08 70.59 5.09
CA ALA B 271 7.42 69.39 5.62
C ALA B 271 6.06 69.68 6.26
N ASN B 272 6.09 70.36 7.40
CA ASN B 272 4.88 70.70 8.13
C ASN B 272 3.84 71.30 7.19
N ALA B 273 4.32 71.86 6.09
CA ALA B 273 3.43 72.47 5.11
C ALA B 273 2.54 71.43 4.44
N PHE B 274 3.16 70.38 3.90
CA PHE B 274 2.43 69.31 3.24
C PHE B 274 1.43 68.58 4.13
N SER B 275 1.84 68.26 5.35
CA SER B 275 0.97 67.57 6.28
C SER B 275 -0.34 68.34 6.38
N VAL B 276 -0.25 69.65 6.51
CA VAL B 276 -1.43 70.49 6.61
C VAL B 276 -2.20 70.53 5.30
N LEU B 277 -1.49 70.44 4.18
CA LEU B 277 -2.18 70.43 2.89
C LEU B 277 -2.87 69.07 2.79
N GLN B 278 -2.19 68.06 3.28
CA GLN B 278 -2.72 66.71 3.28
C GLN B 278 -4.10 66.74 3.90
N HIS B 279 -4.16 67.15 5.16
CA HIS B 279 -5.42 67.21 5.88
C HIS B 279 -6.44 68.15 5.28
N VAL B 280 -6.01 69.16 4.56
CA VAL B 280 -6.98 70.05 3.96
C VAL B 280 -7.63 69.31 2.79
N LEU B 281 -6.87 68.45 2.14
CA LEU B 281 -7.37 67.69 1.01
C LEU B 281 -8.18 66.48 1.46
N GLY B 282 -7.77 65.90 2.59
CA GLY B 282 -8.47 64.74 3.13
C GLY B 282 -7.57 63.53 3.35
N ALA B 283 -7.28 63.20 4.60
CA ALA B 283 -6.44 62.06 4.92
C ALA B 283 -7.14 61.06 5.83
N GLY B 284 -8.07 60.29 5.24
CA GLY B 284 -8.81 59.29 6.01
C GLY B 284 -10.12 59.77 6.61
N PRO B 285 -11.09 58.87 6.82
CA PRO B 285 -12.38 59.24 7.41
C PRO B 285 -12.30 59.21 8.94
N LEU B 286 -13.10 60.05 9.58
CA LEU B 286 -13.11 60.14 11.03
C LEU B 286 -14.44 59.66 11.59
N ILE B 287 -15.40 59.50 10.68
CA ILE B 287 -16.73 59.04 11.04
C ILE B 287 -16.95 57.69 10.37
N LYS B 288 -17.24 56.66 11.16
CA LYS B 288 -17.46 55.32 10.62
C LYS B 288 -18.53 55.32 9.52
N ARG B 289 -18.18 54.82 8.34
CA ARG B 289 -19.09 54.76 7.19
C ARG B 289 -19.51 56.16 6.81
N GLY B 290 -18.84 57.15 7.37
CA GLY B 290 -19.22 58.51 7.07
C GLY B 290 -18.58 59.10 5.82
N SER B 291 -19.22 60.17 5.36
CA SER B 291 -18.75 60.92 4.20
C SER B 291 -17.77 61.93 4.77
N SER B 292 -16.88 62.45 3.93
CA SER B 292 -15.91 63.41 4.41
C SER B 292 -16.19 64.76 3.76
N VAL B 293 -16.80 65.67 4.51
CA VAL B 293 -17.13 67.00 4.02
C VAL B 293 -15.91 67.91 4.10
N THR B 294 -15.15 67.72 5.19
CA THR B 294 -13.93 68.49 5.43
C THR B 294 -12.83 68.09 4.47
N SER B 295 -13.04 66.98 3.76
CA SER B 295 -12.07 66.48 2.78
C SER B 295 -12.45 67.02 1.40
N LYS B 296 -11.70 68.02 0.96
CA LYS B 296 -11.94 68.63 -0.34
C LYS B 296 -11.79 67.57 -1.38
N LEU B 297 -10.69 66.83 -1.29
CA LEU B 297 -10.42 65.78 -2.25
C LEU B 297 -11.55 64.78 -2.32
N TYR B 298 -12.00 64.28 -1.17
CA TYR B 298 -13.10 63.31 -1.14
C TYR B 298 -14.36 63.95 -1.70
N GLN B 299 -14.69 65.13 -1.17
CA GLN B 299 -15.88 65.85 -1.63
C GLN B 299 -15.86 66.19 -3.11
N GLY B 300 -14.69 66.60 -3.63
CA GLY B 300 -14.60 66.95 -5.03
C GLY B 300 -14.83 65.76 -5.94
N VAL B 301 -14.28 64.62 -5.55
CA VAL B 301 -14.43 63.39 -6.31
C VAL B 301 -15.90 62.94 -6.26
N ALA B 302 -16.50 63.09 -5.09
CA ALA B 302 -17.89 62.70 -4.85
C ALA B 302 -18.85 63.37 -5.84
N LYS B 303 -18.55 64.59 -6.25
CA LYS B 303 -19.42 65.29 -7.20
C LYS B 303 -19.16 64.88 -8.65
N ALA B 304 -18.11 64.07 -8.86
CA ALA B 304 -17.75 63.63 -10.21
C ALA B 304 -18.24 62.22 -10.59
N THR B 305 -17.96 61.24 -9.74
CA THR B 305 -18.38 59.86 -9.99
C THR B 305 -19.65 59.56 -9.19
N THR B 306 -20.36 58.48 -9.57
CA THR B 306 -21.60 58.10 -8.89
C THR B 306 -21.46 56.87 -8.00
N GLN B 307 -20.59 55.95 -8.42
CA GLN B 307 -20.36 54.72 -7.70
C GLN B 307 -19.36 54.95 -6.58
N PRO B 308 -19.37 54.07 -5.57
CA PRO B 308 -18.48 54.13 -4.41
C PRO B 308 -17.00 54.17 -4.80
N PHE B 309 -16.20 54.78 -3.93
CA PHE B 309 -14.76 54.95 -4.18
C PHE B 309 -14.09 55.38 -2.89
N ASP B 310 -12.83 55.80 -3.04
CA ASP B 310 -12.06 56.31 -1.94
C ASP B 310 -10.88 57.08 -2.50
N ALA B 311 -10.62 58.27 -1.95
CA ALA B 311 -9.52 59.12 -2.39
C ALA B 311 -8.84 59.75 -1.17
N SER B 312 -7.53 59.87 -1.19
CA SER B 312 -6.85 60.46 -0.04
C SER B 312 -5.55 61.17 -0.40
N ALA B 313 -5.10 62.01 0.54
CA ALA B 313 -3.87 62.75 0.35
C ALA B 313 -2.73 61.87 0.83
N PHE B 314 -1.89 61.47 -0.11
CA PHE B 314 -0.75 60.62 0.17
C PHE B 314 0.47 61.47 0.53
N ASN B 315 1.11 61.16 1.66
CA ASN B 315 2.28 61.93 2.06
C ASN B 315 3.33 61.15 2.83
N VAL B 316 4.52 61.07 2.23
CA VAL B 316 5.65 60.38 2.82
C VAL B 316 6.84 61.32 2.94
N ASN B 317 7.49 61.27 4.10
CA ASN B 317 8.65 62.11 4.35
C ASN B 317 9.83 61.21 4.69
N TYR B 318 10.85 61.21 3.83
CA TYR B 318 12.05 60.40 4.04
C TYR B 318 13.27 61.27 4.38
N SER B 319 14.32 60.63 4.89
CA SER B 319 15.55 61.32 5.28
C SER B 319 16.06 62.33 4.26
N ASP B 320 16.30 61.88 3.03
CA ASP B 320 16.79 62.80 2.02
C ASP B 320 15.82 63.01 0.86
N SER B 321 14.53 62.93 1.16
CA SER B 321 13.50 63.15 0.16
C SER B 321 12.13 62.75 0.69
N GLY B 322 11.12 62.88 -0.14
CA GLY B 322 9.77 62.53 0.27
C GLY B 322 8.84 62.44 -0.93
N LEU B 323 7.59 62.03 -0.70
CA LEU B 323 6.63 61.90 -1.78
C LEU B 323 5.32 62.53 -1.36
N PHE B 324 4.59 63.06 -2.34
CA PHE B 324 3.31 63.67 -2.05
C PHE B 324 2.39 63.61 -3.24
N GLY B 325 1.11 63.44 -2.97
CA GLY B 325 0.14 63.36 -4.05
C GLY B 325 -1.09 62.69 -3.47
N PHE B 326 -1.89 62.08 -4.31
CA PHE B 326 -3.09 61.43 -3.83
C PHE B 326 -3.09 59.94 -4.14
N TYR B 327 -4.05 59.22 -3.56
CA TYR B 327 -4.20 57.77 -3.76
C TYR B 327 -5.69 57.47 -3.98
N THR B 328 -6.03 56.75 -5.04
CA THR B 328 -7.44 56.48 -5.31
C THR B 328 -7.89 55.05 -5.69
N ILE B 329 -8.83 54.53 -4.90
CA ILE B 329 -9.41 53.21 -5.14
C ILE B 329 -10.77 53.50 -5.74
N SER B 330 -10.99 53.02 -6.95
CA SER B 330 -12.25 53.29 -7.62
C SER B 330 -12.71 52.16 -8.53
N GLN B 331 -13.96 52.22 -8.99
CA GLN B 331 -14.43 51.19 -9.89
C GLN B 331 -13.66 51.39 -11.15
N ALA B 332 -13.50 50.33 -11.93
CA ALA B 332 -12.75 50.38 -13.17
C ALA B 332 -13.19 51.49 -14.10
N ALA B 333 -14.36 51.32 -14.70
CA ALA B 333 -14.89 52.30 -15.65
C ALA B 333 -14.86 53.74 -15.17
N HIS B 334 -14.91 53.92 -13.85
CA HIS B 334 -14.92 55.27 -13.29
C HIS B 334 -13.57 55.69 -12.73
N ALA B 335 -12.52 54.97 -13.09
CA ALA B 335 -11.19 55.32 -12.62
C ALA B 335 -10.78 56.62 -13.29
N GLY B 336 -11.23 56.79 -14.53
CA GLY B 336 -10.91 57.98 -15.26
C GLY B 336 -11.43 59.21 -14.55
N GLU B 337 -12.75 59.26 -14.42
CA GLU B 337 -13.41 60.37 -13.77
C GLU B 337 -12.86 60.64 -12.38
N VAL B 338 -12.59 59.58 -11.63
CA VAL B 338 -12.08 59.74 -10.28
C VAL B 338 -10.70 60.35 -10.18
N ILE B 339 -9.77 59.92 -11.03
CA ILE B 339 -8.43 60.45 -10.98
C ILE B 339 -8.42 61.91 -11.45
N ARG B 340 -9.03 62.16 -12.60
CA ARG B 340 -9.11 63.51 -13.15
C ARG B 340 -9.51 64.45 -12.04
N ALA B 341 -10.64 64.15 -11.41
CA ALA B 341 -11.17 64.95 -10.31
C ALA B 341 -10.12 65.20 -9.24
N ALA B 342 -9.56 64.13 -8.69
CA ALA B 342 -8.55 64.24 -7.64
C ALA B 342 -7.47 65.25 -8.05
N MET B 343 -7.28 65.41 -9.36
CA MET B 343 -6.30 66.35 -9.90
C MET B 343 -6.87 67.76 -9.88
N ASN B 344 -7.97 67.98 -10.59
CA ASN B 344 -8.58 69.30 -10.62
C ASN B 344 -8.62 69.90 -9.23
N GLN B 345 -8.94 69.07 -8.25
CA GLN B 345 -9.02 69.50 -6.87
C GLN B 345 -7.66 69.87 -6.27
N LEU B 346 -6.59 69.38 -6.87
CA LEU B 346 -5.25 69.70 -6.37
C LEU B 346 -4.78 70.97 -7.03
N LYS B 347 -5.14 71.15 -8.29
CA LYS B 347 -4.77 72.35 -9.00
C LYS B 347 -5.60 73.46 -8.38
N ALA B 348 -6.91 73.24 -8.28
CA ALA B 348 -7.82 74.22 -7.70
C ALA B 348 -7.32 74.70 -6.33
N ALA B 349 -6.51 73.88 -5.67
CA ALA B 349 -5.98 74.26 -4.38
C ALA B 349 -4.80 75.17 -4.61
N ALA B 350 -4.00 74.84 -5.62
CA ALA B 350 -2.82 75.65 -5.94
C ALA B 350 -3.24 77.01 -6.47
N GLN B 351 -4.40 77.08 -7.12
CA GLN B 351 -4.89 78.34 -7.67
C GLN B 351 -5.58 79.18 -6.59
N GLY B 352 -5.07 79.09 -5.36
CA GLY B 352 -5.63 79.86 -4.25
C GLY B 352 -6.98 79.44 -3.70
N GLY B 353 -7.39 78.19 -3.94
CA GLY B 353 -8.66 77.71 -3.45
C GLY B 353 -8.59 77.13 -2.04
N VAL B 354 -8.00 77.89 -1.12
CA VAL B 354 -7.87 77.44 0.27
C VAL B 354 -8.33 78.54 1.24
N THR B 355 -9.14 78.15 2.23
CA THR B 355 -9.65 79.10 3.21
C THR B 355 -8.84 79.11 4.50
N GLU B 356 -8.70 80.29 5.09
CA GLU B 356 -7.95 80.48 6.33
C GLU B 356 -8.51 79.57 7.42
N GLU B 357 -9.75 79.15 7.23
CA GLU B 357 -10.42 78.25 8.16
C GLU B 357 -9.97 76.84 7.83
N ASP B 358 -10.08 76.50 6.54
CA ASP B 358 -9.66 75.19 6.06
C ASP B 358 -8.33 74.86 6.68
N VAL B 359 -7.46 75.87 6.72
CA VAL B 359 -6.13 75.70 7.30
C VAL B 359 -6.19 75.50 8.81
N THR B 360 -7.13 76.18 9.47
CA THR B 360 -7.25 76.04 10.92
C THR B 360 -7.83 74.68 11.26
N LYS B 361 -8.81 74.22 10.48
CA LYS B 361 -9.41 72.92 10.73
C LYS B 361 -8.30 71.90 10.64
N ALA B 362 -7.61 71.88 9.51
CA ALA B 362 -6.51 70.95 9.29
C ALA B 362 -5.58 70.95 10.50
N LYS B 363 -4.84 72.04 10.68
CA LYS B 363 -3.91 72.16 11.80
C LYS B 363 -4.38 71.45 13.05
N ASN B 364 -5.67 71.56 13.35
CA ASN B 364 -6.20 70.92 14.55
C ASN B 364 -6.34 69.43 14.36
N GLN B 365 -6.84 68.98 13.20
CA GLN B 365 -6.99 67.55 12.95
C GLN B 365 -5.61 66.92 13.07
N LEU B 366 -4.61 67.63 12.58
CA LEU B 366 -3.24 67.16 12.62
C LEU B 366 -2.77 67.07 14.07
N LYS B 367 -2.95 68.15 14.82
CA LYS B 367 -2.54 68.16 16.23
C LYS B 367 -3.14 66.95 16.94
N ALA B 368 -4.45 66.81 16.85
CA ALA B 368 -5.14 65.70 17.50
C ALA B 368 -4.55 64.40 17.01
N THR B 369 -4.81 64.07 15.75
CA THR B 369 -4.30 62.84 15.17
C THR B 369 -2.89 62.54 15.71
N TYR B 370 -2.00 63.53 15.72
CA TYR B 370 -0.65 63.32 16.24
C TYR B 370 -0.73 62.87 17.70
N LEU B 371 -1.49 63.62 18.51
CA LEU B 371 -1.66 63.33 19.93
C LEU B 371 -2.38 62.04 20.26
N MET B 372 -3.26 61.59 19.37
CA MET B 372 -3.99 60.35 19.59
C MET B 372 -3.06 59.20 19.28
N SER B 373 -2.38 59.29 18.14
CA SER B 373 -1.44 58.27 17.71
C SER B 373 -0.19 58.30 18.56
N VAL B 374 -0.36 58.25 19.88
CA VAL B 374 0.75 58.25 20.83
C VAL B 374 0.26 57.68 22.17
N GLU B 375 -1.03 57.35 22.23
CA GLU B 375 -1.60 56.77 23.45
C GLU B 375 -1.09 55.33 23.56
N THR B 376 -1.00 54.68 22.39
CA THR B 376 -0.52 53.30 22.26
C THR B 376 0.93 53.22 22.70
N ALA B 377 1.22 52.35 23.66
CA ALA B 377 2.59 52.19 24.14
C ALA B 377 3.54 52.07 22.94
N GLN B 378 3.10 51.37 21.90
CA GLN B 378 3.91 51.20 20.71
C GLN B 378 4.09 52.51 19.96
N GLY B 379 3.01 53.28 19.87
CA GLY B 379 3.03 54.56 19.19
C GLY B 379 3.95 55.56 19.85
N LEU B 380 4.07 55.46 21.17
CA LEU B 380 4.94 56.32 21.95
C LEU B 380 6.39 55.90 21.74
N LEU B 381 6.71 54.65 22.08
CA LEU B 381 8.06 54.16 21.91
C LEU B 381 8.56 54.43 20.50
N ASN B 382 7.64 54.52 19.56
CA ASN B 382 8.01 54.78 18.19
C ASN B 382 8.32 56.26 18.00
N GLU B 383 7.45 57.12 18.51
CA GLU B 383 7.66 58.57 18.39
C GLU B 383 8.96 58.95 19.08
N ILE B 384 9.12 58.51 20.33
CA ILE B 384 10.32 58.76 21.12
C ILE B 384 11.60 58.38 20.39
N GLY B 385 11.66 57.14 19.92
CA GLY B 385 12.84 56.63 19.24
C GLY B 385 13.15 57.25 17.89
N SER B 386 12.13 57.58 17.11
CA SER B 386 12.38 58.15 15.80
C SER B 386 13.25 59.40 15.90
N GLU B 387 12.97 60.24 16.89
CA GLU B 387 13.76 61.46 17.09
C GLU B 387 15.14 61.05 17.57
N ALA B 388 15.18 60.42 18.73
CA ALA B 388 16.44 59.98 19.32
C ALA B 388 17.39 59.30 18.33
N LEU B 389 16.92 59.05 17.12
CA LEU B 389 17.74 58.41 16.09
C LEU B 389 18.20 59.43 15.04
N LEU B 390 17.24 60.14 14.44
CA LEU B 390 17.53 61.16 13.42
C LEU B 390 17.57 62.55 14.04
N SER B 391 18.23 62.68 15.19
CA SER B 391 18.32 63.96 15.89
C SER B 391 19.13 63.83 17.17
N GLY B 392 18.59 63.10 18.14
CA GLY B 392 19.27 62.92 19.41
C GLY B 392 18.56 63.72 20.47
N THR B 393 17.36 64.21 20.10
CA THR B 393 16.56 65.05 20.99
C THR B 393 15.10 64.63 21.04
N HIS B 394 14.34 65.30 21.90
CA HIS B 394 12.91 65.05 22.05
C HIS B 394 12.11 66.35 22.01
N THR B 395 11.65 66.70 20.82
CA THR B 395 10.85 67.90 20.62
C THR B 395 9.64 67.85 21.56
N ALA B 396 9.45 68.91 22.33
CA ALA B 396 8.33 68.98 23.25
C ALA B 396 7.00 69.05 22.47
N PRO B 397 5.92 68.49 23.03
CA PRO B 397 4.61 68.49 22.36
C PRO B 397 4.06 69.88 22.06
N SER B 398 4.37 70.86 22.92
CA SER B 398 3.89 72.23 22.70
C SER B 398 4.69 72.85 21.56
N VAL B 399 5.93 72.38 21.41
CA VAL B 399 6.82 72.87 20.37
C VAL B 399 6.34 72.35 19.01
N VAL B 400 6.10 71.04 18.94
CA VAL B 400 5.64 70.43 17.70
C VAL B 400 4.32 71.09 17.31
N ALA B 401 3.59 71.58 18.29
CA ALA B 401 2.32 72.25 18.03
C ALA B 401 2.70 73.65 17.55
N GLN B 402 3.48 74.34 18.38
CA GLN B 402 3.96 75.68 18.06
C GLN B 402 4.56 75.71 16.66
N LYS B 403 4.97 74.53 16.19
CA LYS B 403 5.56 74.38 14.86
C LYS B 403 4.53 74.06 13.81
N ILE B 404 3.48 73.34 14.20
CA ILE B 404 2.44 72.97 13.26
C ILE B 404 1.58 74.17 12.84
N ASP B 405 0.92 74.83 13.79
CA ASP B 405 0.06 75.96 13.44
C ASP B 405 0.81 77.10 12.73
N SER B 406 2.09 77.29 13.07
CA SER B 406 2.88 78.35 12.44
C SER B 406 3.10 78.03 10.96
N VAL B 407 2.02 77.90 10.21
CA VAL B 407 2.08 77.59 8.78
C VAL B 407 1.04 78.43 8.05
N THR B 408 1.51 79.45 7.35
CA THR B 408 0.65 80.37 6.62
C THR B 408 -0.28 79.72 5.60
N SER B 409 -1.33 80.45 5.26
CA SER B 409 -2.29 80.02 4.27
C SER B 409 -1.51 79.81 2.99
N ALA B 410 -0.57 80.72 2.75
CA ALA B 410 0.27 80.65 1.56
C ALA B 410 1.07 79.35 1.53
N ASP B 411 1.84 79.09 2.60
CA ASP B 411 2.64 77.87 2.70
C ASP B 411 1.89 76.68 2.08
N VAL B 412 0.64 76.53 2.48
CA VAL B 412 -0.23 75.46 1.99
C VAL B 412 -0.43 75.58 0.49
N VAL B 413 -0.86 76.75 0.02
CA VAL B 413 -1.09 76.95 -1.41
C VAL B 413 0.20 76.74 -2.20
N ASN B 414 1.34 76.96 -1.54
CA ASN B 414 2.64 76.78 -2.20
C ASN B 414 2.92 75.28 -2.39
N ALA B 415 2.69 74.51 -1.34
CA ALA B 415 2.90 73.08 -1.41
C ALA B 415 2.08 72.62 -2.61
N ALA B 416 0.82 73.04 -2.64
CA ALA B 416 -0.09 72.70 -3.73
C ALA B 416 0.55 72.98 -5.08
N LYS B 417 1.06 74.19 -5.26
CA LYS B 417 1.70 74.55 -6.53
C LYS B 417 2.75 73.50 -6.92
N LYS B 418 3.70 73.29 -6.01
CA LYS B 418 4.78 72.34 -6.22
C LYS B 418 4.30 71.05 -6.86
N PHE B 419 3.20 70.49 -6.35
CA PHE B 419 2.67 69.25 -6.89
C PHE B 419 2.23 69.42 -8.34
N VAL B 420 1.50 70.49 -8.62
CA VAL B 420 0.99 70.74 -9.97
C VAL B 420 2.08 71.06 -10.98
N SER B 421 3.21 71.56 -10.48
CA SER B 421 4.34 71.94 -11.33
C SER B 421 5.41 70.86 -11.47
N GLY B 422 5.87 70.32 -10.35
CA GLY B 422 6.88 69.28 -10.37
C GLY B 422 6.58 68.11 -11.29
N LYS B 423 7.59 67.28 -11.55
CA LYS B 423 7.40 66.12 -12.41
C LYS B 423 6.66 65.07 -11.61
N LYS B 424 5.58 64.57 -12.19
CA LYS B 424 4.76 63.58 -11.52
C LYS B 424 5.11 62.15 -11.94
N SER B 425 5.00 61.23 -10.99
CA SER B 425 5.24 59.82 -11.23
C SER B 425 4.01 59.07 -10.70
N MET B 426 3.38 58.29 -11.58
CA MET B 426 2.18 57.56 -11.23
C MET B 426 2.40 56.04 -11.23
N ALA B 427 1.60 55.33 -10.43
CA ALA B 427 1.66 53.88 -10.32
C ALA B 427 0.25 53.34 -10.11
N ALA B 428 -0.24 52.50 -11.02
CA ALA B 428 -1.60 51.96 -10.89
C ALA B 428 -1.71 50.44 -11.12
N SER B 429 -2.77 49.83 -10.58
CA SER B 429 -3.02 48.39 -10.75
C SER B 429 -4.52 48.01 -10.77
N GLY B 430 -4.89 47.14 -11.70
CA GLY B 430 -6.27 46.70 -11.81
C GLY B 430 -6.64 46.59 -13.27
N ASP B 431 -7.93 46.66 -13.59
CA ASP B 431 -8.35 46.61 -14.99
C ASP B 431 -8.26 48.05 -15.44
N LEU B 432 -7.06 48.45 -15.84
CA LEU B 432 -6.79 49.82 -16.22
C LEU B 432 -7.35 50.35 -17.54
N GLY B 433 -8.01 49.49 -18.31
CA GLY B 433 -8.57 49.89 -19.60
C GLY B 433 -9.11 51.31 -19.72
N SER B 434 -9.72 51.81 -18.65
CA SER B 434 -10.30 53.15 -18.62
C SER B 434 -9.49 54.12 -17.79
N THR B 435 -8.45 53.61 -17.13
CA THR B 435 -7.59 54.46 -16.31
C THR B 435 -6.68 55.28 -17.22
N PRO B 436 -6.41 56.53 -16.87
CA PRO B 436 -5.55 57.37 -17.71
C PRO B 436 -4.05 57.29 -17.39
N PHE B 437 -3.25 57.74 -18.35
CA PHE B 437 -1.80 57.76 -18.23
C PHE B 437 -1.35 59.08 -17.66
N LEU B 438 -0.18 59.09 -17.06
CA LEU B 438 0.36 60.29 -16.46
C LEU B 438 0.32 61.50 -17.39
N ASP B 439 0.57 61.29 -18.69
CA ASP B 439 0.56 62.42 -19.60
C ASP B 439 -0.82 62.83 -20.12
N GLU B 440 -1.87 62.44 -19.41
CA GLU B 440 -3.23 62.80 -19.84
C GLU B 440 -3.87 63.63 -18.74
N LEU B 441 -3.07 63.95 -17.73
CA LEU B 441 -3.54 64.75 -16.60
C LEU B 441 -2.72 66.06 -16.53
N MET C 1 7.20 10.42 12.47
CA MET C 1 6.93 10.42 11.00
C MET C 1 5.62 11.16 10.71
N ALA C 2 4.54 10.70 11.35
CA ALA C 2 3.21 11.27 11.21
C ALA C 2 2.60 11.47 12.60
N PRO C 3 1.52 12.27 12.70
CA PRO C 3 0.90 12.50 14.01
C PRO C 3 0.42 11.27 14.79
N ASN C 4 -0.69 10.65 14.36
CA ASN C 4 -1.20 9.47 15.07
C ASN C 4 -0.70 8.14 14.51
N ILE C 5 -0.36 7.24 15.43
CA ILE C 5 0.18 5.92 15.13
C ILE C 5 -0.70 5.03 14.26
N ARG C 6 -2.02 5.21 14.34
CA ARG C 6 -2.95 4.39 13.56
C ARG C 6 -2.66 4.44 12.05
N LYS C 7 -2.12 5.56 11.58
CA LYS C 7 -1.80 5.73 10.15
C LYS C 7 -0.36 5.44 9.73
N SER C 8 0.59 5.75 10.60
CA SER C 8 2.01 5.55 10.33
C SER C 8 2.49 4.08 10.42
N HIS C 9 2.19 3.43 11.55
CA HIS C 9 2.55 2.02 11.80
C HIS C 9 2.27 1.15 10.59
N PRO C 10 3.27 0.37 10.13
CA PRO C 10 3.07 -0.49 8.96
C PRO C 10 1.95 -1.53 9.10
N LEU C 11 1.50 -1.79 10.32
CA LEU C 11 0.44 -2.76 10.52
C LEU C 11 -0.88 -2.12 10.91
N LEU C 12 -0.88 -1.22 11.90
CA LEU C 12 -2.12 -0.56 12.30
C LEU C 12 -2.69 0.07 11.05
N LYS C 13 -1.83 0.72 10.28
CA LYS C 13 -2.21 1.34 9.01
C LYS C 13 -3.10 0.39 8.22
N MET C 14 -2.77 -0.90 8.22
CA MET C 14 -3.56 -1.87 7.49
C MET C 14 -4.91 -2.02 8.18
N ILE C 15 -4.88 -2.28 9.48
CA ILE C 15 -6.11 -2.43 10.25
C ILE C 15 -6.99 -1.20 10.14
N ASN C 16 -6.34 -0.04 10.06
CA ASN C 16 -7.07 1.20 9.94
C ASN C 16 -7.71 1.34 8.57
N ASN C 17 -6.93 1.25 7.50
CA ASN C 17 -7.47 1.41 6.15
C ASN C 17 -8.47 0.34 5.70
N SER C 18 -8.96 -0.48 6.62
CA SER C 18 -9.89 -1.53 6.24
C SER C 18 -10.85 -1.95 7.35
N LEU C 19 -10.93 -1.15 8.40
CA LEU C 19 -11.82 -1.47 9.50
C LEU C 19 -12.11 -0.28 10.38
N ILE C 20 -11.51 0.87 10.08
CA ILE C 20 -11.73 2.02 10.93
C ILE C 20 -11.95 3.31 10.18
N ASP C 21 -11.07 3.63 9.25
CA ASP C 21 -11.20 4.86 8.50
C ASP C 21 -11.62 4.59 7.07
N LEU C 22 -11.96 3.33 6.80
CA LEU C 22 -12.40 2.91 5.48
C LEU C 22 -13.70 3.55 5.06
N PRO C 23 -13.73 4.15 3.88
CA PRO C 23 -14.90 4.81 3.32
C PRO C 23 -16.02 3.83 2.91
N ALA C 24 -17.15 3.94 3.59
CA ALA C 24 -18.27 3.07 3.30
C ALA C 24 -19.42 3.95 2.86
N PRO C 25 -20.23 3.45 1.89
CA PRO C 25 -21.37 4.26 1.43
C PRO C 25 -22.25 4.42 2.65
N SER C 26 -23.10 5.44 2.68
CA SER C 26 -23.94 5.63 3.84
C SER C 26 -25.22 4.81 3.78
N ASN C 27 -25.61 4.42 2.57
CA ASN C 27 -26.85 3.69 2.44
C ASN C 27 -26.81 2.18 2.26
N ILE C 28 -25.76 1.49 2.70
CA ILE C 28 -25.80 0.05 2.52
C ILE C 28 -26.73 -0.56 3.54
N SER C 29 -27.44 -1.61 3.09
CA SER C 29 -28.42 -2.31 3.89
C SER C 29 -27.90 -3.57 4.53
N ALA C 30 -28.83 -4.29 5.14
CA ALA C 30 -28.54 -5.51 5.84
C ALA C 30 -27.92 -6.53 4.92
N TRP C 31 -28.24 -6.46 3.64
CA TRP C 31 -27.66 -7.44 2.74
C TRP C 31 -26.15 -7.34 2.68
N TRP C 32 -25.58 -6.24 3.15
CA TRP C 32 -24.13 -6.13 3.13
C TRP C 32 -23.47 -6.76 4.36
N ASN C 33 -24.28 -7.16 5.32
CA ASN C 33 -23.78 -7.78 6.54
C ASN C 33 -23.22 -9.16 6.32
N PHE C 34 -23.50 -9.76 5.18
CA PHE C 34 -23.03 -11.09 5.01
C PHE C 34 -21.52 -11.27 4.85
N GLY C 35 -20.84 -10.26 4.35
CA GLY C 35 -19.40 -10.37 4.21
C GLY C 35 -18.77 -10.66 5.57
N SER C 36 -19.03 -9.78 6.54
CA SER C 36 -18.48 -9.95 7.86
C SER C 36 -18.91 -11.26 8.48
N LEU C 37 -20.17 -11.63 8.31
CA LEU C 37 -20.59 -12.89 8.88
C LEU C 37 -19.80 -14.05 8.25
N LEU C 38 -19.66 -14.03 6.93
CA LEU C 38 -18.92 -15.10 6.30
C LEU C 38 -17.56 -15.17 6.93
N ALA C 39 -16.96 -14.00 7.17
CA ALA C 39 -15.64 -13.92 7.79
C ALA C 39 -15.67 -14.53 9.18
N VAL C 40 -16.58 -14.06 10.02
CA VAL C 40 -16.69 -14.57 11.38
C VAL C 40 -16.95 -16.06 11.32
N CYS C 41 -17.90 -16.40 10.46
CA CYS C 41 -18.30 -17.77 10.25
C CYS C 41 -17.04 -18.63 10.08
N LEU C 42 -16.14 -18.17 9.23
CA LEU C 42 -14.88 -18.85 8.94
C LEU C 42 -13.98 -19.02 10.17
N MET C 43 -13.72 -17.91 10.85
CA MET C 43 -12.88 -17.94 12.04
C MET C 43 -13.47 -18.94 13.03
N THR C 44 -14.78 -19.04 13.05
CA THR C 44 -15.45 -19.94 13.97
C THR C 44 -15.31 -21.41 13.60
N GLN C 45 -15.41 -21.73 12.33
CA GLN C 45 -15.26 -23.11 11.91
C GLN C 45 -13.89 -23.62 12.28
N ILE C 46 -12.87 -22.86 11.87
CA ILE C 46 -11.47 -23.15 12.16
C ILE C 46 -11.21 -23.36 13.67
N LEU C 47 -11.83 -22.52 14.50
CA LEU C 47 -11.64 -22.69 15.91
C LEU C 47 -12.25 -24.00 16.36
N THR C 48 -13.55 -24.18 16.14
CA THR C 48 -14.22 -25.43 16.56
C THR C 48 -13.57 -26.62 15.85
N GLY C 49 -13.22 -26.42 14.59
CA GLY C 49 -12.58 -27.48 13.84
C GLY C 49 -11.31 -27.99 14.51
N LEU C 50 -10.39 -27.08 14.82
CA LEU C 50 -9.15 -27.47 15.47
C LEU C 50 -9.50 -28.27 16.72
N LEU C 51 -10.30 -27.66 17.59
CA LEU C 51 -10.73 -28.34 18.80
C LEU C 51 -11.23 -29.77 18.55
N LEU C 52 -11.96 -30.01 17.46
CA LEU C 52 -12.42 -31.36 17.18
C LEU C 52 -11.29 -32.23 16.65
N ALA C 53 -10.40 -31.62 15.88
CA ALA C 53 -9.27 -32.34 15.30
C ALA C 53 -8.33 -32.86 16.37
N MET C 54 -8.31 -32.19 17.52
CA MET C 54 -7.45 -32.62 18.61
C MET C 54 -7.99 -33.82 19.36
N HIS C 55 -8.96 -34.48 18.76
CA HIS C 55 -9.56 -35.65 19.39
C HIS C 55 -9.99 -36.64 18.33
N TYR C 56 -9.81 -36.28 17.08
CA TYR C 56 -10.23 -37.16 16.01
C TYR C 56 -9.15 -38.14 15.63
N THR C 57 -9.55 -39.27 15.05
CA THR C 57 -8.59 -40.27 14.55
C THR C 57 -9.01 -40.62 13.14
N ALA C 58 -8.13 -40.46 12.17
CA ALA C 58 -8.50 -40.74 10.80
C ALA C 58 -8.18 -42.17 10.39
N ASP C 59 -9.05 -43.08 10.75
CA ASP C 59 -8.81 -44.45 10.39
C ASP C 59 -10.14 -45.13 10.35
N THR C 60 -10.43 -45.81 9.26
CA THR C 60 -11.71 -46.49 9.14
C THR C 60 -12.12 -47.21 10.42
N SER C 61 -11.17 -47.81 11.12
CA SER C 61 -11.51 -48.53 12.34
C SER C 61 -11.70 -47.66 13.58
N LEU C 62 -11.42 -46.37 13.48
CA LEU C 62 -11.55 -45.52 14.66
C LEU C 62 -12.27 -44.21 14.44
N ALA C 63 -12.40 -43.79 13.19
CA ALA C 63 -13.04 -42.51 12.92
C ALA C 63 -14.40 -42.37 13.62
N PHE C 64 -15.34 -43.22 13.23
CA PHE C 64 -16.68 -43.15 13.79
C PHE C 64 -16.72 -43.05 15.30
N SER C 65 -15.94 -43.90 15.96
CA SER C 65 -15.95 -43.88 17.41
C SER C 65 -15.09 -42.76 18.01
N SER C 66 -14.16 -42.23 17.22
CA SER C 66 -13.34 -41.14 17.75
C SER C 66 -14.29 -39.95 17.93
N VAL C 67 -15.12 -39.75 16.92
CA VAL C 67 -16.10 -38.68 16.95
C VAL C 67 -17.07 -38.92 18.07
N ALA C 68 -17.48 -40.18 18.23
CA ALA C 68 -18.44 -40.52 19.29
C ALA C 68 -17.81 -40.31 20.64
N HIS C 69 -16.60 -40.84 20.82
CA HIS C 69 -15.90 -40.72 22.07
C HIS C 69 -15.71 -39.21 22.41
N THR C 70 -15.55 -38.38 21.38
CA THR C 70 -15.42 -36.94 21.60
C THR C 70 -16.67 -36.35 22.22
N CYS C 71 -17.83 -36.61 21.62
CA CYS C 71 -19.10 -36.08 22.12
C CYS C 71 -19.45 -36.65 23.49
N ARG C 72 -19.05 -37.90 23.69
CA ARG C 72 -19.33 -38.60 24.92
C ARG C 72 -18.37 -38.37 26.11
N ASN C 73 -17.08 -38.21 25.85
CA ASN C 73 -16.12 -38.02 26.93
C ASN C 73 -15.41 -36.69 27.09
N VAL C 74 -15.24 -35.95 26.00
CA VAL C 74 -14.54 -34.67 26.06
C VAL C 74 -15.41 -33.53 26.57
N GLN C 75 -14.97 -32.86 27.65
CA GLN C 75 -15.70 -31.75 28.22
C GLN C 75 -16.23 -30.81 27.13
N TYR C 76 -17.54 -30.71 27.00
CA TYR C 76 -18.13 -29.84 25.97
C TYR C 76 -17.83 -30.32 24.54
N GLY C 77 -17.36 -31.56 24.44
CA GLY C 77 -17.09 -32.14 23.13
C GLY C 77 -18.38 -32.09 22.35
N TRP C 78 -19.46 -32.57 22.95
CA TRP C 78 -20.75 -32.54 22.29
C TRP C 78 -21.12 -31.17 21.73
N LEU C 79 -20.84 -30.12 22.50
CA LEU C 79 -21.15 -28.75 22.09
C LEU C 79 -20.29 -28.28 20.91
N ILE C 80 -19.00 -28.53 21.01
CA ILE C 80 -18.10 -28.16 19.94
C ILE C 80 -18.50 -28.90 18.68
N ARG C 81 -18.70 -30.21 18.79
CA ARG C 81 -19.09 -31.01 17.64
C ARG C 81 -20.30 -30.37 17.00
N ASN C 82 -21.33 -30.07 17.79
CA ASN C 82 -22.54 -29.46 17.24
C ASN C 82 -22.20 -28.14 16.58
N LEU C 83 -21.69 -27.20 17.35
CA LEU C 83 -21.35 -25.92 16.78
C LEU C 83 -20.63 -26.07 15.44
N HIS C 84 -19.65 -26.96 15.36
CA HIS C 84 -18.91 -27.14 14.11
C HIS C 84 -19.84 -27.64 13.03
N ALA C 85 -20.60 -28.70 13.31
CA ALA C 85 -21.49 -29.27 12.32
C ALA C 85 -22.52 -28.28 11.84
N ASN C 86 -23.29 -27.71 12.75
CA ASN C 86 -24.29 -26.75 12.33
C ASN C 86 -23.65 -25.49 11.73
N GLY C 87 -22.46 -25.17 12.20
CA GLY C 87 -21.76 -24.01 11.69
C GLY C 87 -21.59 -24.05 10.18
N ALA C 88 -21.41 -25.27 9.67
CA ALA C 88 -21.23 -25.43 8.26
C ALA C 88 -22.47 -24.95 7.51
N SER C 89 -23.66 -25.23 8.04
CA SER C 89 -24.89 -24.80 7.36
C SER C 89 -25.02 -23.31 7.45
N PHE C 90 -24.78 -22.77 8.64
CA PHE C 90 -24.87 -21.34 8.82
C PHE C 90 -23.95 -20.75 7.78
N PHE C 91 -22.84 -21.44 7.53
CA PHE C 91 -21.87 -20.92 6.56
C PHE C 91 -22.51 -20.75 5.21
N PHE C 92 -23.00 -21.85 4.65
CA PHE C 92 -23.67 -21.84 3.35
C PHE C 92 -24.89 -20.92 3.33
N ILE C 93 -25.73 -21.00 4.36
CA ILE C 93 -26.87 -20.12 4.35
C ILE C 93 -26.30 -18.73 4.05
N CYS C 94 -25.30 -18.33 4.81
CA CYS C 94 -24.73 -17.02 4.58
C CYS C 94 -24.16 -16.82 3.19
N ILE C 95 -23.37 -17.76 2.73
CA ILE C 95 -22.79 -17.56 1.43
C ILE C 95 -23.85 -17.41 0.34
N PHE C 96 -24.96 -18.13 0.48
CA PHE C 96 -26.01 -18.04 -0.54
C PHE C 96 -26.69 -16.66 -0.57
N LEU C 97 -26.84 -16.04 0.60
CA LEU C 97 -27.40 -14.71 0.64
C LEU C 97 -26.34 -13.73 0.09
N HIS C 98 -25.09 -13.93 0.49
CA HIS C 98 -24.01 -13.07 0.03
C HIS C 98 -24.06 -13.05 -1.50
N ILE C 99 -24.06 -14.23 -2.10
CA ILE C 99 -24.12 -14.28 -3.56
C ILE C 99 -25.36 -13.58 -4.07
N GLY C 100 -26.51 -13.99 -3.55
CA GLY C 100 -27.77 -13.40 -3.99
C GLY C 100 -27.68 -11.90 -4.06
N ARG C 101 -27.30 -11.31 -2.93
CA ARG C 101 -27.14 -9.87 -2.79
C ARG C 101 -26.31 -9.39 -3.97
N GLY C 102 -25.21 -10.08 -4.22
CA GLY C 102 -24.36 -9.67 -5.30
C GLY C 102 -25.07 -9.59 -6.64
N LEU C 103 -25.82 -10.64 -6.94
CA LEU C 103 -26.55 -10.74 -8.19
C LEU C 103 -27.59 -9.64 -8.37
N TYR C 104 -28.44 -9.47 -7.36
CA TYR C 104 -29.50 -8.48 -7.39
C TYR C 104 -29.02 -7.05 -7.44
N TYR C 105 -27.82 -6.78 -6.93
CA TYR C 105 -27.29 -5.40 -6.94
C TYR C 105 -26.11 -5.19 -7.89
N GLY C 106 -25.94 -6.13 -8.81
CA GLY C 106 -24.88 -6.03 -9.79
C GLY C 106 -23.53 -5.78 -9.20
N SER C 107 -23.24 -6.43 -8.08
CA SER C 107 -21.95 -6.27 -7.44
C SER C 107 -20.90 -6.94 -8.28
N TYR C 108 -21.33 -7.98 -8.99
CA TYR C 108 -20.46 -8.77 -9.85
C TYR C 108 -19.75 -7.89 -10.83
N LEU C 109 -20.25 -6.68 -11.03
CA LEU C 109 -19.57 -5.81 -11.97
C LEU C 109 -18.15 -5.51 -11.51
N TYR C 110 -17.86 -5.85 -10.25
CA TYR C 110 -16.52 -5.71 -9.69
C TYR C 110 -15.84 -7.04 -9.99
N LYS C 111 -15.77 -7.38 -11.28
CA LYS C 111 -15.20 -8.64 -11.74
C LYS C 111 -14.24 -9.41 -10.84
N GLU C 112 -13.08 -8.84 -10.53
CA GLU C 112 -12.09 -9.55 -9.71
C GLU C 112 -12.57 -9.88 -8.31
N THR C 113 -13.31 -8.96 -7.70
CA THR C 113 -13.83 -9.27 -6.37
C THR C 113 -14.74 -10.44 -6.55
N TRP C 114 -15.61 -10.34 -7.55
CA TRP C 114 -16.55 -11.39 -7.87
C TRP C 114 -15.87 -12.71 -8.21
N ASN C 115 -14.96 -12.73 -9.19
CA ASN C 115 -14.29 -13.98 -9.54
C ASN C 115 -13.59 -14.66 -8.36
N THR C 116 -12.92 -13.90 -7.49
CA THR C 116 -12.28 -14.55 -6.35
C THR C 116 -13.45 -15.14 -5.55
N GLY C 117 -14.56 -14.42 -5.52
CA GLY C 117 -15.73 -14.89 -4.80
C GLY C 117 -16.14 -16.28 -5.25
N VAL C 118 -16.28 -16.47 -6.55
CA VAL C 118 -16.66 -17.77 -7.02
C VAL C 118 -15.64 -18.77 -6.50
N ILE C 119 -14.36 -18.40 -6.55
CA ILE C 119 -13.34 -19.31 -6.04
C ILE C 119 -13.55 -19.65 -4.54
N LEU C 120 -13.99 -18.68 -3.76
CA LEU C 120 -14.23 -18.96 -2.37
C LEU C 120 -15.32 -20.02 -2.23
N LEU C 121 -16.39 -19.84 -3.01
CA LEU C 121 -17.51 -20.79 -3.01
C LEU C 121 -17.05 -22.18 -3.36
N LEU C 122 -16.35 -22.30 -4.47
CA LEU C 122 -15.86 -23.61 -4.89
C LEU C 122 -15.02 -24.22 -3.77
N THR C 123 -14.08 -23.44 -3.24
CA THR C 123 -13.23 -23.96 -2.19
C THR C 123 -14.07 -24.42 -0.99
N LEU C 124 -14.99 -23.58 -0.54
CA LEU C 124 -15.85 -23.92 0.59
C LEU C 124 -16.57 -25.24 0.33
N MET C 125 -16.99 -25.46 -0.91
CA MET C 125 -17.69 -26.70 -1.24
C MET C 125 -16.78 -27.91 -1.02
N ALA C 126 -15.60 -27.91 -1.65
CA ALA C 126 -14.66 -29.00 -1.49
C ALA C 126 -14.44 -29.25 0.00
N THR C 127 -14.21 -28.16 0.73
CA THR C 127 -13.97 -28.26 2.15
C THR C 127 -15.10 -28.94 2.89
N ALA C 128 -16.31 -28.45 2.69
CA ALA C 128 -17.45 -29.03 3.41
C ALA C 128 -17.75 -30.44 2.93
N PHE C 129 -17.33 -30.76 1.71
CA PHE C 129 -17.61 -32.09 1.21
C PHE C 129 -16.71 -33.09 1.90
N VAL C 130 -15.41 -32.84 1.87
CA VAL C 130 -14.48 -33.73 2.53
C VAL C 130 -14.75 -33.76 4.03
N GLY C 131 -15.10 -32.62 4.59
CA GLY C 131 -15.39 -32.62 6.00
C GLY C 131 -16.41 -33.68 6.39
N TYR C 132 -17.49 -33.74 5.62
CA TYR C 132 -18.59 -34.67 5.90
C TYR C 132 -18.22 -36.14 5.88
N VAL C 133 -17.11 -36.51 5.26
CA VAL C 133 -16.77 -37.92 5.25
C VAL C 133 -16.09 -38.33 6.54
N LEU C 134 -15.40 -37.40 7.16
CA LEU C 134 -14.66 -37.68 8.38
C LEU C 134 -15.31 -38.52 9.47
N PRO C 135 -16.61 -38.35 9.74
CA PRO C 135 -17.21 -39.17 10.81
C PRO C 135 -17.45 -40.62 10.39
N TRP C 136 -17.15 -40.93 9.14
CA TRP C 136 -17.29 -42.28 8.60
C TRP C 136 -18.59 -42.99 9.00
N GLY C 137 -19.71 -42.38 8.62
CA GLY C 137 -21.00 -42.97 8.90
C GLY C 137 -21.56 -43.47 7.58
N GLN C 138 -22.69 -44.16 7.60
CA GLN C 138 -23.26 -44.68 6.37
C GLN C 138 -23.30 -43.67 5.28
N MET C 139 -23.91 -42.54 5.56
CA MET C 139 -24.03 -41.52 4.53
C MET C 139 -22.68 -40.96 4.19
N SER C 140 -21.80 -40.80 5.18
CA SER C 140 -20.48 -40.27 4.88
C SER C 140 -19.84 -41.10 3.78
N PHE C 141 -19.68 -42.37 4.06
CA PHE C 141 -19.07 -43.30 3.14
C PHE C 141 -19.78 -43.38 1.80
N TRP C 142 -21.06 -43.72 1.84
CA TRP C 142 -21.81 -43.86 0.60
C TRP C 142 -21.86 -42.63 -0.23
N GLY C 143 -22.08 -41.48 0.38
CA GLY C 143 -22.09 -40.28 -0.42
C GLY C 143 -20.73 -40.10 -1.10
N ALA C 144 -19.68 -40.32 -0.34
CA ALA C 144 -18.32 -40.18 -0.87
C ALA C 144 -18.11 -41.11 -2.07
N THR C 145 -18.65 -42.31 -1.98
CA THR C 145 -18.52 -43.30 -3.04
C THR C 145 -19.27 -42.92 -4.29
N VAL C 146 -20.47 -42.39 -4.16
CA VAL C 146 -21.24 -42.00 -5.32
C VAL C 146 -20.72 -40.69 -5.93
N ILE C 147 -20.51 -39.68 -5.10
CA ILE C 147 -20.05 -38.39 -5.60
C ILE C 147 -18.68 -38.48 -6.28
N THR C 148 -17.69 -39.04 -5.62
CA THR C 148 -16.36 -39.13 -6.25
C THR C 148 -16.36 -39.99 -7.52
N ASN C 149 -17.14 -41.06 -7.53
CA ASN C 149 -17.17 -41.92 -8.71
C ASN C 149 -17.69 -41.17 -9.93
N LEU C 150 -18.38 -40.06 -9.71
CA LEU C 150 -18.93 -39.31 -10.85
C LEU C 150 -17.90 -39.05 -11.93
N PHE C 151 -16.71 -38.63 -11.53
CA PHE C 151 -15.65 -38.32 -12.49
C PHE C 151 -15.33 -39.47 -13.45
N SER C 152 -15.63 -40.69 -13.04
CA SER C 152 -15.35 -41.84 -13.89
C SER C 152 -15.98 -41.72 -15.27
N ALA C 153 -16.90 -40.77 -15.42
CA ALA C 153 -17.59 -40.54 -16.69
C ALA C 153 -16.75 -39.70 -17.63
N ILE C 154 -15.79 -38.95 -17.09
CA ILE C 154 -14.90 -38.14 -17.90
C ILE C 154 -14.18 -39.11 -18.80
N PRO C 155 -14.14 -38.85 -20.11
CA PRO C 155 -13.48 -39.72 -21.09
C PRO C 155 -11.98 -39.99 -20.98
N TYR C 156 -11.61 -41.25 -21.21
CA TYR C 156 -10.22 -41.68 -21.22
C TYR C 156 -9.44 -41.59 -19.89
N ILE C 157 -9.41 -40.40 -19.29
CA ILE C 157 -8.70 -40.17 -18.04
C ILE C 157 -9.62 -40.24 -16.83
N GLY C 158 -10.83 -40.75 -17.07
CA GLY C 158 -11.82 -40.83 -16.00
C GLY C 158 -11.41 -41.70 -14.86
N HIS C 159 -11.61 -43.00 -15.05
CA HIS C 159 -11.28 -43.99 -14.03
C HIS C 159 -9.94 -43.73 -13.35
N THR C 160 -8.92 -43.43 -14.15
CA THR C 160 -7.60 -43.17 -13.62
C THR C 160 -7.60 -42.07 -12.57
N LEU C 161 -8.20 -40.96 -12.93
CA LEU C 161 -8.30 -39.82 -12.04
C LEU C 161 -9.01 -40.16 -10.72
N VAL C 162 -10.00 -41.04 -10.77
CA VAL C 162 -10.73 -41.41 -9.56
C VAL C 162 -9.96 -42.35 -8.66
N GLU C 163 -9.43 -43.42 -9.23
CA GLU C 163 -8.68 -44.38 -8.44
C GLU C 163 -7.47 -43.71 -7.86
N TRP C 164 -7.07 -42.62 -8.48
CA TRP C 164 -5.94 -41.89 -7.97
C TRP C 164 -6.43 -41.22 -6.72
N ALA C 165 -7.48 -40.42 -6.87
CA ALA C 165 -8.06 -39.70 -5.76
C ALA C 165 -8.35 -40.60 -4.56
N TRP C 166 -8.94 -41.76 -4.82
CA TRP C 166 -9.28 -42.71 -3.76
C TRP C 166 -8.06 -43.34 -3.08
N GLY C 167 -6.94 -43.35 -3.79
CA GLY C 167 -5.74 -43.95 -3.23
C GLY C 167 -5.87 -45.47 -3.27
N GLY C 168 -6.82 -45.95 -4.07
CA GLY C 168 -7.04 -47.38 -4.16
C GLY C 168 -8.14 -47.76 -5.14
N PHE C 169 -8.93 -48.77 -4.79
CA PHE C 169 -9.98 -49.23 -5.67
C PHE C 169 -11.38 -48.83 -5.26
N SER C 170 -11.48 -48.26 -4.06
CA SER C 170 -12.75 -47.82 -3.52
C SER C 170 -12.49 -46.93 -2.31
N VAL C 171 -13.49 -46.17 -1.91
CA VAL C 171 -13.30 -45.31 -0.77
C VAL C 171 -12.95 -46.19 0.40
N ASP C 172 -11.72 -46.07 0.89
CA ASP C 172 -11.28 -46.87 2.03
C ASP C 172 -10.34 -46.01 2.86
N ASN C 173 -9.65 -46.62 3.81
CA ASN C 173 -8.76 -45.88 4.69
C ASN C 173 -7.83 -44.85 4.04
N PRO C 174 -7.20 -45.20 2.92
CA PRO C 174 -6.31 -44.23 2.29
C PRO C 174 -7.03 -42.97 1.81
N THR C 175 -8.35 -43.02 1.78
CA THR C 175 -9.14 -41.89 1.33
C THR C 175 -9.43 -41.05 2.55
N LEU C 176 -9.92 -41.74 3.58
CA LEU C 176 -10.27 -41.08 4.82
C LEU C 176 -9.08 -40.24 5.25
N THR C 177 -7.87 -40.79 5.20
CA THR C 177 -6.76 -39.98 5.62
C THR C 177 -6.52 -38.77 4.75
N ARG C 178 -6.38 -38.95 3.44
CA ARG C 178 -6.12 -37.78 2.61
C ARG C 178 -7.25 -36.77 2.66
N PHE C 179 -8.45 -37.20 3.05
CA PHE C 179 -9.54 -36.24 3.11
C PHE C 179 -9.35 -35.42 4.39
N PHE C 180 -9.03 -36.09 5.49
CA PHE C 180 -8.81 -35.38 6.72
C PHE C 180 -7.73 -34.34 6.47
N ALA C 181 -6.68 -34.73 5.74
CA ALA C 181 -5.60 -33.80 5.39
C ALA C 181 -6.20 -32.60 4.64
N LEU C 182 -6.87 -32.87 3.51
CA LEU C 182 -7.51 -31.81 2.75
C LEU C 182 -8.43 -30.92 3.59
N HIS C 183 -9.24 -31.55 4.43
CA HIS C 183 -10.18 -30.80 5.24
C HIS C 183 -9.47 -29.84 6.17
N PHE C 184 -8.32 -30.25 6.71
CA PHE C 184 -7.58 -29.39 7.62
C PHE C 184 -6.97 -28.26 6.80
N LEU C 185 -6.48 -28.59 5.61
CA LEU C 185 -5.84 -27.59 4.75
C LEU C 185 -6.73 -26.49 4.15
N LEU C 186 -7.67 -26.86 3.26
CA LEU C 186 -8.55 -25.90 2.60
C LEU C 186 -9.03 -24.68 3.39
N PRO C 187 -9.54 -24.88 4.61
CA PRO C 187 -10.00 -23.71 5.37
C PRO C 187 -8.97 -22.59 5.35
N PHE C 188 -7.72 -22.93 5.61
CA PHE C 188 -6.68 -21.93 5.60
C PHE C 188 -6.52 -21.29 4.24
N ALA C 189 -6.74 -22.05 3.18
CA ALA C 189 -6.62 -21.44 1.86
C ALA C 189 -7.79 -20.45 1.73
N ILE C 190 -8.92 -20.80 2.34
CA ILE C 190 -10.07 -19.90 2.25
C ILE C 190 -9.69 -18.56 2.86
N ALA C 191 -9.17 -18.61 4.08
CA ALA C 191 -8.72 -17.41 4.78
C ALA C 191 -7.79 -16.57 3.88
N GLY C 192 -6.77 -17.22 3.33
CA GLY C 192 -5.88 -16.49 2.46
C GLY C 192 -6.64 -15.78 1.36
N ILE C 193 -7.37 -16.56 0.56
CA ILE C 193 -8.13 -15.98 -0.52
C ILE C 193 -9.10 -14.89 -0.06
N THR C 194 -9.67 -15.01 1.13
CA THR C 194 -10.55 -13.95 1.58
C THR C 194 -9.78 -12.63 1.60
N ILE C 195 -8.51 -12.66 1.98
CA ILE C 195 -7.70 -11.44 1.99
C ILE C 195 -7.65 -10.86 0.59
N ILE C 196 -7.42 -11.70 -0.42
CA ILE C 196 -7.39 -11.23 -1.81
C ILE C 196 -8.75 -10.60 -2.17
N HIS C 197 -9.84 -11.31 -1.84
CA HIS C 197 -11.21 -10.87 -2.09
C HIS C 197 -11.34 -9.44 -1.58
N LEU C 198 -11.11 -9.24 -0.29
CA LEU C 198 -11.21 -7.88 0.27
C LEU C 198 -10.18 -6.91 -0.34
N THR C 199 -9.06 -7.44 -0.81
CA THR C 199 -8.07 -6.56 -1.39
C THR C 199 -8.56 -5.95 -2.69
N PHE C 200 -9.17 -6.76 -3.54
CA PHE C 200 -9.73 -6.26 -4.80
C PHE C 200 -10.89 -5.38 -4.42
N LEU C 201 -11.69 -5.86 -3.47
CA LEU C 201 -12.85 -5.09 -3.08
C LEU C 201 -12.47 -3.67 -2.77
N HIS C 202 -11.45 -3.50 -1.92
CA HIS C 202 -11.06 -2.15 -1.52
C HIS C 202 -10.60 -1.20 -2.61
N GLU C 203 -10.24 -1.73 -3.77
CA GLU C 203 -9.82 -0.87 -4.87
C GLU C 203 -10.92 0.10 -5.24
N SER C 204 -12.15 -0.43 -5.32
CA SER C 204 -13.36 0.32 -5.70
C SER C 204 -14.22 0.79 -4.53
N GLY C 205 -14.21 0.01 -3.44
CA GLY C 205 -15.03 0.36 -2.30
C GLY C 205 -16.32 -0.38 -2.51
N SER C 206 -17.17 -0.40 -1.49
CA SER C 206 -18.46 -1.10 -1.60
C SER C 206 -19.40 -0.48 -2.61
N ASN C 207 -20.36 -1.28 -3.05
CA ASN C 207 -21.39 -0.85 -3.97
C ASN C 207 -22.56 -0.45 -3.03
N ASN C 208 -23.71 -0.05 -3.55
CA ASN C 208 -24.80 0.29 -2.65
C ASN C 208 -26.14 0.06 -3.32
N PRO C 209 -27.19 -0.20 -2.53
CA PRO C 209 -28.52 -0.45 -3.09
C PRO C 209 -29.02 0.39 -4.26
N LEU C 210 -28.82 1.70 -4.26
CA LEU C 210 -29.30 2.50 -5.39
C LEU C 210 -28.42 2.35 -6.63
N GLY C 211 -27.28 1.68 -6.49
CA GLY C 211 -26.41 1.52 -7.66
C GLY C 211 -25.78 2.76 -8.32
N ILE C 212 -25.77 3.88 -7.63
CA ILE C 212 -25.19 5.11 -8.18
C ILE C 212 -24.03 5.57 -7.30
N SER C 213 -23.07 6.27 -7.88
CA SER C 213 -21.91 6.71 -7.12
C SER C 213 -22.19 7.28 -5.74
N SER C 214 -21.63 6.65 -4.71
CA SER C 214 -21.82 7.10 -3.33
C SER C 214 -20.68 7.93 -2.74
N ASP C 215 -19.85 8.53 -3.62
CA ASP C 215 -18.71 9.35 -3.19
C ASP C 215 -19.20 10.62 -2.52
N SER C 216 -20.37 11.07 -2.92
CA SER C 216 -20.92 12.30 -2.36
C SER C 216 -21.42 12.10 -0.96
N ASP C 217 -21.32 10.88 -0.44
CA ASP C 217 -21.82 10.60 0.89
C ASP C 217 -21.25 9.34 1.50
N LYS C 218 -19.97 9.35 1.83
CA LYS C 218 -19.37 8.16 2.45
C LYS C 218 -19.19 8.36 3.93
N ILE C 219 -19.11 7.28 4.69
CA ILE C 219 -18.95 7.38 6.14
C ILE C 219 -17.87 6.42 6.65
N PRO C 220 -17.21 6.76 7.77
CA PRO C 220 -16.18 5.87 8.27
C PRO C 220 -16.79 4.55 8.69
N PHE C 221 -16.16 3.45 8.29
CA PHE C 221 -16.63 2.13 8.64
C PHE C 221 -16.99 2.11 10.10
N HIS C 222 -16.04 2.52 10.94
CA HIS C 222 -16.25 2.57 12.39
C HIS C 222 -16.76 3.97 12.79
N PRO C 223 -17.80 4.03 13.63
CA PRO C 223 -18.58 2.98 14.29
C PRO C 223 -19.75 2.46 13.49
N TYR C 224 -20.15 3.22 12.47
CA TYR C 224 -21.29 2.86 11.67
C TYR C 224 -21.42 1.40 11.32
N TYR C 225 -20.47 0.85 10.56
CA TYR C 225 -20.59 -0.56 10.21
C TYR C 225 -20.00 -1.56 11.20
N SER C 226 -19.01 -1.13 11.98
CA SER C 226 -18.48 -2.05 12.97
C SER C 226 -19.69 -2.38 13.85
N PHE C 227 -20.43 -1.34 14.23
CA PHE C 227 -21.61 -1.55 15.06
C PHE C 227 -22.69 -2.31 14.33
N LYS C 228 -22.99 -1.89 13.10
CA LYS C 228 -24.03 -2.54 12.31
C LYS C 228 -23.71 -4.03 12.13
N ASP C 229 -22.46 -4.37 11.85
CA ASP C 229 -22.13 -5.77 11.68
C ASP C 229 -22.23 -6.56 13.00
N ILE C 230 -21.81 -5.97 14.11
CA ILE C 230 -21.87 -6.66 15.39
C ILE C 230 -23.33 -6.93 15.73
N LEU C 231 -24.22 -6.10 15.21
CA LEU C 231 -25.64 -6.29 15.46
C LEU C 231 -26.13 -7.44 14.60
N GLY C 232 -25.76 -7.40 13.33
CA GLY C 232 -26.14 -8.44 12.41
C GLY C 232 -25.55 -9.77 12.82
N LEU C 233 -24.47 -9.72 13.61
CA LEU C 233 -23.84 -10.95 14.06
C LEU C 233 -24.75 -11.62 15.07
N THR C 234 -25.26 -10.86 16.04
CA THR C 234 -26.15 -11.41 17.07
C THR C 234 -27.54 -11.75 16.52
N LEU C 235 -28.00 -11.00 15.54
CA LEU C 235 -29.30 -11.29 14.97
C LEU C 235 -29.31 -12.65 14.28
N MET C 236 -28.22 -13.03 13.62
CA MET C 236 -28.23 -14.34 12.99
C MET C 236 -27.82 -15.43 13.98
N LEU C 237 -26.78 -15.13 14.75
CA LEU C 237 -26.26 -16.05 15.73
C LEU C 237 -27.34 -16.65 16.64
N THR C 238 -28.42 -15.91 16.87
CA THR C 238 -29.51 -16.42 17.71
C THR C 238 -30.11 -17.68 17.06
N PRO C 239 -30.70 -17.57 15.86
CA PRO C 239 -31.28 -18.76 15.23
C PRO C 239 -30.27 -19.89 15.13
N PHE C 240 -29.02 -19.57 14.81
CA PHE C 240 -27.98 -20.60 14.72
C PHE C 240 -27.93 -21.34 16.05
N LEU C 241 -27.73 -20.61 17.14
CA LEU C 241 -27.63 -21.26 18.42
C LEU C 241 -28.92 -21.97 18.81
N THR C 242 -30.05 -21.33 18.54
CA THR C 242 -31.36 -21.91 18.86
C THR C 242 -31.49 -23.27 18.23
N LEU C 243 -31.04 -23.39 17.00
CA LEU C 243 -31.07 -24.64 16.30
C LEU C 243 -30.02 -25.57 16.90
N ALA C 244 -28.77 -25.19 16.79
CA ALA C 244 -27.68 -25.99 17.31
C ALA C 244 -27.92 -26.52 18.71
N LEU C 245 -28.69 -25.79 19.51
CA LEU C 245 -28.94 -26.23 20.87
C LEU C 245 -30.27 -26.91 21.14
N PHE C 246 -31.35 -26.50 20.48
CA PHE C 246 -32.61 -27.15 20.75
C PHE C 246 -32.93 -28.29 19.79
N SER C 247 -32.68 -28.09 18.50
CA SER C 247 -32.93 -29.13 17.50
C SER C 247 -31.63 -29.40 16.75
N PRO C 248 -30.69 -30.03 17.44
CA PRO C 248 -29.35 -30.40 16.99
C PRO C 248 -29.23 -31.09 15.65
N ASN C 249 -30.01 -32.15 15.45
CA ASN C 249 -29.93 -32.92 14.21
C ASN C 249 -31.07 -32.60 13.26
N LEU C 250 -31.66 -31.42 13.41
CA LEU C 250 -32.75 -31.05 12.54
C LEU C 250 -32.37 -31.16 11.08
N LEU C 251 -31.10 -30.96 10.79
CA LEU C 251 -30.66 -31.00 9.41
C LEU C 251 -29.87 -32.22 8.99
N GLY C 252 -29.49 -33.07 9.92
CA GLY C 252 -28.70 -34.22 9.54
C GLY C 252 -29.41 -35.53 9.30
N ASP C 253 -28.92 -36.29 8.33
CA ASP C 253 -29.48 -37.59 7.99
C ASP C 253 -29.21 -38.58 9.11
N PRO C 254 -30.26 -39.21 9.63
CA PRO C 254 -30.10 -40.17 10.71
C PRO C 254 -29.27 -41.36 10.32
N GLU C 255 -29.14 -41.56 9.02
CA GLU C 255 -28.37 -42.66 8.45
C GLU C 255 -26.89 -42.52 8.81
N ASN C 256 -26.49 -41.36 9.29
CA ASN C 256 -25.09 -41.19 9.63
C ASN C 256 -24.75 -41.50 11.07
N PHE C 257 -25.68 -42.17 11.74
CA PHE C 257 -25.47 -42.61 13.11
C PHE C 257 -25.20 -44.11 13.03
N THR C 258 -24.93 -44.56 11.83
CA THR C 258 -24.64 -45.95 11.60
C THR C 258 -23.30 -46.04 10.97
N PRO C 259 -22.34 -46.66 11.65
CA PRO C 259 -20.98 -46.82 11.13
C PRO C 259 -20.99 -47.29 9.67
N ALA C 260 -20.16 -46.66 8.84
CA ALA C 260 -20.09 -47.04 7.44
C ALA C 260 -20.02 -48.56 7.31
N ASN C 261 -20.77 -49.09 6.36
CA ASN C 261 -20.82 -50.52 6.09
C ASN C 261 -20.95 -50.73 4.58
N PRO C 262 -19.87 -51.19 3.92
CA PRO C 262 -19.79 -51.43 2.48
C PRO C 262 -20.73 -52.49 1.94
N LEU C 263 -21.47 -53.14 2.83
CA LEU C 263 -22.38 -54.20 2.40
C LEU C 263 -23.84 -53.85 2.67
N VAL C 264 -24.15 -52.57 2.64
CA VAL C 264 -25.51 -52.14 2.86
C VAL C 264 -25.62 -50.78 2.24
N THR C 265 -26.21 -50.70 1.05
CA THR C 265 -26.35 -49.40 0.43
C THR C 265 -27.58 -48.74 1.02
N PRO C 266 -27.46 -47.47 1.45
CA PRO C 266 -28.69 -46.89 1.99
C PRO C 266 -29.69 -46.71 0.85
N PRO C 267 -30.97 -46.61 1.19
CA PRO C 267 -32.06 -46.43 0.23
C PRO C 267 -31.94 -45.18 -0.62
N HIS C 268 -31.63 -44.05 0.02
CA HIS C 268 -31.51 -42.81 -0.71
C HIS C 268 -30.24 -42.03 -0.37
N ILE C 269 -29.20 -42.24 -1.18
CA ILE C 269 -27.92 -41.59 -1.00
C ILE C 269 -28.00 -40.21 -1.61
N LYS C 270 -27.96 -39.20 -0.75
CA LYS C 270 -28.01 -37.83 -1.23
C LYS C 270 -27.04 -37.03 -0.39
N PRO C 271 -26.46 -35.97 -0.96
CA PRO C 271 -25.50 -35.08 -0.28
C PRO C 271 -26.20 -34.13 0.69
N GLU C 272 -25.42 -33.28 1.36
CA GLU C 272 -26.01 -32.32 2.31
C GLU C 272 -26.90 -31.28 1.60
N TRP C 273 -27.88 -30.74 2.33
CA TRP C 273 -28.81 -29.80 1.76
C TRP C 273 -28.21 -28.81 0.79
N TYR C 274 -27.19 -28.09 1.26
CA TYR C 274 -26.53 -27.08 0.43
C TYR C 274 -25.97 -27.58 -0.91
N PHE C 275 -26.11 -28.87 -1.20
CA PHE C 275 -25.61 -29.41 -2.45
C PHE C 275 -26.73 -29.91 -3.36
N LEU C 276 -27.85 -30.28 -2.73
CA LEU C 276 -29.03 -30.82 -3.40
C LEU C 276 -29.35 -30.11 -4.68
N PHE C 277 -29.51 -28.80 -4.60
CA PHE C 277 -29.81 -28.01 -5.78
C PHE C 277 -29.00 -28.48 -7.00
N ALA C 278 -27.73 -28.82 -6.82
CA ALA C 278 -26.90 -29.26 -7.93
C ALA C 278 -27.05 -30.76 -8.16
N TYR C 279 -27.24 -31.48 -7.08
CA TYR C 279 -27.42 -32.91 -7.21
C TYR C 279 -28.62 -33.06 -8.12
N ALA C 280 -29.59 -32.18 -7.93
CA ALA C 280 -30.82 -32.17 -8.70
C ALA C 280 -30.54 -31.98 -10.16
N ILE C 281 -29.76 -30.96 -10.48
CA ILE C 281 -29.48 -30.70 -11.87
C ILE C 281 -28.70 -31.84 -12.44
N LEU C 282 -28.06 -32.62 -11.58
CA LEU C 282 -27.27 -33.73 -12.08
C LEU C 282 -28.11 -34.83 -12.67
N ARG C 283 -29.19 -35.16 -11.97
CA ARG C 283 -30.10 -36.22 -12.37
C ARG C 283 -31.07 -35.79 -13.46
N SER C 284 -31.08 -34.51 -13.76
CA SER C 284 -31.98 -34.01 -14.77
C SER C 284 -31.57 -34.52 -16.14
N ILE C 285 -30.26 -34.58 -16.36
CA ILE C 285 -29.75 -35.04 -17.62
C ILE C 285 -29.39 -36.50 -17.57
N PRO C 286 -30.20 -37.35 -18.21
CA PRO C 286 -29.94 -38.79 -18.24
C PRO C 286 -28.76 -38.99 -19.19
N ASN C 287 -27.61 -39.31 -18.61
CA ASN C 287 -26.40 -39.50 -19.37
C ASN C 287 -25.27 -39.13 -18.45
N LYS C 288 -24.71 -40.13 -17.77
CA LYS C 288 -23.65 -39.87 -16.83
C LYS C 288 -22.75 -38.68 -17.19
N LEU C 289 -22.30 -38.58 -18.45
CA LEU C 289 -21.42 -37.47 -18.82
C LEU C 289 -22.08 -36.09 -18.86
N GLY C 290 -23.18 -35.97 -19.58
CA GLY C 290 -23.87 -34.70 -19.67
C GLY C 290 -24.27 -34.17 -18.30
N GLY C 291 -24.80 -35.05 -17.46
CA GLY C 291 -25.19 -34.62 -16.15
C GLY C 291 -24.05 -34.04 -15.35
N VAL C 292 -22.85 -34.60 -15.47
CA VAL C 292 -21.72 -34.08 -14.74
C VAL C 292 -21.48 -32.66 -15.20
N LEU C 293 -21.28 -32.50 -16.50
CA LEU C 293 -21.07 -31.16 -17.05
C LEU C 293 -22.16 -30.19 -16.57
N ALA C 294 -23.42 -30.62 -16.65
CA ALA C 294 -24.52 -29.77 -16.20
C ALA C 294 -24.26 -29.34 -14.76
N LEU C 295 -23.79 -30.27 -13.95
CA LEU C 295 -23.49 -29.98 -12.56
C LEU C 295 -22.45 -28.88 -12.57
N ALA C 296 -21.27 -29.20 -13.12
CA ALA C 296 -20.18 -28.25 -13.22
C ALA C 296 -20.70 -26.88 -13.64
N ALA C 297 -21.48 -26.85 -14.71
CA ALA C 297 -22.01 -25.59 -15.19
C ALA C 297 -22.91 -24.91 -14.16
N SER C 298 -23.68 -25.69 -13.41
CA SER C 298 -24.60 -25.10 -12.44
C SER C 298 -23.91 -24.10 -11.54
N VAL C 299 -22.64 -24.34 -11.23
CA VAL C 299 -21.89 -23.44 -10.37
C VAL C 299 -20.94 -22.57 -11.20
N LEU C 300 -20.20 -23.18 -12.11
CA LEU C 300 -19.30 -22.41 -12.94
C LEU C 300 -20.02 -21.31 -13.70
N ILE C 301 -21.35 -21.41 -13.80
CA ILE C 301 -22.13 -20.40 -14.53
C ILE C 301 -21.91 -19.01 -13.95
N LEU C 302 -21.64 -18.95 -12.64
CA LEU C 302 -21.38 -17.71 -11.92
C LEU C 302 -20.28 -16.87 -12.56
N PHE C 303 -19.31 -17.53 -13.19
CA PHE C 303 -18.24 -16.83 -13.86
C PHE C 303 -18.72 -16.04 -15.07
N LEU C 304 -19.90 -16.36 -15.59
CA LEU C 304 -20.40 -15.63 -16.74
C LEU C 304 -21.27 -14.45 -16.40
N ILE C 305 -21.90 -14.47 -15.22
CA ILE C 305 -22.80 -13.39 -14.86
C ILE C 305 -22.32 -12.02 -15.31
N PRO C 306 -21.08 -11.64 -15.00
CA PRO C 306 -20.60 -10.30 -15.42
C PRO C 306 -20.77 -10.03 -16.94
N PHE C 307 -20.65 -11.06 -17.76
CA PHE C 307 -20.76 -10.83 -19.19
C PHE C 307 -22.17 -10.92 -19.70
N LEU C 308 -23.12 -11.08 -18.80
CA LEU C 308 -24.52 -11.16 -19.21
C LEU C 308 -25.29 -10.00 -18.63
N HIS C 309 -24.62 -8.88 -18.41
CA HIS C 309 -25.29 -7.69 -17.85
C HIS C 309 -25.56 -6.74 -18.98
N LYS C 310 -26.82 -6.54 -19.32
CA LYS C 310 -27.14 -5.68 -20.42
C LYS C 310 -27.76 -4.39 -19.97
N SER C 311 -28.30 -4.38 -18.75
CA SER C 311 -28.92 -3.14 -18.28
C SER C 311 -28.01 -1.91 -18.16
N LYS C 312 -28.58 -0.75 -18.45
CA LYS C 312 -27.85 0.49 -18.37
C LYS C 312 -27.72 0.93 -16.91
N GLN C 313 -28.33 0.15 -16.03
CA GLN C 313 -28.30 0.46 -14.62
C GLN C 313 -27.62 -0.73 -13.94
N ARG C 314 -27.06 -0.50 -12.76
CA ARG C 314 -26.35 -1.55 -12.04
C ARG C 314 -27.21 -2.49 -11.22
N THR C 315 -28.03 -1.95 -10.34
CA THR C 315 -28.92 -2.77 -9.52
C THR C 315 -30.24 -3.04 -10.22
N MET C 316 -31.13 -3.67 -9.48
CA MET C 316 -32.45 -4.00 -9.99
C MET C 316 -33.42 -3.15 -9.19
N THR C 317 -32.89 -2.28 -8.36
CA THR C 317 -33.78 -1.46 -7.55
C THR C 317 -34.81 -0.77 -8.41
N PHE C 318 -34.41 -0.34 -9.59
CA PHE C 318 -35.34 0.36 -10.46
C PHE C 318 -35.71 -0.45 -11.71
N ARG C 319 -35.63 -1.77 -11.60
CA ARG C 319 -35.94 -2.67 -12.71
C ARG C 319 -36.92 -3.73 -12.20
N PRO C 320 -38.22 -3.40 -12.19
CA PRO C 320 -39.24 -4.33 -11.70
C PRO C 320 -39.34 -5.59 -12.48
N LEU C 321 -39.09 -5.51 -13.78
CA LEU C 321 -39.16 -6.72 -14.56
C LEU C 321 -38.09 -7.66 -14.04
N SER C 322 -36.84 -7.21 -14.10
CA SER C 322 -35.73 -8.01 -13.64
C SER C 322 -35.97 -8.52 -12.23
N GLN C 323 -36.69 -7.76 -11.41
CA GLN C 323 -36.96 -8.20 -10.06
C GLN C 323 -37.78 -9.45 -9.97
N THR C 324 -38.90 -9.54 -10.68
CA THR C 324 -39.66 -10.79 -10.57
C THR C 324 -38.76 -11.88 -11.13
N LEU C 325 -38.10 -11.60 -12.25
CA LEU C 325 -37.24 -12.62 -12.81
C LEU C 325 -36.25 -13.10 -11.74
N PHE C 326 -35.72 -12.19 -10.93
CA PHE C 326 -34.77 -12.57 -9.89
C PHE C 326 -35.42 -13.47 -8.85
N TRP C 327 -36.59 -13.08 -8.34
CA TRP C 327 -37.28 -13.90 -7.34
C TRP C 327 -37.78 -15.20 -7.92
N LEU C 328 -37.99 -15.22 -9.23
CA LEU C 328 -38.42 -16.44 -9.88
C LEU C 328 -37.22 -17.39 -9.68
N LEU C 329 -36.08 -16.98 -10.21
CA LEU C 329 -34.84 -17.75 -10.09
C LEU C 329 -34.60 -18.25 -8.66
N VAL C 330 -34.79 -17.39 -7.66
CA VAL C 330 -34.60 -17.86 -6.31
C VAL C 330 -35.52 -19.05 -6.09
N ALA C 331 -36.83 -18.81 -6.27
CA ALA C 331 -37.84 -19.84 -6.08
C ALA C 331 -37.44 -21.11 -6.83
N ASN C 332 -36.95 -20.91 -8.04
CA ASN C 332 -36.47 -21.98 -8.89
C ASN C 332 -35.42 -22.84 -8.15
N LEU C 333 -34.47 -22.17 -7.49
CA LEU C 333 -33.43 -22.86 -6.75
C LEU C 333 -34.04 -23.61 -5.59
N LEU C 334 -35.03 -23.02 -4.96
CA LEU C 334 -35.70 -23.69 -3.86
C LEU C 334 -36.25 -25.02 -4.38
N ILE C 335 -37.01 -24.97 -5.46
CA ILE C 335 -37.57 -26.18 -6.03
C ILE C 335 -36.48 -27.20 -6.37
N LEU C 336 -35.44 -26.75 -7.06
CA LEU C 336 -34.35 -27.64 -7.40
C LEU C 336 -33.86 -28.35 -6.12
N THR C 337 -33.71 -27.57 -5.05
CA THR C 337 -33.26 -28.15 -3.78
C THR C 337 -34.21 -29.24 -3.38
N TRP C 338 -35.49 -28.90 -3.38
CA TRP C 338 -36.52 -29.87 -3.03
C TRP C 338 -36.41 -31.11 -3.91
N ILE C 339 -36.42 -30.95 -5.22
CA ILE C 339 -36.32 -32.11 -6.10
C ILE C 339 -35.14 -32.98 -5.68
N GLY C 340 -34.00 -32.37 -5.40
CA GLY C 340 -32.83 -33.15 -5.01
C GLY C 340 -33.07 -34.05 -3.82
N SER C 341 -33.97 -33.65 -2.94
CA SER C 341 -34.26 -34.42 -1.75
C SER C 341 -35.18 -35.61 -1.98
N GLN C 342 -35.97 -35.57 -3.04
CA GLN C 342 -36.88 -36.65 -3.33
C GLN C 342 -36.28 -37.72 -4.24
N PRO C 343 -36.89 -38.91 -4.29
CA PRO C 343 -36.42 -40.02 -5.12
C PRO C 343 -36.50 -39.71 -6.60
N VAL C 344 -36.00 -40.62 -7.42
CA VAL C 344 -36.02 -40.42 -8.87
C VAL C 344 -37.22 -41.15 -9.48
N GLU C 345 -38.38 -40.51 -9.42
CA GLU C 345 -39.61 -41.08 -9.93
C GLU C 345 -40.56 -39.96 -10.29
N HIS C 346 -41.61 -40.31 -11.02
CA HIS C 346 -42.63 -39.34 -11.41
C HIS C 346 -43.33 -38.96 -10.10
N PRO C 347 -43.78 -37.70 -9.96
CA PRO C 347 -43.71 -36.55 -10.85
C PRO C 347 -42.43 -35.74 -10.70
N PHE C 348 -41.56 -36.17 -9.79
CA PHE C 348 -40.28 -35.50 -9.51
C PHE C 348 -39.36 -35.39 -10.71
N ILE C 349 -39.04 -36.52 -11.33
CA ILE C 349 -38.15 -36.54 -12.49
C ILE C 349 -38.45 -35.42 -13.48
N ILE C 350 -39.70 -35.30 -13.90
CA ILE C 350 -40.04 -34.25 -14.86
C ILE C 350 -39.91 -32.82 -14.24
N ILE C 351 -40.47 -32.61 -13.06
CA ILE C 351 -40.36 -31.30 -12.42
C ILE C 351 -38.88 -30.95 -12.39
N GLY C 352 -38.05 -31.94 -12.04
CA GLY C 352 -36.61 -31.74 -12.00
C GLY C 352 -36.15 -31.12 -13.29
N GLN C 353 -36.16 -31.91 -14.36
CA GLN C 353 -35.75 -31.39 -15.65
C GLN C 353 -36.35 -30.01 -15.96
N MET C 354 -37.59 -29.78 -15.60
CA MET C 354 -38.17 -28.48 -15.89
C MET C 354 -37.42 -27.39 -15.14
N ALA C 355 -37.30 -27.54 -13.83
CA ALA C 355 -36.60 -26.56 -13.03
C ALA C 355 -35.16 -26.38 -13.51
N SER C 356 -34.47 -27.49 -13.82
CA SER C 356 -33.10 -27.38 -14.31
C SER C 356 -33.06 -26.56 -15.59
N LEU C 357 -34.06 -26.72 -16.44
CA LEU C 357 -34.08 -25.97 -17.68
C LEU C 357 -34.32 -24.51 -17.40
N SER C 358 -35.33 -24.21 -16.59
CA SER C 358 -35.63 -22.83 -16.27
C SER C 358 -34.43 -22.17 -15.60
N TYR C 359 -33.65 -22.93 -14.85
CA TYR C 359 -32.49 -22.35 -14.20
C TYR C 359 -31.56 -21.70 -15.24
N PHE C 360 -31.03 -22.50 -16.17
CA PHE C 360 -30.12 -21.96 -17.17
C PHE C 360 -30.74 -20.97 -18.12
N THR C 361 -32.04 -21.09 -18.34
CA THR C 361 -32.71 -20.20 -19.26
C THR C 361 -32.75 -18.81 -18.68
N ILE C 362 -33.10 -18.74 -17.40
CA ILE C 362 -33.18 -17.48 -16.71
C ILE C 362 -31.85 -16.73 -16.68
N LEU C 363 -30.78 -17.42 -16.32
CA LEU C 363 -29.46 -16.78 -16.26
C LEU C 363 -28.82 -16.52 -17.63
N LEU C 364 -28.98 -17.46 -18.56
CA LEU C 364 -28.38 -17.31 -19.87
C LEU C 364 -29.20 -16.53 -20.89
N ILE C 365 -30.51 -16.63 -20.84
CA ILE C 365 -31.32 -15.92 -21.84
C ILE C 365 -32.28 -14.88 -21.32
N LEU C 366 -33.14 -15.26 -20.40
CA LEU C 366 -34.09 -14.28 -19.93
C LEU C 366 -33.43 -13.04 -19.37
N PHE C 367 -32.64 -13.17 -18.30
CA PHE C 367 -31.99 -12.01 -17.69
C PHE C 367 -31.37 -11.01 -18.64
N PRO C 368 -30.47 -11.46 -19.51
CA PRO C 368 -29.90 -10.43 -20.39
C PRO C 368 -30.93 -9.87 -21.36
N THR C 369 -31.87 -10.69 -21.77
CA THR C 369 -32.88 -10.23 -22.69
C THR C 369 -33.83 -9.23 -22.05
N ILE C 370 -34.45 -9.60 -20.94
CA ILE C 370 -35.35 -8.70 -20.25
C ILE C 370 -34.58 -7.42 -19.93
N GLY C 371 -33.26 -7.56 -19.77
CA GLY C 371 -32.41 -6.42 -19.46
C GLY C 371 -32.42 -5.40 -20.57
N THR C 372 -32.22 -5.89 -21.80
CA THR C 372 -32.23 -5.06 -23.00
C THR C 372 -33.58 -4.42 -23.21
N LEU C 373 -34.64 -5.22 -23.10
CA LEU C 373 -35.99 -4.73 -23.26
C LEU C 373 -36.22 -3.59 -22.28
N GLU C 374 -35.77 -3.77 -21.04
CA GLU C 374 -35.92 -2.73 -20.05
C GLU C 374 -35.23 -1.43 -20.52
N ASN C 375 -34.11 -1.54 -21.22
CA ASN C 375 -33.46 -0.31 -21.64
C ASN C 375 -34.31 0.45 -22.64
N LYS C 376 -34.98 -0.28 -23.54
CA LYS C 376 -35.80 0.39 -24.54
C LYS C 376 -36.98 1.08 -23.91
N MET C 377 -37.54 0.46 -22.88
CA MET C 377 -38.67 1.07 -22.21
C MET C 377 -38.33 2.36 -21.47
N LEU C 378 -37.03 2.61 -21.28
CA LEU C 378 -36.59 3.83 -20.62
C LEU C 378 -36.20 4.86 -21.66
N ASN C 379 -36.20 4.43 -22.92
CA ASN C 379 -35.85 5.30 -24.02
C ASN C 379 -34.33 5.44 -24.05
N TYR C 380 -33.67 4.28 -23.96
CA TYR C 380 -32.21 4.16 -23.99
C TYR C 380 -31.79 3.19 -25.10
N GLY D 1 -42.94 -44.72 -4.99
CA GLY D 1 -41.89 -45.46 -4.23
C GLY D 1 -42.42 -46.78 -3.69
N GLU D 2 -42.71 -46.80 -2.39
CA GLU D 2 -43.23 -47.99 -1.74
C GLU D 2 -44.02 -47.56 -0.50
N LEU D 3 -44.90 -48.45 -0.02
CA LEU D 3 -45.72 -48.16 1.16
C LEU D 3 -45.05 -48.31 2.51
N GLU D 4 -45.36 -47.39 3.40
CA GLU D 4 -44.85 -47.43 4.75
C GLU D 4 -45.78 -46.67 5.69
N LEU D 5 -45.82 -47.07 6.94
CA LEU D 5 -46.66 -46.42 7.91
C LEU D 5 -45.75 -45.64 8.85
N HIS D 6 -46.08 -44.37 9.08
CA HIS D 6 -45.29 -43.53 9.94
C HIS D 6 -45.85 -43.47 11.37
N PRO D 7 -44.98 -43.67 12.37
CA PRO D 7 -45.42 -43.64 13.76
C PRO D 7 -46.03 -42.32 14.14
N PRO D 8 -46.83 -42.29 15.21
CA PRO D 8 -47.46 -41.05 15.64
C PRO D 8 -46.48 -40.31 16.55
N ALA D 9 -46.92 -39.18 17.10
CA ALA D 9 -46.07 -38.40 17.96
C ALA D 9 -46.55 -38.48 19.39
N PHE D 10 -45.86 -39.28 20.21
CA PHE D 10 -46.27 -39.37 21.61
C PHE D 10 -45.69 -38.18 22.34
N PRO D 11 -46.42 -37.68 23.34
CA PRO D 11 -45.98 -36.53 24.11
C PRO D 11 -44.97 -36.90 25.17
N TRP D 12 -43.75 -37.21 24.75
CA TRP D 12 -42.70 -37.59 25.71
C TRP D 12 -42.50 -36.47 26.72
N SER D 13 -42.17 -36.87 27.94
CA SER D 13 -41.96 -35.90 29.01
C SER D 13 -40.76 -35.02 28.71
N HIS D 14 -39.98 -35.40 27.70
CA HIS D 14 -38.79 -34.64 27.37
C HIS D 14 -38.81 -34.06 25.97
N GLY D 15 -40.02 -33.81 25.46
CA GLY D 15 -40.15 -33.25 24.13
C GLY D 15 -40.03 -31.75 24.14
N GLY D 16 -40.42 -31.14 25.25
CA GLY D 16 -40.34 -29.69 25.37
C GLY D 16 -38.92 -29.18 25.27
N PRO D 17 -38.68 -28.14 24.45
CA PRO D 17 -37.32 -27.62 24.31
C PRO D 17 -36.69 -27.35 25.66
N LEU D 18 -37.53 -26.98 26.64
CA LEU D 18 -37.01 -26.71 27.97
C LEU D 18 -37.25 -27.87 28.92
N SER D 19 -37.80 -28.97 28.42
CA SER D 19 -38.08 -30.11 29.28
C SER D 19 -37.03 -31.22 29.27
N ALA D 20 -36.56 -31.58 30.46
CA ALA D 20 -35.55 -32.62 30.64
C ALA D 20 -36.11 -34.04 30.62
N LEU D 21 -35.22 -35.02 30.82
CA LEU D 21 -35.60 -36.42 30.85
C LEU D 21 -36.12 -36.74 32.24
N ASP D 22 -37.08 -37.67 32.34
CA ASP D 22 -37.60 -38.07 33.66
C ASP D 22 -36.69 -39.21 34.06
N HIS D 23 -35.66 -38.87 34.84
CA HIS D 23 -34.67 -39.83 35.25
C HIS D 23 -35.19 -41.10 35.89
N SER D 24 -36.39 -41.03 36.42
CA SER D 24 -36.99 -42.19 37.03
C SER D 24 -37.34 -43.14 35.90
N SER D 25 -37.99 -42.61 34.86
CA SER D 25 -38.35 -43.42 33.70
C SER D 25 -37.07 -43.94 33.06
N VAL D 26 -36.03 -43.13 33.06
CA VAL D 26 -34.78 -43.60 32.49
C VAL D 26 -34.20 -44.75 33.30
N ARG D 27 -34.25 -44.60 34.61
CA ARG D 27 -33.71 -45.63 35.49
C ARG D 27 -34.41 -46.94 35.23
N ARG D 28 -35.72 -46.89 34.99
CA ARG D 28 -36.46 -48.11 34.72
C ARG D 28 -35.92 -48.65 33.42
N GLY D 29 -35.94 -47.80 32.40
CA GLY D 29 -35.46 -48.20 31.09
C GLY D 29 -34.16 -48.97 31.16
N PHE D 30 -33.23 -48.51 31.98
CA PHE D 30 -31.97 -49.20 32.07
C PHE D 30 -32.21 -50.63 32.48
N GLN D 31 -33.16 -50.83 33.37
CA GLN D 31 -33.45 -52.18 33.80
C GLN D 31 -34.00 -52.98 32.62
N VAL D 32 -34.98 -52.41 31.94
CA VAL D 32 -35.56 -53.09 30.80
C VAL D 32 -34.44 -53.55 29.86
N TYR D 33 -33.52 -52.66 29.57
CA TYR D 33 -32.43 -53.01 28.67
C TYR D 33 -31.56 -54.09 29.25
N LYS D 34 -31.20 -53.89 30.51
CA LYS D 34 -30.34 -54.82 31.20
C LYS D 34 -30.92 -56.21 31.28
N GLN D 35 -32.22 -56.29 31.57
CA GLN D 35 -32.86 -57.58 31.74
C GLN D 35 -33.55 -58.21 30.56
N VAL D 36 -33.72 -57.46 29.48
CA VAL D 36 -34.38 -57.98 28.28
C VAL D 36 -33.57 -57.83 27.00
N CYS D 37 -33.36 -56.59 26.58
CA CYS D 37 -32.67 -56.30 25.35
C CYS D 37 -31.21 -56.69 25.36
N SER D 38 -30.53 -56.36 26.44
CA SER D 38 -29.11 -56.63 26.51
C SER D 38 -28.80 -58.09 26.15
N ALA D 39 -29.84 -58.89 26.02
CA ALA D 39 -29.66 -60.29 25.70
C ALA D 39 -29.22 -60.49 24.28
N CYS D 40 -29.57 -59.53 23.41
CA CYS D 40 -29.20 -59.63 22.00
C CYS D 40 -28.68 -58.31 21.50
N HIS D 41 -28.97 -57.25 22.24
CA HIS D 41 -28.52 -55.95 21.81
C HIS D 41 -27.31 -55.38 22.53
N SER D 42 -26.27 -55.04 21.77
CA SER D 42 -25.07 -54.44 22.33
C SER D 42 -25.27 -52.94 22.50
N MET D 43 -24.63 -52.35 23.50
CA MET D 43 -24.71 -50.91 23.74
C MET D 43 -23.28 -50.46 24.03
N ASP D 44 -22.44 -50.62 23.02
CA ASP D 44 -21.03 -50.33 23.13
C ASP D 44 -20.55 -49.02 23.70
N TYR D 45 -21.26 -47.92 23.49
CA TYR D 45 -20.78 -46.64 24.01
C TYR D 45 -21.15 -46.21 25.41
N VAL D 46 -21.89 -47.02 26.14
CA VAL D 46 -22.22 -46.62 27.50
C VAL D 46 -21.47 -47.49 28.47
N ALA D 47 -21.07 -46.90 29.59
CA ALA D 47 -20.30 -47.58 30.63
C ALA D 47 -21.03 -47.42 31.93
N PHE D 48 -20.85 -48.37 32.84
CA PHE D 48 -21.52 -48.29 34.12
C PHE D 48 -21.35 -46.97 34.86
N ARG D 49 -20.18 -46.36 34.75
CA ARG D 49 -19.96 -45.09 35.41
C ARG D 49 -20.95 -44.04 34.93
N ASN D 50 -21.30 -44.11 33.66
CA ASN D 50 -22.25 -43.17 33.06
C ASN D 50 -23.57 -43.04 33.84
N LEU D 51 -23.97 -44.11 34.54
CA LEU D 51 -25.20 -44.12 35.30
C LEU D 51 -25.14 -43.25 36.54
N ILE D 52 -23.96 -43.23 37.15
CA ILE D 52 -23.74 -42.46 38.37
C ILE D 52 -24.14 -40.99 38.30
N GLY D 53 -25.07 -40.60 39.17
CA GLY D 53 -25.53 -39.22 39.19
C GLY D 53 -26.59 -38.97 38.14
N VAL D 54 -27.06 -40.04 37.49
CA VAL D 54 -28.07 -39.93 36.45
C VAL D 54 -29.29 -40.79 36.76
N THR D 55 -29.01 -42.03 37.11
CA THR D 55 -30.07 -42.98 37.43
C THR D 55 -29.70 -43.84 38.64
N HIS D 56 -28.42 -44.00 38.91
CA HIS D 56 -28.01 -44.80 40.04
C HIS D 56 -26.95 -44.12 40.87
N THR D 57 -26.70 -44.69 42.03
CA THR D 57 -25.72 -44.19 42.97
C THR D 57 -24.38 -44.80 42.61
N GLU D 58 -23.29 -44.14 42.99
CA GLU D 58 -21.97 -44.68 42.71
C GLU D 58 -21.91 -46.12 43.22
N ALA D 59 -22.56 -46.37 44.36
CA ALA D 59 -22.57 -47.70 44.94
C ALA D 59 -23.33 -48.69 44.05
N GLU D 60 -24.59 -48.39 43.73
CA GLU D 60 -25.41 -49.28 42.89
C GLU D 60 -24.65 -49.61 41.63
N ALA D 61 -24.06 -48.58 41.03
CA ALA D 61 -23.29 -48.73 39.81
C ALA D 61 -22.13 -49.69 40.00
N LYS D 62 -21.38 -49.50 41.06
CA LYS D 62 -20.24 -50.38 41.29
C LYS D 62 -20.76 -51.81 41.31
N ALA D 63 -21.91 -52.02 41.92
CA ALA D 63 -22.54 -53.34 42.02
C ALA D 63 -22.95 -53.88 40.66
N LEU D 64 -23.76 -53.11 39.95
CA LEU D 64 -24.24 -53.49 38.63
C LEU D 64 -23.14 -53.95 37.69
N ALA D 65 -21.93 -53.43 37.87
CA ALA D 65 -20.84 -53.81 36.97
C ALA D 65 -20.16 -55.07 37.45
N GLU D 66 -20.18 -55.31 38.76
CA GLU D 66 -19.56 -56.51 39.31
C GLU D 66 -20.41 -57.75 38.98
N GLU D 67 -21.65 -57.52 38.55
CA GLU D 67 -22.55 -58.61 38.18
C GLU D 67 -22.10 -59.25 36.89
N VAL D 68 -21.16 -58.60 36.23
CA VAL D 68 -20.65 -59.09 34.97
C VAL D 68 -19.19 -59.47 35.04
N GLU D 69 -18.79 -60.40 34.18
CA GLU D 69 -17.39 -60.81 34.12
C GLU D 69 -16.93 -60.24 32.79
N VAL D 70 -15.74 -59.66 32.75
CA VAL D 70 -15.21 -59.10 31.52
C VAL D 70 -13.94 -59.85 31.17
N GLN D 71 -13.42 -59.57 29.98
CA GLN D 71 -12.21 -60.23 29.52
C GLN D 71 -11.05 -59.27 29.51
N ASP D 72 -10.09 -59.51 30.40
CA ASP D 72 -8.92 -58.65 30.48
C ASP D 72 -7.70 -59.47 30.09
N GLY D 73 -6.52 -58.89 30.25
CA GLY D 73 -5.30 -59.59 29.91
C GLY D 73 -4.45 -58.91 28.85
N PRO D 74 -3.36 -59.56 28.43
CA PRO D 74 -2.94 -60.87 28.94
C PRO D 74 -2.25 -60.79 30.29
N ASP D 75 -2.06 -61.96 30.91
CA ASP D 75 -1.40 -62.07 32.22
C ASP D 75 0.11 -62.26 32.04
N GLU D 76 0.78 -62.78 33.07
CA GLU D 76 2.21 -63.01 32.95
C GLU D 76 2.55 -64.03 31.86
N ASN D 77 1.65 -64.99 31.66
CA ASN D 77 1.88 -66.04 30.66
C ASN D 77 1.28 -65.73 29.30
N GLY D 78 0.71 -64.53 29.15
CA GLY D 78 0.13 -64.14 27.88
C GLY D 78 -1.24 -64.72 27.61
N GLU D 79 -1.91 -65.20 28.65
CA GLU D 79 -3.23 -65.76 28.48
C GLU D 79 -4.28 -64.70 28.80
N LEU D 80 -5.49 -64.91 28.29
CA LEU D 80 -6.59 -63.98 28.57
C LEU D 80 -7.24 -64.52 29.85
N PHE D 81 -8.16 -63.77 30.44
CA PHE D 81 -8.82 -64.25 31.66
C PHE D 81 -10.00 -63.39 32.05
N MET D 82 -10.81 -63.90 32.96
CA MET D 82 -12.00 -63.19 33.42
C MET D 82 -11.79 -62.44 34.72
N ARG D 83 -12.66 -61.46 34.95
CA ARG D 83 -12.64 -60.66 36.16
C ARG D 83 -13.98 -59.94 36.28
N PRO D 84 -14.36 -59.59 37.52
CA PRO D 84 -15.63 -58.90 37.78
C PRO D 84 -15.52 -57.45 37.33
N GLY D 85 -16.53 -56.97 36.61
CA GLY D 85 -16.51 -55.62 36.10
C GLY D 85 -16.30 -54.47 37.06
N LYS D 86 -15.85 -53.34 36.51
CA LYS D 86 -15.60 -52.11 37.24
C LYS D 86 -16.50 -51.10 36.52
N ILE D 87 -16.76 -49.96 37.15
CA ILE D 87 -17.60 -48.93 36.55
C ILE D 87 -16.98 -48.34 35.30
N SER D 88 -15.73 -48.68 35.05
CA SER D 88 -15.04 -48.15 33.90
C SER D 88 -15.30 -49.02 32.70
N ASP D 89 -15.97 -50.15 32.90
CA ASP D 89 -16.23 -51.04 31.78
C ASP D 89 -17.48 -50.64 31.05
N TYR D 90 -17.55 -50.98 29.77
CA TYR D 90 -18.74 -50.62 29.02
C TYR D 90 -19.69 -51.83 29.00
N PHE D 91 -20.99 -51.56 28.89
CA PHE D 91 -21.97 -52.61 28.85
C PHE D 91 -21.52 -53.75 27.94
N PRO D 92 -21.52 -54.97 28.48
CA PRO D 92 -21.11 -56.21 27.82
C PRO D 92 -21.78 -56.48 26.48
N LYS D 93 -20.98 -56.94 25.51
CA LYS D 93 -21.51 -57.30 24.21
C LYS D 93 -22.07 -58.69 24.41
N PRO D 94 -23.20 -59.02 23.76
CA PRO D 94 -23.83 -60.34 23.88
C PRO D 94 -23.15 -61.40 23.02
N TYR D 95 -22.53 -60.98 21.92
CA TYR D 95 -21.85 -61.92 21.04
C TYR D 95 -20.45 -61.46 20.68
N PRO D 96 -19.54 -62.42 20.47
CA PRO D 96 -18.15 -62.14 20.12
C PRO D 96 -18.02 -61.27 18.88
N ASN D 97 -18.72 -61.67 17.83
CA ASN D 97 -18.68 -60.95 16.56
C ASN D 97 -20.06 -60.98 15.93
N PRO D 98 -20.28 -60.14 14.91
CA PRO D 98 -21.58 -60.09 14.25
C PRO D 98 -21.98 -61.45 13.66
N GLU D 99 -21.02 -62.14 13.06
CA GLU D 99 -21.26 -63.45 12.47
C GLU D 99 -21.94 -64.40 13.48
N ALA D 100 -21.48 -64.35 14.72
CA ALA D 100 -22.02 -65.19 15.76
C ALA D 100 -23.42 -64.73 16.11
N ALA D 101 -23.63 -63.43 16.09
CA ALA D 101 -24.92 -62.85 16.41
C ALA D 101 -25.95 -63.29 15.39
N ARG D 102 -25.66 -63.06 14.11
CA ARG D 102 -26.58 -63.45 13.04
C ARG D 102 -26.91 -64.90 13.21
N ALA D 103 -25.89 -65.71 13.51
CA ALA D 103 -26.05 -67.15 13.69
C ALA D 103 -27.09 -67.55 14.75
N ALA D 104 -27.18 -66.77 15.82
CA ALA D 104 -28.12 -67.08 16.89
C ALA D 104 -29.48 -66.39 16.72
N ASN D 105 -29.64 -65.60 15.66
CA ASN D 105 -30.91 -64.89 15.41
C ASN D 105 -31.44 -65.07 13.99
N ASN D 106 -31.14 -66.21 13.38
CA ASN D 106 -31.59 -66.52 12.02
C ASN D 106 -31.00 -65.58 10.99
N GLY D 107 -29.68 -65.43 11.01
CA GLY D 107 -29.02 -64.58 10.04
C GLY D 107 -29.30 -63.10 10.19
N ALA D 108 -30.17 -62.73 11.13
CA ALA D 108 -30.51 -61.33 11.38
C ALA D 108 -29.48 -60.74 12.35
N LEU D 109 -29.25 -59.44 12.28
CA LEU D 109 -28.25 -58.85 13.15
C LEU D 109 -28.77 -57.74 14.05
N PRO D 110 -29.06 -58.07 15.30
CA PRO D 110 -29.57 -57.03 16.21
C PRO D 110 -28.54 -55.91 16.34
N PRO D 111 -28.87 -54.72 15.83
CA PRO D 111 -27.99 -53.55 15.88
C PRO D 111 -27.66 -53.01 17.27
N ASP D 112 -26.48 -52.46 17.42
CA ASP D 112 -26.09 -51.90 18.71
C ASP D 112 -27.09 -50.80 18.96
N LEU D 113 -27.60 -50.69 20.18
CA LEU D 113 -28.58 -49.65 20.48
C LEU D 113 -28.06 -48.33 21.03
N SER D 114 -26.78 -48.05 20.90
CA SER D 114 -26.25 -46.82 21.47
C SER D 114 -26.81 -45.53 20.89
N TYR D 115 -27.05 -45.53 19.58
CA TYR D 115 -27.57 -44.33 18.89
C TYR D 115 -28.85 -44.65 18.10
N ILE D 116 -29.53 -45.71 18.47
CA ILE D 116 -30.71 -46.10 17.71
C ILE D 116 -31.79 -45.04 17.56
N VAL D 117 -32.11 -44.30 18.61
CA VAL D 117 -33.18 -43.31 18.46
C VAL D 117 -32.76 -42.16 17.56
N ASN D 118 -31.50 -42.13 17.14
CA ASN D 118 -31.05 -41.07 16.25
C ASN D 118 -30.69 -41.70 14.92
N ALA D 119 -30.73 -43.02 14.86
CA ALA D 119 -30.40 -43.72 13.63
C ALA D 119 -31.64 -44.09 12.85
N ARG D 120 -32.80 -43.80 13.42
CA ARG D 120 -34.03 -44.14 12.74
C ARG D 120 -34.95 -42.94 12.73
N HIS D 121 -35.59 -42.67 11.60
CA HIS D 121 -36.52 -41.55 11.55
C HIS D 121 -37.63 -41.80 12.58
N GLY D 122 -37.83 -40.86 13.48
CA GLY D 122 -38.87 -41.04 14.48
C GLY D 122 -38.34 -41.33 15.86
N GLY D 123 -37.09 -41.75 15.95
CA GLY D 123 -36.55 -42.02 17.26
C GLY D 123 -37.53 -42.76 18.14
N GLU D 124 -37.61 -42.39 19.40
CA GLU D 124 -38.51 -43.06 20.32
C GLU D 124 -39.92 -43.28 19.77
N ASP D 125 -40.52 -42.23 19.23
CA ASP D 125 -41.83 -42.39 18.65
C ASP D 125 -41.84 -43.60 17.71
N TYR D 126 -40.76 -43.84 16.99
CA TYR D 126 -40.73 -44.97 16.08
C TYR D 126 -40.45 -46.24 16.85
N VAL D 127 -39.38 -46.23 17.64
CA VAL D 127 -39.03 -47.40 18.42
C VAL D 127 -40.19 -47.85 19.28
N PHE D 128 -40.90 -46.89 19.86
CA PHE D 128 -42.03 -47.22 20.71
C PHE D 128 -43.15 -47.88 19.90
N SER D 129 -43.46 -47.28 18.76
CA SER D 129 -44.50 -47.80 17.90
C SER D 129 -44.18 -49.22 17.51
N LEU D 130 -42.95 -49.42 17.05
CA LEU D 130 -42.47 -50.73 16.61
C LEU D 130 -42.68 -51.83 17.67
N LEU D 131 -42.23 -51.54 18.88
CA LEU D 131 -42.32 -52.50 19.98
C LEU D 131 -43.74 -52.93 20.24
N THR D 132 -44.59 -51.98 20.60
CA THR D 132 -45.97 -52.32 20.90
C THR D 132 -46.76 -52.81 19.67
N GLY D 133 -46.49 -52.20 18.52
CA GLY D 133 -47.21 -52.51 17.30
C GLY D 133 -47.19 -53.84 16.53
N TYR D 134 -46.68 -54.93 17.09
CA TYR D 134 -46.72 -56.18 16.33
C TYR D 134 -48.17 -56.67 16.13
N CYS D 135 -48.40 -57.33 15.00
CA CYS D 135 -49.73 -57.87 14.71
C CYS D 135 -49.70 -58.82 13.51
N ASP D 136 -50.85 -59.44 13.21
CA ASP D 136 -50.95 -60.37 12.09
C ASP D 136 -50.95 -59.65 10.75
N PRO D 137 -50.37 -60.30 9.73
CA PRO D 137 -50.32 -59.68 8.41
C PRO D 137 -51.71 -59.55 7.79
N PRO D 138 -51.95 -58.48 7.04
CA PRO D 138 -53.24 -58.25 6.40
C PRO D 138 -53.38 -59.25 5.23
N ALA D 139 -54.57 -59.31 4.65
CA ALA D 139 -54.83 -60.25 3.54
C ALA D 139 -53.85 -60.10 2.38
N GLY D 140 -53.44 -61.22 1.80
CA GLY D 140 -52.54 -61.16 0.68
C GLY D 140 -51.08 -61.03 1.03
N VAL D 141 -50.78 -60.78 2.30
CA VAL D 141 -49.40 -60.64 2.72
C VAL D 141 -48.91 -61.86 3.46
N VAL D 142 -47.78 -62.41 3.04
CA VAL D 142 -47.22 -63.59 3.70
C VAL D 142 -45.81 -63.32 4.22
N VAL D 143 -45.60 -63.55 5.51
CA VAL D 143 -44.30 -63.35 6.11
C VAL D 143 -43.52 -64.66 6.07
N ARG D 144 -42.32 -64.64 5.49
CA ARG D 144 -41.51 -65.86 5.38
C ARG D 144 -41.10 -66.43 6.74
N GLU D 145 -40.87 -67.74 6.77
CA GLU D 145 -40.49 -68.47 7.98
C GLU D 145 -39.33 -67.80 8.70
N GLY D 146 -39.54 -67.46 9.97
CA GLY D 146 -38.48 -66.83 10.72
C GLY D 146 -38.66 -65.36 11.02
N LEU D 147 -39.44 -64.66 10.20
CA LEU D 147 -39.67 -63.24 10.45
C LEU D 147 -41.01 -63.07 11.10
N HIS D 148 -41.26 -61.88 11.64
CA HIS D 148 -42.53 -61.59 12.30
C HIS D 148 -43.13 -60.34 11.70
N TYR D 149 -44.44 -60.26 11.59
CA TYR D 149 -45.02 -59.10 10.97
C TYR D 149 -45.11 -57.94 11.92
N ASN D 150 -44.68 -56.78 11.41
CA ASN D 150 -44.75 -55.53 12.13
C ASN D 150 -45.00 -54.50 11.05
N PRO D 151 -46.15 -53.83 11.09
CA PRO D 151 -46.43 -52.85 10.07
C PRO D 151 -45.52 -51.62 10.16
N TYR D 152 -44.97 -51.39 11.35
CA TYR D 152 -44.10 -50.26 11.53
C TYR D 152 -42.69 -50.42 10.97
N PHE D 153 -42.25 -51.65 10.80
CA PHE D 153 -40.90 -51.91 10.29
C PHE D 153 -40.92 -51.96 8.78
N PRO D 154 -40.04 -51.22 8.11
CA PRO D 154 -40.06 -51.26 6.64
C PRO D 154 -40.03 -52.69 6.07
N GLY D 155 -40.94 -52.97 5.14
CA GLY D 155 -41.02 -54.29 4.55
C GLY D 155 -42.02 -55.11 5.32
N GLN D 156 -42.28 -54.64 6.56
CA GLN D 156 -43.21 -55.24 7.50
C GLN D 156 -42.80 -56.61 8.09
N ALA D 157 -41.75 -57.20 7.54
CA ALA D 157 -41.22 -58.48 8.01
C ALA D 157 -39.93 -58.20 8.78
N ILE D 158 -40.01 -58.26 10.11
CA ILE D 158 -38.86 -57.97 10.97
C ILE D 158 -38.29 -59.23 11.63
N GLY D 159 -36.96 -59.30 11.72
CA GLY D 159 -36.34 -60.46 12.32
C GLY D 159 -36.45 -60.54 13.84
N MET D 160 -36.95 -59.49 14.46
CA MET D 160 -37.06 -59.49 15.91
C MET D 160 -38.45 -59.90 16.38
N ALA D 161 -38.51 -60.95 17.18
CA ALA D 161 -39.78 -61.42 17.72
C ALA D 161 -40.16 -60.47 18.82
N PRO D 162 -41.45 -60.12 18.93
CA PRO D 162 -41.93 -59.19 19.98
C PRO D 162 -41.08 -59.43 21.22
N PRO D 163 -40.32 -58.42 21.63
CA PRO D 163 -39.48 -58.58 22.79
C PRO D 163 -40.08 -58.36 24.14
N ILE D 164 -41.15 -57.59 24.23
CA ILE D 164 -41.69 -57.35 25.55
C ILE D 164 -43.18 -57.68 25.72
N TYR D 165 -43.51 -58.27 26.87
CA TYR D 165 -44.90 -58.61 27.17
C TYR D 165 -45.19 -58.32 28.65
N ASN D 166 -46.44 -57.96 28.95
CA ASN D 166 -46.82 -57.65 30.33
C ASN D 166 -46.06 -58.46 31.36
N GLU D 167 -45.77 -57.82 32.48
CA GLU D 167 -45.04 -58.47 33.56
C GLU D 167 -43.82 -59.29 33.13
N ILE D 168 -43.21 -58.99 32.00
CA ILE D 168 -42.03 -59.75 31.56
C ILE D 168 -40.87 -59.51 32.52
N LEU D 169 -41.06 -58.54 33.41
CA LEU D 169 -40.07 -58.19 34.42
C LEU D 169 -40.77 -57.35 35.48
N GLU D 170 -40.11 -57.11 36.61
CA GLU D 170 -40.74 -56.34 37.67
C GLU D 170 -39.93 -55.12 38.06
N TYR D 171 -40.48 -53.94 37.83
CA TYR D 171 -39.77 -52.72 38.18
C TYR D 171 -39.67 -52.76 39.70
N ASP D 172 -38.45 -52.68 40.21
CA ASP D 172 -38.26 -52.74 41.64
C ASP D 172 -38.71 -51.47 42.32
N ASP D 173 -39.26 -50.54 41.56
CA ASP D 173 -39.73 -49.30 42.16
C ASP D 173 -41.23 -49.38 42.41
N GLY D 174 -41.82 -50.50 42.00
CA GLY D 174 -43.24 -50.72 42.20
C GLY D 174 -44.11 -50.10 41.12
N THR D 175 -43.69 -50.28 39.87
CA THR D 175 -44.44 -49.72 38.76
C THR D 175 -45.06 -50.85 37.97
N PRO D 176 -46.37 -50.75 37.69
CA PRO D 176 -47.14 -51.73 36.92
C PRO D 176 -46.49 -52.01 35.57
N ALA D 177 -45.73 -53.11 35.49
CA ALA D 177 -45.05 -53.45 34.25
C ALA D 177 -45.92 -53.89 33.06
N THR D 178 -46.82 -53.03 32.64
CA THR D 178 -47.65 -53.31 31.49
C THR D 178 -46.72 -53.12 30.28
N MET D 179 -46.94 -53.90 29.22
CA MET D 179 -46.08 -53.82 28.04
C MET D 179 -45.81 -52.41 27.58
N SER D 180 -46.83 -51.56 27.58
CA SER D 180 -46.60 -50.21 27.10
C SER D 180 -45.73 -49.44 28.08
N GLN D 181 -45.92 -49.65 29.38
CA GLN D 181 -45.07 -48.97 30.36
C GLN D 181 -43.62 -49.31 30.04
N ILE D 182 -43.33 -50.59 29.85
CA ILE D 182 -41.99 -50.99 29.52
C ILE D 182 -41.48 -50.20 28.31
N ALA D 183 -42.05 -50.46 27.13
CA ALA D 183 -41.62 -49.76 25.91
C ALA D 183 -41.36 -48.28 26.18
N LYS D 184 -42.32 -47.65 26.85
CA LYS D 184 -42.19 -46.24 27.16
C LYS D 184 -40.90 -45.98 27.93
N ASP D 185 -40.72 -46.60 29.10
CA ASP D 185 -39.48 -46.39 29.86
C ASP D 185 -38.21 -46.68 29.06
N VAL D 186 -38.15 -47.83 28.40
CA VAL D 186 -36.96 -48.19 27.65
C VAL D 186 -36.70 -47.18 26.54
N CYS D 187 -37.75 -46.71 25.88
CA CYS D 187 -37.55 -45.73 24.83
C CYS D 187 -36.94 -44.51 25.47
N THR D 188 -37.45 -44.12 26.63
CA THR D 188 -36.92 -42.97 27.34
C THR D 188 -35.45 -43.20 27.64
N PHE D 189 -35.11 -44.41 28.03
CA PHE D 189 -33.72 -44.72 28.31
C PHE D 189 -32.84 -44.61 27.03
N LEU D 190 -33.36 -45.10 25.92
CA LEU D 190 -32.62 -45.05 24.67
C LEU D 190 -32.28 -43.63 24.26
N ARG D 191 -33.18 -42.71 24.59
CA ARG D 191 -32.96 -41.32 24.25
C ARG D 191 -31.74 -40.91 24.98
N TRP D 192 -31.73 -41.16 26.28
CA TRP D 192 -30.58 -40.83 27.11
C TRP D 192 -29.27 -41.50 26.64
N ALA D 193 -29.30 -42.79 26.32
CA ALA D 193 -28.07 -43.43 25.87
C ALA D 193 -27.55 -42.75 24.61
N ALA D 194 -28.46 -42.32 23.77
CA ALA D 194 -28.09 -41.68 22.53
C ALA D 194 -27.47 -40.30 22.73
N GLU D 195 -27.79 -39.65 23.84
CA GLU D 195 -27.24 -38.32 24.05
C GLU D 195 -27.47 -37.80 25.44
N PRO D 196 -26.57 -38.16 26.35
CA PRO D 196 -26.50 -37.84 27.77
C PRO D 196 -26.51 -36.34 28.03
N GLU D 197 -26.06 -35.59 27.05
CA GLU D 197 -26.02 -34.16 27.18
C GLU D 197 -27.44 -33.57 27.17
N HIS D 198 -28.43 -34.37 26.75
CA HIS D 198 -29.82 -33.90 26.67
C HIS D 198 -30.20 -32.79 27.64
N ASP D 199 -30.24 -33.10 28.92
CA ASP D 199 -30.61 -32.08 29.89
C ASP D 199 -29.69 -30.88 29.92
N GLN D 200 -28.37 -31.10 30.03
CA GLN D 200 -27.46 -29.97 30.08
C GLN D 200 -27.56 -29.10 28.83
N ARG D 201 -27.74 -29.76 27.70
CA ARG D 201 -27.87 -29.07 26.44
C ARG D 201 -29.06 -28.14 26.47
N LYS D 202 -30.18 -28.62 26.98
CA LYS D 202 -31.37 -27.79 27.04
C LYS D 202 -31.25 -26.70 28.07
N ARG D 203 -30.64 -27.01 29.22
CA ARG D 203 -30.46 -25.99 30.25
C ARG D 203 -29.64 -24.84 29.65
N MET D 204 -28.67 -25.18 28.80
CA MET D 204 -27.84 -24.17 28.13
C MET D 204 -28.70 -23.35 27.16
N GLY D 205 -29.52 -24.03 26.38
CA GLY D 205 -30.37 -23.34 25.43
C GLY D 205 -31.14 -22.23 26.12
N LEU D 206 -31.61 -22.50 27.32
CA LEU D 206 -32.36 -21.51 28.08
C LEU D 206 -31.48 -20.30 28.26
N LYS D 207 -30.34 -20.48 28.90
CA LYS D 207 -29.39 -19.41 29.15
C LYS D 207 -29.06 -18.68 27.86
N MET D 208 -28.76 -19.43 26.81
CA MET D 208 -28.47 -18.84 25.50
C MET D 208 -29.58 -17.86 25.05
N LEU D 209 -30.85 -18.27 25.12
CA LEU D 209 -31.92 -17.37 24.72
C LEU D 209 -31.96 -16.09 25.55
N LEU D 210 -32.05 -16.24 26.88
CA LEU D 210 -32.09 -15.10 27.78
C LEU D 210 -30.97 -14.13 27.46
N ILE D 211 -29.72 -14.61 27.49
CA ILE D 211 -28.62 -13.72 27.18
C ILE D 211 -28.82 -13.14 25.78
N SER D 212 -29.08 -14.01 24.82
CA SER D 212 -29.29 -13.61 23.45
C SER D 212 -30.30 -12.47 23.33
N ALA D 213 -31.48 -12.65 23.91
CA ALA D 213 -32.50 -11.60 23.84
C ALA D 213 -32.01 -10.32 24.48
N LEU D 214 -31.31 -10.45 25.61
CA LEU D 214 -30.77 -9.28 26.32
C LEU D 214 -29.68 -8.58 25.48
N LEU D 215 -28.69 -9.36 25.05
CA LEU D 215 -27.61 -8.80 24.27
C LEU D 215 -28.07 -8.18 22.97
N THR D 216 -29.01 -8.82 22.28
CA THR D 216 -29.50 -8.28 21.02
C THR D 216 -30.12 -6.91 21.23
N SER D 217 -31.11 -6.84 22.12
CA SER D 217 -31.78 -5.58 22.43
C SER D 217 -30.75 -4.50 22.68
N LEU D 218 -29.82 -4.76 23.59
CA LEU D 218 -28.80 -3.80 23.89
C LEU D 218 -28.07 -3.30 22.64
N LEU D 219 -27.52 -4.22 21.84
CA LEU D 219 -26.82 -3.82 20.64
C LEU D 219 -27.72 -3.15 19.61
N TYR D 220 -29.03 -3.38 19.68
CA TYR D 220 -29.90 -2.69 18.74
C TYR D 220 -29.95 -1.21 19.10
N TYR D 221 -30.11 -0.93 20.39
CA TYR D 221 -30.15 0.44 20.92
C TYR D 221 -28.85 1.17 20.60
N MET D 222 -27.74 0.48 20.82
CA MET D 222 -26.43 1.05 20.56
C MET D 222 -26.25 1.39 19.09
N LYS D 223 -26.68 0.47 18.24
CA LYS D 223 -26.58 0.64 16.81
C LYS D 223 -27.41 1.85 16.38
N ARG D 224 -28.63 1.91 16.90
CA ARG D 224 -29.53 2.99 16.58
C ARG D 224 -28.97 4.30 17.08
N HIS D 225 -28.50 4.28 18.34
CA HIS D 225 -27.93 5.45 19.00
C HIS D 225 -26.82 6.10 18.18
N LYS D 226 -25.90 5.31 17.67
CA LYS D 226 -24.85 5.87 16.83
C LYS D 226 -25.44 6.38 15.55
N TRP D 227 -26.19 5.53 14.85
CA TRP D 227 -26.77 5.96 13.59
C TRP D 227 -27.69 7.19 13.66
N SER D 228 -28.38 7.39 14.77
CA SER D 228 -29.25 8.56 14.86
C SER D 228 -28.68 9.81 14.12
N VAL D 229 -27.39 10.07 14.32
CA VAL D 229 -26.72 11.20 13.71
C VAL D 229 -27.02 11.35 12.23
N LEU D 230 -27.14 10.21 11.55
CA LEU D 230 -27.43 10.19 10.11
C LEU D 230 -28.93 10.12 9.87
N LYS D 231 -29.58 9.18 10.53
CA LYS D 231 -31.01 9.02 10.36
C LYS D 231 -31.82 10.32 10.36
N SER D 232 -31.49 11.27 11.23
CA SER D 232 -32.24 12.51 11.32
C SER D 232 -31.62 13.66 10.52
N ARG D 233 -30.36 13.48 10.15
CA ARG D 233 -29.60 14.47 9.38
C ARG D 233 -30.43 15.12 8.30
N LYS D 234 -30.28 16.43 8.16
CA LYS D 234 -31.03 17.18 7.15
C LYS D 234 -30.06 17.98 6.27
N MET D 235 -30.36 18.04 4.98
CA MET D 235 -29.49 18.77 4.07
C MET D 235 -30.29 19.72 3.20
N ALA D 236 -29.58 20.56 2.44
CA ALA D 236 -30.19 21.55 1.56
C ALA D 236 -29.18 21.95 0.52
N TYR D 237 -29.68 22.40 -0.63
CA TYR D 237 -28.83 22.83 -1.74
C TYR D 237 -28.92 24.36 -1.85
N ARG D 238 -27.82 25.04 -1.56
CA ARG D 238 -27.78 26.50 -1.56
C ARG D 238 -26.81 27.19 -2.53
N PRO D 239 -27.03 27.05 -3.83
CA PRO D 239 -26.16 27.68 -4.82
C PRO D 239 -26.26 29.19 -4.71
N PRO D 240 -25.24 29.94 -5.19
CA PRO D 240 -25.30 31.40 -5.11
C PRO D 240 -26.29 31.94 -6.15
N LYS D 241 -27.01 30.98 -6.76
CA LYS D 241 -28.04 31.19 -7.80
C LYS D 241 -28.51 32.65 -8.01
N VAL E 1 -26.95 34.43 0.84
CA VAL E 1 -25.86 34.75 1.82
C VAL E 1 -26.07 34.00 3.12
N HIS E 2 -24.97 33.59 3.73
CA HIS E 2 -25.00 32.82 4.96
C HIS E 2 -25.92 33.36 6.06
N ASN E 3 -26.22 34.65 6.04
CA ASN E 3 -27.09 35.20 7.07
C ASN E 3 -28.50 34.64 6.91
N ASP E 4 -28.82 34.30 5.67
CA ASP E 4 -30.11 33.73 5.29
C ASP E 4 -30.21 32.24 5.57
N VAL E 5 -29.28 31.72 6.36
CA VAL E 5 -29.25 30.29 6.65
C VAL E 5 -29.56 30.00 8.11
N THR E 6 -30.48 29.07 8.33
CA THR E 6 -30.87 28.68 9.69
C THR E 6 -30.98 27.17 9.86
N VAL E 7 -30.70 26.69 11.06
CA VAL E 7 -30.78 25.27 11.31
C VAL E 7 -32.22 24.83 11.40
N PRO E 8 -32.57 23.74 10.71
CA PRO E 8 -33.96 23.28 10.76
C PRO E 8 -34.43 22.93 12.17
N ASP E 9 -35.71 22.56 12.27
CA ASP E 9 -36.28 22.23 13.57
C ASP E 9 -36.17 20.75 13.87
N PHE E 10 -35.42 20.41 14.92
CA PHE E 10 -35.27 19.01 15.27
C PHE E 10 -36.21 18.54 16.38
N SER E 11 -37.32 19.24 16.56
CA SER E 11 -38.26 18.88 17.63
C SER E 11 -38.73 17.47 17.45
N ALA E 12 -38.97 17.10 16.21
CA ALA E 12 -39.43 15.77 15.93
C ALA E 12 -38.51 14.70 16.51
N TYR E 13 -37.22 15.01 16.67
CA TYR E 13 -36.24 14.04 17.17
C TYR E 13 -35.58 14.28 18.52
N ARG E 14 -35.55 15.52 18.97
CA ARG E 14 -34.93 15.81 20.24
C ARG E 14 -35.47 14.95 21.36
N ARG E 15 -34.65 14.75 22.39
CA ARG E 15 -35.07 13.99 23.54
C ARG E 15 -36.00 14.89 24.34
N GLU E 16 -36.77 14.31 25.26
CA GLU E 16 -37.73 15.06 26.08
C GLU E 16 -37.09 16.27 26.77
N ASP E 17 -36.00 16.03 27.49
CA ASP E 17 -35.30 17.08 28.22
C ASP E 17 -34.75 18.26 27.44
N VAL E 18 -34.35 18.04 26.20
CA VAL E 18 -33.81 19.12 25.41
C VAL E 18 -34.83 19.55 24.36
N MET E 19 -36.10 19.53 24.74
CA MET E 19 -37.17 19.89 23.85
C MET E 19 -37.49 21.38 23.88
N ASP E 20 -37.38 21.96 25.07
CA ASP E 20 -37.65 23.39 25.28
C ASP E 20 -36.40 24.25 25.07
N ALA E 21 -36.50 25.13 24.07
CA ALA E 21 -35.40 26.00 23.67
C ALA E 21 -34.98 27.04 24.68
N THR E 22 -35.63 27.06 25.85
CA THR E 22 -35.32 28.06 26.86
C THR E 22 -34.89 27.45 28.20
N THR E 23 -34.43 26.21 28.14
CA THR E 23 -33.98 25.49 29.33
C THR E 23 -32.56 24.98 29.10
N SER E 24 -31.66 25.26 30.04
CA SER E 24 -30.29 24.79 29.86
C SER E 24 -30.32 23.31 29.60
N SER E 25 -29.63 22.88 28.56
CA SER E 25 -29.58 21.48 28.24
C SER E 25 -28.57 20.76 29.12
N GLN E 26 -27.61 21.49 29.68
CA GLN E 26 -26.59 20.87 30.51
C GLN E 26 -27.14 20.14 31.74
N THR E 27 -28.21 20.65 32.33
CA THR E 27 -28.74 20.01 33.53
C THR E 27 -29.22 18.57 33.32
N SER E 28 -29.72 18.27 32.13
CA SER E 28 -30.19 16.93 31.86
C SER E 28 -29.17 16.11 31.09
N SER E 29 -28.00 16.68 30.85
CA SER E 29 -26.96 15.99 30.12
C SER E 29 -26.50 14.70 30.83
N GLU E 30 -26.08 14.82 32.08
CA GLU E 30 -25.59 13.67 32.81
C GLU E 30 -26.60 12.51 32.74
N ASP E 31 -27.90 12.83 32.68
CA ASP E 31 -28.92 11.79 32.58
C ASP E 31 -28.89 11.16 31.19
N ARG E 32 -29.00 11.99 30.17
CA ARG E 32 -28.99 11.51 28.80
C ARG E 32 -27.78 10.61 28.49
N LYS E 33 -26.61 11.00 28.95
CA LYS E 33 -25.42 10.20 28.69
C LYS E 33 -25.37 9.02 29.65
N GLY E 34 -25.75 9.24 30.89
CA GLY E 34 -25.72 8.15 31.84
C GLY E 34 -26.62 7.02 31.40
N PHE E 35 -27.72 7.33 30.71
CA PHE E 35 -28.60 6.28 30.26
C PHE E 35 -27.89 5.47 29.19
N SER E 36 -27.66 6.11 28.05
CA SER E 36 -26.98 5.48 26.93
C SER E 36 -25.78 4.71 27.37
N TYR E 37 -24.92 5.31 28.19
CA TYR E 37 -23.74 4.60 28.67
C TYR E 37 -24.15 3.40 29.52
N LEU E 38 -25.23 3.57 30.28
CA LEU E 38 -25.72 2.48 31.11
C LEU E 38 -26.06 1.31 30.21
N VAL E 39 -26.69 1.60 29.08
CA VAL E 39 -27.07 0.54 28.13
C VAL E 39 -25.77 -0.15 27.67
N THR E 40 -24.82 0.65 27.21
CA THR E 40 -23.55 0.12 26.75
C THR E 40 -22.80 -0.67 27.83
N ALA E 41 -22.65 -0.08 29.00
CA ALA E 41 -21.95 -0.77 30.06
C ALA E 41 -22.56 -2.16 30.25
N THR E 42 -23.89 -2.24 30.08
CA THR E 42 -24.62 -3.51 30.24
C THR E 42 -24.25 -4.48 29.16
N ALA E 43 -24.25 -4.01 27.92
CA ALA E 43 -23.89 -4.87 26.78
C ALA E 43 -22.56 -5.56 27.04
N CYS E 44 -21.61 -4.81 27.60
CA CYS E 44 -20.30 -5.37 27.92
C CYS E 44 -20.42 -6.49 28.95
N VAL E 45 -21.12 -6.19 30.04
CA VAL E 45 -21.33 -7.19 31.07
C VAL E 45 -21.89 -8.47 30.47
N ALA E 46 -22.93 -8.35 29.64
CA ALA E 46 -23.54 -9.52 28.98
C ALA E 46 -22.44 -10.24 28.21
N THR E 47 -21.87 -9.55 27.22
CA THR E 47 -20.79 -10.10 26.43
C THR E 47 -19.75 -10.78 27.31
N ALA E 48 -19.26 -10.07 28.32
CA ALA E 48 -18.25 -10.65 29.21
C ALA E 48 -18.70 -12.03 29.73
N TYR E 49 -19.89 -12.06 30.31
CA TYR E 49 -20.43 -13.30 30.83
C TYR E 49 -20.29 -14.37 29.74
N ALA E 50 -20.96 -14.17 28.62
CA ALA E 50 -20.91 -15.11 27.48
C ALA E 50 -19.49 -15.52 27.13
N ALA E 51 -18.64 -14.54 26.87
CA ALA E 51 -17.26 -14.77 26.53
C ALA E 51 -16.57 -15.65 27.57
N LYS E 52 -16.71 -15.26 28.84
CA LYS E 52 -16.09 -16.04 29.90
C LYS E 52 -16.49 -17.51 29.78
N ASN E 53 -17.79 -17.77 29.59
CA ASN E 53 -18.24 -19.14 29.48
C ASN E 53 -17.70 -19.87 28.26
N VAL E 54 -17.92 -19.33 27.07
CA VAL E 54 -17.43 -20.00 25.88
C VAL E 54 -15.94 -20.30 25.97
N VAL E 55 -15.15 -19.37 26.50
CA VAL E 55 -13.72 -19.62 26.62
C VAL E 55 -13.48 -20.71 27.66
N THR E 56 -14.10 -20.57 28.81
CA THR E 56 -13.93 -21.58 29.84
C THR E 56 -14.24 -22.94 29.22
N GLN E 57 -15.38 -23.04 28.55
CA GLN E 57 -15.79 -24.30 27.94
C GLN E 57 -14.72 -24.80 26.97
N PHE E 58 -14.40 -24.00 25.97
CA PHE E 58 -13.39 -24.44 25.02
C PHE E 58 -12.08 -24.79 25.73
N ILE E 59 -11.61 -23.92 26.62
CA ILE E 59 -10.36 -24.21 27.33
C ILE E 59 -10.40 -25.57 28.00
N SER E 60 -11.45 -25.83 28.76
CA SER E 60 -11.53 -27.10 29.45
C SER E 60 -11.75 -28.29 28.51
N SER E 61 -12.03 -28.03 27.23
CA SER E 61 -12.22 -29.11 26.29
C SER E 61 -10.88 -29.79 26.04
N LEU E 62 -9.81 -29.23 26.60
CA LEU E 62 -8.48 -29.80 26.40
C LEU E 62 -7.97 -30.61 27.58
N SER E 63 -8.57 -30.41 28.75
CA SER E 63 -8.13 -31.16 29.91
C SER E 63 -8.70 -32.58 29.85
N ALA E 64 -8.22 -33.43 30.75
CA ALA E 64 -8.63 -34.84 30.79
C ALA E 64 -10.11 -35.11 30.59
N SER E 65 -10.39 -36.00 29.64
CA SER E 65 -11.74 -36.43 29.32
C SER E 65 -12.26 -37.45 30.32
N ALA E 66 -13.57 -37.65 30.27
CA ALA E 66 -14.28 -38.57 31.14
C ALA E 66 -13.64 -39.95 31.24
N ASP E 67 -13.32 -40.54 30.09
CA ASP E 67 -12.73 -41.85 30.11
C ASP E 67 -11.38 -41.84 30.79
N VAL E 68 -10.68 -40.72 30.75
CA VAL E 68 -9.38 -40.67 31.41
C VAL E 68 -9.51 -40.45 32.91
N LEU E 69 -10.38 -39.53 33.31
CA LEU E 69 -10.56 -39.31 34.73
C LEU E 69 -11.07 -40.60 35.39
N ALA E 70 -11.68 -41.48 34.58
CA ALA E 70 -12.23 -42.73 35.08
C ALA E 70 -11.16 -43.72 35.52
N LEU E 71 -9.93 -43.50 35.09
CA LEU E 71 -8.82 -44.37 35.49
C LEU E 71 -7.85 -43.59 36.38
N SER E 72 -8.26 -42.37 36.72
CA SER E 72 -7.48 -41.47 37.56
C SER E 72 -7.05 -42.09 38.87
N LYS E 73 -8.00 -42.65 39.59
CA LYS E 73 -7.70 -43.25 40.88
C LYS E 73 -8.32 -44.61 41.10
N ILE E 74 -7.58 -45.43 41.84
CA ILE E 74 -7.98 -46.78 42.20
C ILE E 74 -8.12 -46.87 43.72
N GLU E 75 -9.15 -47.59 44.17
CA GLU E 75 -9.40 -47.76 45.60
C GLU E 75 -9.09 -49.18 46.05
N ILE E 76 -8.11 -49.31 46.95
CA ILE E 76 -7.67 -50.61 47.45
C ILE E 76 -8.17 -50.93 48.86
N LYS E 77 -8.73 -52.13 49.02
CA LYS E 77 -9.26 -52.58 50.31
C LYS E 77 -8.16 -53.18 51.19
N LEU E 78 -7.76 -52.41 52.20
CA LEU E 78 -6.71 -52.80 53.14
C LEU E 78 -7.01 -54.11 53.87
N SER E 79 -8.28 -54.28 54.23
CA SER E 79 -8.74 -55.47 54.96
C SER E 79 -9.01 -56.72 54.10
N ASP E 80 -7.99 -57.14 53.35
CA ASP E 80 -8.09 -58.34 52.52
C ASP E 80 -6.68 -58.68 52.03
N ILE E 81 -5.69 -57.99 52.61
CA ILE E 81 -4.30 -58.19 52.26
C ILE E 81 -3.57 -58.96 53.38
N PRO E 82 -3.11 -60.19 53.10
CA PRO E 82 -2.41 -61.00 54.09
C PRO E 82 -1.06 -60.37 54.47
N GLU E 83 -0.60 -60.68 55.68
CA GLU E 83 0.66 -60.15 56.20
C GLU E 83 1.93 -60.59 55.46
N GLY E 84 2.86 -59.66 55.32
CA GLY E 84 4.13 -59.93 54.65
C GLY E 84 4.04 -59.98 53.14
N LYS E 85 3.02 -60.67 52.64
CA LYS E 85 2.81 -60.84 51.21
C LYS E 85 2.52 -59.52 50.48
N ASN E 86 3.28 -59.27 49.42
CA ASN E 86 3.15 -58.06 48.61
C ASN E 86 2.21 -58.30 47.43
N VAL E 87 1.33 -57.33 47.17
CA VAL E 87 0.38 -57.42 46.08
C VAL E 87 0.49 -56.21 45.14
N ALA E 88 0.35 -56.44 43.84
CA ALA E 88 0.46 -55.38 42.84
C ALA E 88 -0.82 -55.21 42.01
N PHE E 89 -1.22 -53.95 41.83
CA PHE E 89 -2.41 -53.62 41.04
C PHE E 89 -2.01 -52.64 39.96
N LYS E 90 -2.82 -52.54 38.92
CA LYS E 90 -2.50 -51.59 37.86
C LYS E 90 -3.14 -50.24 38.13
N TRP E 91 -2.30 -49.22 38.14
CA TRP E 91 -2.73 -47.85 38.38
C TRP E 91 -1.99 -46.92 37.43
N ARG E 92 -2.72 -46.26 36.55
CA ARG E 92 -2.14 -45.34 35.57
C ARG E 92 -1.11 -46.03 34.67
N GLY E 93 -1.48 -47.23 34.20
CA GLY E 93 -0.62 -48.00 33.31
C GLY E 93 0.65 -48.56 33.90
N LYS E 94 0.89 -48.29 35.18
CA LYS E 94 2.09 -48.78 35.84
C LYS E 94 1.75 -49.49 37.14
N PRO E 95 2.53 -50.55 37.48
CA PRO E 95 2.34 -51.34 38.69
C PRO E 95 2.32 -50.55 40.00
N LEU E 96 1.36 -50.89 40.86
CA LEU E 96 1.21 -50.25 42.16
C LEU E 96 1.38 -51.28 43.27
N PHE E 97 2.43 -51.13 44.06
CA PHE E 97 2.73 -52.05 45.15
C PHE E 97 2.13 -51.70 46.50
N VAL E 98 1.31 -52.62 47.02
CA VAL E 98 0.68 -52.45 48.33
C VAL E 98 1.05 -53.68 49.17
N ARG E 99 2.03 -53.52 50.05
CA ARG E 99 2.50 -54.63 50.88
C ARG E 99 2.04 -54.50 52.33
N HIS E 100 1.74 -55.65 52.94
CA HIS E 100 1.30 -55.69 54.34
C HIS E 100 2.49 -56.09 55.20
N ARG E 101 3.01 -55.15 55.97
CA ARG E 101 4.15 -55.43 56.84
C ARG E 101 3.75 -56.29 58.04
N THR E 102 4.40 -57.46 58.15
CA THR E 102 4.15 -58.43 59.23
C THR E 102 4.51 -58.02 60.66
N GLN E 103 5.76 -58.26 61.03
CA GLN E 103 6.25 -57.93 62.36
C GLN E 103 7.75 -57.60 62.32
N ALA E 104 8.43 -58.11 61.30
CA ALA E 104 9.86 -57.88 61.13
C ALA E 104 10.16 -56.95 59.94
N GLU E 105 9.25 -55.99 59.72
CA GLU E 105 9.42 -55.03 58.63
C GLU E 105 9.62 -53.63 59.20
N ILE E 106 8.75 -53.22 60.12
CA ILE E 106 8.85 -51.91 60.74
C ILE E 106 9.97 -52.02 61.78
N ASN E 107 10.60 -53.20 61.82
CA ASN E 107 11.69 -53.47 62.76
C ASN E 107 13.00 -53.71 62.01
N GLN E 108 13.05 -54.82 61.27
CA GLN E 108 14.23 -55.21 60.50
C GLN E 108 14.63 -54.21 59.41
N GLU E 109 13.65 -53.46 58.91
CA GLU E 109 13.90 -52.48 57.86
C GLU E 109 13.37 -51.08 58.20
N ALA E 110 13.39 -50.76 59.50
CA ALA E 110 12.94 -49.46 59.97
C ALA E 110 13.87 -49.01 61.10
N GLU E 111 14.78 -49.91 61.47
CA GLU E 111 15.76 -49.65 62.52
C GLU E 111 17.15 -49.64 61.89
N VAL E 112 17.22 -50.00 60.60
CA VAL E 112 18.47 -50.04 59.86
C VAL E 112 19.24 -48.73 60.05
N ASP E 113 20.52 -48.86 60.41
CA ASP E 113 21.38 -47.70 60.64
C ASP E 113 22.26 -47.37 59.45
N VAL E 114 21.68 -46.67 58.47
CA VAL E 114 22.42 -46.26 57.27
C VAL E 114 22.64 -44.75 57.35
N SER E 115 23.75 -44.38 58.01
CA SER E 115 24.13 -42.99 58.22
C SER E 115 23.81 -42.05 57.06
N LYS E 116 24.70 -41.98 56.08
CA LYS E 116 24.51 -41.11 54.91
C LYS E 116 23.65 -41.78 53.83
N LEU E 117 22.47 -41.20 53.60
CA LEU E 117 21.53 -41.72 52.61
C LEU E 117 21.70 -40.98 51.28
N ARG E 118 21.19 -41.56 50.20
CA ARG E 118 21.28 -40.98 48.86
C ARG E 118 20.01 -40.18 48.55
N ASP E 119 18.99 -40.38 49.37
CA ASP E 119 17.71 -39.69 49.24
C ASP E 119 17.18 -39.50 50.67
N PRO E 120 16.98 -38.23 51.11
CA PRO E 120 16.49 -37.93 52.47
C PRO E 120 15.18 -38.63 52.86
N GLN E 121 15.25 -39.94 53.08
CA GLN E 121 14.07 -40.75 53.42
C GLN E 121 13.77 -40.89 54.92
N HIS E 122 12.79 -40.11 55.37
CA HIS E 122 12.32 -40.10 56.76
C HIS E 122 10.83 -40.47 56.68
N ASP E 123 10.48 -41.68 57.12
CA ASP E 123 9.09 -42.17 57.07
C ASP E 123 8.01 -41.19 57.55
N LEU E 124 8.42 -40.13 58.25
CA LEU E 124 7.47 -39.14 58.76
C LEU E 124 7.38 -37.93 57.81
N ASP E 125 8.25 -37.91 56.80
CA ASP E 125 8.26 -36.84 55.81
C ASP E 125 7.08 -36.99 54.87
N ARG E 126 7.04 -38.12 54.16
CA ARG E 126 5.98 -38.40 53.22
C ARG E 126 5.55 -39.86 53.15
N VAL E 127 4.94 -40.34 54.24
CA VAL E 127 4.42 -41.70 54.35
C VAL E 127 3.33 -41.63 55.44
N LYS E 128 3.06 -42.75 56.13
CA LYS E 128 2.04 -42.74 57.18
C LYS E 128 1.81 -44.08 57.90
N LYS E 129 0.72 -44.77 57.54
CA LYS E 129 0.35 -46.05 58.15
C LYS E 129 1.49 -47.05 58.37
N PRO E 130 1.41 -47.83 59.46
CA PRO E 130 2.38 -48.85 59.87
C PRO E 130 2.52 -50.07 58.96
N GLU E 131 1.78 -51.14 59.28
CA GLU E 131 1.86 -52.37 58.51
C GLU E 131 1.51 -52.17 57.04
N TRP E 132 1.37 -50.91 56.61
CA TRP E 132 1.04 -50.63 55.21
C TRP E 132 2.06 -49.79 54.45
N VAL E 133 2.56 -50.36 53.36
CA VAL E 133 3.52 -49.69 52.51
C VAL E 133 2.97 -49.71 51.08
N ILE E 134 2.81 -48.53 50.50
CA ILE E 134 2.28 -48.39 49.15
C ILE E 134 3.28 -47.65 48.26
N LEU E 135 3.76 -48.34 47.23
CA LEU E 135 4.74 -47.77 46.32
C LEU E 135 4.38 -47.90 44.85
N VAL E 136 5.05 -47.10 44.02
CA VAL E 136 4.86 -47.14 42.58
C VAL E 136 5.88 -48.13 42.05
N GLY E 137 5.42 -49.30 41.63
CA GLY E 137 6.31 -50.34 41.15
C GLY E 137 7.24 -49.99 40.01
N VAL E 138 7.87 -48.82 40.08
CA VAL E 138 8.78 -48.36 39.03
C VAL E 138 10.13 -47.89 39.60
N CYS E 139 11.20 -48.49 39.07
CA CYS E 139 12.58 -48.18 39.45
C CYS E 139 12.93 -46.78 38.94
N THR E 140 13.67 -46.00 39.75
CA THR E 140 14.07 -44.64 39.37
C THR E 140 15.41 -44.58 38.63
N HIS E 141 15.70 -45.64 37.89
CA HIS E 141 16.93 -45.72 37.11
C HIS E 141 16.57 -45.58 35.64
N LEU E 142 15.90 -46.60 35.11
CA LEU E 142 15.46 -46.63 33.73
C LEU E 142 14.01 -47.11 33.63
N GLY E 143 13.19 -46.64 34.56
CA GLY E 143 11.77 -46.99 34.57
C GLY E 143 11.36 -48.45 34.47
N CYS E 144 12.05 -49.32 35.20
CA CYS E 144 11.72 -50.76 35.21
C CYS E 144 10.91 -51.08 36.47
N VAL E 145 10.21 -52.20 36.46
CA VAL E 145 9.38 -52.60 37.60
C VAL E 145 10.04 -53.62 38.53
N PRO E 146 10.24 -53.26 39.81
CA PRO E 146 10.86 -54.15 40.80
C PRO E 146 9.98 -55.38 41.07
N ILE E 147 10.53 -56.35 41.80
CA ILE E 147 9.81 -57.59 42.12
C ILE E 147 9.68 -57.75 43.63
N ALA E 148 8.63 -58.45 44.07
CA ALA E 148 8.37 -58.67 45.49
C ALA E 148 8.96 -59.95 46.09
N ASN E 149 9.08 -61.00 45.28
CA ASN E 149 9.62 -62.27 45.75
C ASN E 149 11.05 -62.15 46.27
N SER E 150 11.98 -61.82 45.39
CA SER E 150 13.38 -61.68 45.77
C SER E 150 13.70 -60.32 46.38
N GLY E 151 14.97 -60.10 46.67
CA GLY E 151 15.40 -58.84 47.25
C GLY E 151 16.52 -59.10 48.26
N ASP E 152 17.72 -58.62 47.94
CA ASP E 152 18.89 -58.78 48.81
C ASP E 152 18.52 -58.29 50.20
N PHE E 153 17.70 -57.24 50.21
CA PHE E 153 17.20 -56.62 51.43
C PHE E 153 15.73 -57.02 51.65
N GLY E 154 15.40 -58.25 51.27
CA GLY E 154 14.05 -58.76 51.42
C GLY E 154 12.94 -57.91 50.83
N GLY E 155 13.31 -56.77 50.24
CA GLY E 155 12.33 -55.89 49.65
C GLY E 155 12.01 -56.20 48.19
N TYR E 156 12.47 -55.35 47.29
CA TYR E 156 12.22 -55.56 45.87
C TYR E 156 13.52 -55.60 45.08
N TYR E 157 13.47 -56.23 43.91
CA TYR E 157 14.63 -56.35 43.03
C TYR E 157 14.31 -56.06 41.56
N CYS E 158 14.95 -55.03 40.99
CA CYS E 158 14.75 -54.66 39.58
C CYS E 158 15.74 -55.44 38.71
N PRO E 159 15.23 -56.45 37.97
CA PRO E 159 16.04 -57.31 37.08
C PRO E 159 16.67 -56.64 35.86
N CYS E 160 16.56 -55.33 35.76
CA CYS E 160 17.14 -54.61 34.63
C CYS E 160 18.62 -54.28 34.85
N HIS E 161 18.98 -53.79 36.04
CA HIS E 161 20.38 -53.46 36.33
C HIS E 161 20.81 -53.72 37.78
N GLY E 162 19.94 -54.35 38.56
CA GLY E 162 20.28 -54.65 39.94
C GLY E 162 19.40 -54.01 41.01
N SER E 163 19.41 -52.68 41.08
CA SER E 163 18.63 -51.91 42.06
C SER E 163 17.87 -52.74 43.09
N HIS E 164 18.40 -52.76 44.31
CA HIS E 164 17.79 -53.50 45.42
C HIS E 164 17.07 -52.50 46.32
N TYR E 165 15.81 -52.80 46.65
CA TYR E 165 15.02 -51.92 47.51
C TYR E 165 14.61 -52.67 48.76
N ASP E 166 14.66 -52.00 49.90
CA ASP E 166 14.30 -52.63 51.17
C ASP E 166 12.81 -52.88 51.30
N ALA E 167 12.38 -53.22 52.51
CA ALA E 167 10.98 -53.50 52.79
C ALA E 167 10.10 -52.25 52.73
N SER E 168 10.72 -51.08 52.93
CA SER E 168 9.99 -49.81 52.90
C SER E 168 10.09 -49.17 51.51
N GLY E 169 10.79 -49.85 50.60
CA GLY E 169 10.93 -49.35 49.25
C GLY E 169 12.00 -48.28 49.10
N ARG E 170 13.21 -48.58 49.55
CA ARG E 170 14.31 -47.63 49.45
C ARG E 170 15.49 -48.28 48.75
N ILE E 171 16.11 -47.53 47.83
CA ILE E 171 17.25 -48.05 47.09
C ILE E 171 18.41 -48.33 48.04
N ARG E 172 18.93 -49.54 47.95
CA ARG E 172 20.06 -49.97 48.79
C ARG E 172 21.27 -50.19 47.89
N LYS E 173 21.33 -51.36 47.28
CA LYS E 173 22.43 -51.71 46.38
C LYS E 173 21.95 -51.60 44.93
N GLY E 174 22.42 -50.58 44.22
CA GLY E 174 21.99 -50.40 42.84
C GLY E 174 22.32 -49.04 42.25
N PRO E 175 22.15 -48.88 40.92
CA PRO E 175 22.43 -47.62 40.21
C PRO E 175 21.31 -46.58 40.27
N ALA E 176 20.09 -47.01 40.59
CA ALA E 176 18.94 -46.11 40.67
C ALA E 176 19.16 -45.06 41.75
N PRO E 177 19.10 -43.76 41.39
CA PRO E 177 19.30 -42.66 42.33
C PRO E 177 18.26 -42.54 43.46
N TYR E 178 17.09 -42.02 43.13
CA TYR E 178 16.03 -41.84 44.12
C TYR E 178 15.46 -43.15 44.62
N ASN E 179 14.41 -43.05 45.45
CA ASN E 179 13.73 -44.21 46.00
C ASN E 179 12.37 -44.28 45.30
N LEU E 180 11.85 -45.50 45.11
CA LEU E 180 10.56 -45.69 44.45
C LEU E 180 9.60 -44.58 44.89
N GLU E 181 8.95 -43.93 43.92
CA GLU E 181 8.03 -42.83 44.22
C GLU E 181 6.83 -43.22 45.06
N VAL E 182 6.43 -42.31 45.95
CA VAL E 182 5.27 -42.50 46.82
C VAL E 182 4.18 -41.52 46.36
N PRO E 183 3.13 -42.06 45.71
CA PRO E 183 2.01 -41.28 45.18
C PRO E 183 1.05 -40.71 46.23
N THR E 184 0.26 -39.74 45.81
CA THR E 184 -0.71 -39.08 46.68
C THR E 184 -1.79 -40.10 47.06
N TYR E 185 -2.41 -39.91 48.24
CA TYR E 185 -3.44 -40.84 48.71
C TYR E 185 -4.38 -40.26 49.77
N GLN E 186 -5.16 -41.14 50.42
CA GLN E 186 -6.12 -40.72 51.44
C GLN E 186 -6.67 -41.89 52.24
N PHE E 187 -7.11 -41.60 53.47
CA PHE E 187 -7.65 -42.62 54.37
C PHE E 187 -9.02 -42.31 54.98
N VAL E 188 -9.93 -41.69 54.23
CA VAL E 188 -11.26 -41.38 54.79
C VAL E 188 -12.10 -42.67 54.80
N GLY E 189 -11.54 -43.71 55.41
CA GLY E 189 -12.20 -44.99 55.51
C GLY E 189 -11.12 -46.06 55.55
N ASP E 190 -10.62 -46.33 56.74
CA ASP E 190 -9.56 -47.32 56.95
C ASP E 190 -9.62 -48.54 56.02
N ASP E 191 -10.66 -49.37 56.15
CA ASP E 191 -10.78 -50.56 55.32
C ASP E 191 -10.78 -50.25 53.81
N LEU E 192 -10.42 -49.02 53.47
CA LEU E 192 -10.35 -48.56 52.07
C LEU E 192 -9.42 -47.37 51.85
N VAL E 193 -8.55 -47.50 50.86
CA VAL E 193 -7.60 -46.45 50.49
C VAL E 193 -7.80 -46.11 49.01
N VAL E 194 -7.78 -44.82 48.68
CA VAL E 194 -7.99 -44.38 47.31
C VAL E 194 -6.80 -43.57 46.75
N VAL E 195 -5.88 -44.28 46.10
CA VAL E 195 -4.70 -43.66 45.51
C VAL E 195 -5.08 -42.86 44.27
N GLY E 196 -4.44 -41.71 44.08
CA GLY E 196 -4.75 -40.90 42.91
C GLY E 196 -5.53 -39.64 43.22
N GLY F 10 -51.24 5.31 -33.02
CA GLY F 10 -51.69 5.30 -31.59
C GLY F 10 -50.60 5.68 -30.60
N ARG F 11 -50.89 5.57 -29.30
CA ARG F 11 -49.90 5.92 -28.27
C ARG F 11 -49.46 4.73 -27.44
N LEU F 12 -49.37 3.55 -28.05
CA LEU F 12 -48.97 2.39 -27.28
C LEU F 12 -47.60 2.58 -26.67
N MET F 13 -46.61 2.85 -27.50
CA MET F 13 -45.24 3.08 -27.03
C MET F 13 -45.18 4.09 -25.89
N ASP F 14 -45.98 5.16 -25.99
CA ASP F 14 -46.00 6.18 -24.97
C ASP F 14 -46.68 5.68 -23.69
N ARG F 15 -47.68 4.82 -23.83
CA ARG F 15 -48.35 4.27 -22.65
C ARG F 15 -47.34 3.45 -21.86
N ILE F 16 -46.64 2.56 -22.59
CA ILE F 16 -45.67 1.66 -21.99
C ILE F 16 -44.58 2.40 -21.23
N ARG F 17 -43.88 3.28 -21.94
CA ARG F 17 -42.81 4.05 -21.35
C ARG F 17 -43.24 4.73 -20.06
N LYS F 18 -44.31 5.48 -20.13
CA LYS F 18 -44.80 6.19 -18.97
C LYS F 18 -45.05 5.17 -17.86
N TRP F 19 -45.57 4.01 -18.24
CA TRP F 19 -45.85 2.97 -17.25
C TRP F 19 -44.56 2.47 -16.63
N TYR F 20 -43.64 2.03 -17.48
CA TYR F 20 -42.37 1.56 -16.98
C TYR F 20 -41.70 2.66 -16.15
N TYR F 21 -41.73 3.88 -16.65
CA TYR F 21 -41.10 4.98 -15.93
C TYR F 21 -41.64 5.04 -14.51
N ASN F 22 -42.94 4.85 -14.37
CA ASN F 22 -43.55 4.90 -13.07
C ASN F 22 -43.32 3.60 -12.36
N ALA F 23 -43.21 2.53 -13.13
CA ALA F 23 -43.00 1.24 -12.53
C ALA F 23 -41.63 1.19 -11.88
N ALA F 24 -40.60 1.71 -12.55
CA ALA F 24 -39.24 1.70 -12.03
C ALA F 24 -39.20 2.39 -10.69
N GLY F 25 -39.74 3.59 -10.62
CA GLY F 25 -39.80 4.28 -9.33
C GLY F 25 -38.60 5.04 -8.81
N PHE F 26 -37.67 5.39 -9.70
CA PHE F 26 -36.50 6.12 -9.25
C PHE F 26 -36.86 7.56 -9.04
N ASN F 27 -38.06 7.91 -9.49
CA ASN F 27 -38.53 9.28 -9.35
C ASN F 27 -39.05 9.53 -7.96
N LYS F 28 -39.28 8.48 -7.19
CA LYS F 28 -39.77 8.70 -5.83
C LYS F 28 -38.61 9.21 -4.98
N TYR F 29 -37.39 9.03 -5.48
CA TYR F 29 -36.22 9.47 -4.76
C TYR F 29 -35.85 10.87 -5.22
N GLY F 30 -36.51 11.33 -6.27
CA GLY F 30 -36.23 12.66 -6.80
C GLY F 30 -35.18 12.59 -7.88
N LEU F 31 -34.77 11.38 -8.25
CA LEU F 31 -33.75 11.17 -9.29
C LEU F 31 -34.33 11.27 -10.70
N MET F 32 -33.49 11.53 -11.69
CA MET F 32 -33.93 11.60 -13.08
C MET F 32 -33.39 10.39 -13.81
N ARG F 33 -34.07 10.01 -14.88
CA ARG F 33 -33.64 8.84 -15.63
C ARG F 33 -32.13 8.83 -15.69
N ASP F 34 -31.54 9.87 -16.27
CA ASP F 34 -30.10 9.93 -16.38
C ASP F 34 -29.31 9.86 -15.07
N ASP F 35 -29.93 10.20 -13.94
CA ASP F 35 -29.20 10.11 -12.68
C ASP F 35 -28.92 8.64 -12.34
N THR F 36 -29.71 7.73 -12.88
CA THR F 36 -29.51 6.33 -12.55
C THR F 36 -28.54 5.57 -13.45
N LEU F 37 -28.03 6.22 -14.49
CA LEU F 37 -27.11 5.58 -15.41
C LEU F 37 -25.92 5.04 -14.67
N TYR F 38 -25.49 3.84 -15.03
CA TYR F 38 -24.34 3.20 -14.40
C TYR F 38 -23.12 3.85 -15.01
N GLU F 39 -22.24 4.37 -14.15
CA GLU F 39 -21.03 5.07 -14.59
C GLU F 39 -19.93 4.24 -15.24
N ASP F 40 -20.15 3.83 -16.49
CA ASP F 40 -19.17 3.04 -17.20
C ASP F 40 -18.23 4.07 -17.85
N ASP F 41 -17.24 3.61 -18.62
CA ASP F 41 -16.30 4.55 -19.26
C ASP F 41 -16.90 5.76 -19.99
N ASP F 42 -17.94 5.55 -20.79
CA ASP F 42 -18.55 6.66 -21.53
C ASP F 42 -19.25 7.65 -20.59
N VAL F 43 -20.18 7.14 -19.79
CA VAL F 43 -20.91 7.98 -18.86
C VAL F 43 -19.97 8.84 -18.06
N LYS F 44 -18.78 8.31 -17.80
CA LYS F 44 -17.78 9.03 -17.04
C LYS F 44 -17.33 10.26 -17.81
N GLU F 45 -16.90 10.06 -19.05
CA GLU F 45 -16.47 11.19 -19.88
C GLU F 45 -17.62 12.15 -20.02
N ALA F 46 -18.79 11.61 -20.28
CA ALA F 46 -20.00 12.41 -20.46
C ALA F 46 -20.19 13.39 -19.29
N LEU F 47 -20.16 12.88 -18.09
CA LEU F 47 -20.34 13.72 -16.92
C LEU F 47 -19.33 14.86 -16.84
N LYS F 48 -18.07 14.58 -17.17
CA LYS F 48 -17.03 15.60 -17.10
C LYS F 48 -17.37 16.79 -18.00
N ARG F 49 -18.14 16.55 -19.03
CA ARG F 49 -18.50 17.60 -19.96
C ARG F 49 -19.70 18.43 -19.53
N LEU F 50 -20.48 17.91 -18.59
CA LEU F 50 -21.65 18.66 -18.11
C LEU F 50 -21.21 20.01 -17.58
N PRO F 51 -22.02 21.04 -17.83
CA PRO F 51 -21.71 22.39 -17.35
C PRO F 51 -21.80 22.32 -15.84
N GLU F 52 -21.00 23.12 -15.15
CA GLU F 52 -21.03 23.10 -13.69
C GLU F 52 -22.41 23.13 -13.02
N ASP F 53 -23.28 24.06 -13.38
CA ASP F 53 -24.60 24.10 -12.75
C ASP F 53 -25.36 22.77 -12.82
N LEU F 54 -25.32 22.09 -13.95
CA LEU F 54 -26.02 20.82 -14.07
C LEU F 54 -25.33 19.74 -13.24
N TYR F 55 -24.00 19.78 -13.21
CA TYR F 55 -23.22 18.81 -12.44
C TYR F 55 -23.53 18.92 -10.96
N ASN F 56 -23.50 20.14 -10.44
CA ASN F 56 -23.76 20.32 -9.03
C ASN F 56 -25.15 19.90 -8.60
N GLU F 57 -26.10 20.18 -9.48
CA GLU F 57 -27.49 19.81 -9.23
C GLU F 57 -27.64 18.29 -9.13
N ARG F 58 -27.15 17.58 -10.16
CA ARG F 58 -27.21 16.13 -10.19
C ARG F 58 -26.59 15.59 -8.92
N MET F 59 -25.46 16.18 -8.55
CA MET F 59 -24.76 15.74 -7.35
C MET F 59 -25.66 15.86 -6.14
N PHE F 60 -26.34 16.98 -5.99
CA PHE F 60 -27.22 17.11 -4.85
C PHE F 60 -28.30 16.04 -4.90
N ARG F 61 -28.95 15.93 -6.05
CA ARG F 61 -30.01 14.95 -6.27
C ARG F 61 -29.50 13.60 -5.82
N ILE F 62 -28.38 13.17 -6.40
CA ILE F 62 -27.82 11.88 -6.04
C ILE F 62 -27.55 11.72 -4.56
N LYS F 63 -26.93 12.73 -3.96
CA LYS F 63 -26.62 12.65 -2.54
C LYS F 63 -27.91 12.62 -1.73
N ARG F 64 -28.94 13.30 -2.23
CA ARG F 64 -30.19 13.33 -1.51
C ARG F 64 -30.83 11.94 -1.56
N ALA F 65 -30.73 11.28 -2.71
CA ALA F 65 -31.32 9.96 -2.91
C ALA F 65 -30.69 8.97 -1.97
N LEU F 66 -29.38 9.07 -1.82
CA LEU F 66 -28.64 8.18 -0.94
C LEU F 66 -29.11 8.36 0.50
N ASP F 67 -29.29 9.61 0.90
CA ASP F 67 -29.73 9.88 2.25
C ASP F 67 -31.11 9.27 2.51
N LEU F 68 -31.97 9.29 1.49
CA LEU F 68 -33.31 8.71 1.62
C LEU F 68 -33.12 7.21 1.79
N SER F 69 -32.30 6.64 0.92
CA SER F 69 -32.03 5.21 0.99
C SER F 69 -31.54 4.81 2.37
N LEU F 70 -30.56 5.53 2.91
CA LEU F 70 -30.06 5.16 4.21
C LEU F 70 -31.13 5.33 5.26
N LYS F 71 -32.11 6.18 4.97
CA LYS F 71 -33.18 6.43 5.91
C LYS F 71 -34.38 5.52 5.68
N HIS F 72 -34.41 4.83 4.56
CA HIS F 72 -35.54 3.96 4.25
C HIS F 72 -36.80 4.78 4.13
N ARG F 73 -36.70 5.89 3.39
CA ARG F 73 -37.82 6.80 3.15
C ARG F 73 -37.76 7.18 1.69
N ILE F 74 -38.66 8.06 1.28
CA ILE F 74 -38.69 8.57 -0.07
C ILE F 74 -39.32 9.95 -0.02
N LEU F 75 -39.33 10.66 -1.13
CA LEU F 75 -39.91 11.98 -1.13
C LEU F 75 -41.44 11.91 -1.12
N PRO F 76 -42.10 12.96 -0.60
CA PRO F 76 -43.56 12.97 -0.59
C PRO F 76 -44.05 13.04 -2.04
N LYS F 77 -45.10 12.28 -2.33
CA LYS F 77 -45.68 12.20 -3.67
C LYS F 77 -45.62 13.48 -4.50
N GLU F 78 -45.85 14.61 -3.85
CA GLU F 78 -45.82 15.92 -4.52
C GLU F 78 -44.50 16.12 -5.25
N GLN F 79 -43.39 15.81 -4.57
CA GLN F 79 -42.06 16.00 -5.09
C GLN F 79 -41.52 14.98 -6.09
N TRP F 80 -42.30 13.96 -6.40
CA TRP F 80 -41.82 12.96 -7.36
C TRP F 80 -41.66 13.53 -8.75
N VAL F 81 -40.62 13.10 -9.45
CA VAL F 81 -40.37 13.56 -10.81
C VAL F 81 -41.44 13.04 -11.74
N LYS F 82 -42.11 13.93 -12.45
CA LYS F 82 -43.17 13.50 -13.36
C LYS F 82 -42.60 13.08 -14.71
N TYR F 83 -43.03 11.92 -15.19
CA TYR F 83 -42.55 11.40 -16.46
C TYR F 83 -42.27 12.45 -17.49
N GLU F 84 -43.23 13.32 -17.73
CA GLU F 84 -43.07 14.34 -18.75
C GLU F 84 -42.14 15.50 -18.42
N GLU F 85 -41.75 15.64 -17.16
CA GLU F 85 -40.83 16.71 -16.77
C GLU F 85 -39.42 16.21 -16.47
N ASP F 86 -39.16 14.93 -16.72
CA ASP F 86 -37.85 14.35 -16.46
C ASP F 86 -36.91 14.87 -17.51
N LYS F 87 -35.97 15.73 -17.10
CA LYS F 87 -35.02 16.28 -18.05
C LYS F 87 -33.85 15.35 -18.33
N PRO F 88 -33.62 15.02 -19.61
CA PRO F 88 -32.54 14.14 -20.08
C PRO F 88 -31.23 14.92 -20.27
N TYR F 89 -30.75 15.49 -19.18
CA TYR F 89 -29.58 16.34 -19.16
C TYR F 89 -28.25 15.82 -19.69
N LEU F 90 -28.00 14.52 -19.55
CA LEU F 90 -26.73 13.97 -20.00
C LEU F 90 -26.79 13.34 -21.39
N GLU F 91 -27.89 12.65 -21.68
CA GLU F 91 -28.10 11.93 -22.94
C GLU F 91 -27.44 12.53 -24.17
N PRO F 92 -27.66 13.83 -24.45
CA PRO F 92 -27.04 14.46 -25.62
C PRO F 92 -25.52 14.32 -25.62
N TYR F 93 -24.90 14.67 -24.49
CA TYR F 93 -23.45 14.57 -24.34
C TYR F 93 -23.01 13.13 -24.55
N LEU F 94 -23.56 12.23 -23.74
CA LEU F 94 -23.24 10.82 -23.83
C LEU F 94 -23.29 10.28 -25.25
N LYS F 95 -24.22 10.78 -26.05
CA LYS F 95 -24.32 10.25 -27.41
C LYS F 95 -23.12 10.66 -28.26
N GLU F 96 -22.71 11.91 -28.14
CA GLU F 96 -21.56 12.41 -28.86
C GLU F 96 -20.30 11.67 -28.39
N VAL F 97 -20.22 11.43 -27.08
CA VAL F 97 -19.08 10.72 -26.49
C VAL F 97 -18.95 9.37 -27.15
N ILE F 98 -20.08 8.76 -27.44
CA ILE F 98 -20.07 7.46 -28.06
C ILE F 98 -19.84 7.57 -29.56
N ARG F 99 -20.34 8.64 -30.15
CA ARG F 99 -20.16 8.86 -31.58
C ARG F 99 -18.66 8.92 -31.79
N GLU F 100 -18.00 9.74 -30.98
CA GLU F 100 -16.56 9.95 -31.02
C GLU F 100 -15.77 8.65 -30.92
N ARG F 101 -16.09 7.87 -29.89
CA ARG F 101 -15.42 6.61 -29.67
C ARG F 101 -15.50 5.71 -30.91
N LEU F 102 -16.72 5.44 -31.35
CA LEU F 102 -16.93 4.59 -32.52
C LEU F 102 -16.14 5.07 -33.71
N GLU F 103 -15.95 6.38 -33.84
CA GLU F 103 -15.13 6.93 -34.93
C GLU F 103 -13.72 6.39 -34.71
N ARG F 104 -13.13 6.71 -33.57
CA ARG F 104 -11.79 6.24 -33.25
C ARG F 104 -11.67 4.73 -33.37
N GLU F 105 -12.58 4.00 -32.76
CA GLU F 105 -12.51 2.55 -32.83
C GLU F 105 -12.45 2.11 -34.29
N ALA F 106 -13.32 2.66 -35.12
CA ALA F 106 -13.37 2.31 -36.54
C ALA F 106 -12.12 2.71 -37.32
N TRP F 107 -11.63 3.92 -37.04
CA TRP F 107 -10.45 4.46 -37.71
C TRP F 107 -9.18 3.68 -37.39
N ASN F 108 -8.95 3.37 -36.12
CA ASN F 108 -7.76 2.61 -35.74
C ASN F 108 -7.71 1.24 -36.42
N LYS F 109 -8.87 0.79 -36.88
CA LYS F 109 -8.98 -0.50 -37.56
C LYS F 109 -8.47 -0.42 -39.00
N LYS F 110 -8.98 0.55 -39.77
CA LYS F 110 -8.56 0.73 -41.16
C LYS F 110 -7.04 0.60 -41.30
N ILE G 2 -5.22 6.43 1.32
CA ILE G 2 -5.88 7.77 1.36
C ILE G 2 -7.10 7.81 0.43
N HIS G 3 -8.27 7.61 1.02
CA HIS G 3 -9.54 7.63 0.29
C HIS G 3 -10.45 8.79 0.68
N PHE G 4 -10.22 9.39 1.84
CA PHE G 4 -11.03 10.52 2.28
C PHE G 4 -10.35 11.86 1.94
N GLY G 5 -10.83 12.46 0.85
CA GLY G 5 -10.30 13.73 0.39
C GLY G 5 -10.19 13.75 -1.12
N ASN G 6 -10.13 12.58 -1.74
CA ASN G 6 -10.00 12.47 -3.20
C ASN G 6 -11.23 11.82 -3.82
N LEU G 7 -12.33 11.79 -3.06
CA LEU G 7 -13.58 11.16 -3.51
C LEU G 7 -14.41 11.89 -4.56
N ALA G 8 -14.87 13.09 -4.24
CA ALA G 8 -15.70 13.81 -5.21
C ALA G 8 -15.64 15.33 -5.09
N ARG G 9 -15.96 15.99 -6.21
CA ARG G 9 -15.98 17.45 -6.27
C ARG G 9 -17.41 17.85 -5.92
N VAL G 10 -17.62 18.30 -4.69
CA VAL G 10 -18.94 18.67 -4.22
C VAL G 10 -19.08 20.15 -3.89
N ARG G 11 -20.16 20.78 -4.34
CA ARG G 11 -20.34 22.19 -4.05
C ARG G 11 -21.75 22.64 -3.66
N HIS G 12 -21.83 23.42 -2.59
CA HIS G 12 -23.09 23.99 -2.14
C HIS G 12 -24.10 23.10 -1.45
N ILE G 13 -23.66 22.17 -0.63
CA ILE G 13 -24.65 21.34 0.02
C ILE G 13 -24.45 21.46 1.50
N ILE G 14 -25.44 21.98 2.21
CA ILE G 14 -25.31 22.12 3.65
C ILE G 14 -26.03 20.98 4.31
N THR G 15 -25.48 20.44 5.39
CA THR G 15 -26.19 19.38 6.11
C THR G 15 -26.21 19.76 7.59
N TYR G 16 -27.21 19.27 8.31
CA TYR G 16 -27.32 19.57 9.71
C TYR G 16 -27.59 18.28 10.42
N SER G 17 -26.95 18.08 11.56
CA SER G 17 -27.18 16.86 12.35
C SER G 17 -26.94 17.16 13.83
N LEU G 18 -27.56 16.37 14.71
CA LEU G 18 -27.38 16.57 16.15
C LEU G 18 -26.66 15.42 16.83
N SER G 19 -25.93 15.73 17.89
CA SER G 19 -25.25 14.71 18.66
C SER G 19 -26.27 13.62 18.99
N PRO G 20 -25.82 12.37 19.10
CA PRO G 20 -26.66 11.21 19.41
C PRO G 20 -27.31 11.38 20.78
N PHE G 21 -26.74 12.26 21.58
CA PHE G 21 -27.26 12.46 22.91
C PHE G 21 -28.38 13.48 23.00
N GLU G 22 -28.55 14.30 21.98
CA GLU G 22 -29.60 15.30 22.03
C GLU G 22 -30.84 14.73 21.36
N GLN G 23 -30.78 13.49 20.89
CA GLN G 23 -31.93 12.89 20.21
C GLN G 23 -32.26 11.47 20.59
N ARG G 24 -33.46 11.05 20.17
CA ARG G 24 -33.98 9.71 20.47
C ARG G 24 -33.45 8.68 19.48
N ALA G 25 -33.14 7.49 20.00
CA ALA G 25 -32.61 6.37 19.21
C ALA G 25 -33.62 5.81 18.23
N ILE G 26 -34.78 5.47 18.75
CA ILE G 26 -35.86 4.95 17.93
C ILE G 26 -37.00 5.92 18.13
N PRO G 27 -37.10 6.93 17.24
CA PRO G 27 -38.18 7.89 17.40
C PRO G 27 -39.34 7.69 16.45
N ASN G 28 -40.48 8.31 16.80
CA ASN G 28 -41.70 8.28 15.99
C ASN G 28 -42.01 6.91 15.43
N ILE G 29 -42.08 5.92 16.32
CA ILE G 29 -42.35 4.55 15.92
C ILE G 29 -43.69 4.38 15.22
N PHE G 30 -44.72 5.04 15.72
CA PHE G 30 -46.03 4.92 15.10
C PHE G 30 -46.29 5.97 14.06
N SER G 31 -45.84 7.19 14.32
CA SER G 31 -46.08 8.26 13.37
C SER G 31 -45.28 8.13 12.07
N ASP G 32 -44.11 7.50 12.14
CA ASP G 32 -43.23 7.37 10.97
C ASP G 32 -42.73 5.95 10.70
N ALA G 33 -42.16 5.33 11.72
CA ALA G 33 -41.61 3.98 11.60
C ALA G 33 -42.51 2.98 10.91
N LEU G 34 -43.50 2.48 11.65
CA LEU G 34 -44.44 1.48 11.15
C LEU G 34 -45.10 1.82 9.81
N PRO G 35 -45.64 3.04 9.68
CA PRO G 35 -46.28 3.42 8.43
C PRO G 35 -45.39 3.10 7.23
N ASN G 36 -44.08 3.28 7.40
CA ASN G 36 -43.13 3.01 6.35
C ASN G 36 -42.83 1.53 6.22
N VAL G 37 -42.81 0.83 7.35
CA VAL G 37 -42.56 -0.61 7.31
C VAL G 37 -43.63 -1.17 6.40
N TRP G 38 -44.87 -0.74 6.64
CA TRP G 38 -45.98 -1.20 5.84
C TRP G 38 -45.77 -0.77 4.40
N ARG G 39 -45.45 0.50 4.21
CA ARG G 39 -45.22 1.04 2.88
C ARG G 39 -44.28 0.14 2.07
N ARG G 40 -43.14 -0.16 2.67
CA ARG G 40 -42.12 -0.97 2.05
C ARG G 40 -42.65 -2.36 1.78
N PHE G 41 -43.36 -2.92 2.75
CA PHE G 41 -43.92 -4.25 2.58
C PHE G 41 -44.87 -4.33 1.40
N SER G 42 -45.69 -3.30 1.21
CA SER G 42 -46.64 -3.28 0.11
C SER G 42 -45.97 -3.22 -1.25
N SER G 43 -45.06 -2.28 -1.40
CA SER G 43 -44.35 -2.08 -2.67
C SER G 43 -43.71 -3.34 -3.24
N GLN G 44 -43.44 -4.32 -2.39
CA GLN G 44 -42.77 -5.55 -2.83
C GLN G 44 -43.57 -6.86 -2.95
N VAL G 45 -44.52 -7.11 -2.04
CA VAL G 45 -45.30 -8.34 -2.04
C VAL G 45 -45.62 -8.91 -3.40
N PHE G 46 -46.17 -8.08 -4.28
CA PHE G 46 -46.53 -8.56 -5.61
C PHE G 46 -45.37 -8.87 -6.54
N LYS G 47 -44.13 -8.69 -6.06
CA LYS G 47 -42.93 -8.97 -6.85
C LYS G 47 -42.28 -10.23 -6.34
N VAL G 48 -42.21 -10.35 -5.01
CA VAL G 48 -41.63 -11.50 -4.35
C VAL G 48 -42.66 -12.62 -4.20
N ALA G 49 -43.60 -12.41 -3.30
CA ALA G 49 -44.63 -13.40 -3.00
C ALA G 49 -45.05 -14.32 -4.13
N PRO G 50 -45.49 -13.76 -5.26
CA PRO G 50 -45.91 -14.60 -6.38
C PRO G 50 -45.07 -15.84 -6.64
N PRO G 51 -43.87 -15.70 -7.23
CA PRO G 51 -43.09 -16.92 -7.48
C PRO G 51 -42.85 -17.84 -6.29
N PHE G 52 -42.95 -17.32 -5.06
CA PHE G 52 -42.78 -18.19 -3.91
C PHE G 52 -44.03 -18.99 -3.67
N LEU G 53 -45.18 -18.35 -3.90
CA LEU G 53 -46.46 -19.01 -3.75
C LEU G 53 -46.54 -20.01 -4.90
N GLY G 54 -46.22 -19.56 -6.11
CA GLY G 54 -46.24 -20.45 -7.25
C GLY G 54 -45.32 -21.65 -7.06
N ALA G 55 -44.42 -21.57 -6.07
CA ALA G 55 -43.50 -22.66 -5.80
C ALA G 55 -44.23 -23.65 -4.91
N TYR G 56 -44.77 -23.11 -3.83
CA TYR G 56 -45.52 -23.90 -2.88
C TYR G 56 -46.49 -24.82 -3.59
N LEU G 57 -47.32 -24.26 -4.46
CA LEU G 57 -48.29 -25.06 -5.19
C LEU G 57 -47.60 -26.25 -5.80
N LEU G 58 -46.70 -26.00 -6.75
CA LEU G 58 -45.96 -27.07 -7.43
C LEU G 58 -45.49 -28.12 -6.43
N TYR G 59 -45.04 -27.67 -5.27
CA TYR G 59 -44.57 -28.57 -4.22
C TYR G 59 -45.71 -29.44 -3.74
N SER G 60 -46.81 -28.79 -3.36
CA SER G 60 -47.99 -29.49 -2.88
C SER G 60 -48.49 -30.46 -3.92
N TRP G 61 -48.68 -30.01 -5.16
CA TRP G 61 -49.14 -30.91 -6.19
C TRP G 61 -48.20 -32.09 -6.26
N GLY G 62 -46.97 -31.85 -6.65
CA GLY G 62 -45.99 -32.92 -6.76
C GLY G 62 -45.96 -33.86 -5.56
N THR G 63 -46.16 -33.33 -4.37
CA THR G 63 -46.16 -34.17 -3.20
C THR G 63 -47.40 -35.06 -3.23
N GLN G 64 -48.59 -34.44 -3.20
CA GLN G 64 -49.83 -35.18 -3.19
C GLN G 64 -49.95 -36.20 -4.32
N GLU G 65 -49.53 -35.83 -5.52
CA GLU G 65 -49.61 -36.74 -6.66
C GLU G 65 -48.75 -37.97 -6.41
N PHE G 66 -47.58 -37.76 -5.85
CA PHE G 66 -46.67 -38.87 -5.58
C PHE G 66 -47.37 -39.87 -4.68
N GLU G 67 -47.96 -39.38 -3.60
CA GLU G 67 -48.65 -40.24 -2.66
C GLU G 67 -49.82 -40.95 -3.34
N ARG G 68 -50.49 -40.25 -4.24
CA ARG G 68 -51.63 -40.80 -4.94
C ARG G 68 -51.19 -42.00 -5.78
N LEU G 69 -50.08 -41.88 -6.47
CA LEU G 69 -49.64 -42.97 -7.30
C LEU G 69 -49.17 -44.16 -6.50
N LYS G 70 -49.18 -44.04 -5.19
CA LYS G 70 -48.75 -45.14 -4.34
C LYS G 70 -49.96 -45.96 -3.96
N ARG G 71 -51.12 -45.28 -3.95
CA ARG G 71 -52.41 -45.88 -3.61
C ARG G 71 -52.82 -46.83 -4.71
N LYS G 72 -53.59 -47.84 -4.36
CA LYS G 72 -54.05 -48.82 -5.34
C LYS G 72 -55.35 -48.43 -6.00
N ASN G 73 -55.45 -48.76 -7.27
CA ASN G 73 -56.62 -48.46 -8.09
C ASN G 73 -57.46 -49.74 -8.15
N PRO G 74 -58.63 -49.74 -7.48
CA PRO G 74 -59.50 -50.93 -7.48
C PRO G 74 -59.81 -51.49 -8.86
N ALA G 75 -59.70 -50.66 -9.87
CA ALA G 75 -59.96 -51.05 -11.24
C ALA G 75 -58.92 -52.01 -11.82
N ASP G 76 -58.13 -52.63 -10.96
CA ASP G 76 -57.13 -53.58 -11.46
C ASP G 76 -57.56 -54.96 -10.99
N TYR G 77 -58.40 -54.96 -9.95
CA TYR G 77 -58.85 -56.19 -9.31
C TYR G 77 -60.37 -56.45 -9.39
N GLU G 78 -61.10 -55.67 -10.18
CA GLU G 78 -62.56 -55.88 -10.27
C GLU G 78 -62.94 -57.23 -10.88
N ASN G 79 -62.08 -57.81 -11.70
CA ASN G 79 -62.45 -59.09 -12.29
C ASN G 79 -61.46 -60.19 -11.94
N ASP G 80 -61.16 -60.31 -10.65
CA ASP G 80 -60.21 -61.32 -10.20
C ASP G 80 -60.83 -62.44 -9.37
N GLN G 81 -62.06 -62.82 -9.71
CA GLN G 81 -62.73 -63.90 -8.99
C GLN G 81 -61.82 -65.13 -8.94
CA GLU H 8 -62.24 -58.78 41.11
C GLU H 8 -61.83 -57.31 41.27
N GLU H 9 -61.16 -57.01 42.37
CA GLU H 9 -60.71 -55.64 42.67
C GLU H 9 -59.20 -55.42 42.41
N GLU H 10 -58.50 -56.47 41.97
CA GLU H 10 -57.07 -56.37 41.67
C GLU H 10 -56.56 -57.38 40.62
N GLU H 11 -56.39 -56.89 39.39
CA GLU H 11 -55.89 -57.67 38.24
C GLU H 11 -54.96 -56.73 37.43
N LEU H 12 -54.14 -57.27 36.52
CA LEU H 12 -53.23 -56.42 35.74
C LEU H 12 -53.60 -56.15 34.28
N VAL H 13 -53.94 -54.90 33.99
CA VAL H 13 -54.34 -54.49 32.64
C VAL H 13 -53.43 -53.41 32.04
N ASP H 14 -53.10 -53.57 30.77
CA ASP H 14 -52.25 -52.62 30.08
C ASP H 14 -53.10 -51.49 29.54
N PRO H 15 -52.98 -50.30 30.11
CA PRO H 15 -53.80 -49.19 29.61
C PRO H 15 -53.81 -49.09 28.11
N LEU H 16 -52.84 -49.70 27.47
CA LEU H 16 -52.80 -49.65 26.02
C LEU H 16 -54.05 -50.28 25.40
N THR H 17 -54.22 -51.59 25.61
CA THR H 17 -55.37 -52.30 25.06
C THR H 17 -56.69 -51.61 25.36
N THR H 18 -56.78 -50.96 26.53
CA THR H 18 -58.00 -50.25 26.93
C THR H 18 -58.24 -49.05 26.04
N ILE H 19 -57.23 -48.21 25.88
CA ILE H 19 -57.36 -47.03 25.06
C ILE H 19 -57.43 -47.37 23.59
N ARG H 20 -57.01 -48.57 23.23
CA ARG H 20 -57.07 -49.01 21.86
C ARG H 20 -58.54 -49.32 21.55
N GLU H 21 -59.20 -50.00 22.48
CA GLU H 21 -60.62 -50.33 22.31
C GLU H 21 -61.41 -49.05 22.16
N HIS H 22 -61.22 -48.15 23.13
CA HIS H 22 -61.91 -46.86 23.16
C HIS H 22 -61.76 -46.05 21.86
N CYS H 23 -60.58 -46.09 21.27
CA CYS H 23 -60.34 -45.34 20.03
C CYS H 23 -60.97 -46.02 18.83
N GLU H 24 -61.02 -47.34 18.83
CA GLU H 24 -61.58 -48.04 17.69
C GLU H 24 -63.05 -47.72 17.46
N GLN H 25 -63.70 -47.16 18.46
CA GLN H 25 -65.11 -46.80 18.34
C GLN H 25 -65.24 -45.33 17.97
N THR H 26 -64.24 -44.83 17.25
CA THR H 26 -64.21 -43.45 16.80
C THR H 26 -64.46 -43.37 15.32
N GLU H 27 -65.24 -42.37 14.94
CA GLU H 27 -65.62 -42.15 13.56
C GLU H 27 -64.61 -42.57 12.47
N LYS H 28 -63.44 -41.93 12.39
CA LYS H 28 -62.50 -42.29 11.34
C LYS H 28 -61.88 -43.65 11.47
N CYS H 29 -61.80 -44.17 12.69
CA CYS H 29 -61.24 -45.51 12.87
C CYS H 29 -62.25 -46.48 12.30
N VAL H 30 -63.50 -46.33 12.73
CA VAL H 30 -64.58 -47.18 12.26
C VAL H 30 -64.64 -47.17 10.74
N LYS H 31 -64.72 -45.98 10.17
CA LYS H 31 -64.79 -45.86 8.73
C LYS H 31 -63.66 -46.61 8.03
N ALA H 32 -62.47 -46.56 8.62
CA ALA H 32 -61.30 -47.22 8.04
C ALA H 32 -61.31 -48.69 8.31
N ARG H 33 -61.65 -49.03 9.54
CA ARG H 33 -61.73 -50.41 9.99
C ARG H 33 -62.71 -51.13 9.07
N GLU H 34 -63.77 -50.42 8.70
CA GLU H 34 -64.77 -50.97 7.83
C GLU H 34 -64.18 -51.33 6.47
N ARG H 35 -63.62 -50.34 5.80
CA ARG H 35 -63.02 -50.57 4.48
C ARG H 35 -62.00 -51.70 4.50
N LEU H 36 -61.41 -51.94 5.66
CA LEU H 36 -60.41 -52.99 5.79
C LEU H 36 -61.09 -54.35 5.78
N GLU H 37 -62.14 -54.50 6.58
CA GLU H 37 -62.86 -55.76 6.66
C GLU H 37 -63.30 -56.17 5.26
N LEU H 38 -63.83 -55.22 4.50
CA LEU H 38 -64.29 -55.51 3.16
C LEU H 38 -63.14 -56.05 2.33
N CYS H 39 -62.03 -55.32 2.36
CA CYS H 39 -60.86 -55.73 1.60
C CYS H 39 -60.48 -57.14 1.97
N ASP H 40 -60.24 -57.33 3.26
CA ASP H 40 -59.85 -58.64 3.78
C ASP H 40 -60.80 -59.67 3.22
N ALA H 41 -62.09 -59.45 3.44
CA ALA H 41 -63.11 -60.36 2.97
C ALA H 41 -62.99 -60.72 1.49
N ARG H 42 -62.91 -59.72 0.62
CA ARG H 42 -62.82 -60.05 -0.80
C ARG H 42 -61.46 -60.56 -1.24
N VAL H 43 -60.43 -60.37 -0.44
CA VAL H 43 -59.11 -60.84 -0.84
C VAL H 43 -58.97 -62.28 -0.40
N SER H 44 -59.62 -62.60 0.71
CA SER H 44 -59.56 -63.94 1.26
C SER H 44 -60.45 -64.89 0.49
N SER H 45 -61.53 -64.33 -0.07
CA SER H 45 -62.49 -65.11 -0.83
C SER H 45 -62.02 -65.43 -2.25
N ARG H 46 -60.86 -64.92 -2.63
CA ARG H 46 -60.38 -65.16 -3.99
C ARG H 46 -59.17 -66.07 -4.06
N SER H 47 -58.94 -66.67 -5.23
CA SER H 47 -57.80 -67.56 -5.36
C SER H 47 -56.79 -67.20 -6.43
N HIS H 48 -56.95 -66.04 -7.06
CA HIS H 48 -56.00 -65.63 -8.11
C HIS H 48 -55.79 -64.12 -8.19
N THR H 49 -56.01 -63.41 -7.08
CA THR H 49 -55.85 -61.97 -7.08
C THR H 49 -54.47 -61.53 -6.58
N GLU H 50 -53.93 -60.48 -7.19
CA GLU H 50 -52.63 -59.93 -6.80
C GLU H 50 -52.80 -59.04 -5.56
N GLU H 51 -53.98 -58.46 -5.42
CA GLU H 51 -54.32 -57.55 -4.33
C GLU H 51 -53.92 -57.97 -2.92
N GLN H 52 -53.69 -56.96 -2.07
CA GLN H 52 -53.33 -57.15 -0.66
C GLN H 52 -54.05 -56.04 0.09
N CYS H 53 -54.23 -56.18 1.40
CA CYS H 53 -54.92 -55.15 2.15
C CYS H 53 -54.06 -54.25 3.04
N THR H 54 -52.79 -54.11 2.66
CA THR H 54 -51.87 -53.28 3.43
C THR H 54 -52.44 -51.88 3.56
N GLU H 55 -52.54 -51.20 2.43
CA GLU H 55 -53.06 -49.84 2.40
C GLU H 55 -54.18 -49.59 3.42
N GLU H 56 -55.21 -50.43 3.37
CA GLU H 56 -56.33 -50.26 4.26
C GLU H 56 -55.91 -50.48 5.70
N LEU H 57 -55.08 -51.51 5.92
CA LEU H 57 -54.63 -51.78 7.27
C LEU H 57 -53.93 -50.56 7.84
N PHE H 58 -53.11 -49.93 7.01
CA PHE H 58 -52.39 -48.76 7.42
C PHE H 58 -53.35 -47.62 7.73
N ASP H 59 -54.15 -47.21 6.75
CA ASP H 59 -55.09 -46.13 7.00
C ASP H 59 -55.76 -46.31 8.36
N PHE H 60 -55.99 -47.56 8.74
CA PHE H 60 -56.62 -47.85 10.00
C PHE H 60 -55.69 -47.60 11.15
N LEU H 61 -54.56 -48.33 11.14
CA LEU H 61 -53.53 -48.23 12.19
C LEU H 61 -53.10 -46.79 12.42
N HIS H 62 -53.00 -46.06 11.32
CA HIS H 62 -52.58 -44.68 11.36
C HIS H 62 -53.58 -43.86 12.13
N ALA H 63 -54.85 -44.09 11.84
CA ALA H 63 -55.92 -43.35 12.51
C ALA H 63 -56.08 -43.77 13.97
N ARG H 64 -55.98 -45.07 14.23
CA ARG H 64 -56.14 -45.58 15.58
C ARG H 64 -55.02 -45.06 16.45
N ASP H 65 -53.80 -45.36 16.02
CA ASP H 65 -52.59 -44.99 16.72
C ASP H 65 -52.48 -43.49 16.95
N HIS H 66 -52.83 -42.67 15.97
CA HIS H 66 -52.76 -41.24 16.19
C HIS H 66 -53.61 -40.95 17.43
N CYS H 67 -54.78 -41.58 17.48
CA CYS H 67 -55.66 -41.39 18.60
C CYS H 67 -55.03 -41.86 19.92
N VAL H 68 -54.46 -43.06 19.92
CA VAL H 68 -53.85 -43.58 21.12
C VAL H 68 -52.84 -42.63 21.72
N ALA H 69 -51.89 -42.17 20.89
CA ALA H 69 -50.85 -41.25 21.33
C ALA H 69 -51.42 -40.11 22.17
N HIS H 70 -52.49 -39.50 21.70
CA HIS H 70 -53.10 -38.39 22.42
C HIS H 70 -53.42 -38.69 23.88
N LYS H 71 -53.71 -39.95 24.17
CA LYS H 71 -54.10 -40.33 25.53
C LYS H 71 -53.22 -41.31 26.30
N LEU H 72 -52.71 -42.33 25.61
CA LEU H 72 -51.90 -43.35 26.25
C LEU H 72 -50.92 -42.93 27.34
N PHE H 73 -50.09 -41.93 27.08
CA PHE H 73 -49.12 -41.54 28.11
C PHE H 73 -49.70 -40.95 29.36
N ASN H 74 -50.98 -40.61 29.35
CA ASN H 74 -51.65 -40.04 30.52
C ASN H 74 -51.77 -41.10 31.62
N LYS H 75 -51.88 -42.35 31.19
CA LYS H 75 -52.05 -43.48 32.09
C LYS H 75 -50.78 -44.21 32.45
N LEU H 76 -49.65 -43.81 31.86
CA LEU H 76 -48.37 -44.44 32.16
C LEU H 76 -47.53 -43.65 33.17
N LYS H 77 -46.65 -44.34 33.88
CA LYS H 77 -45.83 -43.69 34.89
C LYS H 77 -44.50 -43.22 34.31
N UNK I 1 2.41 39.98 20.07
CA UNK I 1 1.88 38.78 20.77
C UNK I 1 0.66 39.08 21.65
N UNK I 2 -0.33 39.76 21.09
CA UNK I 2 -1.54 40.11 21.84
C UNK I 2 -2.76 40.14 20.93
N UNK I 3 -2.57 40.56 19.68
CA UNK I 3 -3.65 40.65 18.72
C UNK I 3 -3.12 40.28 17.33
N UNK I 4 -4.00 39.86 16.43
CA UNK I 4 -3.54 39.51 15.09
C UNK I 4 -4.35 38.52 14.28
N UNK I 5 -3.99 37.23 14.35
CA UNK I 5 -4.67 36.21 13.57
C UNK I 5 -4.47 36.52 12.09
N UNK I 6 -3.42 35.99 11.48
CA UNK I 6 -3.15 36.27 10.06
C UNK I 6 -3.86 35.36 9.07
N UNK I 7 -4.00 35.85 7.83
CA UNK I 7 -4.66 35.10 6.78
C UNK I 7 -3.81 34.01 6.13
N UNK I 8 -4.27 33.46 4.99
CA UNK I 8 -3.59 32.40 4.24
C UNK I 8 -3.68 32.54 2.71
N UNK I 9 -2.55 32.36 2.03
CA UNK I 9 -2.52 32.47 0.59
C UNK I 9 -2.00 31.24 -0.13
N UNK I 10 -1.91 31.32 -1.46
CA UNK I 10 -1.43 30.23 -2.29
C UNK I 10 0.07 30.36 -2.62
N UNK I 11 0.50 29.76 -3.72
CA UNK I 11 1.90 29.84 -4.10
C UNK I 11 2.13 29.43 -5.54
N UNK I 12 3.38 29.08 -5.86
CA UNK I 12 3.77 28.67 -7.21
C UNK I 12 3.38 29.76 -8.21
N UNK I 13 2.73 30.80 -7.71
CA UNK I 13 2.29 31.90 -8.55
C UNK I 13 1.21 32.73 -7.88
N UNK I 14 0.34 32.07 -7.12
CA UNK I 14 -0.74 32.77 -6.44
C UNK I 14 -2.13 32.26 -6.79
N UNK I 15 -3.07 32.41 -5.85
CA UNK I 15 -4.43 31.97 -6.07
C UNK I 15 -5.41 33.11 -6.24
CA ARG I 16 -12.68 39.62 1.47
C ARG I 16 -12.69 40.88 0.60
N PRO I 17 -13.64 40.97 -0.36
CA PRO I 17 -13.79 42.11 -1.27
C PRO I 17 -14.59 43.31 -0.72
N LEU I 18 -14.31 44.49 -1.28
CA LEU I 18 -14.98 45.72 -0.87
C LEU I 18 -15.77 46.27 -2.06
N LEU I 19 -17.03 46.66 -1.81
CA LEU I 19 -17.92 47.15 -2.86
C LEU I 19 -18.58 48.52 -2.59
N CYS I 20 -18.66 48.94 -1.32
CA CYS I 20 -19.29 50.23 -0.95
C CYS I 20 -18.32 51.24 -0.31
N ARG I 21 -18.65 52.54 -0.41
CA ARG I 21 -17.83 53.61 0.15
C ARG I 21 -17.62 53.42 1.66
N GLU I 22 -18.58 52.77 2.30
CA GLU I 22 -18.56 52.51 3.74
C GLU I 22 -17.46 51.57 4.25
N SER I 23 -17.21 50.49 3.51
CA SER I 23 -16.18 49.52 3.91
C SER I 23 -14.81 49.80 3.29
N MET I 24 -14.79 50.36 2.09
CA MET I 24 -13.55 50.69 1.40
C MET I 24 -12.84 51.88 2.03
N SER I 25 -13.57 52.69 2.79
CA SER I 25 -13.00 53.89 3.42
C SER I 25 -11.85 53.60 4.40
N GLY I 26 -10.68 54.15 4.04
CA GLY I 26 -9.47 53.97 4.84
C GLY I 26 -8.43 53.16 4.09
N ARG I 27 -8.87 52.43 3.06
CA ARG I 27 -7.99 51.60 2.27
C ARG I 27 -7.06 52.41 1.38
N SER I 28 -7.36 53.69 1.17
CA SER I 28 -6.49 54.54 0.35
C SER I 28 -5.18 54.72 1.09
N ALA I 29 -4.06 54.59 0.39
CA ALA I 29 -2.76 54.74 1.02
C ALA I 29 -2.74 56.07 1.76
N ARG I 30 -2.39 56.03 3.05
CA ARG I 30 -2.34 57.23 3.87
C ARG I 30 -0.96 57.91 3.80
N ARG I 31 0.07 57.15 4.18
CA ARG I 31 1.44 57.63 4.18
C ARG I 31 2.41 56.54 3.67
N ASP I 32 3.61 56.48 4.24
CA ASP I 32 4.63 55.49 3.84
C ASP I 32 4.17 54.04 3.99
N LEU I 33 4.98 53.09 3.52
CA LEU I 33 4.63 51.68 3.67
C LEU I 33 5.51 51.08 4.76
N VAL I 34 4.92 50.35 5.68
CA VAL I 34 5.70 49.75 6.76
C VAL I 34 5.51 48.24 6.76
N ALA I 35 6.55 47.51 7.15
CA ALA I 35 6.49 46.06 7.20
C ALA I 35 6.89 45.61 8.59
N GLY I 36 6.23 44.60 9.10
CA GLY I 36 6.55 44.12 10.42
C GLY I 36 6.49 42.61 10.50
N ILE I 37 7.25 42.05 11.42
CA ILE I 37 7.26 40.63 11.63
C ILE I 37 7.50 40.34 13.07
N SER I 38 6.71 39.43 13.60
CA SER I 38 6.82 39.08 14.99
C SER I 38 7.24 37.62 15.09
N LEU I 39 7.63 37.19 16.29
CA LEU I 39 8.04 35.80 16.50
C LEU I 39 6.82 34.93 16.85
N ASN I 40 5.89 35.48 17.64
CA ASN I 40 4.68 34.75 18.04
C ASN I 40 3.39 35.56 17.84
N ALA I 41 3.25 36.14 16.66
CA ALA I 41 2.08 36.93 16.34
C ALA I 41 2.05 37.19 14.83
N PRO I 42 0.89 37.57 14.31
CA PRO I 42 0.62 37.88 12.90
C PRO I 42 1.45 38.96 12.24
N ALA I 43 2.12 38.61 11.17
CA ALA I 43 2.94 39.55 10.41
C ALA I 43 2.08 40.73 9.98
N SER I 44 2.59 41.95 10.14
CA SER I 44 1.82 43.16 9.79
C SER I 44 2.30 43.97 8.58
N VAL I 45 1.47 44.93 8.21
CA VAL I 45 1.72 45.82 7.08
C VAL I 45 0.69 46.97 7.12
N ARG I 46 1.16 48.21 6.91
CA ARG I 46 0.29 49.40 6.91
C ARG I 46 0.26 50.06 5.53
N ALA J 1 -30.79 10.91 41.73
CA ALA J 1 -30.93 10.47 40.32
C ALA J 1 -29.79 9.52 40.02
N LEU J 2 -30.11 8.24 39.84
CA LEU J 2 -29.09 7.24 39.56
C LEU J 2 -28.41 7.45 38.23
N LEU J 3 -29.19 7.76 37.20
CA LEU J 3 -28.60 7.93 35.89
C LEU J 3 -27.53 8.99 35.98
N ARG J 4 -27.88 10.08 36.63
CA ARG J 4 -26.93 11.16 36.80
C ARG J 4 -25.75 10.63 37.62
N GLN J 5 -26.03 10.03 38.77
CA GLN J 5 -24.98 9.52 39.64
C GLN J 5 -24.13 8.47 38.96
N ALA J 6 -24.82 7.49 38.39
CA ALA J 6 -24.18 6.39 37.66
C ALA J 6 -23.20 6.98 36.68
N TYR J 7 -23.69 7.91 35.86
CA TYR J 7 -22.85 8.56 34.90
C TYR J 7 -21.60 9.11 35.56
N SER J 8 -21.78 9.91 36.59
CA SER J 8 -20.66 10.53 37.31
C SER J 8 -19.63 9.59 37.89
N ALA J 9 -20.08 8.69 38.75
CA ALA J 9 -19.19 7.75 39.40
C ALA J 9 -18.75 6.54 38.59
N LEU J 10 -19.60 6.10 37.66
CA LEU J 10 -19.28 4.89 36.89
C LEU J 10 -18.93 5.03 35.43
N PHE J 11 -19.73 5.77 34.68
CA PHE J 11 -19.51 5.89 33.25
C PHE J 11 -18.61 7.00 32.72
N ARG J 12 -18.36 8.01 33.53
CA ARG J 12 -17.53 9.13 33.05
C ARG J 12 -16.07 8.75 32.82
N ARG J 13 -15.41 8.27 33.85
CA ARG J 13 -14.00 7.88 33.77
C ARG J 13 -13.82 6.48 33.15
N THR J 14 -13.19 6.42 31.97
CA THR J 14 -12.99 5.15 31.28
C THR J 14 -12.48 4.07 32.22
N SER J 15 -11.60 4.45 33.13
CA SER J 15 -11.07 3.49 34.09
C SER J 15 -12.16 2.94 34.99
N THR J 16 -13.10 3.77 35.41
CA THR J 16 -14.18 3.30 36.27
C THR J 16 -15.23 2.58 35.45
N PHE J 17 -15.36 2.95 34.19
CA PHE J 17 -16.33 2.26 33.37
C PHE J 17 -15.90 0.79 33.35
N ALA J 18 -14.62 0.56 33.09
CA ALA J 18 -14.08 -0.79 33.06
C ALA J 18 -14.29 -1.53 34.36
N LEU J 19 -14.00 -0.86 35.46
CA LEU J 19 -14.16 -1.50 36.75
C LEU J 19 -15.61 -1.93 36.94
N THR J 20 -16.53 -1.10 36.46
CA THR J 20 -17.96 -1.42 36.57
C THR J 20 -18.29 -2.64 35.73
N VAL J 21 -17.79 -2.68 34.50
CA VAL J 21 -18.07 -3.81 33.65
C VAL J 21 -17.62 -5.13 34.27
N VAL J 22 -16.47 -5.12 34.94
CA VAL J 22 -15.97 -6.33 35.56
C VAL J 22 -16.80 -6.71 36.78
N LEU J 23 -16.78 -5.89 37.81
CA LEU J 23 -17.55 -6.19 39.00
C LEU J 23 -19.01 -6.44 38.59
N GLY J 24 -19.47 -5.68 37.60
CA GLY J 24 -20.84 -5.84 37.14
C GLY J 24 -21.03 -7.24 36.63
N ALA J 25 -20.05 -7.72 35.86
CA ALA J 25 -20.10 -9.05 35.30
C ALA J 25 -20.11 -10.09 36.42
N VAL J 26 -19.13 -10.00 37.31
CA VAL J 26 -18.99 -10.92 38.44
C VAL J 26 -20.31 -11.12 39.16
N LEU J 27 -21.02 -10.02 39.43
CA LEU J 27 -22.30 -10.11 40.11
C LEU J 27 -23.39 -10.64 39.18
N PHE J 28 -23.36 -10.22 37.91
CA PHE J 28 -24.33 -10.68 36.92
C PHE J 28 -24.25 -12.17 36.72
N GLU J 29 -23.03 -12.69 36.70
CA GLU J 29 -22.88 -14.12 36.51
C GLU J 29 -23.60 -14.83 37.65
N ARG J 30 -23.06 -14.61 38.85
CA ARG J 30 -23.60 -15.19 40.08
C ARG J 30 -25.13 -15.20 40.13
N ALA J 31 -25.75 -14.12 39.69
CA ALA J 31 -27.20 -14.04 39.74
C ALA J 31 -27.91 -14.63 38.54
N PHE J 32 -27.33 -14.49 37.35
CA PHE J 32 -27.97 -15.04 36.16
C PHE J 32 -27.97 -16.55 36.22
N ASP J 33 -26.85 -17.13 36.62
CA ASP J 33 -26.77 -18.58 36.71
C ASP J 33 -27.81 -19.08 37.71
N GLN J 34 -27.66 -18.72 38.99
CA GLN J 34 -28.59 -19.15 40.03
C GLN J 34 -30.03 -19.04 39.58
N GLY J 35 -30.37 -17.92 38.97
CA GLY J 35 -31.73 -17.72 38.49
C GLY J 35 -32.15 -18.73 37.43
N ALA J 36 -31.36 -18.84 36.37
CA ALA J 36 -31.69 -19.77 35.30
C ALA J 36 -31.74 -21.20 35.80
N ASP J 37 -30.75 -21.60 36.58
CA ASP J 37 -30.76 -22.95 37.09
C ASP J 37 -32.06 -23.14 37.83
N ALA J 38 -32.43 -22.13 38.61
CA ALA J 38 -33.67 -22.18 39.38
C ALA J 38 -34.85 -22.42 38.46
N ILE J 39 -34.97 -21.60 37.43
CA ILE J 39 -36.07 -21.71 36.49
C ILE J 39 -36.09 -23.08 35.83
N PHE J 40 -34.93 -23.54 35.37
CA PHE J 40 -34.88 -24.82 34.72
C PHE J 40 -35.38 -25.94 35.62
N GLU J 41 -34.94 -25.94 36.87
CA GLU J 41 -35.36 -26.99 37.77
C GLU J 41 -36.85 -26.96 38.06
N HIS J 42 -37.41 -25.80 38.37
CA HIS J 42 -38.84 -25.76 38.67
C HIS J 42 -39.58 -26.34 37.47
N LEU J 43 -39.17 -25.93 36.29
CA LEU J 43 -39.81 -26.41 35.07
C LEU J 43 -39.75 -27.92 34.92
N ASN J 44 -38.86 -28.56 35.68
CA ASN J 44 -38.69 -30.00 35.60
C ASN J 44 -38.80 -30.72 36.94
N GLU J 45 -39.69 -30.26 37.80
CA GLU J 45 -39.85 -30.88 39.11
C GLU J 45 -39.92 -32.41 39.09
N GLY J 46 -39.26 -33.02 40.06
CA GLY J 46 -39.26 -34.47 40.18
C GLY J 46 -38.66 -35.32 39.08
N LYS J 47 -38.02 -34.72 38.08
CA LYS J 47 -37.44 -35.50 36.98
C LYS J 47 -35.94 -35.66 37.07
N LEU J 48 -35.31 -34.67 37.68
CA LEU J 48 -33.87 -34.63 37.84
C LEU J 48 -33.36 -35.52 38.97
N TRP J 49 -32.16 -36.05 38.80
CA TRP J 49 -31.55 -36.91 39.83
C TRP J 49 -31.55 -36.13 41.14
N LYS J 50 -31.18 -34.86 41.06
CA LYS J 50 -31.18 -34.02 42.23
C LYS J 50 -32.45 -34.26 43.05
N HIS J 51 -33.57 -34.50 42.37
CA HIS J 51 -34.87 -34.71 43.01
C HIS J 51 -35.15 -36.08 43.58
N ILE J 52 -34.82 -37.13 42.83
CA ILE J 52 -35.09 -38.50 43.28
C ILE J 52 -33.94 -39.17 44.02
N LYS J 53 -32.79 -38.52 44.05
CA LYS J 53 -31.59 -39.02 44.70
C LYS J 53 -31.84 -39.63 46.08
N HIS J 54 -32.61 -38.95 46.91
CA HIS J 54 -32.87 -39.40 48.28
C HIS J 54 -33.31 -40.84 48.43
N LYS J 55 -34.09 -41.35 47.48
CA LYS J 55 -34.57 -42.71 47.54
C LYS J 55 -33.48 -43.78 47.65
N TYR J 56 -32.31 -43.51 47.09
CA TYR J 56 -31.25 -44.49 47.13
C TYR J 56 -30.03 -43.96 47.87
N GLU J 57 -30.13 -42.72 48.31
CA GLU J 57 -29.05 -42.04 49.01
C GLU J 57 -29.15 -42.26 50.52
N ALA J 58 -28.81 -43.47 50.95
CA ALA J 58 -28.84 -43.88 52.37
C ALA J 58 -30.23 -44.34 52.82
N SER J 59 -30.97 -44.97 51.91
CA SER J 59 -32.32 -45.47 52.18
C SER J 59 -32.59 -46.85 51.55
N GLU J 60 -31.52 -47.60 51.28
CA GLU J 60 -31.65 -48.93 50.67
C GLU J 60 -30.53 -49.91 51.08
N GLU J 61 -30.90 -51.20 51.15
CA GLU J 61 -30.02 -52.31 51.54
C GLU J 61 -29.35 -52.14 52.90
N THR K 3 0.51 16.13 -61.70
CA THR K 3 0.63 15.01 -60.69
C THR K 3 1.99 14.97 -59.98
N TYR K 4 1.98 14.46 -58.75
CA TYR K 4 3.19 14.35 -57.94
C TYR K 4 4.27 13.67 -58.79
N ALA K 5 3.92 12.51 -59.32
CA ALA K 5 4.79 11.69 -60.15
C ALA K 5 5.58 12.51 -61.17
N GLN K 6 4.86 13.32 -61.95
CA GLN K 6 5.45 14.16 -62.98
C GLN K 6 6.34 15.25 -62.40
N THR K 7 5.81 16.04 -61.47
CA THR K 7 6.60 17.09 -60.86
C THR K 7 7.98 16.58 -60.46
N LEU K 8 8.07 15.28 -60.20
CA LEU K 8 9.35 14.69 -59.82
C LEU K 8 10.24 14.49 -61.03
N GLN K 9 9.69 13.87 -62.07
CA GLN K 9 10.44 13.60 -63.30
C GLN K 9 10.97 14.89 -63.88
N ASN K 10 10.18 15.95 -63.77
CA ASN K 10 10.54 17.26 -64.29
C ASN K 10 11.55 18.05 -63.49
N ILE K 11 12.10 17.45 -62.44
CA ILE K 11 13.09 18.16 -61.66
C ILE K 11 14.39 18.07 -62.43
N PRO K 12 14.96 19.24 -62.80
CA PRO K 12 16.21 19.27 -63.55
C PRO K 12 17.27 18.36 -62.93
N GLU K 13 18.20 17.90 -63.75
CA GLU K 13 19.24 17.00 -63.30
C GLU K 13 20.39 17.69 -62.57
N THR K 14 21.17 16.91 -61.84
CA THR K 14 22.31 17.44 -61.11
C THR K 14 23.56 17.09 -61.89
N ASN K 15 24.23 18.11 -62.43
CA ASN K 15 25.44 17.92 -63.22
C ASN K 15 26.68 17.67 -62.39
N VAL K 16 27.42 16.64 -62.77
CA VAL K 16 28.65 16.29 -62.06
C VAL K 16 29.79 16.04 -63.03
N THR K 17 30.85 16.84 -62.91
CA THR K 17 32.03 16.66 -63.75
C THR K 17 33.23 16.74 -62.83
N THR K 18 34.22 15.90 -63.12
CA THR K 18 35.44 15.83 -62.31
C THR K 18 36.64 16.52 -62.97
N LEU K 19 37.30 17.38 -62.20
CA LEU K 19 38.48 18.07 -62.69
C LEU K 19 39.67 17.12 -62.70
N ASP K 20 40.54 17.33 -63.68
CA ASP K 20 41.72 16.50 -63.83
C ASP K 20 42.48 16.35 -62.51
N ASN K 21 42.23 17.25 -61.56
CA ASN K 21 42.93 17.19 -60.27
C ASN K 21 42.22 16.39 -59.19
N GLY K 22 41.02 15.90 -59.51
CA GLY K 22 40.28 15.08 -58.55
C GLY K 22 39.04 15.68 -57.90
N LEU K 23 38.92 17.00 -57.92
CA LEU K 23 37.78 17.67 -57.31
C LEU K 23 36.54 17.45 -58.18
N ARG K 24 35.38 17.34 -57.54
CA ARG K 24 34.14 17.12 -58.26
C ARG K 24 33.23 18.32 -58.16
N VAL K 25 32.76 18.81 -59.31
CA VAL K 25 31.88 19.97 -59.30
C VAL K 25 30.48 19.54 -59.69
N ALA K 26 29.53 19.86 -58.81
CA ALA K 26 28.12 19.50 -59.03
C ALA K 26 27.17 20.65 -58.73
N SER K 27 26.02 20.62 -59.37
CA SER K 27 25.06 21.68 -59.17
C SER K 27 23.72 21.44 -59.82
N GLU K 28 22.69 22.09 -59.27
CA GLU K 28 21.33 21.99 -59.79
C GLU K 28 20.87 23.39 -60.13
N GLU K 29 20.60 23.59 -61.42
CA GLU K 29 20.17 24.88 -61.91
C GLU K 29 18.66 25.08 -61.90
N SER K 30 18.25 26.19 -61.30
CA SER K 30 16.85 26.56 -61.20
C SER K 30 16.72 27.94 -61.81
N SER K 31 15.51 28.48 -61.86
CA SER K 31 15.32 29.80 -62.41
C SER K 31 15.51 30.85 -61.31
N GLN K 32 16.27 30.52 -60.27
CA GLN K 32 16.45 31.44 -59.16
C GLN K 32 17.63 32.42 -59.25
N PRO K 33 17.36 33.70 -59.04
CA PRO K 33 18.28 34.85 -59.05
C PRO K 33 19.36 34.80 -57.98
N THR K 34 19.05 34.09 -56.92
CA THR K 34 19.98 33.95 -55.82
C THR K 34 20.46 32.50 -55.83
N CYS K 35 21.51 32.20 -55.06
CA CYS K 35 22.02 30.83 -55.05
C CYS K 35 22.89 30.52 -53.84
N THR K 36 23.38 29.29 -53.80
CA THR K 36 24.24 28.82 -52.72
C THR K 36 25.28 27.91 -53.33
N VAL K 37 26.54 28.26 -53.15
CA VAL K 37 27.62 27.42 -53.66
C VAL K 37 28.56 27.22 -52.51
N GLY K 38 29.20 26.06 -52.49
CA GLY K 38 30.13 25.76 -51.42
C GLY K 38 30.88 24.46 -51.63
N VAL K 39 31.90 24.28 -50.82
CA VAL K 39 32.72 23.09 -50.88
C VAL K 39 32.42 22.23 -49.66
N TRP K 40 32.06 20.98 -49.90
CA TRP K 40 31.74 20.02 -48.85
C TRP K 40 32.94 19.08 -48.78
N ILE K 41 33.55 18.99 -47.60
CA ILE K 41 34.75 18.15 -47.42
C ILE K 41 34.61 16.84 -46.62
N GLY K 42 35.36 15.84 -47.04
CA GLY K 42 35.36 14.57 -46.33
C GLY K 42 36.39 14.56 -45.22
N ALA K 43 36.20 15.44 -44.24
CA ALA K 43 37.11 15.54 -43.11
C ALA K 43 36.30 15.77 -41.85
N GLY K 44 36.95 15.69 -40.71
CA GLY K 44 36.25 15.90 -39.46
C GLY K 44 36.95 15.24 -38.29
N SER K 45 36.39 15.42 -37.10
CA SER K 45 36.96 14.86 -35.89
C SER K 45 37.30 13.39 -36.03
N ARG K 46 36.52 12.62 -36.78
CA ARG K 46 36.85 11.22 -36.92
C ARG K 46 38.24 11.08 -37.50
N TYR K 47 38.53 11.90 -38.51
CA TYR K 47 39.83 11.88 -39.15
C TYR K 47 40.93 12.38 -38.23
N GLU K 48 40.58 12.98 -37.10
CA GLU K 48 41.59 13.48 -36.18
C GLU K 48 42.18 12.32 -35.37
N ASN K 49 43.02 12.65 -34.40
CA ASN K 49 43.66 11.64 -33.56
C ASN K 49 43.73 12.20 -32.16
N GLU K 50 44.31 11.44 -31.24
CA GLU K 50 44.41 11.88 -29.85
C GLU K 50 45.09 13.21 -29.63
N LYS K 51 46.08 13.50 -30.48
CA LYS K 51 46.85 14.72 -30.33
C LYS K 51 46.34 15.94 -31.08
N ASN K 52 45.57 15.74 -32.16
CA ASN K 52 45.05 16.88 -32.91
C ASN K 52 43.53 17.02 -32.86
N ASN K 53 42.89 16.20 -32.03
CA ASN K 53 41.45 16.25 -31.87
C ASN K 53 41.01 17.69 -31.58
N GLY K 54 40.22 18.25 -32.46
CA GLY K 54 39.74 19.61 -32.28
C GLY K 54 40.27 20.57 -33.32
N ALA K 55 41.34 20.18 -33.99
CA ALA K 55 41.94 21.01 -35.01
C ALA K 55 40.89 21.42 -36.03
N GLY K 56 40.26 20.43 -36.67
CA GLY K 56 39.24 20.71 -37.67
C GLY K 56 38.23 21.77 -37.25
N TYR K 57 38.06 21.90 -35.94
CA TYR K 57 37.12 22.85 -35.38
C TYR K 57 37.82 24.20 -35.22
N PHE K 58 39.07 24.15 -34.74
CA PHE K 58 39.88 25.35 -34.54
C PHE K 58 40.04 25.99 -35.91
N VAL K 59 40.17 25.13 -36.92
CA VAL K 59 40.30 25.58 -38.29
C VAL K 59 39.02 26.29 -38.69
N GLU K 60 37.89 25.68 -38.35
CA GLU K 60 36.60 26.24 -38.69
C GLU K 60 36.50 27.65 -38.13
N HIS K 61 37.10 27.85 -36.96
CA HIS K 61 37.10 29.15 -36.31
C HIS K 61 37.96 30.20 -37.01
N LEU K 62 38.86 29.77 -37.87
CA LEU K 62 39.77 30.68 -38.56
C LEU K 62 39.50 30.76 -40.05
N ALA K 63 38.77 29.79 -40.60
CA ALA K 63 38.47 29.76 -42.02
C ALA K 63 37.97 31.09 -42.56
N PHE K 64 37.29 31.85 -41.71
CA PHE K 64 36.73 33.14 -42.11
C PHE K 64 37.53 34.36 -41.67
N LYS K 65 38.39 34.20 -40.66
CA LYS K 65 39.19 35.32 -40.17
C LYS K 65 40.25 35.78 -41.18
N GLY K 66 39.97 35.57 -42.46
CA GLY K 66 40.88 36.01 -43.51
C GLY K 66 41.94 35.06 -44.03
N THR K 67 42.34 35.28 -45.28
CA THR K 67 43.36 34.49 -45.96
C THR K 67 44.63 35.34 -46.14
N LYS K 68 45.60 34.80 -46.86
CA LYS K 68 46.86 35.50 -47.12
C LYS K 68 46.68 36.60 -48.16
N LYS K 69 45.99 36.28 -49.26
CA LYS K 69 45.75 37.24 -50.33
C LYS K 69 44.95 38.45 -49.85
N ARG K 70 44.02 38.23 -48.94
CA ARG K 70 43.20 39.34 -48.43
C ARG K 70 42.84 39.11 -46.96
N PRO K 71 43.60 39.73 -46.04
CA PRO K 71 43.42 39.63 -44.59
C PRO K 71 42.01 39.86 -44.06
N CYS K 72 41.84 39.66 -42.75
CA CYS K 72 40.55 39.79 -42.04
C CYS K 72 39.65 40.94 -42.48
N ALA K 73 39.99 42.15 -42.06
CA ALA K 73 39.21 43.33 -42.41
C ALA K 73 38.71 43.27 -43.85
N ALA K 74 39.64 43.19 -44.79
CA ALA K 74 39.31 43.14 -46.22
C ALA K 74 38.36 42.00 -46.61
N PHE K 75 38.73 40.78 -46.24
CA PHE K 75 37.89 39.62 -46.55
C PHE K 75 36.47 39.85 -46.08
N GLU K 76 36.32 40.18 -44.80
CA GLU K 76 35.00 40.43 -44.26
C GLU K 76 34.30 41.51 -45.06
N LYS K 77 34.95 42.67 -45.14
CA LYS K 77 34.38 43.79 -45.86
C LYS K 77 33.98 43.44 -47.27
N GLU K 78 34.79 42.67 -47.97
CA GLU K 78 34.48 42.31 -49.36
C GLU K 78 33.23 41.43 -49.52
N VAL K 79 32.93 40.62 -48.50
CA VAL K 79 31.76 39.75 -48.55
C VAL K 79 30.49 40.46 -48.13
N GLU K 80 30.53 41.07 -46.94
CA GLU K 80 29.38 41.81 -46.44
C GLU K 80 28.87 42.73 -47.55
N SER K 81 29.76 43.55 -48.08
CA SER K 81 29.44 44.52 -49.12
C SER K 81 28.76 43.99 -50.40
N MET K 82 28.71 42.67 -50.57
CA MET K 82 28.06 42.13 -51.75
C MET K 82 26.78 41.40 -51.34
N GLY K 83 26.44 41.52 -50.07
CA GLY K 83 25.24 40.92 -49.52
C GLY K 83 25.25 39.40 -49.41
N ALA K 84 26.42 38.79 -49.51
CA ALA K 84 26.53 37.34 -49.43
C ALA K 84 26.62 36.85 -48.00
N HIS K 85 26.10 35.66 -47.75
CA HIS K 85 26.14 35.08 -46.41
C HIS K 85 27.14 33.95 -46.43
N PHE K 86 28.08 33.99 -45.49
CA PHE K 86 29.09 32.93 -45.41
C PHE K 86 28.93 32.10 -44.15
N ASN K 87 28.61 30.82 -44.36
CA ASN K 87 28.40 29.89 -43.26
C ASN K 87 29.12 28.58 -43.50
N GLY K 88 29.27 27.81 -42.43
CA GLY K 88 29.94 26.52 -42.53
C GLY K 88 29.87 25.71 -41.25
N TYR K 89 30.27 24.45 -41.31
CA TYR K 89 30.23 23.61 -40.13
C TYR K 89 31.19 22.44 -40.21
N THR K 90 31.16 21.60 -39.19
CA THR K 90 32.05 20.46 -39.14
C THR K 90 31.49 19.39 -38.22
N SER K 91 31.36 18.18 -38.74
CA SER K 91 30.83 17.07 -37.95
C SER K 91 31.94 16.05 -37.75
N ARG K 92 31.58 14.80 -37.46
CA ARG K 92 32.60 13.76 -37.24
C ARG K 92 33.22 13.27 -38.54
N GLU K 93 32.42 13.18 -39.59
CA GLU K 93 32.92 12.70 -40.88
C GLU K 93 32.68 13.68 -42.00
N GLN K 94 32.32 14.93 -41.68
CA GLN K 94 32.06 15.88 -42.74
C GLN K 94 32.21 17.34 -42.30
N THR K 95 32.89 18.12 -43.13
CA THR K 95 33.10 19.56 -42.89
C THR K 95 32.60 20.27 -44.15
N ALA K 96 32.18 21.53 -44.03
CA ALA K 96 31.72 22.27 -45.20
C ALA K 96 31.65 23.80 -44.99
N PHE K 97 32.01 24.55 -46.03
CA PHE K 97 31.95 26.01 -46.01
C PHE K 97 31.17 26.37 -47.26
N TYR K 98 30.11 27.15 -47.08
CA TYR K 98 29.28 27.50 -48.21
C TYR K 98 28.82 28.95 -48.15
N ILE K 99 28.44 29.48 -49.31
CA ILE K 99 28.00 30.85 -49.40
C ILE K 99 26.67 31.02 -50.13
N LYS K 100 25.93 32.01 -49.64
CA LYS K 100 24.62 32.37 -50.17
C LYS K 100 24.73 33.78 -50.75
N ALA K 101 24.59 33.87 -52.07
CA ALA K 101 24.66 35.17 -52.74
C ALA K 101 23.91 35.08 -54.05
N LEU K 102 23.81 36.20 -54.75
CA LEU K 102 23.10 36.23 -56.03
C LEU K 102 23.86 35.40 -57.05
N SER K 103 23.13 34.79 -57.98
CA SER K 103 23.76 33.98 -59.00
C SER K 103 24.80 34.81 -59.77
N LYS K 104 24.48 36.08 -59.95
CA LYS K 104 25.35 37.03 -60.65
C LYS K 104 26.80 36.99 -60.12
N ASP K 105 26.98 36.62 -58.86
CA ASP K 105 28.32 36.58 -58.30
C ASP K 105 28.85 35.18 -58.12
N MET K 106 28.19 34.21 -58.73
CA MET K 106 28.60 32.82 -58.63
C MET K 106 30.11 32.63 -58.78
N PRO K 107 30.75 33.33 -59.74
CA PRO K 107 32.20 33.20 -59.91
C PRO K 107 33.06 33.85 -58.84
N LYS K 108 32.76 35.10 -58.48
CA LYS K 108 33.54 35.79 -57.46
C LYS K 108 33.42 35.00 -56.15
N VAL K 109 32.31 34.30 -56.00
CA VAL K 109 32.09 33.49 -54.82
C VAL K 109 33.11 32.34 -54.88
N VAL K 110 33.00 31.53 -55.93
CA VAL K 110 33.89 30.39 -56.13
C VAL K 110 35.33 30.76 -55.80
N GLU K 111 35.75 31.94 -56.24
CA GLU K 111 37.10 32.41 -55.98
C GLU K 111 37.31 32.46 -54.47
N LEU K 112 36.43 33.19 -53.79
CA LEU K 112 36.51 33.33 -52.36
C LEU K 112 36.62 31.98 -51.65
N LEU K 113 35.75 31.06 -52.02
CA LEU K 113 35.76 29.73 -51.42
C LEU K 113 37.16 29.15 -51.49
N ALA K 114 37.60 28.93 -52.74
CA ALA K 114 38.92 28.39 -53.02
C ALA K 114 40.00 29.08 -52.24
N ASP K 115 39.84 30.38 -52.04
CA ASP K 115 40.83 31.14 -51.29
C ASP K 115 40.81 30.78 -49.82
N VAL K 116 39.65 30.34 -49.32
CA VAL K 116 39.49 29.98 -47.91
C VAL K 116 40.05 28.60 -47.56
N VAL K 117 39.67 27.62 -48.37
CA VAL K 117 40.12 26.25 -48.15
C VAL K 117 41.60 26.08 -48.48
N GLN K 118 42.09 26.87 -49.44
CA GLN K 118 43.49 26.77 -49.88
C GLN K 118 44.49 27.70 -49.18
N ASN K 119 44.09 28.93 -48.90
CA ASN K 119 45.00 29.90 -48.29
C ASN K 119 44.62 30.54 -46.95
N CYS K 120 44.08 29.76 -46.02
CA CYS K 120 43.72 30.35 -44.73
C CYS K 120 44.93 31.05 -44.09
N ALA K 121 44.72 32.27 -43.61
CA ALA K 121 45.79 33.05 -42.97
C ALA K 121 46.46 32.27 -41.86
N LEU K 122 45.72 31.97 -40.82
CA LEU K 122 46.24 31.25 -39.67
C LEU K 122 47.21 32.19 -38.96
N GLU K 123 46.83 33.46 -38.95
CA GLU K 123 47.61 34.49 -38.31
C GLU K 123 47.87 34.12 -36.85
N GLU K 124 49.15 33.95 -36.53
CA GLU K 124 49.57 33.58 -35.18
C GLU K 124 48.82 34.32 -34.08
N SER K 125 48.49 35.58 -34.34
CA SER K 125 47.78 36.40 -33.35
C SER K 125 46.29 36.09 -33.23
N GLN K 126 45.69 35.60 -34.32
CA GLN K 126 44.26 35.27 -34.34
C GLN K 126 44.00 34.01 -33.53
N ILE K 127 44.85 33.01 -33.76
CA ILE K 127 44.73 31.75 -33.06
C ILE K 127 44.56 31.94 -31.56
N GLU K 128 45.52 32.59 -30.91
CA GLU K 128 45.44 32.80 -29.46
C GLU K 128 44.16 33.46 -28.98
N LYS K 129 43.40 34.08 -29.89
CA LYS K 129 42.15 34.72 -29.52
C LYS K 129 41.00 33.72 -29.67
N GLU K 130 40.89 33.11 -30.84
CA GLU K 130 39.87 32.11 -31.12
C GLU K 130 39.99 30.95 -30.15
N ARG K 131 41.15 30.84 -29.54
CA ARG K 131 41.42 29.80 -28.56
C ARG K 131 40.59 30.13 -27.32
N GLY K 132 40.57 31.40 -26.94
CA GLY K 132 39.78 31.80 -25.79
C GLY K 132 38.30 31.72 -26.12
N VAL K 133 37.98 31.97 -27.39
CA VAL K 133 36.61 31.92 -27.90
C VAL K 133 36.05 30.52 -27.88
N ILE K 134 36.76 29.59 -28.52
CA ILE K 134 36.35 28.20 -28.53
C ILE K 134 36.18 27.73 -27.10
N LEU K 135 37.15 28.01 -26.26
CA LEU K 135 37.07 27.61 -24.85
C LEU K 135 35.75 28.02 -24.18
N GLN K 136 35.17 29.16 -24.57
CA GLN K 136 33.89 29.57 -23.97
C GLN K 136 32.75 28.85 -24.66
N GLU K 137 32.87 28.63 -25.97
CA GLU K 137 31.83 27.93 -26.68
C GLU K 137 31.65 26.58 -26.01
N LEU K 138 32.75 25.98 -25.55
CA LEU K 138 32.64 24.68 -24.90
C LEU K 138 31.81 24.81 -23.64
N LYS K 139 32.04 25.84 -22.84
CA LYS K 139 31.28 26.01 -21.61
C LYS K 139 29.79 26.22 -21.87
N GLU K 140 29.47 26.93 -22.95
CA GLU K 140 28.07 27.16 -23.28
C GLU K 140 27.41 25.88 -23.75
N MET K 141 28.14 25.10 -24.54
CA MET K 141 27.60 23.85 -25.06
C MET K 141 27.50 22.82 -23.97
N ASP K 142 28.32 22.98 -22.93
CA ASP K 142 28.30 22.02 -21.86
C ASP K 142 26.97 22.07 -21.14
N ASN K 143 26.20 23.13 -21.37
CA ASN K 143 24.92 23.25 -20.71
C ASN K 143 23.77 22.88 -21.61
N ASP K 144 24.07 22.26 -22.75
CA ASP K 144 23.02 21.84 -23.67
C ASP K 144 22.87 20.32 -23.61
N MET K 145 22.26 19.85 -22.52
CA MET K 145 22.05 18.43 -22.27
C MET K 145 21.83 17.58 -23.49
N THR K 146 21.10 18.08 -24.46
CA THR K 146 20.82 17.29 -25.65
C THR K 146 22.10 16.89 -26.40
N ASN K 147 23.04 17.83 -26.54
CA ASN K 147 24.29 17.52 -27.23
C ASN K 147 25.31 16.91 -26.26
N VAL K 148 25.18 17.20 -24.98
CA VAL K 148 26.08 16.59 -24.03
C VAL K 148 25.76 15.12 -24.05
N THR K 149 24.49 14.80 -24.32
CA THR K 149 24.06 13.41 -24.32
C THR K 149 24.49 12.64 -25.53
N PHE K 150 24.25 13.20 -26.71
CA PHE K 150 24.67 12.51 -27.92
C PHE K 150 26.19 12.32 -27.94
N ASP K 151 26.92 13.26 -27.35
CA ASP K 151 28.36 13.10 -27.32
C ASP K 151 28.64 11.85 -26.50
N TYR K 152 28.14 11.81 -25.27
CA TYR K 152 28.32 10.64 -24.43
C TYR K 152 27.84 9.40 -25.15
N LEU K 153 26.72 9.49 -25.87
CA LEU K 153 26.23 8.32 -26.55
C LEU K 153 27.35 7.75 -27.39
N HIS K 154 27.93 8.60 -28.24
CA HIS K 154 29.04 8.19 -29.11
C HIS K 154 30.21 7.71 -28.26
N ALA K 155 30.57 8.56 -27.31
CA ALA K 155 31.66 8.28 -26.42
C ALA K 155 31.70 6.83 -25.97
N THR K 156 30.54 6.22 -25.85
CA THR K 156 30.50 4.85 -25.37
C THR K 156 30.08 3.87 -26.45
N ALA K 157 29.18 4.28 -27.33
CA ALA K 157 28.74 3.39 -28.38
C ALA K 157 29.92 2.97 -29.21
N PHE K 158 30.87 3.89 -29.39
CA PHE K 158 32.08 3.64 -30.17
C PHE K 158 33.32 3.77 -29.29
N GLN K 159 33.12 3.65 -27.98
CA GLN K 159 34.22 3.77 -27.02
C GLN K 159 35.50 3.17 -27.57
N GLY K 160 36.61 3.83 -27.23
CA GLY K 160 37.92 3.37 -27.65
C GLY K 160 38.24 3.55 -29.12
N THR K 161 37.38 4.20 -29.89
CA THR K 161 37.70 4.36 -31.30
C THR K 161 37.68 5.81 -31.74
N ALA K 162 37.91 5.99 -33.04
CA ALA K 162 37.96 7.30 -33.64
C ALA K 162 36.66 8.07 -33.49
N LEU K 163 35.54 7.37 -33.68
CA LEU K 163 34.23 8.00 -33.59
C LEU K 163 33.82 8.42 -32.19
N ALA K 164 34.50 7.90 -31.17
CA ALA K 164 34.13 8.24 -29.80
C ALA K 164 34.60 9.62 -29.38
N ARG K 165 35.09 10.40 -30.35
CA ARG K 165 35.59 11.74 -30.07
C ARG K 165 34.62 12.86 -30.40
N THR K 166 34.60 13.87 -29.55
CA THR K 166 33.75 15.05 -29.74
C THR K 166 34.28 15.88 -30.90
N VAL K 167 33.38 16.49 -31.68
CA VAL K 167 33.79 17.30 -32.82
C VAL K 167 34.55 18.54 -32.37
N GLU K 168 34.19 19.10 -31.22
CA GLU K 168 34.90 20.26 -30.74
C GLU K 168 36.28 19.91 -30.21
N GLY K 169 36.42 18.78 -29.52
CA GLY K 169 37.72 18.37 -29.02
C GLY K 169 37.97 18.54 -27.52
N THR K 170 39.12 18.06 -27.07
CA THR K 170 39.51 18.13 -25.65
C THR K 170 39.80 19.54 -25.22
N THR K 171 39.86 19.76 -23.92
CA THR K 171 40.18 21.07 -23.40
C THR K 171 41.68 21.31 -23.59
N GLU K 172 42.47 20.29 -23.26
CA GLU K 172 43.91 20.39 -23.44
C GLU K 172 44.19 20.69 -24.89
N ASN K 173 43.80 19.76 -25.76
CA ASN K 173 44.00 19.92 -27.19
C ASN K 173 43.79 21.34 -27.70
N ILE K 174 42.77 22.02 -27.20
CA ILE K 174 42.48 23.37 -27.65
C ILE K 174 43.39 24.38 -26.99
N LYS K 175 43.86 24.06 -25.78
CA LYS K 175 44.75 24.95 -25.07
C LYS K 175 46.16 24.94 -25.64
N HIS K 176 46.54 23.85 -26.31
CA HIS K 176 47.89 23.74 -26.84
C HIS K 176 48.08 23.56 -28.34
N LEU K 177 47.01 23.32 -29.09
CA LEU K 177 47.14 23.15 -30.54
C LEU K 177 47.97 24.30 -31.05
N THR K 178 48.67 24.07 -32.16
CA THR K 178 49.58 25.06 -32.72
C THR K 178 49.41 25.44 -34.18
N ARG K 179 49.84 26.66 -34.49
CA ARG K 179 49.78 27.21 -35.83
C ARG K 179 50.14 26.07 -36.78
N ALA K 180 51.09 25.26 -36.34
CA ALA K 180 51.56 24.13 -37.13
C ALA K 180 50.51 23.05 -37.32
N ASP K 181 50.06 22.48 -36.20
CA ASP K 181 49.07 21.42 -36.21
C ASP K 181 47.88 21.80 -37.09
N LEU K 182 47.41 23.04 -36.94
CA LEU K 182 46.28 23.53 -37.72
C LEU K 182 46.64 23.49 -39.20
N ALA K 183 47.80 24.09 -39.50
CA ALA K 183 48.30 24.15 -40.86
C ALA K 183 48.35 22.74 -41.41
N SER K 184 48.98 21.85 -40.65
CA SER K 184 49.09 20.46 -41.04
C SER K 184 47.73 19.85 -41.37
N TYR K 185 46.76 20.00 -40.48
CA TYR K 185 45.41 19.45 -40.68
C TYR K 185 44.86 19.84 -42.06
N ILE K 186 44.92 21.13 -42.36
CA ILE K 186 44.41 21.65 -43.62
C ILE K 186 45.16 21.03 -44.80
N ASP K 187 46.50 21.06 -44.71
CA ASP K 187 47.36 20.54 -45.77
C ASP K 187 47.27 19.03 -45.92
N THR K 188 46.81 18.36 -44.87
CA THR K 188 46.67 16.91 -44.88
C THR K 188 45.29 16.45 -45.33
N HIS K 189 44.26 17.20 -44.94
CA HIS K 189 42.89 16.85 -45.25
C HIS K 189 42.16 17.60 -46.37
N PHE K 190 42.31 18.91 -46.47
CA PHE K 190 41.60 19.66 -47.50
C PHE K 190 42.19 19.45 -48.88
N LYS K 191 41.81 18.34 -49.53
CA LYS K 191 42.34 18.03 -50.85
C LYS K 191 41.31 17.63 -51.90
N ALA K 192 41.45 18.23 -53.07
CA ALA K 192 40.56 18.04 -54.22
C ALA K 192 39.75 16.76 -54.36
N PRO K 193 40.41 15.58 -54.31
CA PRO K 193 39.70 14.31 -54.44
C PRO K 193 38.69 14.03 -53.33
N ARG K 194 38.91 14.66 -52.19
CA ARG K 194 38.05 14.53 -51.03
C ARG K 194 37.13 15.75 -50.89
N MET K 195 37.09 16.61 -51.90
CA MET K 195 36.24 17.81 -51.87
C MET K 195 35.21 17.84 -52.99
N VAL K 196 34.16 18.61 -52.75
CA VAL K 196 33.10 18.79 -53.74
C VAL K 196 32.61 20.22 -53.77
N LEU K 197 32.68 20.82 -54.94
CA LEU K 197 32.22 22.18 -55.14
C LEU K 197 30.81 21.97 -55.65
N ALA K 198 29.84 22.25 -54.78
CA ALA K 198 28.44 22.07 -55.13
C ALA K 198 27.78 23.43 -55.17
N ALA K 199 26.69 23.52 -55.89
CA ALA K 199 25.98 24.78 -55.96
C ALA K 199 24.61 24.59 -56.54
N ALA K 200 23.70 25.50 -56.17
CA ALA K 200 22.35 25.43 -56.66
C ALA K 200 21.74 26.82 -56.73
N GLY K 201 20.92 27.05 -57.73
CA GLY K 201 20.29 28.35 -57.92
C GLY K 201 20.20 28.66 -59.40
N GLY K 202 20.45 29.91 -59.77
CA GLY K 202 20.40 30.30 -61.17
C GLY K 202 21.79 30.30 -61.78
N ILE K 203 22.50 29.18 -61.61
CA ILE K 203 23.86 29.03 -62.09
C ILE K 203 24.02 28.05 -63.24
N SER K 204 24.90 28.40 -64.17
CA SER K 204 25.20 27.57 -65.33
C SER K 204 26.35 26.62 -64.94
N HIS K 205 26.10 25.32 -65.01
CA HIS K 205 27.13 24.34 -64.64
C HIS K 205 28.47 24.77 -65.25
N LYS K 206 28.43 25.09 -66.53
CA LYS K 206 29.61 25.54 -67.27
C LYS K 206 30.28 26.71 -66.57
N GLU K 207 29.61 27.86 -66.56
CA GLU K 207 30.17 29.04 -65.91
C GLU K 207 30.76 28.70 -64.56
N LEU K 208 30.22 27.64 -63.96
CA LEU K 208 30.70 27.19 -62.65
C LEU K 208 31.97 26.37 -62.81
N VAL K 209 31.86 25.29 -63.57
CA VAL K 209 32.99 24.41 -63.78
C VAL K 209 34.18 25.21 -64.35
N ASP K 210 33.90 26.19 -65.22
CA ASP K 210 34.97 27.02 -65.79
C ASP K 210 35.67 27.77 -64.67
N ALA K 211 34.89 28.49 -63.87
CA ALA K 211 35.41 29.26 -62.76
C ALA K 211 36.09 28.33 -61.76
N ALA K 212 35.75 27.04 -61.87
CA ALA K 212 36.33 26.04 -60.99
C ALA K 212 37.77 25.76 -61.38
N ARG K 213 37.96 25.36 -62.64
CA ARG K 213 39.28 25.06 -63.18
C ARG K 213 40.23 26.21 -62.97
N GLN K 214 39.68 27.42 -62.92
CA GLN K 214 40.46 28.62 -62.75
C GLN K 214 41.06 28.81 -61.36
N HIS K 215 40.29 28.55 -60.30
CA HIS K 215 40.82 28.75 -58.96
C HIS K 215 41.19 27.47 -58.21
N PHE K 216 40.77 26.35 -58.77
CA PHE K 216 41.05 25.02 -58.22
C PHE K 216 41.91 24.30 -59.28
N SER K 217 43.06 24.88 -59.61
CA SER K 217 43.97 24.34 -60.63
C SER K 217 45.00 23.33 -60.12
N GLY K 218 45.45 23.51 -58.88
CA GLY K 218 46.44 22.62 -58.29
C GLY K 218 46.35 21.16 -58.73
N VAL K 219 47.37 20.70 -59.43
CA VAL K 219 47.39 19.32 -59.93
C VAL K 219 48.23 18.37 -59.07
N SER K 220 47.88 17.09 -59.15
CA SER K 220 48.57 16.04 -58.41
C SER K 220 49.47 15.23 -59.36
N PHE K 221 50.63 14.82 -58.84
CA PHE K 221 51.62 14.06 -59.61
C PHE K 221 51.58 12.56 -59.39
N THR K 222 51.74 12.14 -58.14
CA THR K 222 51.75 10.73 -57.78
C THR K 222 50.36 10.12 -57.74
N TYR K 223 50.29 8.78 -57.69
CA TYR K 223 49.01 8.08 -57.63
C TYR K 223 48.38 8.22 -56.26
N LYS K 224 49.20 8.40 -55.24
CA LYS K 224 48.71 8.54 -53.88
C LYS K 224 47.79 9.75 -53.76
N GLU K 225 48.20 10.85 -54.38
CA GLU K 225 47.44 12.09 -54.32
C GLU K 225 46.03 11.98 -54.92
N ASP K 226 45.80 10.97 -55.75
CA ASP K 226 44.49 10.74 -56.37
C ASP K 226 43.64 9.76 -55.59
N ALA K 227 44.22 9.15 -54.55
CA ALA K 227 43.51 8.15 -53.78
C ALA K 227 42.99 8.62 -52.43
N VAL K 228 41.69 8.39 -52.21
CA VAL K 228 41.03 8.76 -50.98
C VAL K 228 41.29 7.64 -49.95
N PRO K 229 41.93 7.99 -48.83
CA PRO K 229 42.27 7.04 -47.76
C PRO K 229 41.07 6.47 -46.99
N ILE K 230 41.02 5.15 -46.90
CA ILE K 230 39.95 4.47 -46.18
C ILE K 230 40.31 4.44 -44.70
N LEU K 231 39.34 4.76 -43.86
CA LEU K 231 39.55 4.83 -42.42
C LEU K 231 39.43 3.51 -41.69
N PRO K 232 40.23 3.32 -40.63
CA PRO K 232 40.16 2.07 -39.87
C PRO K 232 38.78 2.12 -39.23
N ARG K 233 38.01 1.04 -39.30
CA ARG K 233 36.68 1.15 -38.76
C ARG K 233 36.52 1.14 -37.25
N CYS K 234 35.34 1.60 -36.83
CA CYS K 234 35.02 1.75 -35.42
C CYS K 234 34.14 0.62 -34.89
N ARG K 235 34.54 0.11 -33.74
CA ARG K 235 33.84 -0.98 -33.09
C ARG K 235 32.77 -0.53 -32.14
N PHE K 236 31.56 -1.05 -32.36
CA PHE K 236 30.40 -0.75 -31.53
C PHE K 236 30.46 -1.55 -30.24
N THR K 237 29.87 -1.03 -29.17
CA THR K 237 29.89 -1.76 -27.91
C THR K 237 28.63 -1.55 -27.08
N GLY K 238 27.89 -2.63 -26.85
CA GLY K 238 26.70 -2.51 -26.02
C GLY K 238 27.17 -2.08 -24.64
N SER K 239 26.88 -0.86 -24.25
CA SER K 239 27.31 -0.39 -22.95
C SER K 239 26.55 0.85 -22.55
N GLU K 240 26.81 1.30 -21.33
CA GLU K 240 26.13 2.47 -20.84
C GLU K 240 27.08 3.41 -20.11
N ILE K 241 26.71 4.68 -20.11
CA ILE K 241 27.44 5.72 -19.40
C ILE K 241 26.36 6.56 -18.75
N ARG K 242 26.51 6.75 -17.45
CA ARG K 242 25.53 7.49 -16.67
C ARG K 242 26.14 8.66 -15.95
N ALA K 243 25.82 9.85 -16.44
CA ALA K 243 26.31 11.07 -15.85
C ALA K 243 25.19 11.55 -14.98
N ARG K 244 25.28 11.28 -13.70
CA ARG K 244 24.21 11.71 -12.82
C ARG K 244 24.45 13.04 -12.15
N ASP K 245 23.36 13.77 -11.95
CA ASP K 245 23.37 15.08 -11.31
C ASP K 245 21.92 15.43 -10.99
N ASP K 246 21.49 15.04 -9.78
CA ASP K 246 20.14 15.33 -9.36
C ASP K 246 19.86 16.82 -9.31
N ALA K 247 20.88 17.63 -9.54
CA ALA K 247 20.69 19.07 -9.51
C ALA K 247 20.07 19.56 -10.79
N LEU K 248 20.11 18.76 -11.84
CA LEU K 248 19.50 19.18 -13.10
C LEU K 248 18.01 18.92 -12.99
N PRO K 249 17.19 19.83 -13.54
CA PRO K 249 15.72 19.78 -13.54
C PRO K 249 15.08 18.60 -14.28
N VAL K 250 15.70 18.18 -15.39
CA VAL K 250 15.16 17.05 -16.15
C VAL K 250 16.26 16.06 -16.47
N ALA K 251 15.88 14.89 -16.97
CA ALA K 251 16.86 13.88 -17.31
C ALA K 251 16.86 13.66 -18.81
N HIS K 252 18.02 13.29 -19.35
CA HIS K 252 18.17 13.02 -20.77
C HIS K 252 18.62 11.58 -21.01
N VAL K 253 17.93 10.87 -21.89
CA VAL K 253 18.28 9.48 -22.16
C VAL K 253 18.36 9.22 -23.67
N ALA K 254 19.40 8.49 -24.08
CA ALA K 254 19.59 8.15 -25.48
C ALA K 254 19.96 6.68 -25.53
N LEU K 255 19.34 5.95 -26.45
CA LEU K 255 19.58 4.52 -26.56
C LEU K 255 19.74 4.18 -28.02
N ALA K 256 20.70 3.31 -28.34
CA ALA K 256 20.87 2.94 -29.73
C ALA K 256 21.65 1.67 -29.99
N VAL K 257 21.37 1.12 -31.16
CA VAL K 257 22.02 -0.08 -31.64
C VAL K 257 22.90 0.40 -32.80
N GLU K 258 23.81 -0.43 -33.29
CA GLU K 258 24.66 0.02 -34.38
C GLU K 258 23.91 0.14 -35.71
N GLY K 259 24.22 1.21 -36.45
CA GLY K 259 23.60 1.48 -37.74
C GLY K 259 24.36 0.85 -38.89
N PRO K 260 23.74 0.75 -40.07
CA PRO K 260 24.37 0.15 -41.25
C PRO K 260 25.39 0.97 -42.05
N GLY K 261 25.24 2.30 -42.07
CA GLY K 261 26.18 3.09 -42.85
C GLY K 261 25.61 3.52 -44.19
N TRP K 262 25.85 4.78 -44.52
CA TRP K 262 25.36 5.41 -45.74
C TRP K 262 24.97 4.54 -46.92
N ALA K 263 25.92 3.80 -47.44
CA ALA K 263 25.67 2.96 -48.62
C ALA K 263 24.52 1.96 -48.54
N ASP K 264 24.33 1.33 -47.39
CA ASP K 264 23.27 0.31 -47.26
C ASP K 264 21.85 0.77 -47.56
N PRO K 265 21.14 0.01 -48.40
CA PRO K 265 19.76 0.32 -48.78
C PRO K 265 18.80 0.27 -47.61
N ASP K 266 19.04 -0.66 -46.69
CA ASP K 266 18.18 -0.78 -45.53
C ASP K 266 17.91 0.58 -44.87
N ASN K 267 18.88 1.48 -44.93
CA ASN K 267 18.70 2.79 -44.34
C ASN K 267 17.36 3.41 -44.73
N VAL K 268 16.89 3.10 -45.93
CA VAL K 268 15.61 3.66 -46.35
C VAL K 268 14.54 3.09 -45.43
N VAL K 269 14.46 1.76 -45.34
CA VAL K 269 13.47 1.11 -44.48
C VAL K 269 13.67 1.61 -43.05
N LEU K 270 14.91 1.63 -42.57
CA LEU K 270 15.15 2.11 -41.22
C LEU K 270 14.50 3.46 -41.01
N HIS K 271 14.63 4.35 -41.99
CA HIS K 271 14.01 5.66 -41.87
C HIS K 271 12.49 5.53 -41.84
N VAL K 272 11.95 4.71 -42.74
CA VAL K 272 10.53 4.47 -42.81
C VAL K 272 10.08 4.01 -41.43
N ALA K 273 10.94 3.26 -40.74
CA ALA K 273 10.62 2.77 -39.42
C ALA K 273 10.50 3.93 -38.43
N ASN K 274 11.57 4.70 -38.26
CA ASN K 274 11.52 5.83 -37.36
C ASN K 274 10.37 6.77 -37.67
N ALA K 275 9.87 6.70 -38.91
CA ALA K 275 8.76 7.55 -39.35
C ALA K 275 7.51 7.14 -38.61
N ILE K 276 7.45 5.87 -38.25
CA ILE K 276 6.32 5.32 -37.51
C ILE K 276 6.40 5.80 -36.06
N ILE K 277 7.51 5.54 -35.39
CA ILE K 277 7.65 6.00 -34.01
C ILE K 277 7.67 7.50 -33.95
N GLY K 278 8.27 8.13 -34.95
CA GLY K 278 8.30 9.57 -35.02
C GLY K 278 8.86 10.38 -33.86
N ARG K 279 8.18 11.46 -33.51
CA ARG K 279 8.64 12.31 -32.43
C ARG K 279 7.55 13.14 -31.75
N TYR K 280 7.85 13.64 -30.57
CA TYR K 280 6.89 14.41 -29.79
C TYR K 280 7.58 15.51 -29.03
N ASP K 281 6.79 16.47 -28.59
CA ASP K 281 7.27 17.60 -27.83
C ASP K 281 6.04 18.39 -27.34
N ARG K 282 5.92 18.52 -26.02
CA ARG K 282 4.81 19.21 -25.36
C ARG K 282 4.10 20.35 -26.11
N THR K 283 4.61 20.79 -27.25
CA THR K 283 3.94 21.86 -27.95
C THR K 283 3.24 21.37 -29.20
N PHE K 284 3.16 20.06 -29.35
CA PHE K 284 2.46 19.49 -30.49
C PHE K 284 1.01 19.58 -30.08
N GLY K 285 0.20 20.20 -30.93
CA GLY K 285 -1.21 20.36 -30.62
C GLY K 285 -2.01 19.09 -30.81
N GLY K 286 -1.53 18.18 -31.65
CA GLY K 286 -2.22 16.94 -31.89
C GLY K 286 -2.52 16.24 -30.57
N GLY K 287 -1.60 16.37 -29.61
CA GLY K 287 -1.81 15.76 -28.33
C GLY K 287 -2.24 14.31 -28.42
N LYS K 288 -3.18 13.93 -27.57
CA LYS K 288 -3.68 12.57 -27.50
C LYS K 288 -4.17 11.90 -28.80
N HIS K 289 -4.31 12.68 -29.87
CA HIS K 289 -4.77 12.09 -31.10
C HIS K 289 -3.67 11.83 -32.08
N LEU K 290 -2.49 12.30 -31.74
CA LEU K 290 -1.34 12.08 -32.58
C LEU K 290 -1.40 10.62 -32.99
N SER K 291 -0.88 10.33 -34.17
CA SER K 291 -0.90 8.97 -34.68
C SER K 291 0.19 8.10 -34.04
N SER K 292 1.29 8.72 -33.62
CA SER K 292 2.39 7.99 -33.03
C SER K 292 2.07 7.42 -31.67
N ARG K 293 1.96 6.09 -31.61
CA ARG K 293 1.65 5.42 -30.35
C ARG K 293 2.48 5.91 -29.17
N LEU K 294 3.79 6.06 -29.36
CA LEU K 294 4.62 6.53 -28.27
C LEU K 294 4.22 7.94 -27.87
N ALA K 295 4.00 8.80 -28.86
CA ALA K 295 3.61 10.17 -28.56
C ALA K 295 2.35 10.19 -27.69
N ALA K 296 1.36 9.38 -28.08
CA ALA K 296 0.09 9.27 -27.36
C ALA K 296 0.35 8.94 -25.90
N LEU K 297 0.91 7.75 -25.66
CA LEU K 297 1.23 7.35 -24.30
C LEU K 297 1.93 8.50 -23.59
N ALA K 298 2.89 9.10 -24.29
CA ALA K 298 3.63 10.24 -23.73
C ALA K 298 2.65 11.27 -23.21
N VAL K 299 1.61 11.51 -23.99
CA VAL K 299 0.58 12.48 -23.63
C VAL K 299 -0.41 11.95 -22.62
N GLU K 300 -1.01 10.79 -22.90
CA GLU K 300 -1.96 10.20 -21.98
C GLU K 300 -1.32 10.09 -20.59
N HIS K 301 -0.07 9.61 -20.53
CA HIS K 301 0.60 9.45 -19.24
C HIS K 301 1.65 10.44 -18.80
N LYS K 302 1.74 11.58 -19.50
CA LYS K 302 2.73 12.61 -19.15
C LYS K 302 4.12 11.97 -19.01
N LEU K 303 4.49 11.14 -19.98
CA LEU K 303 5.76 10.44 -19.95
C LEU K 303 7.03 11.26 -20.20
N CYS K 304 6.92 12.38 -20.89
CA CYS K 304 8.12 13.14 -21.19
C CYS K 304 7.84 14.50 -21.79
N HIS K 305 8.90 15.31 -21.89
CA HIS K 305 8.81 16.65 -22.44
C HIS K 305 9.02 16.64 -23.96
N SER K 306 9.71 15.60 -24.44
CA SER K 306 10.01 15.45 -25.86
C SER K 306 10.76 14.17 -26.08
N PHE K 307 10.83 13.77 -27.33
CA PHE K 307 11.57 12.57 -27.67
C PHE K 307 11.73 12.55 -29.17
N GLN K 308 12.82 11.96 -29.62
CA GLN K 308 13.08 11.89 -31.04
C GLN K 308 13.74 10.58 -31.44
N THR K 309 13.42 10.12 -32.65
CA THR K 309 14.02 8.91 -33.17
C THR K 309 15.03 9.43 -34.18
N PHE K 310 16.11 8.68 -34.36
CA PHE K 310 17.14 9.12 -35.28
C PHE K 310 17.88 7.97 -35.96
N ASN K 311 18.42 8.24 -37.14
CA ASN K 311 19.20 7.25 -37.86
C ASN K 311 20.48 7.94 -38.37
N THR K 312 21.35 8.27 -37.43
CA THR K 312 22.60 8.93 -37.73
C THR K 312 23.53 7.97 -38.44
N SER K 313 23.76 8.23 -39.73
CA SER K 313 24.62 7.35 -40.53
C SER K 313 26.04 7.86 -40.68
N TYR K 314 26.94 6.93 -40.98
CA TYR K 314 28.34 7.24 -41.20
C TYR K 314 28.79 6.40 -42.39
N SER K 315 30.03 6.60 -42.82
CA SER K 315 30.56 5.88 -43.96
C SER K 315 30.44 4.36 -43.85
N ASP K 316 30.94 3.83 -42.74
CA ASP K 316 30.95 2.37 -42.49
C ASP K 316 30.09 1.89 -41.32
N THR K 317 29.41 2.81 -40.62
CA THR K 317 28.59 2.44 -39.47
C THR K 317 27.42 3.41 -39.23
N GLY K 318 26.96 3.50 -38.00
CA GLY K 318 25.86 4.39 -37.70
C GLY K 318 25.25 4.22 -36.32
N LEU K 319 24.25 5.02 -36.02
CA LEU K 319 23.57 4.92 -34.75
C LEU K 319 22.07 5.05 -34.99
N PHE K 320 21.34 4.01 -34.63
CA PHE K 320 19.89 3.98 -34.79
C PHE K 320 19.30 3.84 -33.42
N GLY K 321 18.68 4.91 -32.93
CA GLY K 321 18.09 4.86 -31.61
C GLY K 321 17.11 5.98 -31.32
N PHE K 322 17.03 6.39 -30.06
CA PHE K 322 16.13 7.46 -29.71
C PHE K 322 16.62 8.18 -28.47
N HIS K 323 16.08 9.38 -28.28
CA HIS K 323 16.46 10.26 -27.19
C HIS K 323 15.20 10.92 -26.63
N PHE K 324 15.18 11.09 -25.31
CA PHE K 324 14.04 11.74 -24.68
C PHE K 324 14.45 12.47 -23.41
N VAL K 325 13.65 13.48 -23.10
CA VAL K 325 13.87 14.31 -21.93
C VAL K 325 12.65 14.08 -21.05
N ALA K 326 12.89 13.76 -19.79
CA ALA K 326 11.78 13.51 -18.89
C ALA K 326 12.07 14.00 -17.48
N ASP K 327 11.06 13.95 -16.63
CA ASP K 327 11.26 14.35 -15.26
C ASP K 327 11.77 13.14 -14.52
N PRO K 328 12.53 13.36 -13.45
CA PRO K 328 13.11 12.29 -12.64
C PRO K 328 12.20 11.11 -12.34
N LEU K 329 10.91 11.38 -12.14
CA LEU K 329 9.99 10.30 -11.80
C LEU K 329 9.19 9.66 -12.94
N SER K 330 9.41 10.06 -14.18
CA SER K 330 8.69 9.41 -15.26
C SER K 330 9.66 8.80 -16.27
N ILE K 331 10.92 8.67 -15.88
CA ILE K 331 11.91 8.11 -16.77
C ILE K 331 11.60 6.69 -17.13
N ASP K 332 11.31 5.88 -16.11
CA ASP K 332 11.06 4.45 -16.33
C ASP K 332 9.90 4.12 -17.24
N ASP K 333 8.72 4.63 -16.93
CA ASP K 333 7.57 4.36 -17.78
C ASP K 333 7.90 4.74 -19.21
N MET K 334 8.49 5.92 -19.38
CA MET K 334 8.86 6.42 -20.69
C MET K 334 9.71 5.39 -21.41
N MET K 335 10.84 5.05 -20.79
CA MET K 335 11.75 4.09 -21.38
C MET K 335 11.01 2.82 -21.68
N PHE K 336 10.29 2.31 -20.68
CA PHE K 336 9.52 1.09 -20.83
C PHE K 336 8.65 1.11 -22.09
N CYS K 337 7.86 2.16 -22.24
CA CYS K 337 6.99 2.29 -23.40
C CYS K 337 7.78 2.36 -24.70
N ALA K 338 8.86 3.13 -24.66
CA ALA K 338 9.73 3.30 -25.82
C ALA K 338 10.20 1.96 -26.33
N GLN K 339 10.94 1.24 -25.49
CA GLN K 339 11.42 -0.07 -25.90
C GLN K 339 10.25 -0.90 -26.42
N GLY K 340 9.06 -0.63 -25.89
CA GLY K 340 7.90 -1.37 -26.34
C GLY K 340 7.69 -1.20 -27.83
N GLU K 341 7.70 0.04 -28.27
CA GLU K 341 7.49 0.33 -29.68
C GLU K 341 8.53 -0.28 -30.60
N TRP K 342 9.78 -0.29 -30.16
CA TRP K 342 10.82 -0.88 -30.97
C TRP K 342 10.43 -2.32 -31.17
N MET K 343 10.03 -2.97 -30.08
CA MET K 343 9.61 -4.37 -30.19
C MET K 343 8.41 -4.48 -31.12
N ARG K 344 7.50 -3.51 -31.04
CA ARG K 344 6.33 -3.57 -31.89
C ARG K 344 6.76 -3.52 -33.35
N LEU K 345 7.80 -2.74 -33.66
CA LEU K 345 8.32 -2.61 -35.03
C LEU K 345 8.76 -3.96 -35.56
N CYS K 346 9.54 -4.66 -34.76
CA CYS K 346 10.06 -5.96 -35.13
C CYS K 346 9.03 -7.05 -35.25
N THR K 347 8.04 -7.04 -34.37
CA THR K 347 7.07 -8.11 -34.38
C THR K 347 5.66 -7.91 -34.92
N SER K 348 5.16 -6.69 -34.92
CA SER K 348 3.79 -6.51 -35.38
C SER K 348 3.43 -5.23 -36.10
N THR K 349 4.28 -4.79 -37.03
CA THR K 349 3.98 -3.58 -37.77
C THR K 349 2.80 -3.82 -38.70
N THR K 350 2.06 -2.76 -39.00
CA THR K 350 0.89 -2.85 -39.86
C THR K 350 1.10 -2.15 -41.18
N GLU K 351 0.35 -2.56 -42.21
CA GLU K 351 0.46 -1.91 -43.49
C GLU K 351 0.01 -0.46 -43.30
N SER K 352 -1.03 -0.27 -42.50
CA SER K 352 -1.55 1.06 -42.24
C SER K 352 -0.45 1.95 -41.69
N GLU K 353 0.33 1.42 -40.74
CA GLU K 353 1.41 2.18 -40.12
C GLU K 353 2.41 2.60 -41.16
N VAL K 354 2.98 1.64 -41.89
CA VAL K 354 3.99 1.98 -42.89
C VAL K 354 3.48 2.92 -43.97
N LYS K 355 2.28 2.68 -44.49
CA LYS K 355 1.73 3.54 -45.55
C LYS K 355 1.87 5.01 -45.13
N ARG K 356 1.51 5.30 -43.88
CA ARG K 356 1.60 6.66 -43.37
C ARG K 356 3.06 7.05 -43.25
N ALA K 357 3.81 6.27 -42.46
CA ALA K 357 5.22 6.53 -42.25
C ALA K 357 5.87 6.95 -43.56
N LYS K 358 5.50 6.27 -44.64
CA LYS K 358 6.04 6.58 -45.96
C LYS K 358 5.72 8.02 -46.36
N ASN K 359 4.43 8.36 -46.38
CA ASN K 359 4.04 9.71 -46.76
C ASN K 359 4.75 10.70 -45.88
N HIS K 360 4.87 10.42 -44.60
CA HIS K 360 5.57 11.35 -43.74
C HIS K 360 7.00 11.46 -44.19
N LEU K 361 7.59 10.33 -44.58
CA LEU K 361 8.97 10.33 -45.03
C LEU K 361 9.12 11.08 -46.35
N ARG K 362 8.24 10.82 -47.31
CA ARG K 362 8.30 11.49 -48.60
C ARG K 362 8.30 13.00 -48.38
N SER K 363 7.32 13.47 -47.63
CA SER K 363 7.22 14.89 -47.33
C SER K 363 8.52 15.37 -46.68
N ALA K 364 9.16 14.47 -45.95
CA ALA K 364 10.41 14.81 -45.29
C ALA K 364 11.54 15.07 -46.27
N MET K 365 11.77 14.11 -47.16
CA MET K 365 12.85 14.26 -48.14
C MET K 365 12.67 15.51 -48.97
N VAL K 366 11.43 15.76 -49.40
CA VAL K 366 11.12 16.93 -50.21
C VAL K 366 11.44 18.22 -49.44
N ALA K 367 11.09 18.26 -48.17
CA ALA K 367 11.36 19.47 -47.38
C ALA K 367 12.87 19.66 -47.13
N GLN K 368 13.63 18.59 -47.28
CA GLN K 368 15.08 18.66 -47.06
C GLN K 368 15.71 19.48 -48.18
N LEU K 369 14.92 19.78 -49.20
CA LEU K 369 15.38 20.54 -50.35
C LEU K 369 14.49 21.75 -50.48
N ASP K 370 14.41 22.52 -49.41
CA ASP K 370 13.56 23.71 -49.42
C ASP K 370 14.41 24.96 -49.41
N GLY K 371 14.88 25.32 -50.60
CA GLY K 371 15.73 26.48 -50.76
C GLY K 371 16.97 26.08 -51.53
N THR K 372 17.95 26.95 -51.57
CA THR K 372 19.18 26.62 -52.28
C THR K 372 20.22 26.03 -51.34
N THR K 373 20.40 26.63 -50.15
CA THR K 373 21.37 26.08 -49.23
C THR K 373 21.07 24.59 -48.97
N PRO K 374 19.82 24.26 -48.63
CA PRO K 374 19.51 22.86 -48.38
C PRO K 374 19.77 21.94 -49.57
N VAL K 375 19.49 22.41 -50.79
CA VAL K 375 19.74 21.57 -51.95
C VAL K 375 21.24 21.33 -52.08
N CYS K 376 21.99 22.42 -52.04
CA CYS K 376 23.44 22.39 -52.15
C CYS K 376 24.01 21.44 -51.11
N GLU K 377 23.43 21.46 -49.92
CA GLU K 377 23.86 20.61 -48.82
C GLU K 377 23.59 19.15 -49.12
N THR K 378 22.58 18.91 -49.94
CA THR K 378 22.21 17.55 -50.30
C THR K 378 23.13 17.00 -51.39
N ILE K 379 23.50 17.89 -52.31
CA ILE K 379 24.39 17.52 -53.41
C ILE K 379 25.78 17.30 -52.84
N GLY K 380 26.23 18.26 -52.03
CA GLY K 380 27.53 18.20 -51.40
C GLY K 380 27.67 16.92 -50.63
N SER K 381 26.55 16.41 -50.12
CA SER K 381 26.59 15.19 -49.32
C SER K 381 26.40 13.91 -50.13
N HIS K 382 25.39 13.85 -51.00
CA HIS K 382 25.22 12.63 -51.77
C HIS K 382 26.48 12.15 -52.46
N LEU K 383 27.23 13.10 -53.05
CA LEU K 383 28.47 12.75 -53.74
C LEU K 383 29.48 12.23 -52.74
N LEU K 384 29.71 13.04 -51.71
CA LEU K 384 30.65 12.69 -50.68
C LEU K 384 30.37 11.33 -50.02
N ASN K 385 29.09 10.95 -49.91
CA ASN K 385 28.70 9.68 -49.27
C ASN K 385 28.25 8.55 -50.19
N TYR K 386 27.34 8.86 -51.13
CA TYR K 386 26.84 7.85 -52.05
C TYR K 386 27.67 7.82 -53.35
N GLY K 387 28.47 8.86 -53.55
CA GLY K 387 29.29 8.94 -54.73
C GLY K 387 28.54 9.47 -55.94
N ARG K 388 27.30 9.90 -55.72
CA ARG K 388 26.48 10.42 -56.81
C ARG K 388 25.27 11.12 -56.23
N ARG K 389 24.28 11.40 -57.07
CA ARG K 389 23.08 12.06 -56.61
C ARG K 389 21.88 11.17 -56.71
N ILE K 390 21.12 11.13 -55.61
CA ILE K 390 19.91 10.34 -55.59
C ILE K 390 18.80 11.38 -55.62
N SER K 391 18.06 11.37 -56.71
CA SER K 391 16.96 12.29 -56.97
C SER K 391 15.69 11.87 -56.25
N LEU K 392 14.85 12.86 -55.92
CA LEU K 392 13.61 12.57 -55.25
C LEU K 392 12.89 11.48 -56.05
N GLU K 393 12.98 11.55 -57.37
CA GLU K 393 12.35 10.54 -58.19
C GLU K 393 12.79 9.14 -57.75
N GLU K 394 14.06 9.00 -57.41
CA GLU K 394 14.57 7.69 -56.99
C GLU K 394 14.13 7.39 -55.57
N TRP K 395 14.55 8.24 -54.63
CA TRP K 395 14.20 8.08 -53.22
C TRP K 395 12.78 7.57 -53.12
N ASP K 396 11.86 8.29 -53.77
CA ASP K 396 10.46 7.91 -53.76
C ASP K 396 10.22 6.44 -54.14
N SER K 397 10.82 6.00 -55.22
CA SER K 397 10.65 4.60 -55.63
C SER K 397 11.15 3.64 -54.56
N ARG K 398 12.27 3.97 -53.94
CA ARG K 398 12.83 3.13 -52.88
C ARG K 398 11.94 3.12 -51.64
N ILE K 399 11.28 4.24 -51.40
CA ILE K 399 10.39 4.38 -50.26
C ILE K 399 9.06 3.70 -50.58
N SER K 400 8.56 3.90 -51.79
CA SER K 400 7.29 3.28 -52.18
C SER K 400 7.32 1.76 -52.12
N ALA K 401 8.50 1.17 -52.26
CA ALA K 401 8.66 -0.28 -52.25
C ALA K 401 8.64 -0.90 -50.88
N VAL K 402 8.73 -0.07 -49.84
CA VAL K 402 8.73 -0.58 -48.48
C VAL K 402 7.32 -0.97 -48.04
N ASP K 403 7.22 -2.13 -47.39
CA ASP K 403 5.95 -2.66 -46.88
C ASP K 403 6.19 -3.19 -45.47
N ALA K 404 5.11 -3.45 -44.75
CA ALA K 404 5.22 -3.95 -43.39
C ALA K 404 6.23 -5.08 -43.31
N ARG K 405 5.89 -6.22 -43.91
CA ARG K 405 6.76 -7.40 -43.90
C ARG K 405 8.23 -7.00 -43.99
N MET K 406 8.49 -5.91 -44.70
CA MET K 406 9.85 -5.42 -44.90
C MET K 406 10.37 -4.64 -43.69
N VAL K 407 9.55 -3.74 -43.18
CA VAL K 407 9.95 -2.97 -42.02
C VAL K 407 10.27 -3.90 -40.87
N ARG K 408 9.45 -4.94 -40.73
CA ARG K 408 9.65 -5.91 -39.67
C ARG K 408 11.02 -6.57 -39.79
N ASP K 409 11.26 -7.25 -40.90
CA ASP K 409 12.53 -7.94 -41.11
C ASP K 409 13.76 -7.10 -40.82
N VAL K 410 13.77 -5.86 -41.32
CA VAL K 410 14.92 -4.99 -41.09
C VAL K 410 15.12 -4.63 -39.63
N CYS K 411 14.08 -4.07 -39.01
CA CYS K 411 14.18 -3.67 -37.62
C CYS K 411 14.60 -4.85 -36.79
N SER K 412 14.06 -6.02 -37.09
CA SER K 412 14.41 -7.22 -36.37
C SER K 412 15.92 -7.38 -36.55
N LYS K 413 16.34 -7.28 -37.81
CA LYS K 413 17.74 -7.45 -38.17
C LYS K 413 18.70 -6.53 -37.41
N TYR K 414 18.27 -5.30 -37.13
CA TYR K 414 19.12 -4.32 -36.45
C TYR K 414 18.82 -4.03 -34.98
N ILE K 415 17.61 -4.33 -34.53
CA ILE K 415 17.23 -4.05 -33.16
C ILE K 415 17.02 -5.24 -32.24
N TYR K 416 16.26 -6.22 -32.71
CA TYR K 416 15.96 -7.38 -31.87
C TYR K 416 17.11 -8.11 -31.22
N ASP K 417 17.05 -8.18 -29.90
CA ASP K 417 18.05 -8.83 -29.07
C ASP K 417 19.47 -8.33 -29.26
N LYS K 418 19.62 -7.05 -29.56
CA LYS K 418 20.95 -6.50 -29.73
C LYS K 418 21.34 -5.78 -28.46
N CYS K 419 22.61 -5.82 -28.08
CA CYS K 419 23.03 -5.12 -26.88
C CYS K 419 23.17 -3.69 -27.31
N PRO K 420 22.35 -2.78 -26.75
CA PRO K 420 22.38 -1.37 -27.10
C PRO K 420 23.37 -0.51 -26.31
N ALA K 421 23.62 0.67 -26.84
CA ALA K 421 24.50 1.61 -26.18
C ALA K 421 23.57 2.62 -25.60
N LEU K 422 23.79 2.96 -24.34
CA LEU K 422 22.93 3.92 -23.67
C LEU K 422 23.69 5.00 -22.87
N ALA K 423 23.16 6.23 -22.93
CA ALA K 423 23.75 7.37 -22.23
C ALA K 423 22.66 8.12 -21.46
N ALA K 424 22.89 8.36 -20.18
CA ALA K 424 21.91 9.08 -19.37
C ALA K 424 22.59 10.21 -18.64
N VAL K 425 21.91 11.34 -18.60
CA VAL K 425 22.45 12.53 -17.94
C VAL K 425 21.38 13.16 -17.09
N GLY K 426 21.78 13.71 -15.94
CA GLY K 426 20.82 14.37 -15.07
C GLY K 426 20.46 13.56 -13.85
N PRO K 427 19.21 13.67 -13.37
CA PRO K 427 18.60 13.01 -12.20
C PRO K 427 18.03 11.64 -12.59
N ILE K 428 18.87 10.83 -13.21
CA ILE K 428 18.52 9.51 -13.72
C ILE K 428 18.38 8.34 -12.74
N GLU K 429 18.12 8.61 -11.46
CA GLU K 429 18.03 7.50 -10.51
C GLU K 429 16.98 6.47 -10.83
N GLN K 430 15.80 6.91 -11.26
CA GLN K 430 14.74 5.95 -11.54
C GLN K 430 15.02 5.05 -12.73
N LEU K 431 15.80 5.55 -13.71
CA LEU K 431 16.14 4.74 -14.88
C LEU K 431 17.23 3.83 -14.38
N LEU K 432 17.09 2.53 -14.50
CA LEU K 432 18.23 1.80 -14.00
C LEU K 432 18.47 0.47 -14.63
N ASP K 433 19.65 -0.07 -14.26
CA ASP K 433 20.18 -1.34 -14.68
C ASP K 433 20.26 -1.62 -16.18
N TYR K 434 21.48 -1.80 -16.68
CA TYR K 434 21.68 -2.09 -18.09
C TYR K 434 20.95 -3.38 -18.37
N ASN K 435 21.17 -4.33 -17.49
CA ASN K 435 20.55 -5.64 -17.61
C ASN K 435 19.11 -5.52 -17.96
N ARG K 436 18.34 -4.80 -17.14
CA ARG K 436 16.93 -4.64 -17.39
C ARG K 436 16.65 -4.08 -18.76
N ILE K 437 17.38 -3.04 -19.11
CA ILE K 437 17.22 -2.41 -20.42
C ILE K 437 17.54 -3.39 -21.53
N ARG K 438 18.52 -4.23 -21.28
CA ARG K 438 18.93 -5.20 -22.27
C ARG K 438 17.80 -6.17 -22.57
N SER K 439 17.05 -6.53 -21.53
CA SER K 439 15.95 -7.46 -21.72
C SER K 439 14.74 -6.82 -22.35
N GLY K 440 14.72 -5.49 -22.40
CA GLY K 440 13.62 -4.83 -23.04
C GLY K 440 13.87 -4.93 -24.54
N MET K 441 14.92 -5.65 -24.90
CA MET K 441 15.26 -5.78 -26.30
C MET K 441 14.67 -7.00 -27.00
N TYR K 442 13.75 -7.69 -26.33
CA TYR K 442 13.10 -8.85 -26.93
C TYR K 442 11.76 -9.21 -26.27
N TRP K 443 10.88 -9.77 -27.11
CA TRP K 443 9.51 -10.17 -26.77
C TRP K 443 8.60 -8.91 -26.70
N ILE K 444 7.84 -8.66 -27.75
CA ILE K 444 6.95 -7.47 -27.82
C ILE K 444 6.35 -7.08 -26.47
N CYS L 20 6.44 19.61 -71.18
CA CYS L 20 6.42 19.37 -69.72
C CYS L 20 6.75 20.65 -68.91
N PRO L 21 6.22 20.75 -67.67
CA PRO L 21 6.38 21.86 -66.70
C PRO L 21 7.33 23.01 -67.03
N GLY L 22 6.82 24.24 -66.93
CA GLY L 22 7.63 25.41 -67.23
C GLY L 22 7.36 26.66 -66.42
N ALA L 23 7.20 27.78 -67.13
CA ALA L 23 6.95 29.09 -66.52
C ALA L 23 5.46 29.45 -66.51
N GLU L 24 4.90 29.46 -65.30
CA GLU L 24 3.48 29.79 -65.08
C GLU L 24 3.44 31.23 -64.58
N ASP L 25 2.27 31.86 -64.58
CA ASP L 25 2.17 33.24 -64.08
C ASP L 25 1.11 33.44 -62.98
N LEU L 26 1.62 33.83 -61.82
CA LEU L 26 0.86 34.09 -60.60
C LEU L 26 -0.49 34.77 -60.79
N GLU L 27 -1.57 33.99 -60.79
CA GLU L 27 -2.92 34.52 -60.94
C GLU L 27 -3.41 35.05 -59.60
N ILE L 28 -4.56 35.74 -59.58
CA ILE L 28 -5.06 36.32 -58.34
C ILE L 28 -6.45 36.96 -58.42
N THR L 29 -7.49 36.16 -58.24
CA THR L 29 -8.88 36.62 -58.29
C THR L 29 -9.31 37.38 -57.02
N LYS L 30 -10.59 37.77 -56.97
CA LYS L 30 -11.20 38.47 -55.85
C LYS L 30 -12.72 38.35 -55.99
N LEU L 31 -13.35 37.71 -55.02
CA LEU L 31 -14.78 37.49 -55.02
C LEU L 31 -15.63 38.66 -54.54
N PRO L 32 -16.95 38.62 -54.78
CA PRO L 32 -17.88 39.68 -54.37
C PRO L 32 -17.70 40.13 -52.93
N ASN L 33 -17.72 39.18 -52.00
CA ASN L 33 -17.57 39.46 -50.58
C ASN L 33 -16.19 39.98 -50.19
N GLY L 34 -15.30 40.10 -51.18
CA GLY L 34 -13.96 40.63 -50.92
C GLY L 34 -12.85 39.67 -50.58
N LEU L 35 -13.13 38.38 -50.70
CA LEU L 35 -12.15 37.33 -50.40
C LEU L 35 -11.14 37.14 -51.51
N ILE L 36 -9.92 37.61 -51.27
CA ILE L 36 -8.85 37.50 -52.26
C ILE L 36 -8.26 36.09 -52.35
N ILE L 37 -8.00 35.63 -53.56
CA ILE L 37 -7.44 34.30 -53.84
C ILE L 37 -6.17 34.39 -54.69
N ALA L 38 -5.01 34.23 -54.08
CA ALA L 38 -3.75 34.27 -54.83
C ALA L 38 -3.32 32.82 -55.12
N SER L 39 -2.54 32.61 -56.17
CA SER L 39 -2.12 31.26 -56.56
C SER L 39 -0.86 31.28 -57.41
N LEU L 40 -0.10 30.19 -57.39
CA LEU L 40 1.12 30.10 -58.19
C LEU L 40 1.65 28.67 -58.30
N GLU L 41 1.53 28.10 -59.48
CA GLU L 41 2.01 26.76 -59.72
C GLU L 41 3.50 26.76 -60.11
N ASN L 42 4.35 26.25 -59.22
CA ASN L 42 5.79 26.19 -59.50
C ASN L 42 6.22 24.74 -59.63
N PHE L 43 5.24 23.91 -59.95
CA PHE L 43 5.43 22.47 -60.15
C PHE L 43 6.30 21.74 -59.13
N SER L 44 6.33 22.26 -57.91
CA SER L 44 7.08 21.60 -56.85
C SER L 44 6.33 20.32 -56.52
N PRO L 45 7.05 19.24 -56.21
CA PRO L 45 6.36 17.99 -55.89
C PRO L 45 5.46 18.11 -54.65
N ALA L 46 5.47 19.29 -54.02
CA ALA L 46 4.69 19.54 -52.81
C ALA L 46 4.00 20.90 -52.80
N SER L 47 2.82 20.92 -52.19
CA SER L 47 2.04 22.15 -52.10
C SER L 47 2.19 22.82 -50.73
N ARG L 48 1.44 23.90 -50.52
CA ARG L 48 1.48 24.66 -49.28
C ARG L 48 0.42 25.78 -49.32
N ILE L 49 -0.84 25.39 -49.09
CA ILE L 49 -1.95 26.33 -49.09
C ILE L 49 -1.96 27.11 -47.79
N GLY L 50 -2.70 28.20 -47.72
CA GLY L 50 -2.71 28.95 -46.48
C GLY L 50 -3.69 30.10 -46.39
N VAL L 51 -4.48 30.10 -45.32
CA VAL L 51 -5.45 31.16 -45.10
C VAL L 51 -4.79 32.31 -44.32
N PHE L 52 -4.75 33.49 -44.94
CA PHE L 52 -4.18 34.67 -44.28
C PHE L 52 -5.32 35.53 -43.74
N ILE L 53 -5.11 36.12 -42.57
CA ILE L 53 -6.16 36.89 -41.94
C ILE L 53 -5.75 38.14 -41.17
N LYS L 54 -6.63 39.15 -41.20
CA LYS L 54 -6.42 40.39 -40.48
C LYS L 54 -7.02 40.23 -39.09
N ALA L 55 -6.24 39.69 -38.16
CA ALA L 55 -6.66 39.46 -36.79
C ALA L 55 -5.42 39.42 -35.90
N GLY L 56 -5.61 39.42 -34.59
CA GLY L 56 -4.46 39.37 -33.70
C GLY L 56 -4.68 40.10 -32.41
N SER L 57 -3.73 39.96 -31.49
CA SER L 57 -3.80 40.60 -30.19
C SER L 57 -4.06 42.10 -30.28
N ARG L 58 -3.92 42.64 -31.48
CA ARG L 58 -4.13 44.06 -31.73
C ARG L 58 -5.61 44.43 -31.52
N TYR L 59 -6.49 43.49 -31.82
CA TYR L 59 -7.93 43.72 -31.71
C TYR L 59 -8.52 43.36 -30.34
N GLU L 60 -7.68 42.87 -29.44
CA GLU L 60 -8.16 42.49 -28.11
C GLU L 60 -8.43 43.73 -27.28
N THR L 61 -9.33 43.58 -26.31
CA THR L 61 -9.72 44.65 -25.39
C THR L 61 -9.34 44.15 -23.99
N THR L 62 -9.14 45.07 -23.06
CA THR L 62 -8.79 44.69 -21.71
C THR L 62 -9.65 43.51 -21.23
N ALA L 63 -10.84 43.40 -21.82
CA ALA L 63 -11.78 42.37 -21.43
C ALA L 63 -11.60 40.96 -22.02
N ASN L 64 -10.85 40.81 -23.12
CA ASN L 64 -10.69 39.49 -23.70
C ASN L 64 -9.26 39.13 -24.03
N LEU L 65 -8.33 39.88 -23.44
CA LEU L 65 -6.92 39.64 -23.63
C LEU L 65 -6.60 38.15 -23.70
N GLY L 66 -5.65 37.80 -24.55
CA GLY L 66 -5.25 36.42 -24.66
C GLY L 66 -6.09 35.61 -25.62
N THR L 67 -7.35 36.00 -25.82
CA THR L 67 -8.20 35.22 -26.69
C THR L 67 -7.62 34.95 -28.06
N ALA L 68 -6.80 35.87 -28.54
CA ALA L 68 -6.16 35.71 -29.84
C ALA L 68 -5.15 34.57 -29.71
N HIS L 69 -4.34 34.64 -28.66
CA HIS L 69 -3.33 33.63 -28.37
C HIS L 69 -3.96 32.24 -28.31
N LEU L 70 -4.89 32.04 -27.37
CA LEU L 70 -5.56 30.76 -27.20
C LEU L 70 -6.12 30.30 -28.54
N LEU L 71 -6.70 31.22 -29.30
CA LEU L 71 -7.26 30.87 -30.58
C LEU L 71 -6.17 30.20 -31.41
N ARG L 72 -4.98 30.75 -31.35
CA ARG L 72 -3.85 30.21 -32.08
C ARG L 72 -3.58 28.76 -31.68
N LEU L 73 -3.68 28.46 -30.39
CA LEU L 73 -3.41 27.13 -29.89
C LEU L 73 -4.55 26.18 -30.13
N ALA L 74 -5.74 26.75 -30.27
CA ALA L 74 -6.97 25.96 -30.45
C ALA L 74 -7.21 25.35 -31.83
N SER L 75 -6.27 25.55 -32.74
CA SER L 75 -6.42 25.03 -34.10
C SER L 75 -6.78 23.55 -34.28
N PRO L 76 -6.39 22.67 -33.34
CA PRO L 76 -6.73 21.26 -33.53
C PRO L 76 -7.99 20.77 -32.84
N LEU L 77 -8.76 21.72 -32.26
CA LEU L 77 -10.02 21.40 -31.59
C LEU L 77 -11.10 21.07 -32.64
N THR L 78 -12.16 20.39 -32.22
CA THR L 78 -13.21 19.99 -33.16
C THR L 78 -13.88 21.14 -33.90
N THR L 79 -14.28 20.83 -35.13
CA THR L 79 -14.97 21.74 -36.03
C THR L 79 -16.31 21.08 -36.39
N LYS L 80 -17.15 21.78 -37.14
CA LYS L 80 -18.46 21.23 -37.51
C LYS L 80 -18.41 20.12 -38.54
N GLY L 81 -17.28 20.00 -39.24
CA GLY L 81 -17.17 18.97 -40.26
C GLY L 81 -16.10 17.93 -40.00
N ALA L 82 -15.29 18.18 -38.98
CA ALA L 82 -14.22 17.24 -38.63
C ALA L 82 -13.93 17.31 -37.13
N SER L 83 -13.75 16.14 -36.54
CA SER L 83 -13.47 16.04 -35.11
C SER L 83 -11.97 16.19 -34.84
N SER L 84 -11.65 16.71 -33.66
CA SER L 84 -10.28 16.90 -33.23
C SER L 84 -9.47 15.65 -33.56
N PHE L 85 -10.09 14.50 -33.40
CA PHE L 85 -9.44 13.24 -33.70
C PHE L 85 -9.16 13.18 -35.20
N ARG L 86 -10.20 13.33 -36.02
CA ARG L 86 -10.00 13.25 -37.46
C ARG L 86 -9.09 14.31 -38.02
N ILE L 87 -9.16 15.52 -37.47
CA ILE L 87 -8.29 16.59 -37.95
C ILE L 87 -6.82 16.21 -37.80
N THR L 88 -6.42 15.68 -36.65
CA THR L 88 -5.04 15.30 -36.48
C THR L 88 -4.69 14.01 -37.22
N ARG L 89 -5.44 12.96 -37.00
CA ARG L 89 -5.18 11.68 -37.67
C ARG L 89 -5.27 11.87 -39.16
N GLY L 90 -6.27 12.62 -39.59
CA GLY L 90 -6.49 12.85 -41.00
C GLY L 90 -5.31 13.47 -41.72
N ILE L 91 -4.82 14.58 -41.18
CA ILE L 91 -3.68 15.26 -41.78
C ILE L 91 -2.43 14.37 -41.74
N GLU L 92 -2.21 13.70 -40.62
CA GLU L 92 -1.05 12.83 -40.48
C GLU L 92 -1.06 11.64 -41.45
N ALA L 93 -2.24 11.14 -41.81
CA ALA L 93 -2.37 9.98 -42.69
C ALA L 93 -1.74 10.16 -44.04
N VAL L 94 -1.49 11.42 -44.38
CA VAL L 94 -0.90 11.76 -45.67
C VAL L 94 0.34 12.63 -45.51
N GLY L 95 1.08 12.42 -44.43
CA GLY L 95 2.29 13.18 -44.18
C GLY L 95 2.03 14.66 -44.28
N GLY L 96 0.82 15.08 -43.90
CA GLY L 96 0.50 16.49 -43.95
C GLY L 96 1.02 17.21 -42.72
N SER L 97 0.78 18.51 -42.66
CA SER L 97 1.21 19.31 -41.52
C SER L 97 0.24 20.47 -41.40
N LEU L 98 0.04 20.97 -40.19
CA LEU L 98 -0.88 22.07 -39.97
C LEU L 98 -0.32 23.01 -38.91
N SER L 99 -0.20 24.29 -39.24
CA SER L 99 0.35 25.26 -38.31
C SER L 99 -0.29 26.64 -38.40
N VAL L 100 -0.18 27.39 -37.31
CA VAL L 100 -0.76 28.73 -37.23
C VAL L 100 0.30 29.74 -36.77
N TYR L 101 0.67 30.66 -37.64
CA TYR L 101 1.66 31.67 -37.26
C TYR L 101 0.90 32.96 -37.15
N SER L 102 1.23 33.78 -36.14
CA SER L 102 0.55 35.06 -36.01
C SER L 102 1.32 36.16 -35.29
N THR L 103 1.18 37.38 -35.82
CA THR L 103 1.82 38.59 -35.27
C THR L 103 0.75 39.33 -34.50
N ARG L 104 1.05 40.54 -34.04
CA ARG L 104 0.06 41.30 -33.30
C ARG L 104 -1.10 41.67 -34.19
N GLU L 105 -0.93 41.57 -35.51
CA GLU L 105 -2.04 41.95 -36.37
C GLU L 105 -2.33 41.08 -37.57
N LYS L 106 -1.83 39.85 -37.56
CA LYS L 106 -2.11 38.97 -38.68
C LYS L 106 -2.04 37.51 -38.24
N MET L 107 -2.96 36.70 -38.72
CA MET L 107 -2.95 35.31 -38.36
C MET L 107 -2.99 34.47 -39.62
N THR L 108 -2.01 33.58 -39.79
CA THR L 108 -1.99 32.73 -40.97
C THR L 108 -2.18 31.27 -40.61
N TYR L 109 -3.13 30.63 -41.30
CA TYR L 109 -3.37 29.22 -41.08
C TYR L 109 -2.96 28.49 -42.33
N CYS L 110 -1.85 27.78 -42.27
CA CYS L 110 -1.41 27.04 -43.45
C CYS L 110 -1.11 25.58 -43.19
N VAL L 111 -1.16 24.80 -44.26
CA VAL L 111 -0.93 23.38 -44.23
C VAL L 111 -0.01 23.04 -45.39
N GLU L 112 0.69 21.91 -45.27
CA GLU L 112 1.60 21.45 -46.32
C GLU L 112 1.29 20.00 -46.58
N CYS L 113 1.66 19.54 -47.76
CA CYS L 113 1.45 18.13 -48.15
C CYS L 113 1.90 17.95 -49.59
N LEU L 114 1.83 16.71 -50.06
CA LEU L 114 2.23 16.42 -51.42
C LEU L 114 1.07 16.70 -52.36
N ARG L 115 1.38 17.22 -53.54
CA ARG L 115 0.37 17.56 -54.53
C ARG L 115 -0.85 16.66 -54.50
N ASP L 116 -0.60 15.35 -54.46
CA ASP L 116 -1.69 14.38 -54.45
C ASP L 116 -2.70 14.45 -53.33
N HIS L 117 -2.34 15.08 -52.22
CA HIS L 117 -3.25 15.11 -51.10
C HIS L 117 -3.81 16.47 -50.70
N VAL L 118 -3.58 17.46 -51.53
CA VAL L 118 -4.07 18.80 -51.25
C VAL L 118 -5.57 18.77 -50.94
N ASP L 119 -6.37 18.26 -51.86
CA ASP L 119 -7.82 18.21 -51.65
C ASP L 119 -8.19 17.64 -50.28
N THR L 120 -7.36 16.75 -49.75
CA THR L 120 -7.64 16.13 -48.46
C THR L 120 -7.31 17.08 -47.32
N VAL L 121 -6.08 17.55 -47.32
CA VAL L 121 -5.60 18.47 -46.30
C VAL L 121 -6.42 19.74 -46.30
N MET L 122 -6.98 20.06 -47.46
CA MET L 122 -7.74 21.28 -47.59
C MET L 122 -8.98 21.34 -46.69
N GLU L 123 -9.72 20.24 -46.65
CA GLU L 123 -10.93 20.17 -45.84
C GLU L 123 -10.67 20.65 -44.42
N TYR L 124 -9.75 19.99 -43.73
CA TYR L 124 -9.43 20.38 -42.38
C TYR L 124 -9.06 21.84 -42.32
N LEU L 125 -8.18 22.29 -43.20
CA LEU L 125 -7.80 23.70 -43.21
C LEU L 125 -9.05 24.56 -43.24
N LEU L 126 -9.94 24.25 -44.19
CA LEU L 126 -11.20 24.97 -44.36
C LEU L 126 -11.99 24.93 -43.07
N ASN L 127 -12.19 23.72 -42.54
CA ASN L 127 -12.95 23.50 -41.32
C ASN L 127 -12.43 24.30 -40.14
N VAL L 128 -11.12 24.25 -39.91
CA VAL L 128 -10.51 24.98 -38.79
C VAL L 128 -10.77 26.48 -38.75
N THR L 129 -10.57 27.15 -39.88
CA THR L 129 -10.77 28.60 -39.98
C THR L 129 -12.22 29.09 -40.10
N THR L 130 -13.11 28.25 -40.59
CA THR L 130 -14.50 28.68 -40.78
C THR L 130 -15.56 27.80 -40.12
N ALA L 131 -15.17 26.89 -39.24
CA ALA L 131 -16.17 26.04 -38.60
C ALA L 131 -15.78 25.58 -37.20
N PRO L 132 -15.11 26.42 -36.42
CA PRO L 132 -14.71 26.00 -35.07
C PRO L 132 -15.91 25.92 -34.13
N GLU L 133 -16.02 24.81 -33.38
CA GLU L 133 -17.12 24.65 -32.44
C GLU L 133 -16.77 25.15 -31.04
N PHE L 134 -15.47 25.23 -30.73
CA PHE L 134 -15.00 25.70 -29.43
C PHE L 134 -15.86 25.16 -28.31
N ARG L 135 -15.88 23.84 -28.18
CA ARG L 135 -16.67 23.21 -27.14
C ARG L 135 -16.07 23.56 -25.78
N PRO L 136 -16.93 24.00 -24.85
CA PRO L 136 -16.58 24.40 -23.48
C PRO L 136 -15.55 23.51 -22.83
N TRP L 137 -15.71 22.19 -22.95
CA TRP L 137 -14.75 21.29 -22.33
C TRP L 137 -13.43 21.34 -23.10
N GLU L 138 -13.47 20.98 -24.40
CA GLU L 138 -12.25 20.99 -25.19
C GLU L 138 -11.45 22.23 -24.86
N VAL L 139 -12.11 23.40 -24.87
CA VAL L 139 -11.44 24.65 -24.55
C VAL L 139 -10.85 24.59 -23.14
N THR L 140 -11.72 24.38 -22.18
CA THR L 140 -11.33 24.28 -20.78
C THR L 140 -10.09 23.43 -20.55
N ASP L 141 -9.98 22.31 -21.25
CA ASP L 141 -8.83 21.43 -21.09
C ASP L 141 -7.62 21.88 -21.88
N LEU L 142 -7.81 22.88 -22.72
CA LEU L 142 -6.72 23.37 -23.55
C LEU L 142 -6.01 24.56 -22.92
N GLN L 143 -6.76 25.39 -22.22
CA GLN L 143 -6.17 26.57 -21.62
C GLN L 143 -4.91 26.36 -20.80
N PRO L 144 -4.85 25.35 -19.94
CA PRO L 144 -3.61 25.22 -19.17
C PRO L 144 -2.38 25.18 -20.07
N GLN L 145 -2.61 24.92 -21.34
CA GLN L 145 -1.52 24.87 -22.31
C GLN L 145 -0.83 26.22 -22.44
N LEU L 146 -1.61 27.30 -22.43
CA LEU L 146 -1.06 28.65 -22.55
C LEU L 146 0.09 28.78 -21.56
N LYS L 147 -0.11 28.32 -20.34
CA LYS L 147 0.94 28.42 -19.33
C LYS L 147 2.26 27.84 -19.89
N VAL L 148 2.15 26.72 -20.59
CA VAL L 148 3.29 26.00 -21.19
C VAL L 148 3.85 26.71 -22.40
N ASP L 149 3.04 26.77 -23.46
CA ASP L 149 3.43 27.42 -24.70
C ASP L 149 4.09 28.75 -24.43
N LYS L 150 3.57 29.46 -23.44
CA LYS L 150 4.12 30.76 -23.06
C LYS L 150 5.42 30.64 -22.31
N ALA L 151 5.59 29.55 -21.57
CA ALA L 151 6.82 29.37 -20.80
C ALA L 151 8.03 28.98 -21.63
N VAL L 152 7.82 28.29 -22.76
CA VAL L 152 8.96 27.90 -23.57
C VAL L 152 9.43 29.07 -24.40
N ALA L 153 8.49 29.93 -24.79
CA ALA L 153 8.81 31.09 -25.60
C ALA L 153 9.64 32.10 -24.82
N PHE L 154 9.24 32.37 -23.58
CA PHE L 154 9.96 33.31 -22.74
C PHE L 154 11.33 32.85 -22.29
N GLN L 155 11.79 31.72 -22.83
CA GLN L 155 13.11 31.23 -22.47
C GLN L 155 14.12 32.11 -23.18
N SER L 156 13.66 32.76 -24.25
CA SER L 156 14.49 33.66 -25.03
C SER L 156 14.20 35.06 -24.48
N PRO L 157 15.17 35.66 -23.79
CA PRO L 157 14.96 37.00 -23.24
C PRO L 157 14.54 37.90 -24.37
N GLN L 158 15.01 37.53 -25.56
CA GLN L 158 14.71 38.24 -26.79
C GLN L 158 13.19 38.55 -26.79
N VAL L 159 12.36 37.55 -26.52
CA VAL L 159 10.89 37.72 -26.51
C VAL L 159 10.33 38.51 -25.34
N GLY L 160 10.95 38.41 -24.18
CA GLY L 160 10.47 39.16 -23.03
C GLY L 160 10.51 40.68 -23.21
N VAL L 161 11.61 41.23 -23.72
CA VAL L 161 11.69 42.68 -23.90
C VAL L 161 10.76 43.16 -25.00
N LEU L 162 10.68 42.43 -26.10
CA LEU L 162 9.79 42.89 -27.16
C LEU L 162 8.35 43.05 -26.66
N GLU L 163 7.92 42.17 -25.76
CA GLU L 163 6.57 42.28 -25.22
C GLU L 163 6.48 43.59 -24.46
N ASN L 164 7.40 43.80 -23.53
CA ASN L 164 7.37 45.03 -22.77
C ASN L 164 7.66 46.26 -23.63
N LEU L 165 8.29 46.06 -24.77
CA LEU L 165 8.59 47.18 -25.64
C LEU L 165 7.24 47.70 -26.11
N HIS L 166 6.54 46.92 -26.92
CA HIS L 166 5.24 47.33 -27.40
C HIS L 166 4.37 47.89 -26.29
N ALA L 167 4.56 47.42 -25.07
CA ALA L 167 3.78 47.90 -23.95
C ALA L 167 4.15 49.34 -23.62
N ALA L 168 5.43 49.66 -23.74
CA ALA L 168 5.90 51.00 -23.46
C ALA L 168 5.79 51.88 -24.70
N ALA L 169 5.62 51.26 -25.86
CA ALA L 169 5.53 52.02 -27.10
C ALA L 169 4.12 52.45 -27.38
N TYR L 170 3.15 51.75 -26.81
CA TYR L 170 1.78 52.10 -27.07
C TYR L 170 0.89 52.21 -25.84
N LYS L 171 -0.34 52.66 -26.05
CA LYS L 171 -1.30 52.79 -24.98
C LYS L 171 -2.43 51.82 -25.30
N THR L 172 -2.40 51.26 -26.51
CA THR L 172 -3.44 50.32 -26.96
C THR L 172 -3.03 49.46 -28.17
N ALA L 173 -4.04 48.91 -28.85
CA ALA L 173 -3.88 48.06 -30.03
C ALA L 173 -2.58 47.25 -30.08
N LEU L 174 -1.50 47.91 -30.43
CA LEU L 174 -0.21 47.25 -30.51
C LEU L 174 0.40 46.95 -29.15
N ALA L 175 0.16 47.80 -28.15
CA ALA L 175 0.71 47.57 -26.82
C ALA L 175 0.22 46.25 -26.23
N ASN L 176 -0.77 45.67 -26.88
CA ASN L 176 -1.36 44.41 -26.44
C ASN L 176 -0.42 43.25 -26.71
N PRO L 177 0.05 42.58 -25.63
CA PRO L 177 0.98 41.42 -25.63
C PRO L 177 0.58 40.33 -26.61
N LEU L 178 1.58 39.64 -27.14
CA LEU L 178 1.37 38.58 -28.12
C LEU L 178 1.03 37.23 -27.48
N TYR L 179 1.36 37.10 -26.20
CA TYR L 179 1.08 35.87 -25.44
C TYR L 179 0.14 36.23 -24.31
N CYS L 180 -0.93 35.45 -24.21
CA CYS L 180 -1.93 35.65 -23.18
C CYS L 180 -1.34 35.96 -21.82
N PRO L 181 -1.74 37.10 -21.24
CA PRO L 181 -1.22 37.49 -19.93
C PRO L 181 -1.57 36.43 -18.89
N ASP L 182 -0.67 36.26 -17.93
CA ASP L 182 -0.83 35.25 -16.89
C ASP L 182 -2.20 35.24 -16.22
N TYR L 183 -2.62 36.36 -15.65
CA TYR L 183 -3.90 36.41 -14.93
C TYR L 183 -5.10 35.92 -15.73
N ARG L 184 -5.01 35.98 -17.06
CA ARG L 184 -6.14 35.55 -17.86
C ARG L 184 -6.15 34.10 -18.25
N ILE L 185 -5.13 33.35 -17.84
CA ILE L 185 -5.08 31.94 -18.20
C ILE L 185 -6.21 31.20 -17.52
N GLY L 186 -6.97 30.49 -18.35
CA GLY L 186 -8.09 29.72 -17.87
C GLY L 186 -9.29 30.56 -17.60
N LYS L 187 -9.33 31.79 -18.12
CA LYS L 187 -10.47 32.68 -17.92
C LYS L 187 -11.11 33.09 -19.23
N ILE L 188 -10.56 32.63 -20.33
CA ILE L 188 -11.08 32.92 -21.67
C ILE L 188 -12.28 31.99 -21.88
N THR L 189 -13.27 32.40 -22.63
CA THR L 189 -14.44 31.55 -22.82
C THR L 189 -14.78 31.21 -24.24
N SER L 190 -15.52 30.12 -24.43
CA SER L 190 -15.91 29.72 -25.77
C SER L 190 -16.57 30.89 -26.47
N GLU L 191 -17.36 31.65 -25.73
CA GLU L 191 -18.02 32.78 -26.37
C GLU L 191 -16.93 33.69 -26.94
N GLN L 192 -16.03 34.17 -26.09
CA GLN L 192 -14.94 35.06 -26.50
C GLN L 192 -14.19 34.54 -27.73
N LEU L 193 -13.99 33.24 -27.77
CA LEU L 193 -13.33 32.68 -28.93
C LEU L 193 -14.27 32.84 -30.10
N HIS L 194 -15.53 32.43 -29.94
CA HIS L 194 -16.49 32.55 -31.03
C HIS L 194 -16.60 33.98 -31.55
N HIS L 195 -16.88 34.92 -30.65
CA HIS L 195 -17.00 36.32 -31.04
C HIS L 195 -15.74 36.81 -31.76
N PHE L 196 -14.58 36.65 -31.12
CA PHE L 196 -13.34 37.07 -31.74
C PHE L 196 -13.26 36.61 -33.19
N VAL L 197 -13.70 35.39 -33.44
CA VAL L 197 -13.67 34.87 -34.79
C VAL L 197 -14.70 35.56 -35.66
N GLN L 198 -15.99 35.43 -35.31
CA GLN L 198 -17.07 36.04 -36.10
C GLN L 198 -16.83 37.51 -36.43
N ASN L 199 -16.12 38.22 -35.56
CA ASN L 199 -15.86 39.63 -35.80
C ASN L 199 -14.58 39.98 -36.54
N ASN L 200 -13.69 39.00 -36.72
CA ASN L 200 -12.43 39.28 -37.40
C ASN L 200 -12.18 38.40 -38.60
N PHE L 201 -12.52 37.13 -38.51
CA PHE L 201 -12.32 36.22 -39.63
C PHE L 201 -13.45 36.40 -40.62
N THR L 202 -13.55 37.58 -41.21
CA THR L 202 -14.60 37.87 -42.19
C THR L 202 -14.03 37.95 -43.60
N SER L 203 -14.75 37.35 -44.57
CA SER L 203 -14.29 37.29 -45.96
C SER L 203 -13.53 38.49 -46.56
N ALA L 204 -13.73 39.68 -46.04
CA ALA L 204 -13.02 40.84 -46.59
C ALA L 204 -11.69 41.08 -45.86
N ARG L 205 -11.36 40.17 -44.96
CA ARG L 205 -10.14 40.30 -44.18
C ARG L 205 -9.31 39.04 -44.39
N MET L 206 -9.82 38.17 -45.25
CA MET L 206 -9.16 36.89 -45.54
C MET L 206 -8.69 36.69 -46.96
N ALA L 207 -7.60 35.91 -47.08
CA ALA L 207 -7.00 35.58 -48.36
C ALA L 207 -6.64 34.10 -48.36
N LEU L 208 -6.96 33.42 -49.46
CA LEU L 208 -6.68 32.01 -49.60
C LEU L 208 -5.46 31.79 -50.51
N VAL L 209 -4.28 32.18 -50.05
CA VAL L 209 -3.05 32.03 -50.82
C VAL L 209 -2.66 30.56 -50.97
N GLY L 210 -2.08 30.20 -52.11
CA GLY L 210 -1.69 28.81 -52.32
C GLY L 210 -0.63 28.49 -53.36
N ILE L 211 0.57 28.18 -52.89
CA ILE L 211 1.69 27.82 -53.76
C ILE L 211 1.58 26.36 -54.16
N GLY L 212 1.93 26.03 -55.39
CA GLY L 212 1.89 24.64 -55.80
C GLY L 212 0.56 24.09 -56.27
N VAL L 213 -0.35 24.95 -56.72
CA VAL L 213 -1.66 24.53 -57.21
C VAL L 213 -2.21 25.34 -58.38
N LYS L 214 -3.16 24.75 -59.11
CA LYS L 214 -3.79 25.40 -60.25
C LYS L 214 -4.85 26.35 -59.70
N HIS L 215 -4.73 27.63 -60.06
CA HIS L 215 -5.63 28.64 -59.55
C HIS L 215 -7.12 28.31 -59.57
N SER L 216 -7.61 27.68 -60.63
CA SER L 216 -9.03 27.35 -60.72
C SER L 216 -9.44 26.43 -59.56
N ASP L 217 -8.60 25.45 -59.26
CA ASP L 217 -8.86 24.49 -58.18
C ASP L 217 -8.95 25.22 -56.84
N LEU L 218 -7.95 26.05 -56.55
CA LEU L 218 -7.92 26.79 -55.30
C LEU L 218 -9.10 27.74 -55.19
N LYS L 219 -9.57 28.22 -56.33
CA LYS L 219 -10.70 29.14 -56.36
C LYS L 219 -11.99 28.40 -56.02
N GLN L 220 -12.24 27.30 -56.74
CA GLN L 220 -13.43 26.48 -56.54
C GLN L 220 -13.62 26.10 -55.08
N VAL L 221 -12.51 26.03 -54.34
CA VAL L 221 -12.57 25.69 -52.92
C VAL L 221 -13.12 26.88 -52.17
N ALA L 222 -12.40 28.00 -52.24
CA ALA L 222 -12.80 29.22 -51.57
C ALA L 222 -14.29 29.53 -51.67
N GLU L 223 -14.72 29.91 -52.86
CA GLU L 223 -16.12 30.25 -53.09
C GLU L 223 -17.11 29.23 -52.58
N GLN L 224 -17.30 28.18 -53.38
CA GLN L 224 -18.23 27.10 -53.10
C GLN L 224 -17.95 26.35 -51.80
N PHE L 225 -17.27 26.99 -50.85
CA PHE L 225 -16.97 26.33 -49.57
C PHE L 225 -16.91 27.26 -48.34
N LEU L 226 -16.23 28.39 -48.44
CA LEU L 226 -16.12 29.30 -47.30
C LEU L 226 -17.40 30.09 -47.01
N ASN L 227 -17.87 30.09 -45.76
CA ASN L 227 -19.22 30.58 -45.44
C ASN L 227 -19.37 31.64 -44.33
N ILE L 228 -18.48 31.68 -43.34
CA ILE L 228 -18.55 32.76 -42.34
C ILE L 228 -18.16 33.91 -43.25
N ARG L 229 -18.98 34.95 -43.36
CA ARG L 229 -18.62 35.99 -44.31
C ARG L 229 -18.77 37.47 -44.02
N SER L 230 -18.79 38.17 -45.16
CA SER L 230 -18.94 39.61 -45.37
C SER L 230 -18.69 40.61 -44.26
N GLY L 231 -18.13 41.76 -44.66
CA GLY L 231 -17.86 42.83 -43.73
C GLY L 231 -16.43 42.98 -43.27
N ALA L 232 -16.22 44.00 -42.45
CA ALA L 232 -14.92 44.29 -41.89
C ALA L 232 -14.96 43.99 -40.40
N GLY L 233 -16.18 43.86 -39.87
CA GLY L 233 -16.33 43.57 -38.45
C GLY L 233 -15.57 44.54 -37.57
N THR L 234 -15.39 44.18 -36.31
CA THR L 234 -14.66 45.03 -35.36
C THR L 234 -13.47 45.73 -36.03
N SER L 235 -13.25 46.98 -35.67
CA SER L 235 -12.15 47.74 -36.25
C SER L 235 -11.15 48.11 -35.17
N SER L 236 -9.88 47.81 -35.39
CA SER L 236 -8.85 48.11 -34.42
C SER L 236 -8.70 49.60 -34.18
N ALA L 237 -8.66 49.98 -32.91
CA ALA L 237 -8.49 51.37 -32.55
C ALA L 237 -7.16 51.85 -33.10
N LYS L 238 -7.03 53.13 -33.38
CA LYS L 238 -5.78 53.68 -33.88
C LYS L 238 -4.67 53.40 -32.88
N ALA L 239 -3.49 53.08 -33.39
CA ALA L 239 -2.36 52.81 -32.54
C ALA L 239 -1.87 54.17 -32.01
N THR L 240 -2.08 54.42 -30.73
CA THR L 240 -1.67 55.68 -30.13
C THR L 240 -0.32 55.53 -29.49
N TYR L 241 0.64 56.38 -29.86
CA TYR L 241 1.98 56.29 -29.29
C TYR L 241 2.03 56.81 -27.85
N TRP L 242 2.85 56.17 -27.02
CA TRP L 242 2.95 56.56 -25.63
C TRP L 242 4.32 57.16 -25.33
N GLY L 243 5.35 56.34 -25.52
CA GLY L 243 6.70 56.78 -25.23
C GLY L 243 7.01 56.52 -23.77
N GLY L 244 6.96 55.24 -23.41
CA GLY L 244 7.23 54.85 -22.03
C GLY L 244 8.52 54.07 -21.85
N GLU L 245 8.81 53.75 -20.60
CA GLU L 245 10.02 53.04 -20.27
C GLU L 245 9.72 51.99 -19.19
N ILE L 246 9.88 50.72 -19.56
CA ILE L 246 9.63 49.59 -18.66
C ILE L 246 10.96 48.89 -18.34
N ARG L 247 11.23 48.63 -17.06
CA ARG L 247 12.47 47.99 -16.67
C ARG L 247 12.27 46.74 -15.80
N GLU L 248 12.79 45.60 -16.27
CA GLU L 248 12.67 44.34 -15.53
C GLU L 248 13.97 43.88 -14.88
N GLN L 249 14.07 44.08 -13.57
CA GLN L 249 15.24 43.69 -12.80
C GLN L 249 15.13 42.22 -12.46
N ASN L 250 15.98 41.39 -13.06
CA ASN L 250 15.91 39.96 -12.80
C ASN L 250 17.19 39.26 -12.37
N GLY L 251 18.35 39.89 -12.55
CA GLY L 251 19.58 39.25 -12.12
C GLY L 251 20.47 38.55 -13.13
N HIS L 252 19.94 38.30 -14.35
CA HIS L 252 20.71 37.66 -15.42
C HIS L 252 21.97 38.46 -15.69
N SER L 253 23.09 37.77 -15.91
CA SER L 253 24.37 38.44 -16.17
C SER L 253 24.38 39.24 -17.48
N LEU L 254 23.38 39.01 -18.32
CA LEU L 254 23.27 39.71 -19.58
C LEU L 254 22.08 40.64 -19.60
N VAL L 255 22.30 41.88 -20.03
CA VAL L 255 21.24 42.88 -20.11
C VAL L 255 20.78 43.06 -21.54
N HIS L 256 19.47 42.93 -21.77
CA HIS L 256 18.93 43.16 -23.10
C HIS L 256 18.26 44.51 -23.01
N ALA L 257 18.41 45.31 -24.05
CA ALA L 257 17.81 46.63 -24.05
C ALA L 257 17.42 47.03 -25.47
N ALA L 258 16.31 47.76 -25.58
CA ALA L 258 15.86 48.20 -26.87
C ALA L 258 15.32 49.61 -26.75
N VAL L 259 15.84 50.52 -27.59
CA VAL L 259 15.40 51.90 -27.59
C VAL L 259 14.87 52.22 -28.96
N VAL L 260 13.60 52.63 -29.02
CA VAL L 260 13.01 52.96 -30.30
C VAL L 260 12.21 54.26 -30.31
N THR L 261 11.67 54.55 -31.49
CA THR L 261 10.89 55.74 -31.73
C THR L 261 9.85 55.32 -32.72
N GLU L 262 8.71 55.99 -32.70
CA GLU L 262 7.67 55.66 -33.66
C GLU L 262 8.41 55.62 -35.00
N GLY L 263 8.15 54.62 -35.82
CA GLY L 263 8.82 54.51 -37.10
C GLY L 263 7.88 54.67 -38.25
N ALA L 264 8.11 53.93 -39.32
CA ALA L 264 7.29 54.01 -40.52
C ALA L 264 6.24 52.90 -40.57
N ALA L 265 5.17 53.15 -41.32
CA ALA L 265 4.09 52.19 -41.46
C ALA L 265 4.31 51.30 -42.66
N VAL L 266 3.46 50.29 -42.80
CA VAL L 266 3.57 49.41 -43.94
C VAL L 266 2.93 50.17 -45.09
N GLY L 267 3.24 49.79 -46.32
CA GLY L 267 2.67 50.46 -47.49
C GLY L 267 3.01 51.95 -47.63
N SER L 268 3.80 52.44 -46.67
CA SER L 268 4.25 53.83 -46.64
C SER L 268 5.51 53.96 -47.48
N ALA L 269 5.80 55.18 -47.93
CA ALA L 269 7.00 55.40 -48.73
C ALA L 269 8.21 55.61 -47.83
N GLU L 270 7.98 56.12 -46.63
CA GLU L 270 9.07 56.35 -45.68
C GLU L 270 9.55 55.01 -45.11
N ALA L 271 8.94 53.93 -45.58
CA ALA L 271 9.29 52.58 -45.14
C ALA L 271 10.69 52.20 -45.61
N ASN L 272 10.83 52.09 -46.93
CA ASN L 272 12.08 51.75 -47.59
C ASN L 272 13.25 52.53 -47.00
N ALA L 273 12.98 53.77 -46.63
CA ALA L 273 14.01 54.62 -46.05
C ALA L 273 14.65 53.98 -44.81
N PHE L 274 13.81 53.59 -43.85
CA PHE L 274 14.29 52.98 -42.62
C PHE L 274 15.00 51.65 -42.84
N SER L 275 14.45 50.81 -43.70
CA SER L 275 15.04 49.51 -43.97
C SER L 275 16.49 49.74 -44.35
N VAL L 276 16.70 50.68 -45.29
CA VAL L 276 18.04 51.01 -45.74
C VAL L 276 18.89 51.60 -44.62
N LEU L 277 18.28 52.40 -43.74
CA LEU L 277 19.05 52.95 -42.64
C LEU L 277 19.38 51.79 -41.73
N GLN L 278 18.46 50.85 -41.63
CA GLN L 278 18.63 49.66 -40.81
C GLN L 278 19.93 48.99 -41.19
N HIS L 279 20.00 48.58 -42.45
CA HIS L 279 21.17 47.91 -42.99
C HIS L 279 22.44 48.74 -42.94
N VAL L 280 22.32 50.05 -42.97
CA VAL L 280 23.49 50.90 -42.89
C VAL L 280 24.05 50.84 -41.47
N LEU L 281 23.16 50.71 -40.49
CA LEU L 281 23.55 50.63 -39.09
C LEU L 281 24.00 49.23 -38.71
N GLY L 282 23.39 48.24 -39.35
CA GLY L 282 23.73 46.86 -39.08
C GLY L 282 22.59 45.98 -38.62
N ALA L 283 22.12 45.09 -39.50
CA ALA L 283 21.02 44.20 -39.16
C ALA L 283 21.42 42.72 -39.27
N GLY L 284 22.11 42.22 -38.26
CA GLY L 284 22.54 40.83 -38.25
C GLY L 284 23.86 40.54 -38.92
N PRO L 285 24.58 39.48 -38.51
CA PRO L 285 25.87 39.13 -39.11
C PRO L 285 25.65 38.27 -40.35
N LEU L 286 26.58 38.34 -41.30
CA LEU L 286 26.48 37.57 -42.54
C LEU L 286 27.63 36.56 -42.60
N ILE L 287 28.58 36.70 -41.68
CA ILE L 287 29.72 35.82 -41.61
C ILE L 287 29.65 35.10 -40.27
N LYS L 288 29.61 33.78 -40.31
CA LYS L 288 29.54 32.97 -39.10
C LYS L 288 30.67 33.34 -38.12
N ARG L 289 30.29 33.71 -36.91
CA ARG L 289 31.26 34.10 -35.87
C ARG L 289 32.02 35.32 -36.30
N GLY L 290 31.59 35.92 -37.41
CA GLY L 290 32.29 37.07 -37.93
C GLY L 290 31.93 38.41 -37.32
N SER L 291 32.85 39.36 -37.47
CA SER L 291 32.67 40.73 -36.99
C SER L 291 31.93 41.43 -38.12
N SER L 292 31.25 42.53 -37.80
CA SER L 292 30.50 43.25 -38.81
C SER L 292 31.15 44.61 -39.03
N VAL L 293 31.93 44.73 -40.10
CA VAL L 293 32.60 45.98 -40.42
C VAL L 293 31.61 46.91 -41.09
N THR L 294 30.77 46.35 -41.95
CA THR L 294 29.76 47.10 -42.67
C THR L 294 28.68 47.63 -41.72
N SER L 295 28.67 47.08 -40.51
CA SER L 295 27.69 47.50 -39.51
C SER L 295 28.28 48.63 -38.68
N LYS L 296 27.84 49.84 -38.97
CA LYS L 296 28.32 51.00 -38.23
C LYS L 296 28.01 50.80 -36.76
N LEU L 297 26.77 50.44 -36.48
CA LEU L 297 26.33 50.23 -35.12
C LEU L 297 27.20 49.21 -34.42
N TYR L 298 27.39 48.05 -35.04
CA TYR L 298 28.21 47.02 -34.43
C TYR L 298 29.61 47.56 -34.23
N GLN L 299 30.19 48.09 -35.30
CA GLN L 299 31.54 48.63 -35.26
C GLN L 299 31.71 49.75 -34.24
N GLY L 300 30.75 50.66 -34.17
CA GLY L 300 30.85 51.76 -33.23
C GLY L 300 30.89 51.26 -31.80
N VAL L 301 30.03 50.30 -31.50
CA VAL L 301 29.94 49.73 -30.16
C VAL L 301 31.24 49.01 -29.84
N ALA L 302 31.77 48.30 -30.83
CA ALA L 302 33.00 47.54 -30.68
C ALA L 302 34.17 48.39 -30.17
N LYS L 303 34.22 49.64 -30.59
CA LYS L 303 35.29 50.54 -30.17
C LYS L 303 35.06 51.09 -28.78
N ALA L 304 33.88 50.83 -28.20
CA ALA L 304 33.54 51.35 -26.87
C ALA L 304 33.72 50.36 -25.71
N THR L 305 33.13 49.17 -25.85
CA THR L 305 33.22 48.13 -24.82
C THR L 305 34.30 47.12 -25.21
N THR L 306 34.75 46.34 -24.25
CA THR L 306 35.81 45.34 -24.48
C THR L 306 35.31 43.89 -24.49
N GLN L 307 34.27 43.63 -23.71
CA GLN L 307 33.69 42.30 -23.62
C GLN L 307 32.69 42.08 -24.75
N PRO L 308 32.39 40.80 -25.04
CA PRO L 308 31.45 40.42 -26.10
C PRO L 308 30.07 41.02 -25.90
N PHE L 309 29.37 41.20 -27.02
CA PHE L 309 28.05 41.80 -27.01
C PHE L 309 27.39 41.56 -28.36
N ASP L 310 26.32 42.31 -28.61
CA ASP L 310 25.61 42.27 -29.86
C ASP L 310 24.69 43.47 -29.91
N ALA L 311 24.68 44.16 -31.06
CA ALA L 311 23.84 45.34 -31.26
C ALA L 311 23.28 45.30 -32.67
N SER L 312 22.01 45.69 -32.83
CA SER L 312 21.39 45.67 -34.15
C SER L 312 20.36 46.76 -34.36
N ALA L 313 20.01 46.96 -35.62
CA ALA L 313 19.02 47.97 -35.98
C ALA L 313 17.67 47.30 -35.95
N PHE L 314 16.84 47.73 -35.01
CA PHE L 314 15.51 47.19 -34.85
C PHE L 314 14.49 47.93 -35.75
N ASN L 315 13.75 47.19 -36.56
CA ASN L 315 12.77 47.86 -37.40
C ASN L 315 11.47 47.10 -37.68
N VAL L 316 10.36 47.65 -37.20
CA VAL L 316 9.05 47.05 -37.38
C VAL L 316 8.11 47.99 -38.10
N ASN L 317 7.39 47.45 -39.07
CA ASN L 317 6.46 48.25 -39.82
C ASN L 317 5.08 47.63 -39.68
N TYR L 318 4.15 48.36 -39.06
CA TYR L 318 2.78 47.89 -38.87
C TYR L 318 1.79 48.65 -39.75
N SER L 319 0.56 48.14 -39.83
CA SER L 319 -0.49 48.74 -40.64
C SER L 319 -0.64 50.24 -40.47
N ASP L 320 -0.86 50.68 -39.24
CA ASP L 320 -1.04 52.09 -38.97
C ASP L 320 0.05 52.71 -38.10
N SER L 321 1.25 52.15 -38.18
CA SER L 321 2.36 52.65 -37.39
C SER L 321 3.56 51.72 -37.51
N GLY L 322 4.63 52.04 -36.80
CA GLY L 322 5.81 51.21 -36.85
C GLY L 322 6.77 51.56 -35.73
N LEU L 323 7.86 50.81 -35.61
CA LEU L 323 8.86 51.08 -34.58
C LEU L 323 10.26 50.98 -35.16
N PHE L 324 11.16 51.80 -34.64
CA PHE L 324 12.54 51.82 -35.11
C PHE L 324 13.49 52.24 -34.01
N GLY L 325 14.70 51.70 -34.06
CA GLY L 325 15.70 52.00 -33.06
C GLY L 325 16.66 50.84 -33.06
N PHE L 326 17.33 50.63 -31.95
CA PHE L 326 18.29 49.54 -31.87
C PHE L 326 17.97 48.55 -30.75
N TYR L 327 18.67 47.42 -30.74
CA TYR L 327 18.49 46.38 -29.74
C TYR L 327 19.89 45.92 -29.29
N THR L 328 20.12 45.81 -27.99
CA THR L 328 21.45 45.43 -27.54
C THR L 328 21.59 44.44 -26.40
N ILE L 329 22.30 43.35 -26.67
CA ILE L 329 22.55 42.33 -25.66
C ILE L 329 23.97 42.59 -25.21
N SER L 330 24.17 42.79 -23.92
CA SER L 330 25.51 43.10 -23.45
C SER L 330 25.74 42.65 -22.03
N GLN L 331 26.99 42.66 -21.60
CA GLN L 331 27.28 42.26 -20.23
C GLN L 331 26.68 43.34 -19.35
N ALA L 332 26.38 42.96 -18.12
CA ALA L 332 25.77 43.88 -17.18
C ALA L 332 26.53 45.19 -17.06
N ALA L 333 27.65 45.15 -16.35
CA ALA L 333 28.46 46.34 -16.13
C ALA L 333 28.71 47.20 -17.38
N HIS L 334 28.76 46.56 -18.54
CA HIS L 334 29.04 47.29 -19.77
C HIS L 334 27.79 47.64 -20.56
N ALA L 335 26.63 47.55 -19.92
CA ALA L 335 25.39 47.87 -20.60
C ALA L 335 25.34 49.37 -20.81
N GLY L 336 25.90 50.09 -19.86
CA GLY L 336 25.92 51.53 -19.96
C GLY L 336 26.68 51.94 -21.20
N GLU L 337 27.96 51.56 -21.26
CA GLU L 337 28.81 51.90 -22.38
C GLU L 337 28.22 51.46 -23.73
N VAL L 338 27.66 50.27 -23.78
CA VAL L 338 27.10 49.74 -25.01
C VAL L 338 25.87 50.49 -25.54
N ILE L 339 24.96 50.87 -24.66
CA ILE L 339 23.77 51.59 -25.10
C ILE L 339 24.16 52.99 -25.57
N ARG L 340 24.92 53.70 -24.74
CA ARG L 340 25.41 55.05 -25.06
C ARG L 340 25.89 55.05 -26.49
N ALA L 341 26.89 54.21 -26.75
CA ALA L 341 27.49 54.05 -28.06
C ALA L 341 26.46 53.89 -29.16
N ALA L 342 25.63 52.85 -29.03
CA ALA L 342 24.60 52.59 -30.03
C ALA L 342 23.84 53.87 -30.36
N MET L 343 23.76 54.77 -29.39
CA MET L 343 23.08 56.05 -29.55
C MET L 343 23.95 57.03 -30.35
N ASN L 344 25.13 57.34 -29.83
CA ASN L 344 26.04 58.26 -30.50
C ASN L 344 26.11 57.90 -31.96
N GLN L 345 26.17 56.61 -32.23
CA GLN L 345 26.24 56.14 -33.61
C GLN L 345 24.98 56.41 -34.42
N LEU L 346 23.87 56.66 -33.72
CA LEU L 346 22.62 56.95 -34.40
C LEU L 346 22.51 58.44 -34.67
N LYS L 347 22.96 59.23 -33.70
CA LYS L 347 22.93 60.68 -33.85
C LYS L 347 23.96 61.01 -34.92
N ALA L 348 25.16 60.43 -34.80
CA ALA L 348 26.23 60.64 -35.75
C ALA L 348 25.77 60.37 -37.18
N ALA L 349 24.77 59.51 -37.31
CA ALA L 349 24.23 59.18 -38.62
C ALA L 349 23.32 60.30 -39.04
N ALA L 350 22.57 60.83 -38.08
CA ALA L 350 21.65 61.92 -38.34
C ALA L 350 22.42 63.20 -38.67
N GLN L 351 23.63 63.33 -38.11
CA GLN L 351 24.45 64.50 -38.35
C GLN L 351 25.25 64.35 -39.65
N GLY L 352 24.60 63.75 -40.65
CA GLY L 352 25.22 63.57 -41.96
C GLY L 352 26.35 62.56 -42.08
N GLY L 353 26.48 61.67 -41.11
CA GLY L 353 27.54 60.68 -41.13
C GLY L 353 27.24 59.44 -41.95
N VAL L 354 26.79 59.62 -43.18
CA VAL L 354 26.46 58.51 -44.06
C VAL L 354 27.09 58.71 -45.44
N THR L 355 27.71 57.66 -45.98
CA THR L 355 28.35 57.72 -47.29
C THR L 355 27.46 57.19 -48.42
N GLU L 356 27.54 57.83 -49.58
CA GLU L 356 26.76 57.45 -50.75
C GLU L 356 27.01 55.98 -51.06
N GLU L 357 28.13 55.46 -50.56
CA GLU L 357 28.50 54.07 -50.76
C GLU L 357 27.72 53.28 -49.72
N ASP L 358 27.85 53.69 -48.46
CA ASP L 358 27.16 53.04 -47.36
C ASP L 358 25.74 52.76 -47.80
N VAL L 359 25.14 53.74 -48.46
CA VAL L 359 23.78 53.60 -48.94
C VAL L 359 23.70 52.56 -50.05
N THR L 360 24.70 52.50 -50.92
CA THR L 360 24.66 51.53 -52.01
C THR L 360 24.89 50.11 -51.47
N LYS L 361 25.77 49.97 -50.49
CA LYS L 361 26.03 48.66 -49.92
C LYS L 361 24.72 48.17 -49.32
N ALA L 362 24.12 49.01 -48.46
CA ALA L 362 22.85 48.69 -47.84
C ALA L 362 21.84 48.22 -48.88
N LYS L 363 21.38 49.14 -49.72
CA LYS L 363 20.42 48.80 -50.77
C LYS L 363 20.61 47.41 -51.36
N ASN L 364 21.87 46.99 -51.54
CA ASN L 364 22.13 45.68 -52.10
C ASN L 364 21.93 44.58 -51.09
N GLN L 365 22.41 44.76 -49.86
CA GLN L 365 22.23 43.74 -48.82
C GLN L 365 20.73 43.51 -48.66
N LEU L 366 19.98 44.60 -48.74
CA LEU L 366 18.53 44.55 -48.61
C LEU L 366 17.93 43.77 -49.78
N LYS L 367 18.29 44.12 -51.00
CA LYS L 367 17.79 43.43 -52.19
C LYS L 367 18.04 41.93 -52.05
N ALA L 368 19.28 41.56 -51.75
CA ALA L 368 19.63 40.16 -51.59
C ALA L 368 18.77 39.54 -50.49
N THR L 369 19.04 39.93 -49.25
CA THR L 369 18.28 39.42 -48.11
C THR L 369 16.81 39.21 -48.50
N TYR L 370 16.19 40.22 -49.12
CA TYR L 370 14.80 40.08 -49.55
C TYR L 370 14.66 38.86 -50.47
N LEU L 371 15.48 38.82 -51.51
CA LEU L 371 15.47 37.74 -52.50
C LEU L 371 15.83 36.37 -51.96
N MET L 372 16.63 36.32 -50.91
CA MET L 372 17.03 35.05 -50.31
C MET L 372 15.91 34.51 -49.44
N SER L 373 15.31 35.42 -48.66
CA SER L 373 14.21 35.10 -47.78
C SER L 373 12.93 34.95 -48.60
N VAL L 374 12.98 34.10 -49.63
CA VAL L 374 11.84 33.83 -50.50
C VAL L 374 12.07 32.51 -51.24
N GLU L 375 13.22 31.89 -51.00
CA GLU L 375 13.54 30.60 -51.61
C GLU L 375 12.67 29.55 -50.91
N THR L 376 12.56 29.72 -49.59
CA THR L 376 11.76 28.86 -48.72
C THR L 376 10.31 28.90 -49.14
N ALA L 377 9.74 27.74 -49.41
CA ALA L 377 8.34 27.67 -49.82
C ALA L 377 7.48 28.49 -48.86
N GLN L 378 7.83 28.43 -47.58
CA GLN L 378 7.11 29.17 -46.56
C GLN L 378 7.31 30.66 -46.74
N GLY L 379 8.56 31.04 -47.02
CA GLY L 379 8.89 32.44 -47.21
C GLY L 379 8.17 33.08 -48.38
N LEU L 380 7.93 32.28 -49.41
CA LEU L 380 7.24 32.71 -50.62
C LEU L 380 5.76 32.85 -50.34
N LEU L 381 5.14 31.76 -49.88
CA LEU L 381 3.71 31.79 -49.57
C LEU L 381 3.41 32.95 -48.65
N ASN L 382 4.38 33.31 -47.82
CA ASN L 382 4.21 34.41 -46.89
C ASN L 382 4.30 35.74 -47.60
N GLU L 383 5.31 35.91 -48.44
CA GLU L 383 5.46 37.16 -49.18
C GLU L 383 4.22 37.37 -50.05
N ILE L 384 3.85 36.35 -50.83
CA ILE L 384 2.70 36.41 -51.72
C ILE L 384 1.42 36.82 -51.01
N GLY L 385 1.11 36.12 -49.93
CA GLY L 385 -0.09 36.40 -49.17
C GLY L 385 -0.15 37.75 -48.49
N SER L 386 0.95 38.19 -47.89
CA SER L 386 0.96 39.48 -47.21
C SER L 386 0.40 40.59 -48.07
N GLU L 387 0.80 40.61 -49.34
CA GLU L 387 0.32 41.64 -50.26
C GLU L 387 -1.14 41.40 -50.52
N ALA L 388 -1.44 40.25 -51.11
CA ALA L 388 -2.80 39.87 -51.44
C ALA L 388 -3.80 40.16 -50.32
N LEU L 389 -3.31 40.54 -49.15
CA LEU L 389 -4.18 40.83 -48.02
C LEU L 389 -4.27 42.34 -47.79
N LEU L 390 -3.11 42.98 -47.62
CA LEU L 390 -3.06 44.43 -47.39
C LEU L 390 -2.81 45.17 -48.71
N SER L 391 -3.54 44.79 -49.74
CA SER L 391 -3.36 45.40 -51.04
C SER L 391 -4.29 44.77 -52.07
N GLY L 392 -4.02 43.51 -52.42
CA GLY L 392 -4.82 42.81 -53.40
C GLY L 392 -4.03 42.68 -54.68
N THR L 393 -2.73 42.97 -54.56
CA THR L 393 -1.81 42.93 -55.70
C THR L 393 -0.49 42.23 -55.40
N HIS L 394 0.30 42.04 -56.46
CA HIS L 394 1.61 41.42 -56.32
C HIS L 394 2.68 42.28 -56.98
N THR L 395 3.36 43.08 -56.16
CA THR L 395 4.43 43.95 -56.62
C THR L 395 5.53 43.08 -57.25
N ALA L 396 5.88 43.41 -58.49
CA ALA L 396 6.91 42.66 -59.22
C ALA L 396 8.26 42.85 -58.52
N PRO L 397 9.13 41.83 -58.58
CA PRO L 397 10.46 41.89 -57.95
C PRO L 397 11.36 43.03 -58.45
N SER L 398 11.22 43.40 -59.70
CA SER L 398 12.02 44.49 -60.27
C SER L 398 11.49 45.83 -59.77
N VAL L 399 10.19 45.84 -59.45
CA VAL L 399 9.54 47.03 -58.94
C VAL L 399 9.97 47.29 -57.50
N VAL L 400 9.90 46.25 -56.68
CA VAL L 400 10.29 46.37 -55.28
C VAL L 400 11.76 46.79 -55.23
N ALA L 401 12.51 46.42 -56.26
CA ALA L 401 13.93 46.78 -56.35
C ALA L 401 13.94 48.25 -56.80
N GLN L 402 13.27 48.51 -57.93
CA GLN L 402 13.17 49.85 -58.48
C GLN L 402 12.72 50.81 -57.39
N LYS L 403 12.07 50.25 -56.37
CA LYS L 403 11.56 51.02 -55.24
C LYS L 403 12.57 51.14 -54.12
N ILE L 404 13.37 50.10 -53.95
CA ILE L 404 14.36 50.10 -52.88
C ILE L 404 15.51 51.07 -53.15
N ASP L 405 16.24 50.89 -54.26
CA ASP L 405 17.37 51.78 -54.55
C ASP L 405 16.96 53.23 -54.69
N SER L 406 15.76 53.49 -55.18
CA SER L 406 15.31 54.87 -55.33
C SER L 406 15.13 55.51 -53.96
N VAL L 407 16.22 55.58 -53.21
CA VAL L 407 16.22 56.18 -51.89
C VAL L 407 17.47 57.02 -51.70
N THR L 408 17.29 58.34 -51.72
CA THR L 408 18.40 59.28 -51.58
C THR L 408 19.23 59.13 -50.31
N SER L 409 20.46 59.64 -50.36
CA SER L 409 21.36 59.63 -49.23
C SER L 409 20.67 60.39 -48.13
N ALA L 410 19.98 61.46 -48.53
CA ALA L 410 19.26 62.31 -47.60
C ALA L 410 18.20 61.50 -46.87
N ASP L 411 17.27 60.89 -47.64
CA ASP L 411 16.21 60.08 -47.06
C ASP L 411 16.71 59.33 -45.82
N VAL L 412 17.86 58.66 -45.98
CA VAL L 412 18.46 57.90 -44.90
C VAL L 412 18.81 58.79 -43.73
N VAL L 413 19.53 59.86 -43.99
CA VAL L 413 19.92 60.77 -42.92
C VAL L 413 18.69 61.38 -42.26
N ASN L 414 17.59 61.48 -43.01
CA ASN L 414 16.33 62.02 -42.47
C ASN L 414 15.71 61.02 -41.47
N ALA L 415 15.64 59.76 -41.88
CA ALA L 415 15.11 58.73 -41.01
C ALA L 415 15.89 58.87 -39.71
N ALA L 416 17.23 58.89 -39.84
CA ALA L 416 18.11 59.03 -38.69
C ALA L 416 17.68 60.16 -37.79
N LYS L 417 17.45 61.33 -38.38
CA LYS L 417 17.03 62.51 -37.61
C LYS L 417 15.81 62.18 -36.77
N LYS L 418 14.76 61.70 -37.45
CA LYS L 418 13.50 61.35 -36.81
C LYS L 418 13.70 60.58 -35.51
N PHE L 419 14.59 59.59 -35.54
CA PHE L 419 14.83 58.80 -34.34
C PHE L 419 15.42 59.66 -33.23
N VAL L 420 16.42 60.48 -33.57
CA VAL L 420 17.07 61.31 -32.56
C VAL L 420 16.18 62.40 -32.02
N SER L 421 15.18 62.81 -32.81
CA SER L 421 14.26 63.87 -32.41
C SER L 421 12.97 63.40 -31.72
N GLY L 422 12.31 62.41 -32.33
CA GLY L 422 11.07 61.86 -31.80
C GLY L 422 11.16 61.39 -30.37
N LYS L 423 10.01 61.13 -29.75
CA LYS L 423 9.97 60.67 -28.39
C LYS L 423 10.38 59.20 -28.39
N LYS L 424 11.34 58.87 -27.56
CA LYS L 424 11.85 57.50 -27.47
C LYS L 424 11.22 56.73 -26.33
N SER L 425 11.02 55.43 -26.56
CA SER L 425 10.47 54.55 -25.54
C SER L 425 11.44 53.36 -25.47
N MET L 426 11.92 53.08 -24.27
CA MET L 426 12.89 52.01 -24.08
C MET L 426 12.32 50.87 -23.24
N ALA L 427 12.87 49.68 -23.42
CA ALA L 427 12.45 48.50 -22.67
C ALA L 427 13.69 47.63 -22.41
N ALA L 428 13.99 47.34 -21.15
CA ALA L 428 15.16 46.54 -20.82
C ALA L 428 14.92 45.46 -19.76
N SER L 429 15.75 44.40 -19.77
CA SER L 429 15.64 43.31 -18.78
C SER L 429 17.00 42.65 -18.42
N GLY L 430 17.20 42.39 -17.13
CA GLY L 430 18.44 41.78 -16.68
C GLY L 430 18.91 42.46 -15.41
N ASP L 431 20.19 42.36 -15.08
CA ASP L 431 20.72 43.04 -13.90
C ASP L 431 21.02 44.44 -14.40
N LEU L 432 19.99 45.29 -14.39
CA LEU L 432 20.06 46.65 -14.88
C LEU L 432 20.84 47.69 -14.06
N GLY L 433 21.36 47.29 -12.90
CA GLY L 433 22.10 48.19 -12.03
C GLY L 433 22.98 49.25 -12.69
N SER L 434 23.60 48.88 -13.80
CA SER L 434 24.48 49.79 -14.53
C SER L 434 23.85 50.27 -15.83
N THR L 435 22.66 49.75 -16.15
CA THR L 435 21.97 50.14 -17.38
C THR L 435 21.38 51.52 -17.16
N PRO L 436 21.37 52.36 -18.21
CA PRO L 436 20.80 53.71 -18.08
C PRO L 436 19.29 53.84 -18.39
N PHE L 437 18.71 54.95 -17.93
CA PHE L 437 17.30 55.25 -18.16
C PHE L 437 17.16 56.08 -19.42
N LEU L 438 15.97 56.05 -20.00
CA LEU L 438 15.70 56.76 -21.23
C LEU L 438 16.07 58.23 -21.16
N ASP L 439 15.91 58.85 -19.99
CA ASP L 439 16.26 60.26 -19.90
C ASP L 439 17.74 60.52 -19.63
N GLU L 440 18.58 59.52 -19.84
CA GLU L 440 20.01 59.69 -19.63
C GLU L 440 20.74 59.52 -20.97
N LEU L 441 19.97 59.48 -22.04
CA LEU L 441 20.53 59.34 -23.38
C LEU L 441 20.05 60.51 -24.25
N ALA M 2 -2.08 3.51 -15.42
CA ALA M 2 -0.62 3.27 -15.60
C ALA M 2 -0.30 2.43 -16.86
N PRO M 3 0.86 2.68 -17.49
CA PRO M 3 1.34 2.00 -18.70
C PRO M 3 1.45 0.46 -18.61
N ASN M 4 2.39 -0.04 -17.81
CA ASN M 4 2.56 -1.49 -17.67
C ASN M 4 1.78 -2.09 -16.49
N ILE M 5 1.15 -3.23 -16.78
CA ILE M 5 0.32 -3.96 -15.82
C ILE M 5 1.02 -4.36 -14.54
N ARG M 6 2.33 -4.62 -14.61
CA ARG M 6 3.09 -5.04 -13.43
C ARG M 6 2.91 -4.08 -12.26
N LYS M 7 2.70 -2.81 -12.56
CA LYS M 7 2.55 -1.80 -11.50
C LYS M 7 1.11 -1.46 -11.11
N SER M 8 0.22 -1.41 -12.10
CA SER M 8 -1.17 -1.06 -11.84
C SER M 8 -1.97 -2.15 -11.12
N HIS M 9 -1.95 -3.36 -11.67
CA HIS M 9 -2.67 -4.51 -11.09
C HIS M 9 -2.52 -4.56 -9.57
N PRO M 10 -3.65 -4.66 -8.84
CA PRO M 10 -3.59 -4.71 -7.38
C PRO M 10 -2.78 -5.88 -6.80
N LEU M 11 -2.53 -6.90 -7.61
CA LEU M 11 -1.77 -8.05 -7.14
C LEU M 11 -0.36 -8.13 -7.68
N LEU M 12 -0.20 -7.99 -8.99
CA LEU M 12 1.13 -8.02 -9.59
C LEU M 12 1.93 -6.94 -8.90
N LYS M 13 1.30 -5.79 -8.70
CA LYS M 13 1.91 -4.66 -8.02
C LYS M 13 2.60 -5.15 -6.75
N MET M 14 1.97 -6.07 -6.02
CA MET M 14 2.57 -6.61 -4.80
C MET M 14 3.79 -7.47 -5.16
N ILE M 15 3.60 -8.41 -6.09
CA ILE M 15 4.68 -9.30 -6.53
C ILE M 15 5.83 -8.48 -7.09
N ASN M 16 5.51 -7.36 -7.71
CA ASN M 16 6.53 -6.50 -8.28
C ASN M 16 7.31 -5.76 -7.20
N ASN M 17 6.60 -5.05 -6.32
CA ASN M 17 7.27 -4.29 -5.27
C ASN M 17 7.98 -5.11 -4.19
N SER M 18 8.19 -6.40 -4.44
CA SER M 18 8.86 -7.23 -3.44
C SER M 18 9.61 -8.42 -4.03
N LEU M 19 9.79 -8.43 -5.34
CA LEU M 19 10.50 -9.53 -5.97
C LEU M 19 10.99 -9.17 -7.34
N ILE M 20 10.70 -7.97 -7.81
CA ILE M 20 11.14 -7.62 -9.14
C ILE M 20 11.74 -6.24 -9.25
N ASP M 21 11.03 -5.23 -8.76
CA ASP M 21 11.53 -3.86 -8.83
C ASP M 21 11.99 -3.38 -7.45
N LEU M 22 12.03 -4.30 -6.51
CA LEU M 22 12.45 -4.00 -5.15
C LEU M 22 13.91 -3.58 -5.07
N PRO M 23 14.16 -2.41 -4.47
CA PRO M 23 15.49 -1.84 -4.29
C PRO M 23 16.37 -2.61 -3.32
N ALA M 24 17.44 -3.17 -3.86
CA ALA M 24 18.37 -3.94 -3.06
C ALA M 24 19.75 -3.32 -3.12
N PRO M 25 20.48 -3.34 -1.99
CA PRO M 25 21.82 -2.79 -1.97
C PRO M 25 22.59 -3.60 -3.00
N SER M 26 23.64 -3.02 -3.58
CA SER M 26 24.43 -3.72 -4.59
C SER M 26 25.49 -4.61 -3.96
N ASN M 27 25.84 -4.35 -2.71
CA ASN M 27 26.89 -5.14 -2.09
C ASN M 27 26.49 -6.23 -1.10
N ILE M 28 25.27 -6.73 -1.13
CA ILE M 28 24.97 -7.76 -0.14
C ILE M 28 25.65 -9.05 -0.52
N SER M 29 26.09 -9.77 0.51
CA SER M 29 26.80 -11.03 0.33
C SER M 29 25.95 -12.27 0.45
N ALA M 30 26.61 -13.41 0.44
CA ALA M 30 25.95 -14.69 0.52
C ALA M 30 25.21 -14.81 1.82
N TRP M 31 25.62 -14.09 2.85
CA TRP M 31 24.92 -14.23 4.10
C TRP M 31 23.46 -13.76 4.01
N TRP M 32 23.13 -13.05 2.94
CA TRP M 32 21.75 -12.58 2.79
C TRP M 32 20.87 -13.62 2.07
N ASN M 33 21.49 -14.66 1.54
CA ASN M 33 20.76 -15.71 0.85
C ASN M 33 19.88 -16.55 1.78
N PHE M 34 20.11 -16.49 3.08
CA PHE M 34 19.33 -17.32 3.99
C PHE M 34 17.85 -16.96 4.14
N GLY M 35 17.51 -15.71 3.87
CA GLY M 35 16.11 -15.34 3.97
C GLY M 35 15.32 -16.17 2.97
N SER M 36 15.73 -16.10 1.70
CA SER M 36 15.06 -16.85 0.68
C SER M 36 15.08 -18.33 0.98
N LEU M 37 16.21 -18.84 1.41
CA LEU M 37 16.26 -20.27 1.68
C LEU M 37 15.25 -20.60 2.75
N LEU M 38 15.30 -19.88 3.85
CA LEU M 38 14.34 -20.15 4.90
C LEU M 38 12.93 -20.22 4.31
N ALA M 39 12.64 -19.31 3.39
CA ALA M 39 11.34 -19.27 2.75
C ALA M 39 11.09 -20.56 1.95
N VAL M 40 12.01 -20.88 1.05
CA VAL M 40 11.90 -22.08 0.24
C VAL M 40 11.80 -23.30 1.17
N CYS M 41 12.69 -23.32 2.14
CA CYS M 41 12.76 -24.38 3.14
C CYS M 41 11.35 -24.64 3.69
N LEU M 42 10.65 -23.56 4.00
CA LEU M 42 9.30 -23.62 4.54
C LEU M 42 8.30 -24.24 3.58
N MET M 43 8.26 -23.76 2.35
CA MET M 43 7.33 -24.28 1.36
C MET M 43 7.59 -25.74 1.13
N THR M 44 8.84 -26.12 1.24
CA THR M 44 9.20 -27.51 1.04
C THR M 44 8.71 -28.41 2.18
N GLN M 45 8.83 -27.94 3.41
CA GLN M 45 8.39 -28.73 4.54
C GLN M 45 6.90 -28.98 4.42
N ILE M 46 6.16 -27.90 4.24
CA ILE M 46 4.71 -27.97 4.11
C ILE M 46 4.31 -28.93 2.99
N LEU M 47 5.01 -28.88 1.87
CA LEU M 47 4.70 -29.80 0.80
C LEU M 47 4.95 -31.25 1.22
N THR M 48 6.18 -31.59 1.57
CA THR M 48 6.46 -32.94 2.02
C THR M 48 5.62 -33.31 3.24
N GLY M 49 5.35 -32.33 4.09
CA GLY M 49 4.56 -32.61 5.26
C GLY M 49 3.15 -33.08 4.95
N LEU M 50 2.46 -32.33 4.09
CA LEU M 50 1.11 -32.70 3.69
C LEU M 50 1.18 -34.12 3.14
N LEU M 51 2.04 -34.32 2.15
CA LEU M 51 2.21 -35.62 1.56
C LEU M 51 2.31 -36.73 2.61
N LEU M 52 3.04 -36.47 3.69
CA LEU M 52 3.18 -37.46 4.73
C LEU M 52 1.90 -37.57 5.53
N ALA M 53 1.27 -36.44 5.81
CA ALA M 53 0.04 -36.42 6.60
C ALA M 53 -1.06 -37.24 5.92
N MET M 54 -0.97 -37.38 4.61
CA MET M 54 -1.99 -38.10 3.88
C MET M 54 -1.83 -39.59 4.02
N HIS M 55 -1.00 -40.01 4.97
CA HIS M 55 -0.76 -41.44 5.20
C HIS M 55 -0.48 -41.73 6.66
N TYR M 56 -0.50 -40.68 7.48
CA TYR M 56 -0.20 -40.86 8.88
C TYR M 56 -1.46 -41.11 9.68
N THR M 57 -1.33 -41.78 10.81
CA THR M 57 -2.48 -42.00 11.68
C THR M 57 -2.05 -41.56 13.07
N ALA M 58 -2.80 -40.69 13.70
CA ALA M 58 -2.41 -40.23 15.01
C ALA M 58 -3.05 -41.04 16.13
N ASP M 59 -2.44 -42.19 16.42
CA ASP M 59 -2.97 -43.01 17.47
C ASP M 59 -1.84 -43.86 17.99
N THR M 60 -1.64 -43.83 19.30
CA THR M 60 -0.57 -44.58 19.91
C THR M 60 -0.47 -45.98 19.32
N SER M 61 -1.60 -46.59 18.99
CA SER M 61 -1.55 -47.93 18.44
C SER M 61 -1.25 -48.01 16.95
N LEU M 62 -1.18 -46.88 16.26
CA LEU M 62 -0.92 -46.95 14.82
C LEU M 62 0.11 -45.97 14.30
N ALA M 63 0.40 -44.92 15.08
CA ALA M 63 1.38 -43.93 14.66
C ALA M 63 2.67 -44.55 14.13
N PHE M 64 3.40 -45.24 15.01
CA PHE M 64 4.66 -45.84 14.63
C PHE M 64 4.60 -46.61 13.31
N SER M 65 3.61 -47.49 13.21
CA SER M 65 3.46 -48.31 12.03
C SER M 65 2.89 -47.59 10.81
N SER M 66 2.21 -46.48 11.04
CA SER M 66 1.65 -45.73 9.91
C SER M 66 2.83 -45.10 9.17
N VAL M 67 3.79 -44.61 9.95
CA VAL M 67 5.00 -44.00 9.40
C VAL M 67 5.79 -45.08 8.68
N ALA M 68 5.95 -46.23 9.34
CA ALA M 68 6.68 -47.34 8.75
C ALA M 68 6.00 -47.80 7.47
N HIS M 69 4.69 -48.03 7.55
CA HIS M 69 3.91 -48.46 6.40
C HIS M 69 4.10 -47.45 5.25
N THR M 70 4.26 -46.17 5.59
CA THR M 70 4.45 -45.11 4.58
C THR M 70 5.73 -45.31 3.78
N CYS M 71 6.84 -45.47 4.51
CA CYS M 71 8.16 -45.65 3.91
C CYS M 71 8.24 -46.97 3.17
N ARG M 72 7.55 -47.97 3.68
CA ARG M 72 7.55 -49.29 3.08
C ARG M 72 6.61 -49.57 1.91
N ASN M 73 5.42 -48.96 1.92
CA ASN M 73 4.46 -49.21 0.84
C ASN M 73 4.09 -48.07 -0.06
N VAL M 74 4.19 -46.85 0.42
CA VAL M 74 3.81 -45.71 -0.40
C VAL M 74 4.88 -45.32 -1.42
N GLN M 75 4.52 -45.30 -2.70
CA GLN M 75 5.45 -44.93 -3.78
C GLN M 75 6.27 -43.70 -3.40
N TYR M 76 7.56 -43.87 -3.22
CA TYR M 76 8.43 -42.75 -2.83
C TYR M 76 8.13 -42.24 -1.41
N GLY M 77 7.41 -43.05 -0.64
CA GLY M 77 7.10 -42.69 0.72
C GLY M 77 8.40 -42.50 1.45
N TRP M 78 9.29 -43.48 1.31
CA TRP M 78 10.59 -43.40 1.98
C TRP M 78 11.31 -42.08 1.67
N LEU M 79 11.30 -41.67 0.39
CA LEU M 79 11.96 -40.44 -0.01
C LEU M 79 11.34 -39.23 0.66
N ILE M 80 10.02 -39.13 0.55
CA ILE M 80 9.29 -38.02 1.15
C ILE M 80 9.55 -37.96 2.64
N ARG M 81 9.46 -39.11 3.29
CA ARG M 81 9.70 -39.13 4.72
C ARG M 81 11.08 -38.55 5.01
N ASN M 82 12.10 -39.00 4.28
CA ASN M 82 13.47 -38.52 4.50
C ASN M 82 13.54 -37.01 4.26
N LEU M 83 13.20 -36.58 3.05
CA LEU M 83 13.23 -35.16 2.74
C LEU M 83 12.58 -34.33 3.84
N HIS M 84 11.44 -34.78 4.36
CA HIS M 84 10.75 -34.02 5.40
C HIS M 84 11.60 -33.99 6.62
N ALA M 85 12.03 -35.17 7.07
CA ALA M 85 12.83 -35.27 8.28
C ALA M 85 14.13 -34.47 8.23
N ASN M 86 14.94 -34.71 7.22
CA ASN M 86 16.20 -34.00 7.08
C ASN M 86 15.95 -32.53 6.79
N GLY M 87 14.83 -32.26 6.13
CA GLY M 87 14.48 -30.88 5.81
C GLY M 87 14.42 -30.05 7.08
N ALA M 88 13.97 -30.65 8.16
CA ALA M 88 13.85 -29.94 9.42
C ALA M 88 15.21 -29.39 9.88
N SER M 89 16.27 -30.17 9.68
CA SER M 89 17.60 -29.74 10.08
C SER M 89 18.06 -28.64 9.15
N PHE M 90 18.00 -28.90 7.86
CA PHE M 90 18.40 -27.91 6.88
C PHE M 90 17.73 -26.61 7.32
N PHE M 91 16.49 -26.73 7.82
CA PHE M 91 15.76 -25.55 8.23
C PHE M 91 16.53 -24.84 9.32
N PHE M 92 16.80 -25.55 10.42
CA PHE M 92 17.53 -24.96 11.53
C PHE M 92 18.91 -24.48 11.13
N ILE M 93 19.67 -25.32 10.44
CA ILE M 93 20.97 -24.88 10.02
C ILE M 93 20.79 -23.49 9.43
N CYS M 94 19.88 -23.37 8.47
CA CYS M 94 19.67 -22.08 7.84
C CYS M 94 19.24 -20.99 8.78
N ILE M 95 18.28 -21.27 9.65
CA ILE M 95 17.83 -20.22 10.53
C ILE M 95 18.95 -19.76 11.45
N PHE M 96 19.84 -20.66 11.83
CA PHE M 96 20.95 -20.29 12.71
C PHE M 96 21.92 -19.33 12.03
N LEU M 97 22.19 -19.56 10.75
CA LEU M 97 23.06 -18.66 10.00
C LEU M 97 22.34 -17.31 9.80
N HIS M 98 21.05 -17.36 9.48
CA HIS M 98 20.23 -16.16 9.26
C HIS M 98 20.36 -15.30 10.51
N ILE M 99 20.21 -15.91 11.68
CA ILE M 99 20.33 -15.16 12.92
C ILE M 99 21.72 -14.60 13.07
N GLY M 100 22.71 -15.48 12.95
CA GLY M 100 24.10 -15.08 13.06
C GLY M 100 24.37 -13.88 12.19
N ARG M 101 24.06 -13.99 10.91
CA ARG M 101 24.25 -12.91 9.96
C ARG M 101 23.71 -11.63 10.56
N GLY M 102 22.50 -11.71 11.10
CA GLY M 102 21.88 -10.53 11.67
C GLY M 102 22.63 -9.91 12.83
N LEU M 103 23.14 -10.76 13.72
CA LEU M 103 23.89 -10.29 14.87
C LEU M 103 25.19 -9.59 14.47
N TYR M 104 25.96 -10.27 13.64
CA TYR M 104 27.23 -9.76 13.14
C TYR M 104 27.13 -8.46 12.33
N TYR M 105 26.00 -8.22 11.66
CA TYR M 105 25.84 -7.02 10.86
C TYR M 105 24.83 -6.05 11.43
N GLY M 106 24.55 -6.20 12.73
CA GLY M 106 23.60 -5.33 13.38
C GLY M 106 22.32 -5.12 12.59
N SER M 107 21.72 -6.20 12.09
CA SER M 107 20.48 -6.12 11.33
C SER M 107 19.37 -5.95 12.36
N TYR M 108 19.61 -6.47 13.55
CA TYR M 108 18.64 -6.37 14.63
C TYR M 108 18.24 -4.92 14.91
N LEU M 109 18.96 -3.96 14.35
CA LEU M 109 18.61 -2.57 14.60
C LEU M 109 17.28 -2.26 13.93
N TYR M 110 16.83 -3.18 13.07
CA TYR M 110 15.53 -3.06 12.42
C TYR M 110 14.55 -3.76 13.37
N LYS M 111 14.52 -3.30 14.61
CA LYS M 111 13.69 -3.87 15.66
C LYS M 111 12.50 -4.76 15.28
N GLU M 112 11.48 -4.20 14.63
CA GLU M 112 10.29 -4.98 14.27
C GLU M 112 10.58 -6.18 13.37
N THR M 113 11.45 -6.02 12.39
CA THR M 113 11.77 -7.14 11.52
C THR M 113 12.39 -8.18 12.42
N TRP M 114 13.33 -7.72 13.25
CA TRP M 114 14.02 -8.57 14.20
C TRP M 114 13.09 -9.26 15.20
N ASN M 115 12.23 -8.50 15.85
CA ASN M 115 11.31 -9.10 16.81
C ASN M 115 10.39 -10.16 16.19
N THR M 116 9.85 -9.90 15.00
CA THR M 116 9.01 -10.90 14.37
C THR M 116 9.93 -12.10 14.15
N GLY M 117 11.13 -11.81 13.68
CA GLY M 117 12.08 -12.87 13.47
C GLY M 117 12.23 -13.76 14.71
N VAL M 118 12.36 -13.18 15.90
CA VAL M 118 12.50 -14.03 17.07
C VAL M 118 11.24 -14.88 17.14
N ILE M 119 10.09 -14.24 16.91
CA ILE M 119 8.86 -15.00 16.95
C ILE M 119 8.87 -16.16 15.95
N LEU M 120 9.42 -15.97 14.75
CA LEU M 120 9.46 -17.07 13.81
C LEU M 120 10.26 -18.25 14.37
N LEU M 121 11.37 -17.97 15.03
CA LEU M 121 12.23 -19.00 15.62
C LEU M 121 11.50 -19.76 16.72
N LEU M 122 10.84 -19.02 17.61
CA LEU M 122 10.11 -19.67 18.68
C LEU M 122 9.06 -20.61 18.09
N THR M 123 8.30 -20.09 17.11
CA THR M 123 7.27 -20.89 16.45
C THR M 123 7.86 -22.13 15.78
N LEU M 124 8.94 -21.94 14.99
CA LEU M 124 9.62 -23.05 14.33
C LEU M 124 10.06 -24.11 15.34
N MET M 125 10.47 -23.69 16.53
CA MET M 125 10.89 -24.63 17.55
C MET M 125 9.69 -25.47 17.96
N ALA M 126 8.63 -24.81 18.41
CA ALA M 126 7.41 -25.52 18.83
C ALA M 126 7.01 -26.51 17.74
N THR M 127 6.97 -26.03 16.51
CA THR M 127 6.63 -26.87 15.37
C THR M 127 7.50 -28.10 15.27
N ALA M 128 8.82 -27.90 15.23
CA ALA M 128 9.76 -29.00 15.11
C ALA M 128 9.77 -29.90 16.33
N PHE M 129 9.34 -29.36 17.45
CA PHE M 129 9.31 -30.17 18.65
C PHE M 129 8.17 -31.16 18.58
N VAL M 130 6.96 -30.66 18.36
CA VAL M 130 5.79 -31.52 18.28
C VAL M 130 5.90 -32.45 17.09
N GLY M 131 6.48 -31.99 16.00
CA GLY M 131 6.60 -32.85 14.84
C GLY M 131 7.33 -34.15 15.17
N TYR M 132 8.38 -34.04 15.98
CA TYR M 132 9.21 -35.18 16.36
C TYR M 132 8.52 -36.27 17.17
N VAL M 133 7.43 -35.93 17.85
CA VAL M 133 6.74 -36.95 18.62
C VAL M 133 5.86 -37.84 17.75
N LEU M 134 5.32 -37.28 16.67
CA LEU M 134 4.43 -38.00 15.77
C LEU M 134 4.79 -39.45 15.42
N PRO M 135 6.08 -39.77 15.19
CA PRO M 135 6.39 -41.17 14.84
C PRO M 135 6.31 -42.13 16.03
N TRP M 136 6.04 -41.58 17.20
CA TRP M 136 5.88 -42.37 18.42
C TRP M 136 6.92 -43.46 18.59
N GLY M 137 8.17 -43.04 18.67
CA GLY M 137 9.25 -43.98 18.87
C GLY M 137 9.76 -43.76 20.29
N GLN M 138 10.69 -44.59 20.72
CA GLN M 138 11.25 -44.46 22.06
C GLN M 138 11.66 -43.04 22.38
N MET M 139 12.50 -42.45 21.52
CA MET M 139 12.94 -41.10 21.79
C MET M 139 11.81 -40.10 21.66
N SER M 140 10.90 -40.34 20.72
CA SER M 140 9.77 -39.45 20.53
C SER M 140 9.04 -39.30 21.88
N PHE M 141 8.54 -40.43 22.35
CA PHE M 141 7.79 -40.49 23.60
C PHE M 141 8.52 -39.95 24.80
N TRP M 142 9.70 -40.51 25.05
CA TRP M 142 10.51 -40.12 26.19
C TRP M 142 10.92 -38.67 26.17
N GLY M 143 11.37 -38.19 25.03
CA GLY M 143 11.74 -36.81 24.94
C GLY M 143 10.53 -35.99 25.33
N ALA M 144 9.40 -36.32 24.72
CA ALA M 144 8.14 -35.62 24.98
C ALA M 144 7.81 -35.58 26.46
N THR M 145 8.01 -36.72 27.13
CA THR M 145 7.73 -36.83 28.55
C THR M 145 8.64 -35.97 29.43
N VAL M 146 9.93 -35.93 29.10
CA VAL M 146 10.86 -35.14 29.90
C VAL M 146 10.73 -33.64 29.64
N ILE M 147 10.75 -33.25 28.37
CA ILE M 147 10.64 -31.85 28.02
C ILE M 147 9.36 -31.20 28.51
N THR M 148 8.20 -31.79 28.22
CA THR M 148 6.95 -31.18 28.67
C THR M 148 6.85 -31.14 30.19
N ASN M 149 7.33 -32.17 30.86
CA ASN M 149 7.23 -32.18 32.30
C ASN M 149 7.99 -31.01 32.93
N LEU M 150 8.96 -30.46 32.20
CA LEU M 150 9.74 -29.34 32.73
C LEU M 150 8.91 -28.27 33.40
N PHE M 151 7.85 -27.83 32.73
CA PHE M 151 6.97 -26.78 33.25
C PHE M 151 6.44 -27.06 34.65
N SER M 152 6.41 -28.33 35.05
CA SER M 152 5.89 -28.69 36.36
C SER M 152 6.63 -27.98 37.49
N ALA M 153 7.77 -27.37 37.15
CA ALA M 153 8.62 -26.66 38.11
C ALA M 153 8.07 -25.29 38.48
N ILE M 154 7.26 -24.71 37.59
CA ILE M 154 6.67 -23.43 37.91
C ILE M 154 5.84 -23.75 39.15
N PRO M 155 5.76 -22.83 40.12
CA PRO M 155 4.97 -23.18 41.30
C PRO M 155 3.48 -22.96 41.05
N TYR M 156 2.64 -23.69 41.78
CA TYR M 156 1.19 -23.58 41.68
C TYR M 156 0.62 -24.15 40.37
N ILE M 157 0.67 -23.37 39.29
CA ILE M 157 0.15 -23.83 38.02
C ILE M 157 1.07 -24.85 37.32
N GLY M 158 1.93 -25.49 38.09
CA GLY M 158 2.85 -26.46 37.52
C GLY M 158 2.19 -27.62 36.83
N HIS M 159 1.85 -28.64 37.61
CA HIS M 159 1.21 -29.85 37.09
C HIS M 159 -0.03 -29.47 36.31
N THR M 160 -0.84 -28.61 36.91
CA THR M 160 -2.04 -28.12 36.29
C THR M 160 -1.78 -27.84 34.82
N LEU M 161 -0.92 -26.86 34.55
CA LEU M 161 -0.58 -26.49 33.19
C LEU M 161 -0.03 -27.66 32.37
N VAL M 162 0.64 -28.61 33.00
CA VAL M 162 1.20 -29.74 32.28
C VAL M 162 0.18 -30.83 31.99
N GLU M 163 -0.62 -31.16 33.01
CA GLU M 163 -1.64 -32.19 32.83
C GLU M 163 -2.69 -31.69 31.86
N TRP M 164 -2.82 -30.37 31.79
CA TRP M 164 -3.74 -29.79 30.87
C TRP M 164 -3.16 -30.12 29.50
N ALA M 165 -1.97 -29.61 29.23
CA ALA M 165 -1.31 -29.84 27.95
C ALA M 165 -1.31 -31.30 27.48
N TRP M 166 -1.05 -32.22 28.42
CA TRP M 166 -0.99 -33.65 28.11
C TRP M 166 -2.38 -34.23 27.82
N GLY M 167 -3.40 -33.58 28.35
CA GLY M 167 -4.74 -34.06 28.14
C GLY M 167 -4.97 -35.27 29.03
N GLY M 168 -4.05 -35.45 29.98
CA GLY M 168 -4.17 -36.57 30.89
C GLY M 168 -3.16 -36.54 32.02
N PHE M 169 -2.67 -37.72 32.38
CA PHE M 169 -1.71 -37.86 33.48
C PHE M 169 -0.30 -38.15 33.00
N SER M 170 -0.16 -38.34 31.71
CA SER M 170 1.13 -38.63 31.12
C SER M 170 0.99 -38.56 29.61
N VAL M 171 2.11 -38.47 28.91
CA VAL M 171 2.05 -38.41 27.47
C VAL M 171 1.43 -39.69 26.94
N ASP M 172 0.19 -39.57 26.45
CA ASP M 172 -0.53 -40.73 25.92
C ASP M 172 -1.25 -40.30 24.64
N ASN M 173 -2.18 -41.12 24.18
CA ASN M 173 -2.91 -40.83 22.96
C ASN M 173 -3.51 -39.44 22.84
N PRO M 174 -4.14 -38.92 23.89
CA PRO M 174 -4.71 -37.58 23.80
C PRO M 174 -3.66 -36.51 23.50
N THR M 175 -2.41 -36.85 23.72
CA THR M 175 -1.33 -35.91 23.46
C THR M 175 -0.96 -36.04 22.01
N LEU M 176 -0.71 -37.27 21.59
CA LEU M 176 -0.33 -37.55 20.21
C LEU M 176 -1.24 -36.82 19.25
N THR M 177 -2.55 -36.92 19.48
CA THR M 177 -3.49 -36.25 18.60
C THR M 177 -3.36 -34.73 18.63
N ARG M 178 -3.44 -34.11 19.80
CA ARG M 178 -3.32 -32.65 19.83
C ARG M 178 -1.96 -32.17 19.33
N PHE M 179 -0.94 -33.03 19.35
CA PHE M 179 0.34 -32.58 18.85
C PHE M 179 0.24 -32.62 17.35
N PHE M 180 -0.30 -33.71 16.80
CA PHE M 180 -0.46 -33.80 15.35
C PHE M 180 -1.22 -32.57 14.84
N ALA M 181 -2.26 -32.19 15.58
CA ALA M 181 -3.02 -31.01 15.23
C ALA M 181 -2.07 -29.82 15.20
N LEU M 182 -1.43 -29.51 16.32
CA LEU M 182 -0.48 -28.39 16.40
C LEU M 182 0.59 -28.40 15.32
N HIS M 183 1.15 -29.58 15.06
CA HIS M 183 2.17 -29.70 14.04
C HIS M 183 1.62 -29.36 12.65
N PHE M 184 0.34 -29.68 12.38
CA PHE M 184 -0.26 -29.36 11.08
C PHE M 184 -0.49 -27.84 11.04
N LEU M 185 -1.00 -27.30 12.14
CA LEU M 185 -1.28 -25.88 12.22
C LEU M 185 -0.11 -24.91 12.13
N LEU M 186 0.77 -24.93 13.13
CA LEU M 186 1.91 -24.01 13.23
C LEU M 186 2.61 -23.58 11.93
N PRO M 187 3.03 -24.54 11.09
CA PRO M 187 3.68 -24.15 9.85
C PRO M 187 2.95 -23.00 9.16
N PHE M 188 1.63 -23.11 9.06
CA PHE M 188 0.86 -22.07 8.39
C PHE M 188 0.93 -20.77 9.13
N ALA M 189 1.08 -20.81 10.46
CA ALA M 189 1.23 -19.57 11.22
C ALA M 189 2.60 -18.99 10.86
N ILE M 190 3.59 -19.85 10.70
CA ILE M 190 4.91 -19.37 10.32
C ILE M 190 4.81 -18.57 9.01
N ALA M 191 4.19 -19.18 7.99
CA ALA M 191 4.03 -18.55 6.69
C ALA M 191 3.35 -17.20 6.83
N GLY M 192 2.33 -17.14 7.67
CA GLY M 192 1.65 -15.89 7.84
C GLY M 192 2.63 -14.85 8.36
N ILE M 193 3.25 -15.21 9.49
CA ILE M 193 4.20 -14.32 10.10
C ILE M 193 5.35 -13.93 9.19
N THR M 194 5.80 -14.85 8.35
CA THR M 194 6.86 -14.49 7.44
C THR M 194 6.44 -13.28 6.59
N ILE M 195 5.16 -13.21 6.25
CA ILE M 195 4.70 -12.07 5.46
C ILE M 195 4.90 -10.79 6.26
N ILE M 196 4.57 -10.83 7.56
CA ILE M 196 4.75 -9.64 8.41
C ILE M 196 6.25 -9.29 8.45
N HIS M 197 7.08 -10.30 8.70
CA HIS M 197 8.54 -10.16 8.76
C HIS M 197 8.98 -9.35 7.55
N LEU M 198 8.72 -9.86 6.35
CA LEU M 198 9.10 -9.15 5.15
C LEU M 198 8.39 -7.79 5.00
N THR M 199 7.23 -7.64 5.61
CA THR M 199 6.54 -6.39 5.49
C THR M 199 7.28 -5.31 6.24
N PHE M 200 7.71 -5.62 7.46
CA PHE M 200 8.46 -4.64 8.22
C PHE M 200 9.78 -4.44 7.50
N LEU M 201 10.36 -5.55 7.06
CA LEU M 201 11.63 -5.45 6.37
C LEU M 201 11.57 -4.40 5.28
N HIS M 202 10.60 -4.53 4.38
CA HIS M 202 10.51 -3.59 3.27
C HIS M 202 10.35 -2.12 3.58
N GLU M 203 10.04 -1.80 4.82
CA GLU M 203 9.90 -0.41 5.21
C GLU M 203 11.22 0.33 5.05
N SER M 204 12.29 -0.34 5.48
CA SER M 204 13.67 0.17 5.46
C SER M 204 14.51 -0.33 4.31
N GLY M 205 14.22 -1.56 3.86
CA GLY M 205 15.00 -2.16 2.79
C GLY M 205 16.06 -2.97 3.48
N SER M 206 16.87 -3.70 2.71
CA SER M 206 17.92 -4.52 3.30
C SER M 206 19.08 -3.71 3.83
N ASN M 207 19.81 -4.31 4.76
CA ASN M 207 21.00 -3.73 5.36
C ASN M 207 22.13 -4.26 4.47
N ASN M 208 23.39 -3.90 4.74
CA ASN M 208 24.46 -4.43 3.89
C ASN M 208 25.74 -4.54 4.70
N PRO M 209 26.63 -5.45 4.30
CA PRO M 209 27.90 -5.66 4.99
C PRO M 209 28.67 -4.45 5.51
N LEU M 210 28.83 -3.39 4.71
CA LEU M 210 29.56 -2.23 5.22
C LEU M 210 28.79 -1.41 6.25
N GLY M 211 27.51 -1.72 6.46
CA GLY M 211 26.73 -0.99 7.43
C GLY M 211 26.50 0.50 7.22
N ILE M 212 26.62 0.98 5.99
CA ILE M 212 26.43 2.39 5.69
C ILE M 212 25.35 2.55 4.61
N SER M 213 24.66 3.68 4.61
CA SER M 213 23.59 3.92 3.65
C SER M 213 23.86 3.51 2.21
N SER M 214 23.10 2.52 1.73
CA SER M 214 23.27 2.04 0.36
C SER M 214 22.33 2.65 -0.68
N ASP M 215 21.74 3.79 -0.36
CA ASP M 215 20.82 4.47 -1.28
C ASP M 215 21.55 4.96 -2.53
N SER M 216 22.82 5.28 -2.35
CA SER M 216 23.63 5.78 -3.44
C SER M 216 23.91 4.70 -4.49
N ASP M 217 23.55 3.46 -4.18
CA ASP M 217 23.82 2.40 -5.13
C ASP M 217 22.92 1.20 -4.95
N LYS M 218 21.65 1.32 -5.34
CA LYS M 218 20.72 0.20 -5.22
C LYS M 218 20.46 -0.45 -6.58
N ILE M 219 20.08 -1.72 -6.58
CA ILE M 219 19.83 -2.43 -7.83
C ILE M 219 18.53 -3.19 -7.73
N PRO M 220 17.86 -3.41 -8.88
CA PRO M 220 16.60 -4.13 -8.90
C PRO M 220 16.82 -5.56 -8.47
N PHE M 221 16.05 -6.02 -7.50
CA PHE M 221 16.17 -7.39 -7.02
C PHE M 221 16.32 -8.37 -8.17
N HIS M 222 15.47 -8.24 -9.19
CA HIS M 222 15.59 -9.12 -10.34
C HIS M 222 16.39 -8.36 -11.41
N PRO M 223 17.35 -9.03 -12.07
CA PRO M 223 17.79 -10.43 -11.96
C PRO M 223 18.87 -10.69 -10.94
N TYR M 224 19.52 -9.62 -10.50
CA TYR M 224 20.61 -9.75 -9.55
C TYR M 224 20.36 -10.73 -8.39
N TYR M 225 19.38 -10.48 -7.55
CA TYR M 225 19.16 -11.39 -6.44
C TYR M 225 18.30 -12.59 -6.72
N SER M 226 17.41 -12.50 -7.69
CA SER M 226 16.58 -13.65 -8.00
C SER M 226 17.61 -14.69 -8.43
N PHE M 227 18.51 -14.29 -9.32
CA PHE M 227 19.57 -15.19 -9.77
C PHE M 227 20.48 -15.60 -8.63
N LYS M 228 20.99 -14.64 -7.89
CA LYS M 228 21.88 -14.96 -6.79
C LYS M 228 21.23 -15.94 -5.82
N ASP M 229 19.94 -15.77 -5.54
CA ASP M 229 19.25 -16.67 -4.62
C ASP M 229 19.05 -18.07 -5.23
N ILE M 230 18.72 -18.12 -6.51
CA ILE M 230 18.53 -19.41 -7.16
C ILE M 230 19.83 -20.20 -7.14
N LEU M 231 20.95 -19.49 -7.15
CA LEU M 231 22.26 -20.12 -7.12
C LEU M 231 22.47 -20.65 -5.72
N GLY M 232 22.29 -19.78 -4.75
CA GLY M 232 22.48 -20.18 -3.37
C GLY M 232 21.53 -21.31 -2.98
N LEU M 233 20.47 -21.47 -3.75
CA LEU M 233 19.52 -22.53 -3.45
C LEU M 233 20.17 -23.86 -3.79
N THR M 234 20.71 -23.97 -5.00
CA THR M 234 21.34 -25.21 -5.43
C THR M 234 22.63 -25.51 -4.66
N LEU M 235 23.36 -24.48 -4.30
CA LEU M 235 24.59 -24.68 -3.56
C LEU M 235 24.34 -25.39 -2.24
N MET M 236 23.29 -25.00 -1.52
CA MET M 236 22.99 -25.64 -0.26
C MET M 236 22.24 -26.94 -0.47
N LEU M 237 21.29 -26.90 -1.39
CA LEU M 237 20.47 -28.07 -1.70
C LEU M 237 21.29 -29.31 -2.00
N THR M 238 22.50 -29.12 -2.53
CA THR M 238 23.36 -30.26 -2.83
C THR M 238 23.69 -31.05 -1.57
N PRO M 239 24.36 -30.42 -0.58
CA PRO M 239 24.69 -31.12 0.66
C PRO M 239 23.46 -31.72 1.34
N PHE M 240 22.34 -31.00 1.31
CA PHE M 240 21.08 -31.49 1.89
C PHE M 240 20.76 -32.83 1.23
N LEU M 241 20.58 -32.82 -0.09
CA LEU M 241 20.26 -34.04 -0.80
C LEU M 241 21.33 -35.11 -0.60
N THR M 242 22.61 -34.73 -0.71
CA THR M 242 23.69 -35.70 -0.52
C THR M 242 23.53 -36.41 0.81
N LEU M 243 23.16 -35.68 1.82
CA LEU M 243 22.96 -36.27 3.12
C LEU M 243 21.68 -37.11 3.09
N ALA M 244 20.55 -36.46 2.85
CA ALA M 244 19.25 -37.15 2.81
C ALA M 244 19.25 -38.41 1.94
N LEU M 245 20.13 -38.47 0.95
CA LEU M 245 20.16 -39.63 0.10
C LEU M 245 21.24 -40.65 0.36
N PHE M 246 22.42 -40.23 0.80
CA PHE M 246 23.49 -41.20 1.05
C PHE M 246 23.59 -41.59 2.52
N SER M 247 23.50 -40.63 3.42
CA SER M 247 23.56 -40.93 4.85
C SER M 247 22.27 -40.43 5.54
N PRO M 248 21.13 -41.07 5.24
CA PRO M 248 19.77 -40.81 5.73
C PRO M 248 19.60 -40.57 7.21
N ASN M 249 20.15 -41.47 8.02
CA ASN M 249 20.02 -41.38 9.48
C ASN M 249 21.27 -40.84 10.15
N LEU M 250 22.10 -40.12 9.42
CA LEU M 250 23.31 -39.60 10.02
C LEU M 250 23.03 -38.77 11.28
N LEU M 251 21.88 -38.10 11.29
CA LEU M 251 21.57 -37.24 12.42
C LEU M 251 20.57 -37.78 13.42
N GLY M 252 19.85 -38.84 13.04
CA GLY M 252 18.84 -39.38 13.93
C GLY M 252 19.25 -40.43 14.94
N ASP M 253 18.63 -40.36 16.12
CA ASP M 253 18.89 -41.31 17.18
C ASP M 253 18.28 -42.65 16.80
N PRO M 254 19.08 -43.70 16.79
CA PRO M 254 18.60 -45.04 16.43
C PRO M 254 17.56 -45.55 17.42
N GLU M 255 17.50 -44.94 18.60
CA GLU M 255 16.56 -45.31 19.63
C GLU M 255 15.11 -45.07 19.16
N ASN M 256 14.95 -44.32 18.07
CA ASN M 256 13.61 -44.03 17.60
C ASN M 256 13.11 -45.03 16.58
N PHE M 257 13.80 -46.16 16.48
CA PHE M 257 13.35 -47.21 15.59
C PHE M 257 12.73 -48.26 16.48
N THR M 258 12.47 -47.85 17.71
CA THR M 258 11.87 -48.73 18.67
C THR M 258 10.55 -48.14 19.15
N PRO M 259 9.43 -48.78 18.81
CA PRO M 259 8.12 -48.29 19.23
C PRO M 259 8.14 -47.83 20.66
N ALA M 260 7.54 -46.67 20.91
CA ALA M 260 7.49 -46.13 22.26
C ALA M 260 7.08 -47.21 23.24
N ASN M 261 7.74 -47.22 24.39
CA ASN M 261 7.46 -48.20 25.43
C ASN M 261 7.64 -47.50 26.78
N PRO M 262 6.54 -47.27 27.51
CA PRO M 262 6.54 -46.59 28.81
C PRO M 262 7.24 -47.35 29.93
N LEU M 263 7.70 -48.56 29.64
CA LEU M 263 8.36 -49.38 30.66
C LEU M 263 9.83 -49.61 30.35
N VAL M 264 10.46 -48.65 29.71
CA VAL M 264 11.85 -48.78 29.37
C VAL M 264 12.35 -47.40 29.09
N THR M 265 13.01 -46.79 30.08
CA THR M 265 13.54 -45.46 29.87
C THR M 265 14.84 -45.61 29.10
N PRO M 266 15.01 -44.84 28.03
CA PRO M 266 16.29 -45.02 27.35
C PRO M 266 17.40 -44.47 28.25
N PRO M 267 18.64 -44.88 28.00
CA PRO M 267 19.82 -44.47 28.76
C PRO M 267 20.06 -42.98 28.75
N HIS M 268 20.00 -42.39 27.56
CA HIS M 268 20.22 -40.95 27.42
C HIS M 268 19.16 -40.23 26.57
N ILE M 269 18.19 -39.67 27.28
CA ILE M 269 17.09 -38.94 26.68
C ILE M 269 17.55 -37.53 26.39
N LYS M 270 17.68 -37.23 25.12
CA LYS M 270 18.11 -35.89 24.73
C LYS M 270 17.30 -35.49 23.48
N PRO M 271 17.04 -34.18 23.33
CA PRO M 271 16.29 -33.66 22.18
C PRO M 271 17.12 -33.67 20.91
N GLU M 272 16.54 -33.21 19.81
CA GLU M 272 17.26 -33.14 18.54
C GLU M 272 18.43 -32.15 18.61
N TRP M 273 19.40 -32.33 17.74
CA TRP M 273 20.58 -31.48 17.77
C TRP M 273 20.32 -30.00 17.97
N TYR M 274 19.50 -29.41 17.08
CA TYR M 274 19.18 -27.99 17.13
C TYR M 274 18.59 -27.49 18.46
N PHE M 275 18.51 -28.37 19.46
CA PHE M 275 17.98 -27.99 20.76
C PHE M 275 19.01 -28.13 21.86
N LEU M 276 19.92 -29.09 21.65
CA LEU M 276 20.99 -29.40 22.61
C LEU M 276 21.57 -28.18 23.29
N PHE M 277 22.01 -27.22 22.50
CA PHE M 277 22.59 -26.00 23.02
C PHE M 277 21.81 -25.46 24.21
N ALA M 278 20.48 -25.57 24.15
CA ALA M 278 19.66 -25.06 25.22
C ALA M 278 19.45 -26.13 26.27
N TYR M 279 19.42 -27.38 25.84
CA TYR M 279 19.24 -28.48 26.79
C TYR M 279 20.42 -28.41 27.74
N ALA M 280 21.56 -28.03 27.17
CA ALA M 280 22.81 -27.90 27.91
C ALA M 280 22.68 -26.82 28.96
N ILE M 281 22.27 -25.64 28.55
CA ILE M 281 22.14 -24.56 29.50
C ILE M 281 21.12 -24.92 30.55
N LEU M 282 20.26 -25.88 30.25
CA LEU M 282 19.23 -26.27 31.19
C LEU M 282 19.80 -26.99 32.39
N ARG M 283 20.70 -27.93 32.12
CA ARG M 283 21.30 -28.74 33.16
C ARG M 283 22.36 -27.96 33.95
N SER M 284 22.95 -26.96 33.30
CA SER M 284 23.98 -26.15 33.94
C SER M 284 23.51 -25.66 35.31
N ILE M 285 22.26 -25.23 35.40
CA ILE M 285 21.74 -24.77 36.67
C ILE M 285 21.04 -25.87 37.44
N PRO M 286 21.66 -26.37 38.53
CA PRO M 286 21.07 -27.42 39.35
C PRO M 286 19.95 -26.78 40.16
N ASN M 287 18.72 -27.03 39.77
CA ASN M 287 17.54 -26.45 40.43
C ASN M 287 16.47 -26.41 39.34
N LYS M 288 15.62 -27.43 39.31
CA LYS M 288 14.60 -27.50 38.29
C LYS M 288 14.06 -26.14 37.83
N LEU M 289 13.73 -25.24 38.77
CA LEU M 289 13.20 -23.93 38.38
C LEU M 289 14.19 -22.99 37.70
N GLY M 290 15.34 -22.77 38.32
CA GLY M 290 16.32 -21.88 37.73
C GLY M 290 16.72 -22.32 36.32
N GLY M 291 16.91 -23.63 36.15
CA GLY M 291 17.30 -24.19 34.86
C GLY M 291 16.28 -23.94 33.76
N VAL M 292 15.00 -24.00 34.09
CA VAL M 292 13.98 -23.73 33.10
C VAL M 292 14.14 -22.28 32.66
N LEU M 293 14.16 -21.36 33.63
CA LEU M 293 14.34 -19.94 33.32
C LEU M 293 15.60 -19.68 32.49
N ALA M 294 16.69 -20.36 32.84
CA ALA M 294 17.94 -20.20 32.09
C ALA M 294 17.67 -20.61 30.66
N LEU M 295 16.93 -21.70 30.49
CA LEU M 295 16.57 -22.18 29.16
C LEU M 295 15.81 -21.06 28.45
N ALA M 296 14.69 -20.66 29.04
CA ALA M 296 13.88 -19.59 28.47
C ALA M 296 14.76 -18.43 28.04
N ALA M 297 15.56 -17.93 28.97
CA ALA M 297 16.44 -16.81 28.69
C ALA M 297 17.44 -17.09 27.53
N SER M 298 17.88 -18.33 27.39
CA SER M 298 18.83 -18.65 26.35
C SER M 298 18.32 -18.22 24.98
N VAL M 299 17.00 -18.27 24.80
CA VAL M 299 16.40 -17.88 23.53
C VAL M 299 15.79 -16.48 23.63
N LEU M 300 15.00 -16.27 24.67
CA LEU M 300 14.36 -14.97 24.85
C LEU M 300 15.39 -13.85 24.87
N ILE M 301 16.65 -14.18 25.14
CA ILE M 301 17.70 -13.17 25.20
C ILE M 301 17.79 -12.37 23.88
N LEU M 302 17.45 -13.01 22.76
CA LEU M 302 17.48 -12.36 21.46
C LEU M 302 16.70 -11.04 21.41
N PHE M 303 15.64 -10.96 22.22
CA PHE M 303 14.81 -9.76 22.27
C PHE M 303 15.54 -8.57 22.86
N LEU M 304 16.65 -8.83 23.56
CA LEU M 304 17.42 -7.76 24.16
C LEU M 304 18.54 -7.24 23.30
N ILE M 305 19.04 -8.08 22.41
CA ILE M 305 20.13 -7.66 21.54
C ILE M 305 20.04 -6.21 21.07
N PRO M 306 18.89 -5.82 20.48
CA PRO M 306 18.79 -4.43 20.03
C PRO M 306 19.13 -3.38 21.10
N PHE M 307 18.84 -3.68 22.35
CA PHE M 307 19.11 -2.72 23.42
C PHE M 307 20.51 -2.83 24.00
N LEU M 308 21.33 -3.71 23.44
CA LEU M 308 22.68 -3.87 23.93
C LEU M 308 23.67 -3.52 22.84
N HIS M 309 23.26 -2.59 21.97
CA HIS M 309 24.16 -2.16 20.90
C HIS M 309 24.71 -0.81 21.30
N LYS M 310 26.01 -0.77 21.57
CA LYS M 310 26.64 0.47 21.99
C LYS M 310 27.52 1.09 20.92
N SER M 311 27.99 0.28 19.99
CA SER M 311 28.85 0.80 18.93
C SER M 311 28.27 1.94 18.09
N LYS M 312 29.15 2.83 17.64
CA LYS M 312 28.75 3.96 16.82
C LYS M 312 28.66 3.52 15.38
N GLN M 313 28.94 2.24 15.18
CA GLN M 313 28.89 1.67 13.85
C GLN M 313 27.91 0.50 13.91
N ARG M 314 27.30 0.18 12.78
CA ARG M 314 26.30 -0.88 12.72
C ARG M 314 26.83 -2.31 12.70
N THR M 315 27.65 -2.60 11.70
CA THR M 315 28.23 -3.93 11.56
C THR M 315 29.48 -4.08 12.42
N MET M 316 30.14 -5.20 12.21
CA MET M 316 31.37 -5.51 12.92
C MET M 316 32.46 -5.60 11.85
N THR M 317 32.16 -5.11 10.66
CA THR M 317 33.12 -5.17 9.58
C THR M 317 34.37 -4.38 9.97
N PHE M 318 34.16 -3.27 10.67
CA PHE M 318 35.28 -2.43 11.07
C PHE M 318 35.51 -2.42 12.59
N ARG M 319 35.14 -3.52 13.24
CA ARG M 319 35.31 -3.68 14.68
C ARG M 319 35.94 -5.06 14.94
N PRO M 320 37.27 -5.16 14.79
CA PRO M 320 37.99 -6.42 15.01
C PRO M 320 37.83 -6.98 16.42
N LEU M 321 37.74 -6.11 17.41
CA LEU M 321 37.57 -6.61 18.76
C LEU M 321 36.26 -7.37 18.81
N SER M 322 35.17 -6.70 18.48
CA SER M 322 33.85 -7.32 18.47
C SER M 322 33.87 -8.58 17.62
N GLN M 323 34.67 -8.61 16.56
CA GLN M 323 34.70 -9.79 15.73
C GLN M 323 35.14 -11.04 16.48
N THR M 324 36.27 -10.99 17.16
CA THR M 324 36.70 -12.20 17.85
C THR M 324 35.63 -12.54 18.88
N LEU M 325 35.13 -11.53 19.57
CA LEU M 325 34.11 -11.77 20.57
C LEU M 325 32.94 -12.51 19.92
N PHE M 326 32.62 -12.16 18.67
CA PHE M 326 31.53 -12.80 17.96
C PHE M 326 31.84 -14.28 17.70
N TRP M 327 33.00 -14.55 17.10
CA TRP M 327 33.40 -15.92 16.82
C TRP M 327 33.65 -16.72 18.07
N LEU M 328 33.91 -16.03 19.17
CA LEU M 328 34.10 -16.72 20.42
C LEU M 328 32.73 -17.32 20.71
N LEU M 329 31.73 -16.43 20.74
CA LEU M 329 30.33 -16.76 20.99
C LEU M 329 29.89 -17.96 20.16
N VAL M 330 30.11 -17.89 18.86
CA VAL M 330 29.74 -19.00 17.96
C VAL M 330 30.32 -20.29 18.52
N ALA M 331 31.64 -20.35 18.63
CA ALA M 331 32.33 -21.51 19.17
C ALA M 331 31.70 -21.93 20.51
N ASN M 332 31.36 -20.93 21.31
CA ASN M 332 30.75 -21.15 22.61
C ASN M 332 29.49 -21.98 22.43
N LEU M 333 28.66 -21.58 21.46
CA LEU M 333 27.43 -22.28 21.15
C LEU M 333 27.73 -23.70 20.68
N LEU M 334 28.79 -23.84 19.88
CA LEU M 334 29.19 -25.16 19.40
C LEU M 334 29.46 -26.05 20.61
N ILE M 335 30.24 -25.55 21.57
CA ILE M 335 30.56 -26.32 22.77
C ILE M 335 29.30 -26.66 23.56
N LEU M 336 28.43 -25.67 23.76
CA LEU M 336 27.19 -25.90 24.48
C LEU M 336 26.45 -27.06 23.82
N THR M 337 26.38 -27.04 22.48
CA THR M 337 25.74 -28.10 21.72
C THR M 337 26.34 -29.43 22.10
N TRP M 338 27.66 -29.50 22.01
CA TRP M 338 28.41 -30.70 22.36
C TRP M 338 28.06 -31.17 23.78
N ILE M 339 28.24 -30.30 24.77
CA ILE M 339 27.93 -30.69 26.14
C ILE M 339 26.55 -31.33 26.18
N GLY M 340 25.59 -30.71 25.51
CA GLY M 340 24.24 -31.26 25.53
C GLY M 340 24.15 -32.72 25.11
N SER M 341 25.03 -33.12 24.20
CA SER M 341 25.02 -34.49 23.69
C SER M 341 25.61 -35.52 24.65
N GLN M 342 26.47 -35.04 25.55
CA GLN M 342 27.13 -35.93 26.52
C GLN M 342 26.38 -36.08 27.84
N PRO M 343 26.68 -37.16 28.59
CA PRO M 343 26.03 -37.41 29.87
C PRO M 343 26.30 -36.33 30.88
N VAL M 344 25.64 -36.43 32.02
CA VAL M 344 25.80 -35.45 33.09
C VAL M 344 26.81 -35.98 34.09
N GLU M 345 28.09 -35.83 33.75
CA GLU M 345 29.20 -36.30 34.58
C GLU M 345 30.44 -35.44 34.34
N HIS M 346 31.43 -35.58 35.21
CA HIS M 346 32.67 -34.84 35.04
C HIS M 346 33.34 -35.48 33.82
N PRO M 347 34.06 -34.69 33.02
CA PRO M 347 34.34 -33.24 33.10
C PRO M 347 33.29 -32.36 32.41
N PHE M 348 32.28 -33.00 31.85
CA PHE M 348 31.22 -32.29 31.14
C PHE M 348 30.45 -31.31 32.01
N ILE M 349 29.92 -31.79 33.13
CA ILE M 349 29.14 -30.94 34.01
C ILE M 349 29.75 -29.56 34.18
N ILE M 350 31.01 -29.51 34.59
CA ILE M 350 31.67 -28.23 34.79
C ILE M 350 31.83 -27.43 33.49
N ILE M 351 32.35 -28.07 32.44
CA ILE M 351 32.52 -27.39 31.15
C ILE M 351 31.18 -26.76 30.83
N GLY M 352 30.12 -27.54 31.05
CA GLY M 352 28.78 -27.06 30.79
C GLY M 352 28.59 -25.71 31.46
N GLN M 353 28.49 -25.70 32.77
CA GLN M 353 28.30 -24.47 33.50
C GLN M 353 29.20 -23.36 32.99
N MET M 354 30.43 -23.71 32.64
CA MET M 354 31.36 -22.69 32.16
C MET M 354 30.87 -22.06 30.87
N ALA M 355 30.58 -22.89 29.88
CA ALA M 355 30.08 -22.41 28.61
C ALA M 355 28.77 -21.62 28.79
N SER M 356 27.87 -22.15 29.61
CA SER M 356 26.60 -21.48 29.87
C SER M 356 26.85 -20.09 30.42
N LEU M 357 27.83 -19.97 31.30
CA LEU M 357 28.13 -18.68 31.90
C LEU M 357 28.75 -17.75 30.87
N SER M 358 29.68 -18.26 30.07
CA SER M 358 30.32 -17.44 29.06
C SER M 358 29.29 -16.97 28.05
N TYR M 359 28.27 -17.80 27.82
CA TYR M 359 27.21 -17.45 26.88
C TYR M 359 26.54 -16.12 27.27
N PHE M 360 25.94 -16.07 28.44
CA PHE M 360 25.27 -14.87 28.89
C PHE M 360 26.17 -13.68 29.16
N THR M 361 27.43 -13.97 29.50
CA THR M 361 28.39 -12.91 29.79
C THR M 361 28.75 -12.16 28.52
N ILE M 362 29.02 -12.90 27.46
CA ILE M 362 29.36 -12.33 26.18
C ILE M 362 28.25 -11.43 25.63
N LEU M 363 27.01 -11.91 25.67
CA LEU M 363 25.86 -11.14 25.16
C LEU M 363 25.43 -10.01 26.07
N LEU M 364 25.39 -10.27 27.37
CA LEU M 364 24.96 -9.25 28.32
C LEU M 364 26.01 -8.24 28.74
N ILE M 365 27.26 -8.68 28.90
CA ILE M 365 28.30 -7.78 29.36
C ILE M 365 29.44 -7.48 28.42
N LEU M 366 30.10 -8.51 27.92
CA LEU M 366 31.23 -8.24 27.04
C LEU M 366 30.85 -7.42 25.81
N PHE M 367 29.97 -7.96 24.98
CA PHE M 367 29.56 -7.26 23.76
C PHE M 367 29.27 -5.78 23.90
N PRO M 368 28.39 -5.41 24.84
CA PRO M 368 28.14 -3.97 24.94
C PRO M 368 29.35 -3.18 25.46
N THR M 369 30.11 -3.79 26.34
CA THR M 369 31.30 -3.17 26.92
C THR M 369 32.41 -2.98 25.90
N ILE M 370 32.81 -4.06 25.24
CA ILE M 370 33.85 -3.98 24.22
C ILE M 370 33.39 -2.98 23.18
N GLY M 371 32.07 -2.84 23.05
CA GLY M 371 31.52 -1.91 22.08
C GLY M 371 31.88 -0.50 22.43
N THR M 372 31.62 -0.13 23.68
CA THR M 372 31.91 1.21 24.20
C THR M 372 33.40 1.50 24.09
N LEU M 373 34.21 0.55 24.55
CA LEU M 373 35.65 0.71 24.48
C LEU M 373 36.05 1.02 23.04
N GLU M 374 35.52 0.26 22.09
CA GLU M 374 35.81 0.47 20.68
C GLU M 374 35.53 1.90 20.23
N ASN M 375 34.50 2.53 20.78
CA ASN M 375 34.19 3.89 20.39
C ASN M 375 35.29 4.83 20.83
N LYS M 376 35.74 4.67 22.07
CA LYS M 376 36.78 5.54 22.58
C LYS M 376 38.04 5.41 21.75
N MET M 377 38.38 4.20 21.36
CA MET M 377 39.57 4.00 20.55
C MET M 377 39.46 4.67 19.19
N LEU M 378 38.26 5.07 18.80
CA LEU M 378 38.07 5.74 17.53
C LEU M 378 38.04 7.24 17.75
N ASN M 379 38.05 7.62 19.02
CA ASN M 379 38.01 9.03 19.43
C ASN M 379 36.59 9.55 19.25
N TYR M 380 35.64 8.75 19.77
CA TYR M 380 34.20 9.04 19.74
C TYR M 380 33.65 8.99 21.15
N GLY N 1 29.17 -52.54 35.58
CA GLY N 1 28.84 -52.46 34.11
C GLY N 1 28.92 -51.06 33.52
N GLU N 2 29.98 -50.33 33.85
CA GLU N 2 30.16 -48.97 33.33
C GLU N 2 31.08 -48.96 32.10
N LEU N 3 31.28 -50.12 31.49
CA LEU N 3 32.13 -50.21 30.31
C LEU N 3 31.47 -50.92 29.14
N GLU N 4 31.87 -50.52 27.94
CA GLU N 4 31.33 -51.14 26.74
C GLU N 4 32.38 -51.26 25.64
N LEU N 5 32.22 -52.29 24.82
CA LEU N 5 33.14 -52.55 23.72
C LEU N 5 32.39 -52.23 22.42
N HIS N 6 33.00 -51.42 21.57
CA HIS N 6 32.37 -51.06 20.31
C HIS N 6 32.84 -51.93 19.16
N PRO N 7 31.90 -52.54 18.42
CA PRO N 7 32.26 -53.40 17.31
C PRO N 7 33.15 -52.71 16.30
N PRO N 8 33.82 -53.49 15.44
CA PRO N 8 34.71 -52.93 14.43
C PRO N 8 33.92 -52.60 13.16
N ALA N 9 34.63 -52.13 12.15
CA ALA N 9 33.98 -51.79 10.90
C ALA N 9 34.30 -52.78 9.82
N PHE N 10 33.38 -53.70 9.54
CA PHE N 10 33.62 -54.64 8.48
C PHE N 10 33.30 -53.99 7.14
N PRO N 11 34.06 -54.31 6.11
CA PRO N 11 33.87 -53.74 4.78
C PRO N 11 32.74 -54.43 4.04
N TRP N 12 31.50 -54.11 4.41
CA TRP N 12 30.35 -54.71 3.77
C TRP N 12 30.32 -54.36 2.28
N SER N 13 29.86 -55.31 1.47
CA SER N 13 29.79 -55.11 0.03
C SER N 13 28.89 -53.96 -0.37
N HIS N 14 28.10 -53.47 0.59
CA HIS N 14 27.13 -52.38 0.37
C HIS N 14 27.41 -51.12 1.19
N GLY N 15 28.66 -50.93 1.61
CA GLY N 15 29.01 -49.77 2.40
C GLY N 15 29.28 -48.55 1.54
N GLY N 16 29.72 -48.80 0.31
CA GLY N 16 30.01 -47.73 -0.63
C GLY N 16 28.77 -46.94 -0.94
N PRO N 17 28.84 -45.61 -0.86
CA PRO N 17 27.66 -44.80 -1.15
C PRO N 17 27.06 -45.19 -2.50
N LEU N 18 27.88 -45.67 -3.42
CA LEU N 18 27.34 -46.07 -4.71
C LEU N 18 27.26 -47.58 -4.85
N SER N 19 27.52 -48.31 -3.76
CA SER N 19 27.48 -49.77 -3.79
C SER N 19 26.20 -50.37 -3.20
N ALA N 20 25.53 -51.17 -4.03
CA ALA N 20 24.27 -51.83 -3.67
C ALA N 20 24.44 -53.07 -2.78
N LEU N 21 23.34 -53.75 -2.51
CA LEU N 21 23.38 -54.96 -1.71
C LEU N 21 23.72 -56.14 -2.64
N ASP N 22 24.42 -57.15 -2.11
CA ASP N 22 24.73 -58.36 -2.87
C ASP N 22 23.52 -59.25 -2.63
N HIS N 23 22.57 -59.19 -3.57
CA HIS N 23 21.33 -59.93 -3.45
C HIS N 23 21.47 -61.41 -3.18
N SER N 24 22.60 -61.97 -3.59
CA SER N 24 22.84 -63.38 -3.37
C SER N 24 23.04 -63.58 -1.86
N SER N 25 23.84 -62.72 -1.24
CA SER N 25 24.09 -62.80 0.18
C SER N 25 22.78 -62.56 0.92
N VAL N 26 21.97 -61.65 0.38
CA VAL N 26 20.68 -61.38 1.00
C VAL N 26 19.83 -62.64 0.94
N ARG N 27 19.68 -63.20 -0.26
CA ARG N 27 18.90 -64.41 -0.45
C ARG N 27 19.28 -65.45 0.59
N ARG N 28 20.58 -65.64 0.80
CA ARG N 28 21.04 -66.61 1.79
C ARG N 28 20.52 -66.14 3.14
N GLY N 29 20.82 -64.89 3.48
CA GLY N 29 20.36 -64.34 4.74
C GLY N 29 18.90 -64.64 5.04
N PHE N 30 18.05 -64.57 4.01
CA PHE N 30 16.63 -64.84 4.19
C PHE N 30 16.46 -66.25 4.73
N GLN N 31 17.22 -67.17 4.16
CA GLN N 31 17.17 -68.56 4.58
C GLN N 31 17.60 -68.68 6.04
N VAL N 32 18.75 -68.07 6.38
CA VAL N 32 19.23 -68.09 7.76
C VAL N 32 18.13 -67.64 8.70
N TYR N 33 17.45 -66.54 8.34
CA TYR N 33 16.36 -66.02 9.19
C TYR N 33 15.21 -67.00 9.24
N LYS N 34 14.82 -67.48 8.07
CA LYS N 34 13.72 -68.41 7.93
C LYS N 34 13.89 -69.68 8.71
N GLN N 35 15.09 -70.26 8.64
CA GLN N 35 15.36 -71.52 9.31
C GLN N 35 15.94 -71.48 10.72
N VAL N 36 16.41 -70.31 11.16
CA VAL N 36 17.00 -70.20 12.49
C VAL N 36 16.39 -69.15 13.40
N CYS N 37 16.48 -67.88 12.99
CA CYS N 37 15.99 -66.76 13.77
C CYS N 37 14.47 -66.70 13.87
N SER N 38 13.80 -66.90 12.74
CA SER N 38 12.33 -66.84 12.69
C SER N 38 11.68 -67.72 13.75
N ALA N 39 12.49 -68.51 14.45
CA ALA N 39 11.98 -69.38 15.49
C ALA N 39 11.65 -68.61 16.76
N CYS N 40 12.28 -67.45 16.94
CA CYS N 40 12.02 -66.65 18.13
C CYS N 40 11.87 -65.18 17.76
N HIS N 41 12.35 -64.82 16.58
CA HIS N 41 12.29 -63.45 16.11
C HIS N 41 11.25 -63.12 15.06
N SER N 42 10.36 -62.22 15.41
CA SER N 42 9.30 -61.77 14.52
C SER N 42 9.84 -60.72 13.57
N MET N 43 9.28 -60.71 12.36
CA MET N 43 9.67 -59.72 11.36
C MET N 43 8.39 -59.22 10.74
N ASP N 44 7.62 -58.52 11.58
CA ASP N 44 6.34 -57.99 11.22
C ASP N 44 6.17 -57.13 9.97
N TYR N 45 7.20 -56.39 9.56
CA TYR N 45 7.03 -55.51 8.40
C TYR N 45 7.37 -56.03 7.00
N VAL N 46 7.83 -57.28 6.92
CA VAL N 46 8.15 -57.81 5.61
C VAL N 46 7.14 -58.87 5.21
N ALA N 47 6.87 -58.94 3.91
CA ALA N 47 5.90 -59.90 3.38
C ALA N 47 6.56 -60.69 2.30
N PHE N 48 6.07 -61.90 2.07
CA PHE N 48 6.62 -62.78 1.05
C PHE N 48 6.73 -62.13 -0.30
N ARG N 49 5.77 -61.28 -0.66
CA ARG N 49 5.83 -60.61 -1.97
C ARG N 49 7.06 -59.71 -2.08
N ASN N 50 7.50 -59.19 -0.93
CA ASN N 50 8.68 -58.32 -0.88
C ASN N 50 9.93 -58.95 -1.47
N LEU N 51 10.00 -60.27 -1.39
CA LEU N 51 11.16 -61.01 -1.91
C LEU N 51 11.17 -61.04 -3.43
N ILE N 52 9.99 -61.10 -4.04
CA ILE N 52 9.89 -61.16 -5.48
C ILE N 52 10.68 -60.05 -6.18
N GLY N 53 11.57 -60.44 -7.08
CA GLY N 53 12.37 -59.48 -7.82
C GLY N 53 13.53 -58.95 -7.01
N VAL N 54 13.79 -59.56 -5.86
CA VAL N 54 14.87 -59.11 -5.00
C VAL N 54 15.80 -60.27 -4.63
N THR N 55 15.21 -61.38 -4.23
CA THR N 55 15.97 -62.56 -3.84
C THR N 55 15.30 -63.81 -4.38
N HIS N 56 14.01 -63.76 -4.62
CA HIS N 56 13.30 -64.92 -5.14
C HIS N 56 12.40 -64.59 -6.30
N THR N 57 11.98 -65.63 -7.00
CA THR N 57 11.09 -65.53 -8.14
C THR N 57 9.64 -65.52 -7.64
N GLU N 58 8.73 -64.96 -8.41
CA GLU N 58 7.34 -64.94 -8.00
C GLU N 58 6.90 -66.33 -7.56
N ALA N 59 7.34 -67.34 -8.30
CA ALA N 59 7.00 -68.72 -8.02
C ALA N 59 7.56 -69.20 -6.68
N GLU N 60 8.87 -69.03 -6.48
CA GLU N 60 9.49 -69.46 -5.23
C GLU N 60 8.76 -68.82 -4.05
N ALA N 61 8.47 -67.53 -4.20
CA ALA N 61 7.78 -66.76 -3.19
C ALA N 61 6.41 -67.34 -2.88
N LYS N 62 5.63 -67.61 -3.91
CA LYS N 62 4.30 -68.17 -3.70
C LYS N 62 4.45 -69.43 -2.86
N ALA N 63 5.49 -70.22 -3.16
CA ALA N 63 5.76 -71.46 -2.44
C ALA N 63 6.13 -71.20 -0.96
N LEU N 64 7.14 -70.36 -0.76
CA LEU N 64 7.62 -70.03 0.58
C LEU N 64 6.52 -69.59 1.54
N ALA N 65 5.46 -69.03 0.98
CA ALA N 65 4.36 -68.55 1.80
C ALA N 65 3.35 -69.65 2.08
N GLU N 66 3.23 -70.60 1.16
CA GLU N 66 2.30 -71.72 1.33
C GLU N 66 2.82 -72.71 2.36
N GLU N 67 4.11 -72.61 2.69
CA GLU N 67 4.74 -73.48 3.68
C GLU N 67 4.24 -73.11 5.06
N VAL N 68 3.54 -71.98 5.15
CA VAL N 68 3.01 -71.50 6.43
C VAL N 68 1.48 -71.47 6.45
N GLU N 69 0.93 -71.67 7.65
CA GLU N 69 -0.51 -71.61 7.83
C GLU N 69 -0.71 -70.30 8.55
N VAL N 70 -1.71 -69.53 8.15
CA VAL N 70 -1.99 -68.26 8.79
C VAL N 70 -3.38 -68.33 9.40
N GLN N 71 -3.73 -67.32 10.20
CA GLN N 71 -5.02 -67.30 10.85
C GLN N 71 -5.92 -66.25 10.19
N ASP N 72 -6.97 -66.70 9.52
CA ASP N 72 -7.90 -65.78 8.86
C ASP N 72 -9.25 -65.90 9.53
N GLY N 73 -10.26 -65.25 8.96
CA GLY N 73 -11.59 -65.32 9.53
C GLY N 73 -12.17 -63.97 9.93
N PRO N 74 -13.37 -63.97 10.54
CA PRO N 74 -14.12 -65.19 10.83
C PRO N 74 -14.87 -65.76 9.63
N ASP N 75 -15.40 -66.97 9.79
CA ASP N 75 -16.16 -67.63 8.74
C ASP N 75 -17.65 -67.34 8.86
N GLU N 76 -18.48 -68.16 8.21
CA GLU N 76 -19.93 -67.98 8.25
C GLU N 76 -20.44 -68.05 9.68
N ASN N 77 -19.78 -68.83 10.52
CA ASN N 77 -20.18 -69.02 11.91
C ASN N 77 -19.43 -68.17 12.93
N GLY N 78 -18.56 -67.29 12.43
CA GLY N 78 -17.82 -66.40 13.30
C GLY N 78 -16.61 -67.01 13.97
N GLU N 79 -16.17 -68.16 13.48
CA GLU N 79 -15.00 -68.84 14.05
C GLU N 79 -13.76 -68.45 13.28
N LEU N 80 -12.59 -68.60 13.90
CA LEU N 80 -11.33 -68.30 13.24
C LEU N 80 -10.94 -69.61 12.56
N PHE N 81 -9.89 -69.59 11.74
CA PHE N 81 -9.45 -70.81 11.06
C PHE N 81 -8.10 -70.65 10.38
N MET N 82 -7.53 -71.77 9.96
CA MET N 82 -6.23 -71.75 9.30
C MET N 82 -6.32 -71.86 7.79
N ARG N 83 -5.25 -71.43 7.12
CA ARG N 83 -5.17 -71.48 5.67
C ARG N 83 -3.72 -71.34 5.27
N PRO N 84 -3.35 -71.86 4.09
CA PRO N 84 -1.98 -71.77 3.60
C PRO N 84 -1.70 -70.34 3.13
N GLY N 85 -0.56 -69.80 3.56
CA GLY N 85 -0.19 -68.43 3.20
C GLY N 85 -0.19 -68.02 1.74
N LYS N 86 -0.29 -66.71 1.54
CA LYS N 86 -0.27 -66.10 0.21
C LYS N 86 0.91 -65.14 0.31
N ILE N 87 1.39 -64.64 -0.84
CA ILE N 87 2.53 -63.71 -0.85
C ILE N 87 2.18 -62.37 -0.19
N SER N 88 0.89 -62.16 0.03
CA SER N 88 0.37 -60.94 0.64
C SER N 88 0.49 -61.00 2.15
N ASP N 89 0.83 -62.16 2.69
CA ASP N 89 0.95 -62.30 4.13
C ASP N 89 2.32 -61.87 4.60
N TYR N 90 2.40 -61.48 5.85
CA TYR N 90 3.67 -61.05 6.41
C TYR N 90 4.30 -62.19 7.20
N PHE N 91 5.62 -62.23 7.22
CA PHE N 91 6.36 -63.26 7.93
C PHE N 91 5.72 -63.56 9.27
N PRO N 92 5.34 -64.82 9.49
CA PRO N 92 4.70 -65.32 10.70
C PRO N 92 5.36 -64.90 12.01
N LYS N 93 4.53 -64.59 12.99
CA LYS N 93 5.02 -64.24 14.33
C LYS N 93 5.22 -65.59 15.03
N PRO N 94 6.27 -65.71 15.85
CA PRO N 94 6.54 -66.97 16.56
C PRO N 94 5.68 -67.14 17.80
N TYR N 95 5.26 -66.03 18.40
CA TYR N 95 4.44 -66.11 19.61
C TYR N 95 3.22 -65.21 19.50
N PRO N 96 2.12 -65.63 20.14
CA PRO N 96 0.86 -64.87 20.15
C PRO N 96 1.05 -63.44 20.63
N ASN N 97 1.71 -63.31 21.77
CA ASN N 97 1.94 -62.00 22.37
C ASN N 97 3.31 -62.00 23.02
N PRO N 98 3.78 -60.80 23.44
CA PRO N 98 5.09 -60.72 24.09
C PRO N 98 5.16 -61.55 25.36
N GLU N 99 4.12 -61.50 26.18
CA GLU N 99 4.09 -62.27 27.42
C GLU N 99 4.44 -63.75 27.18
N ALA N 100 3.92 -64.31 26.08
CA ALA N 100 4.17 -65.71 25.74
C ALA N 100 5.60 -65.91 25.28
N ALA N 101 6.13 -64.91 24.58
CA ALA N 101 7.50 -64.98 24.09
C ALA N 101 8.45 -64.98 25.28
N ARG N 102 8.29 -64.03 26.20
CA ARG N 102 9.14 -63.93 27.39
C ARG N 102 9.11 -65.24 28.15
N ALA N 103 7.92 -65.82 28.25
CA ALA N 103 7.70 -67.09 28.94
C ALA N 103 8.52 -68.27 28.37
N ALA N 104 8.73 -68.29 27.06
CA ALA N 104 9.48 -69.37 26.44
C ALA N 104 10.98 -69.06 26.29
N ASN N 105 11.40 -67.88 26.75
CA ASN N 105 12.80 -67.48 26.65
C ASN N 105 13.36 -66.95 27.97
N ASN N 106 12.83 -67.42 29.09
CA ASN N 106 13.29 -66.99 30.42
C ASN N 106 13.03 -65.52 30.69
N GLY N 107 11.80 -65.08 30.48
CA GLY N 107 11.45 -63.69 30.72
C GLY N 107 12.13 -62.67 29.81
N ALA N 108 12.96 -63.16 28.88
CA ALA N 108 13.63 -62.26 27.93
C ALA N 108 12.71 -62.09 26.74
N LEU N 109 12.83 -60.97 26.03
CA LEU N 109 11.97 -60.74 24.89
C LEU N 109 12.70 -60.51 23.58
N PRO N 110 12.76 -61.53 22.73
CA PRO N 110 13.45 -61.37 21.44
C PRO N 110 12.72 -60.33 20.59
N PRO N 111 13.34 -59.15 20.39
CA PRO N 111 12.75 -58.07 19.61
C PRO N 111 12.52 -58.40 18.13
N ASP N 112 11.48 -57.79 17.57
CA ASP N 112 11.16 -57.96 16.17
C ASP N 112 12.39 -57.44 15.41
N LEU N 113 12.84 -58.18 14.40
CA LEU N 113 14.04 -57.76 13.67
C LEU N 113 13.83 -56.93 12.40
N SER N 114 12.65 -56.36 12.23
CA SER N 114 12.37 -55.58 11.03
C SER N 114 13.28 -54.36 10.85
N TYR N 115 13.61 -53.68 11.94
CA TYR N 115 14.46 -52.49 11.86
C TYR N 115 15.65 -52.58 12.82
N ILE N 116 16.08 -53.79 13.14
CA ILE N 116 17.18 -53.94 14.10
C ILE N 116 18.52 -53.30 13.73
N VAL N 117 18.97 -53.44 12.49
CA VAL N 117 20.24 -52.85 12.12
C VAL N 117 20.21 -51.32 12.18
N ASN N 118 19.03 -50.73 12.38
CA ASN N 118 18.91 -49.28 12.48
C ASN N 118 18.53 -48.90 13.90
N ALA N 119 18.14 -49.90 14.67
CA ALA N 119 17.73 -49.71 16.05
C ALA N 119 18.87 -49.84 17.04
N ARG N 120 20.04 -50.24 16.54
CA ARG N 120 21.19 -50.41 17.40
C ARG N 120 22.38 -49.67 16.79
N HIS N 121 23.19 -49.02 17.63
CA HIS N 121 24.35 -48.32 17.13
C HIS N 121 25.26 -49.37 16.50
N GLY N 122 25.69 -49.16 15.27
CA GLY N 122 26.56 -50.15 14.65
C GLY N 122 25.88 -50.99 13.60
N GLY N 123 24.57 -51.13 13.68
CA GLY N 123 23.86 -51.91 12.69
C GLY N 123 24.51 -53.25 12.49
N GLU N 124 24.63 -53.70 11.23
CA GLU N 124 25.24 -54.99 10.93
C GLU N 124 26.58 -55.20 11.63
N ASP N 125 27.47 -54.21 11.56
CA ASP N 125 28.76 -54.31 12.22
C ASP N 125 28.55 -54.72 13.68
N TYR N 126 27.49 -54.21 14.30
CA TYR N 126 27.23 -54.56 15.69
C TYR N 126 26.54 -55.91 15.79
N VAL N 127 25.50 -56.11 15.00
CA VAL N 127 24.79 -57.39 15.01
C VAL N 127 25.74 -58.52 14.68
N PHE N 128 26.61 -58.29 13.70
CA PHE N 128 27.57 -59.31 13.28
C PHE N 128 28.55 -59.64 14.40
N SER N 129 29.10 -58.60 15.02
CA SER N 129 30.04 -58.78 16.10
C SER N 129 29.40 -59.56 17.24
N LEU N 130 28.17 -59.21 17.56
CA LEU N 130 27.43 -59.87 18.64
C LEU N 130 27.29 -61.36 18.40
N LEU N 131 26.79 -61.72 17.23
CA LEU N 131 26.59 -63.12 16.90
C LEU N 131 27.85 -63.95 17.07
N THR N 132 28.88 -63.64 16.29
CA THR N 132 30.14 -64.38 16.37
C THR N 132 30.86 -64.24 17.72
N GLY N 133 30.84 -63.03 18.28
CA GLY N 133 31.53 -62.75 19.53
C GLY N 133 31.22 -63.35 20.90
N TYR N 134 30.46 -64.44 21.00
CA TYR N 134 30.20 -65.01 22.33
C TYR N 134 31.46 -65.64 22.92
N CYS N 135 31.61 -65.53 24.24
CA CYS N 135 32.78 -66.10 24.93
C CYS N 135 32.59 -66.19 26.44
N ASP N 136 33.58 -66.74 27.14
CA ASP N 136 33.52 -66.88 28.58
C ASP N 136 33.78 -65.56 29.27
N PRO N 137 33.16 -65.35 30.44
CA PRO N 137 33.35 -64.11 31.19
C PRO N 137 34.76 -63.98 31.72
N PRO N 138 35.29 -62.75 31.80
CA PRO N 138 36.64 -62.52 32.31
C PRO N 138 36.62 -62.71 33.81
N ALA N 139 37.79 -62.71 34.44
CA ALA N 139 37.89 -62.89 35.87
C ALA N 139 37.06 -61.85 36.65
N GLY N 140 36.44 -62.30 37.73
CA GLY N 140 35.65 -61.40 38.55
C GLY N 140 34.23 -61.14 38.04
N VAL N 141 33.93 -61.59 36.84
CA VAL N 141 32.60 -61.39 36.26
C VAL N 141 31.79 -62.68 36.27
N VAL N 142 30.60 -62.60 36.88
CA VAL N 142 29.70 -63.74 36.96
C VAL N 142 28.36 -63.49 36.27
N VAL N 143 28.03 -64.35 35.32
CA VAL N 143 26.77 -64.24 34.58
C VAL N 143 25.68 -65.05 35.29
N ARG N 144 24.59 -64.39 35.67
CA ARG N 144 23.52 -65.09 36.38
C ARG N 144 22.88 -66.20 35.54
N GLU N 145 22.32 -67.19 36.24
CA GLU N 145 21.67 -68.34 35.60
C GLU N 145 20.69 -67.96 34.51
N GLY N 146 20.88 -68.50 33.32
CA GLY N 146 19.98 -68.21 32.23
C GLY N 146 20.51 -67.27 31.15
N LEU N 147 21.45 -66.41 31.52
CA LEU N 147 22.02 -65.49 30.55
C LEU N 147 23.32 -66.05 30.01
N HIS N 148 23.85 -65.47 28.95
CA HIS N 148 25.10 -65.92 28.37
C HIS N 148 26.02 -64.73 28.19
N TYR N 149 27.32 -64.93 28.40
CA TYR N 149 28.23 -63.81 28.28
C TYR N 149 28.51 -63.45 26.84
N ASN N 150 28.45 -62.15 26.57
CA ASN N 150 28.75 -61.59 25.28
C ASN N 150 29.32 -60.23 25.62
N PRO N 151 30.60 -59.99 25.31
CA PRO N 151 31.19 -58.70 25.62
C PRO N 151 30.60 -57.56 24.79
N TYR N 152 30.04 -57.92 23.63
CA TYR N 152 29.46 -56.95 22.73
C TYR N 152 28.10 -56.43 23.11
N PHE N 153 27.37 -57.20 23.90
CA PHE N 153 26.05 -56.79 24.37
C PHE N 153 26.19 -55.97 25.65
N PRO N 154 25.52 -54.81 25.73
CA PRO N 154 25.63 -53.99 26.96
C PRO N 154 25.28 -54.79 28.21
N GLY N 155 26.14 -54.67 29.23
CA GLY N 155 25.94 -55.41 30.46
C GLY N 155 26.66 -56.73 30.36
N GLN N 156 26.95 -57.13 29.12
CA GLN N 156 27.64 -58.36 28.76
C GLN N 156 26.88 -59.65 29.01
N ALA N 157 25.74 -59.55 29.70
CA ALA N 157 24.89 -60.71 29.98
C ALA N 157 23.65 -60.64 29.09
N ILE N 158 23.66 -61.41 28.00
CA ILE N 158 22.55 -61.42 27.05
C ILE N 158 21.67 -62.63 27.21
N GLY N 159 20.36 -62.44 27.04
CA GLY N 159 19.43 -63.55 27.17
C GLY N 159 19.38 -64.48 25.97
N MET N 160 20.08 -64.12 24.89
CA MET N 160 20.08 -64.97 23.70
C MET N 160 21.27 -65.91 23.67
N ALA N 161 20.98 -67.20 23.61
CA ALA N 161 22.03 -68.20 23.56
C ALA N 161 22.59 -68.20 22.15
N PRO N 162 23.92 -68.28 22.00
CA PRO N 162 24.53 -68.29 20.66
C PRO N 162 23.58 -68.98 19.71
N PRO N 163 23.07 -68.24 18.72
CA PRO N 163 22.13 -68.81 17.76
C PRO N 163 22.70 -69.55 16.58
N ILE N 164 23.92 -69.22 16.17
CA ILE N 164 24.46 -69.91 15.02
C ILE N 164 25.80 -70.60 15.23
N TYR N 165 25.91 -71.81 14.64
CA TYR N 165 27.14 -72.61 14.70
C TYR N 165 27.36 -73.28 13.34
N ASN N 166 28.61 -73.47 12.99
CA ASN N 166 28.99 -74.09 11.73
C ASN N 166 27.98 -75.14 11.27
N GLU N 167 27.75 -75.19 9.95
CA GLU N 167 26.83 -76.14 9.34
C GLU N 167 25.47 -76.25 10.02
N ILE N 168 25.05 -75.25 10.80
CA ILE N 168 23.75 -75.31 11.47
C ILE N 168 22.63 -75.38 10.43
N LEU N 169 23.00 -75.21 9.17
CA LEU N 169 22.06 -75.27 8.06
C LEU N 169 22.85 -75.40 6.75
N GLU N 170 22.17 -75.74 5.66
CA GLU N 170 22.82 -75.89 4.37
C GLU N 170 22.35 -74.83 3.37
N TYR N 171 23.26 -73.99 2.87
CA TYR N 171 22.87 -73.01 1.86
C TYR N 171 22.67 -73.84 0.61
N ASP N 172 21.44 -73.86 0.08
CA ASP N 172 21.15 -74.65 -1.11
C ASP N 172 21.85 -74.15 -2.36
N ASP N 173 22.69 -73.13 -2.22
CA ASP N 173 23.40 -72.57 -3.38
C ASP N 173 24.83 -73.12 -3.43
N GLY N 174 25.18 -73.90 -2.41
CA GLY N 174 26.50 -74.48 -2.35
C GLY N 174 27.54 -73.58 -1.70
N THR N 175 27.17 -72.94 -0.61
CA THR N 175 28.09 -72.06 0.09
C THR N 175 28.46 -72.63 1.45
N PRO N 176 29.76 -72.68 1.74
CA PRO N 176 30.34 -73.19 3.00
C PRO N 176 29.74 -72.52 4.22
N ALA N 177 28.71 -73.13 4.81
CA ALA N 177 28.03 -72.57 5.98
C ALA N 177 28.83 -72.42 7.26
N THR N 178 29.97 -71.75 7.19
CA THR N 178 30.78 -71.53 8.38
C THR N 178 30.03 -70.50 9.19
N MET N 179 30.10 -70.58 10.52
CA MET N 179 29.40 -69.64 11.39
C MET N 179 29.49 -68.19 10.94
N SER N 180 30.69 -67.73 10.59
CA SER N 180 30.84 -66.35 10.17
C SER N 180 30.14 -66.10 8.85
N GLN N 181 30.16 -67.06 7.91
CA GLN N 181 29.47 -66.88 6.64
C GLN N 181 28.00 -66.61 6.90
N ILE N 182 27.43 -67.39 7.83
CA ILE N 182 26.03 -67.24 8.21
C ILE N 182 25.79 -65.82 8.69
N ALA N 183 26.36 -65.47 9.85
CA ALA N 183 26.22 -64.13 10.42
C ALA N 183 26.32 -63.05 9.34
N LYS N 184 27.33 -63.16 8.50
CA LYS N 184 27.53 -62.21 7.43
C LYS N 184 26.29 -62.14 6.55
N ASP N 185 25.88 -63.25 5.93
CA ASP N 185 24.70 -63.22 5.07
C ASP N 185 23.46 -62.68 5.77
N VAL N 186 23.17 -63.18 6.97
CA VAL N 186 22.00 -62.73 7.70
C VAL N 186 22.07 -61.23 8.00
N CYS N 187 23.23 -60.74 8.40
CA CYS N 187 23.35 -59.32 8.67
C CYS N 187 23.05 -58.56 7.39
N THR N 188 23.53 -59.08 6.27
CA THR N 188 23.28 -58.46 4.97
C THR N 188 21.77 -58.44 4.72
N PHE N 189 21.10 -59.52 5.09
CA PHE N 189 19.65 -59.60 4.91
C PHE N 189 18.94 -58.58 5.80
N LEU N 190 19.41 -58.45 7.04
CA LEU N 190 18.81 -57.52 8.00
C LEU N 190 18.85 -56.08 7.52
N ARG N 191 19.91 -55.75 6.80
CA ARG N 191 20.07 -54.42 6.26
C ARG N 191 18.89 -54.23 5.31
N TRP N 192 18.74 -55.16 4.39
CA TRP N 192 17.65 -55.10 3.41
C TRP N 192 16.27 -55.05 4.07
N ALA N 193 16.03 -55.91 5.05
CA ALA N 193 14.74 -55.89 5.70
C ALA N 193 14.50 -54.49 6.26
N ALA N 194 15.53 -53.92 6.84
CA ALA N 194 15.43 -52.60 7.45
C ALA N 194 15.14 -51.46 6.46
N GLU N 195 15.48 -51.65 5.18
CA GLU N 195 15.25 -50.58 4.22
C GLU N 195 15.49 -50.99 2.79
N PRO N 196 14.50 -51.65 2.20
CA PRO N 196 14.45 -52.18 0.83
C PRO N 196 14.79 -51.15 -0.23
N GLU N 197 14.66 -49.88 0.11
CA GLU N 197 14.95 -48.81 -0.81
C GLU N 197 16.47 -48.66 -1.03
N HIS N 198 17.26 -49.29 -0.16
CA HIS N 198 18.72 -49.21 -0.22
C HIS N 198 19.29 -48.96 -1.61
N ASP N 199 19.18 -49.96 -2.48
CA ASP N 199 19.69 -49.82 -3.84
C ASP N 199 19.12 -48.64 -4.60
N GLN N 200 17.80 -48.60 -4.76
CA GLN N 200 17.18 -47.50 -5.48
C GLN N 200 17.57 -46.15 -4.90
N ARG N 201 17.66 -46.10 -3.58
CA ARG N 201 18.02 -44.86 -2.94
C ARG N 201 19.40 -44.42 -3.42
N LYS N 202 20.37 -45.32 -3.40
CA LYS N 202 21.71 -44.97 -3.85
C LYS N 202 21.78 -44.63 -5.33
N ARG N 203 21.06 -45.38 -6.15
CA ARG N 203 21.06 -45.13 -7.59
C ARG N 203 20.57 -43.71 -7.82
N MET N 204 19.64 -43.27 -6.98
CA MET N 204 19.11 -41.91 -7.10
C MET N 204 20.20 -40.94 -6.70
N GLY N 205 20.89 -41.24 -5.59
CA GLY N 205 21.97 -40.39 -5.12
C GLY N 205 22.94 -40.06 -6.25
N LEU N 206 23.28 -41.08 -7.03
CA LEU N 206 24.18 -40.90 -8.16
C LEU N 206 23.60 -39.83 -9.08
N LYS N 207 22.40 -40.09 -9.60
CA LYS N 207 21.73 -39.15 -10.49
C LYS N 207 21.69 -37.75 -9.89
N MET N 208 21.32 -37.68 -8.61
CA MET N 208 21.26 -36.41 -7.90
C MET N 208 22.57 -35.65 -8.02
N LEU N 209 23.69 -36.29 -7.70
CA LEU N 209 24.98 -35.63 -7.79
C LEU N 209 25.28 -35.16 -9.20
N LEU N 210 25.21 -36.06 -10.17
CA LEU N 210 25.48 -35.68 -11.55
C LEU N 210 24.68 -34.46 -11.96
N ILE N 211 23.36 -34.52 -11.81
CA ILE N 211 22.53 -33.38 -12.15
C ILE N 211 22.94 -32.18 -11.32
N SER N 212 23.04 -32.39 -10.01
CA SER N 212 23.43 -31.30 -9.10
C SER N 212 24.70 -30.60 -9.56
N ALA N 213 25.76 -31.35 -9.84
CA ALA N 213 27.00 -30.75 -10.29
C ALA N 213 26.78 -29.98 -11.62
N LEU N 214 26.04 -30.58 -12.54
CA LEU N 214 25.77 -29.94 -13.83
C LEU N 214 24.96 -28.66 -13.62
N LEU N 215 23.87 -28.79 -12.90
CA LEU N 215 23.01 -27.64 -12.66
C LEU N 215 23.69 -26.52 -11.89
N THR N 216 24.45 -26.85 -10.84
CA THR N 216 25.11 -25.79 -10.10
C THR N 216 26.05 -25.03 -11.03
N SER N 217 26.95 -25.74 -11.69
CA SER N 217 27.91 -25.12 -12.61
C SER N 217 27.17 -24.14 -13.50
N LEU N 218 26.14 -24.62 -14.19
CA LEU N 218 25.37 -23.76 -15.07
C LEU N 218 24.90 -22.48 -14.39
N LEU N 219 24.20 -22.63 -13.27
CA LEU N 219 23.68 -21.47 -12.60
C LEU N 219 24.77 -20.55 -12.07
N TYR N 220 25.99 -21.06 -11.89
CA TYR N 220 27.04 -20.19 -11.42
C TYR N 220 27.47 -19.26 -12.57
N TYR N 221 27.57 -19.82 -13.76
CA TYR N 221 27.94 -19.05 -14.93
C TYR N 221 26.91 -17.98 -15.22
N MET N 222 25.64 -18.36 -15.09
CA MET N 222 24.53 -17.44 -15.33
C MET N 222 24.55 -16.30 -14.31
N LYS N 223 24.75 -16.66 -13.05
CA LYS N 223 24.80 -15.67 -11.98
C LYS N 223 25.92 -14.69 -12.28
N ARG N 224 27.09 -15.24 -12.61
CA ARG N 224 28.27 -14.43 -12.91
C ARG N 224 28.04 -13.56 -14.13
N HIS N 225 27.46 -14.18 -15.16
CA HIS N 225 27.16 -13.50 -16.42
C HIS N 225 26.33 -12.24 -16.24
N LYS N 226 25.35 -12.32 -15.35
CA LYS N 226 24.50 -11.16 -15.12
C LYS N 226 25.28 -10.17 -14.32
N TRP N 227 25.81 -10.60 -13.19
CA TRP N 227 26.56 -9.69 -12.35
C TRP N 227 27.75 -9.01 -13.02
N SER N 228 28.37 -9.65 -14.00
CA SER N 228 29.50 -9.02 -14.66
C SER N 228 29.33 -7.50 -14.79
N VAL N 229 28.15 -7.09 -15.25
CA VAL N 229 27.83 -5.67 -15.43
C VAL N 229 28.24 -4.81 -14.23
N LEU N 230 28.11 -5.36 -13.03
CA LEU N 230 28.47 -4.63 -11.85
C LEU N 230 29.91 -4.90 -11.48
N LYS N 231 30.28 -6.17 -11.48
CA LYS N 231 31.63 -6.56 -11.14
C LYS N 231 32.74 -5.73 -11.80
N SER N 232 32.59 -5.40 -13.08
CA SER N 232 33.61 -4.63 -13.78
C SER N 232 33.32 -3.13 -13.85
N ARG N 233 32.11 -2.75 -13.46
CA ARG N 233 31.68 -1.36 -13.47
C ARG N 233 32.74 -0.43 -12.90
N LYS N 234 32.92 0.72 -13.54
CA LYS N 234 33.91 1.69 -13.10
C LYS N 234 33.23 3.05 -12.94
N MET N 235 33.60 3.76 -11.88
CA MET N 235 33.01 5.06 -11.62
C MET N 235 34.06 6.14 -11.37
N ALA N 236 33.62 7.39 -11.31
CA ALA N 236 34.49 8.52 -11.09
C ALA N 236 33.71 9.71 -10.52
N TYR N 237 34.39 10.56 -9.75
CA TYR N 237 33.77 11.73 -9.17
C TYR N 237 34.26 12.95 -9.95
N ARG N 238 33.35 13.62 -10.64
CA ARG N 238 33.66 14.78 -11.47
C ARG N 238 32.98 16.09 -11.16
N PRO N 239 33.24 16.68 -9.99
CA PRO N 239 32.62 17.95 -9.60
C PRO N 239 33.03 19.06 -10.54
N PRO N 240 32.23 20.15 -10.62
CA PRO N 240 32.49 21.30 -11.49
C PRO N 240 33.91 21.76 -11.25
N LYS N 241 34.22 21.88 -9.94
CA LYS N 241 35.54 22.29 -9.43
C LYS N 241 36.46 22.90 -10.51
N VAL O 1 34.42 19.96 -18.22
CA VAL O 1 33.38 19.87 -19.30
C VAL O 1 33.29 18.46 -19.88
N HIS O 2 32.11 18.10 -20.36
CA HIS O 2 31.89 16.77 -20.90
C HIS O 2 32.83 16.33 -22.02
N ASN O 3 33.45 17.29 -22.71
CA ASN O 3 34.37 16.96 -23.80
C ASN O 3 35.62 16.25 -23.27
N ASP O 4 35.95 16.57 -22.02
CA ASP O 4 37.08 16.03 -21.28
C ASP O 4 36.76 14.67 -20.65
N VAL O 5 35.68 14.05 -21.08
CA VAL O 5 35.31 12.77 -20.51
C VAL O 5 35.41 11.64 -21.52
N THR O 6 36.04 10.55 -21.09
CA THR O 6 36.20 9.38 -21.94
C THR O 6 35.93 8.08 -21.18
N VAL O 7 35.46 7.10 -21.92
CA VAL O 7 35.17 5.80 -21.33
C VAL O 7 36.46 5.04 -21.06
N PRO O 8 36.62 4.55 -19.83
CA PRO O 8 37.83 3.81 -19.49
C PRO O 8 38.08 2.62 -20.41
N ASP O 9 39.20 1.94 -20.18
CA ASP O 9 39.58 0.81 -21.01
C ASP O 9 39.08 -0.50 -20.43
N PHE O 10 38.21 -1.17 -21.18
CA PHE O 10 37.64 -2.46 -20.75
C PHE O 10 38.34 -3.70 -21.34
N SER O 11 39.58 -3.54 -21.80
CA SER O 11 40.32 -4.67 -22.37
C SER O 11 40.49 -5.76 -21.35
N ALA O 12 40.65 -5.37 -20.09
CA ALA O 12 40.83 -6.33 -19.02
C ALA O 12 39.69 -7.32 -18.94
N TYR O 13 38.50 -6.87 -19.35
CA TYR O 13 37.30 -7.68 -19.29
C TYR O 13 36.67 -8.13 -20.60
N ARG O 14 36.82 -7.35 -21.66
CA ARG O 14 36.23 -7.74 -22.93
C ARG O 14 36.44 -9.20 -23.30
N ARG O 15 35.55 -9.73 -24.14
CA ARG O 15 35.68 -11.10 -24.58
C ARG O 15 36.72 -11.06 -25.69
N GLU O 16 37.28 -12.22 -26.01
CA GLU O 16 38.30 -12.33 -27.06
C GLU O 16 37.89 -11.65 -28.39
N ASP O 17 36.71 -11.97 -28.91
CA ASP O 17 36.26 -11.41 -30.18
C ASP O 17 36.04 -9.91 -30.28
N VAL O 18 35.72 -9.26 -29.17
CA VAL O 18 35.50 -7.83 -29.19
C VAL O 18 36.65 -7.13 -28.46
N MET O 19 37.86 -7.64 -28.69
CA MET O 19 39.05 -7.13 -28.05
C MET O 19 39.72 -6.07 -28.91
N ASP O 20 39.60 -6.23 -30.22
CA ASP O 20 40.21 -5.33 -31.19
C ASP O 20 39.26 -4.24 -31.63
N ALA O 21 39.59 -3.01 -31.23
CA ALA O 21 38.80 -1.81 -31.51
C ALA O 21 38.63 -1.46 -32.98
N THR O 22 39.11 -2.31 -33.86
CA THR O 22 39.00 -2.00 -35.28
C THR O 22 38.32 -3.12 -36.05
N THR O 23 37.59 -3.96 -35.32
CA THR O 23 36.87 -5.07 -35.93
C THR O 23 35.39 -5.00 -35.55
N SER O 24 34.52 -5.09 -36.55
CA SER O 24 33.09 -5.04 -36.28
C SER O 24 32.77 -6.07 -35.22
N SER O 25 32.12 -5.64 -34.14
CA SER O 25 31.77 -6.58 -33.08
C SER O 25 30.53 -7.39 -33.48
N GLN O 26 29.77 -6.90 -34.45
CA GLN O 26 28.57 -7.60 -34.87
C GLN O 26 28.79 -9.00 -35.42
N THR O 27 29.90 -9.21 -36.11
CA THR O 27 30.16 -10.52 -36.70
C THR O 27 30.29 -11.64 -35.64
N SER O 28 30.80 -11.31 -34.46
CA SER O 28 30.97 -12.31 -33.42
C SER O 28 29.85 -12.31 -32.39
N SER O 29 28.86 -11.44 -32.59
CA SER O 29 27.72 -11.30 -31.69
C SER O 29 26.90 -12.58 -31.55
N GLU O 30 26.40 -13.11 -32.67
CA GLU O 30 25.59 -14.32 -32.62
C GLU O 30 26.32 -15.43 -31.85
N ASP O 31 27.65 -15.42 -31.88
CA ASP O 31 28.43 -16.42 -31.16
C ASP O 31 28.38 -16.17 -29.67
N ARG O 32 28.74 -14.95 -29.28
CA ARG O 32 28.75 -14.55 -27.87
C ARG O 32 27.39 -14.77 -27.17
N LYS O 33 26.32 -14.50 -27.90
CA LYS O 33 24.97 -14.66 -27.37
C LYS O 33 24.60 -16.13 -27.45
N GLY O 34 24.89 -16.73 -28.61
CA GLY O 34 24.60 -18.14 -28.80
C GLY O 34 25.21 -19.01 -27.70
N PHE O 35 26.36 -18.63 -27.19
CA PHE O 35 27.00 -19.41 -26.14
C PHE O 35 26.25 -19.27 -24.85
N SER O 36 26.21 -18.04 -24.35
CA SER O 36 25.52 -17.71 -23.10
C SER O 36 24.12 -18.28 -23.08
N TYR O 37 23.39 -18.06 -24.17
CA TYR O 37 22.03 -18.60 -24.27
C TYR O 37 22.08 -20.12 -24.23
N LEU O 38 23.06 -20.71 -24.91
CA LEU O 38 23.22 -22.16 -24.90
C LEU O 38 23.36 -22.64 -23.46
N VAL O 39 24.09 -21.89 -22.65
CA VAL O 39 24.28 -22.27 -21.25
C VAL O 39 22.93 -22.27 -20.57
N THR O 40 22.23 -21.15 -20.74
CA THR O 40 20.92 -20.98 -20.15
C THR O 40 19.92 -22.06 -20.59
N ALA O 41 19.78 -22.23 -21.91
CA ALA O 41 18.85 -23.25 -22.43
C ALA O 41 19.11 -24.60 -21.79
N THR O 42 20.37 -24.89 -21.50
CA THR O 42 20.76 -26.13 -20.86
C THR O 42 20.28 -26.19 -19.42
N ALA O 43 20.48 -25.10 -18.68
CA ALA O 43 20.05 -25.06 -17.29
C ALA O 43 18.55 -25.36 -17.21
N CYS O 44 17.79 -24.87 -18.18
CA CYS O 44 16.36 -25.16 -18.23
C CYS O 44 16.14 -26.65 -18.38
N VAL O 45 16.77 -27.23 -19.39
CA VAL O 45 16.68 -28.66 -19.64
C VAL O 45 16.98 -29.46 -18.37
N ALA O 46 18.07 -29.12 -17.68
CA ALA O 46 18.45 -29.81 -16.44
C ALA O 46 17.31 -29.68 -15.46
N THR O 47 16.91 -28.43 -15.20
CA THR O 47 15.81 -28.16 -14.28
C THR O 47 14.58 -28.95 -14.69
N ALA O 48 14.17 -28.82 -15.95
CA ALA O 48 13.00 -29.54 -16.43
C ALA O 48 13.09 -31.01 -16.02
N TYR O 49 14.18 -31.68 -16.39
CA TYR O 49 14.35 -33.07 -16.03
C TYR O 49 14.04 -33.25 -14.55
N ALA O 50 14.84 -32.64 -13.69
CA ALA O 50 14.65 -32.72 -12.24
C ALA O 50 13.19 -32.50 -11.79
N ALA O 51 12.61 -31.40 -12.26
CA ALA O 51 11.23 -31.06 -11.92
C ALA O 51 10.31 -32.19 -12.31
N LYS O 52 10.38 -32.61 -13.56
CA LYS O 52 9.51 -33.69 -14.02
C LYS O 52 9.60 -34.86 -13.06
N ASN O 53 10.81 -35.24 -12.66
CA ASN O 53 10.94 -36.36 -11.76
C ASN O 53 10.31 -36.11 -10.39
N VAL O 54 10.75 -35.04 -9.72
CA VAL O 54 10.20 -34.78 -8.39
C VAL O 54 8.69 -34.67 -8.42
N VAL O 55 8.13 -34.08 -9.46
CA VAL O 55 6.68 -34.00 -9.53
C VAL O 55 6.12 -35.40 -9.74
N THR O 56 6.64 -36.10 -10.73
CA THR O 56 6.16 -37.45 -10.96
C THR O 56 6.20 -38.24 -9.67
N GLN O 57 7.35 -38.22 -8.99
CA GLN O 57 7.46 -38.96 -7.73
C GLN O 57 6.38 -38.55 -6.73
N PHE O 58 6.29 -37.27 -6.42
CA PHE O 58 5.29 -36.82 -5.46
C PHE O 58 3.87 -37.18 -5.92
N ILE O 59 3.55 -36.87 -7.17
CA ILE O 59 2.23 -37.19 -7.68
C ILE O 59 1.88 -38.67 -7.46
N SER O 60 2.79 -39.56 -7.82
CA SER O 60 2.52 -40.98 -7.66
C SER O 60 2.51 -41.42 -6.19
N SER O 61 2.94 -40.54 -5.30
CA SER O 61 2.95 -40.92 -3.89
C SER O 61 1.51 -40.99 -3.41
N LEU O 62 0.56 -40.63 -4.26
CA LEU O 62 -0.82 -40.65 -3.87
C LEU O 62 -1.59 -41.82 -4.43
N SER O 63 -1.07 -42.46 -5.47
CA SER O 63 -1.78 -43.60 -6.03
C SER O 63 -1.55 -44.82 -5.14
N ALA O 64 -2.28 -45.90 -5.43
CA ALA O 64 -2.24 -47.13 -4.63
C ALA O 64 -0.87 -47.61 -4.16
N SER O 65 -0.75 -47.82 -2.85
CA SER O 65 0.47 -48.30 -2.25
C SER O 65 0.65 -49.78 -2.50
N ALA O 66 1.86 -50.25 -2.28
CA ALA O 66 2.21 -51.66 -2.49
C ALA O 66 1.22 -52.62 -1.86
N ASP O 67 0.88 -52.37 -0.60
CA ASP O 67 -0.03 -53.22 0.13
C ASP O 67 -1.40 -53.27 -0.53
N VAL O 68 -1.79 -52.19 -1.19
CA VAL O 68 -3.07 -52.19 -1.85
C VAL O 68 -3.01 -52.91 -3.19
N LEU O 69 -1.96 -52.69 -3.97
CA LEU O 69 -1.87 -53.37 -5.24
C LEU O 69 -1.80 -54.88 -4.99
N ALA O 70 -1.30 -55.26 -3.82
CA ALA O 70 -1.17 -56.66 -3.46
C ALA O 70 -2.51 -57.37 -3.37
N LEU O 71 -3.59 -56.61 -3.21
CA LEU O 71 -4.92 -57.19 -3.13
C LEU O 71 -5.72 -56.81 -4.37
N SER O 72 -5.03 -56.21 -5.33
CA SER O 72 -5.64 -55.77 -6.57
C SER O 72 -6.37 -56.88 -7.33
N LYS O 73 -5.68 -58.00 -7.54
CA LYS O 73 -6.25 -59.13 -8.26
C LYS O 73 -5.98 -60.45 -7.54
N ILE O 74 -6.90 -61.40 -7.65
CA ILE O 74 -6.78 -62.69 -6.97
C ILE O 74 -6.85 -63.85 -7.96
N GLU O 75 -6.06 -64.88 -7.73
CA GLU O 75 -6.03 -66.07 -8.60
C GLU O 75 -6.64 -67.29 -7.90
N ILE O 76 -7.76 -67.77 -8.43
CA ILE O 76 -8.47 -68.91 -7.85
C ILE O 76 -8.24 -70.23 -8.59
N LYS O 77 -7.93 -71.28 -7.82
CA LYS O 77 -7.67 -72.61 -8.38
C LYS O 77 -8.98 -73.38 -8.59
N LEU O 78 -9.41 -73.50 -9.84
CA LEU O 78 -10.64 -74.18 -10.23
C LEU O 78 -10.74 -75.62 -9.72
N SER O 79 -9.58 -76.26 -9.54
CA SER O 79 -9.52 -77.64 -9.05
C SER O 79 -10.18 -77.78 -7.68
N ASP O 80 -10.21 -76.68 -6.93
CA ASP O 80 -10.80 -76.63 -5.60
C ASP O 80 -12.33 -76.54 -5.66
N ILE O 81 -12.85 -76.18 -6.83
CA ILE O 81 -14.29 -76.06 -7.01
C ILE O 81 -14.90 -77.15 -7.89
N PRO O 82 -15.65 -78.07 -7.28
CA PRO O 82 -16.29 -79.16 -8.01
C PRO O 82 -17.60 -78.67 -8.66
N GLU O 83 -18.09 -79.40 -9.65
CA GLU O 83 -19.34 -79.02 -10.32
C GLU O 83 -20.52 -79.14 -9.35
N GLY O 84 -21.54 -78.30 -9.56
CA GLY O 84 -22.72 -78.34 -8.71
C GLY O 84 -22.59 -77.70 -7.35
N LYS O 85 -21.42 -77.10 -7.07
CA LYS O 85 -21.18 -76.43 -5.79
C LYS O 85 -20.53 -75.06 -6.00
N ASN O 86 -21.14 -74.05 -5.39
CA ASN O 86 -20.65 -72.67 -5.49
C ASN O 86 -19.69 -72.32 -4.34
N VAL O 87 -18.60 -71.64 -4.67
CA VAL O 87 -17.61 -71.25 -3.67
C VAL O 87 -17.36 -69.75 -3.71
N ALA O 88 -17.18 -69.15 -2.53
CA ALA O 88 -16.96 -67.71 -2.41
C ALA O 88 -15.61 -67.34 -1.78
N PHE O 89 -14.93 -66.38 -2.41
CA PHE O 89 -13.63 -65.89 -1.94
C PHE O 89 -13.67 -64.39 -1.68
N LYS O 90 -12.75 -63.91 -0.86
CA LYS O 90 -12.67 -62.49 -0.53
C LYS O 90 -11.83 -61.70 -1.53
N TRP O 91 -12.49 -60.84 -2.32
CA TRP O 91 -11.79 -60.02 -3.31
C TRP O 91 -12.20 -58.54 -3.21
N ARG O 92 -11.26 -57.68 -2.86
CA ARG O 92 -11.53 -56.25 -2.70
C ARG O 92 -12.62 -55.99 -1.66
N GLY O 93 -12.49 -56.65 -0.50
CA GLY O 93 -13.42 -56.49 0.59
C GLY O 93 -14.84 -57.00 0.37
N LYS O 94 -15.12 -57.52 -0.82
CA LYS O 94 -16.44 -58.03 -1.12
C LYS O 94 -16.39 -59.45 -1.67
N PRO O 95 -17.40 -60.26 -1.35
CA PRO O 95 -17.50 -61.66 -1.80
C PRO O 95 -17.41 -61.86 -3.32
N LEU O 96 -16.63 -62.87 -3.72
CA LEU O 96 -16.44 -63.22 -5.12
C LEU O 96 -16.93 -64.63 -5.37
N PHE O 97 -17.99 -64.75 -6.18
CA PHE O 97 -18.58 -66.04 -6.49
C PHE O 97 -17.99 -66.75 -7.71
N VAL O 98 -17.51 -67.97 -7.49
CA VAL O 98 -16.96 -68.80 -8.56
C VAL O 98 -17.67 -70.15 -8.46
N ARG O 99 -18.63 -70.37 -9.34
CA ARG O 99 -19.41 -71.60 -9.35
C ARG O 99 -19.07 -72.50 -10.52
N HIS O 100 -19.07 -73.81 -10.26
CA HIS O 100 -18.79 -74.81 -11.29
C HIS O 100 -20.14 -75.32 -11.78
N ARG O 101 -20.59 -74.79 -12.92
CA ARG O 101 -21.86 -75.18 -13.48
C ARG O 101 -21.70 -76.47 -14.28
N THR O 102 -22.68 -77.36 -14.13
CA THR O 102 -22.69 -78.64 -14.84
C THR O 102 -23.27 -78.42 -16.23
N GLN O 103 -23.02 -79.37 -17.13
CA GLN O 103 -23.53 -79.26 -18.49
C GLN O 103 -25.06 -79.19 -18.43
N ALA O 104 -25.61 -79.48 -17.24
CA ALA O 104 -27.05 -79.48 -17.00
C ALA O 104 -27.68 -78.09 -16.79
N GLU O 105 -27.04 -77.29 -15.93
CA GLU O 105 -27.52 -75.93 -15.63
C GLU O 105 -27.22 -74.99 -16.78
N ILE O 106 -26.24 -75.37 -17.60
CA ILE O 106 -25.85 -74.58 -18.74
C ILE O 106 -26.95 -74.71 -19.80
N ASN O 107 -27.75 -75.77 -19.67
CA ASN O 107 -28.85 -76.03 -20.59
C ASN O 107 -30.10 -75.29 -20.12
N GLN O 108 -30.32 -75.31 -18.81
CA GLN O 108 -31.46 -74.60 -18.24
C GLN O 108 -31.22 -73.13 -18.57
N GLU O 109 -29.95 -72.83 -18.83
CA GLU O 109 -29.50 -71.49 -19.17
C GLU O 109 -29.89 -71.09 -20.59
N ALA O 110 -29.95 -72.07 -21.49
CA ALA O 110 -30.32 -71.82 -22.89
C ALA O 110 -31.82 -71.62 -23.07
N GLU O 111 -32.60 -72.15 -22.13
CA GLU O 111 -34.06 -72.04 -22.17
C GLU O 111 -34.51 -70.72 -21.55
N VAL O 112 -33.55 -69.80 -21.40
CA VAL O 112 -33.78 -68.49 -20.82
C VAL O 112 -34.19 -67.47 -21.90
N ASP O 113 -35.40 -66.92 -21.73
CA ASP O 113 -35.98 -65.95 -22.66
C ASP O 113 -35.33 -64.57 -22.52
N VAL O 114 -34.25 -64.34 -23.26
CA VAL O 114 -33.49 -63.08 -23.23
C VAL O 114 -34.29 -61.77 -23.24
N SER O 115 -35.50 -61.79 -23.80
CA SER O 115 -36.31 -60.58 -23.85
C SER O 115 -37.30 -60.47 -22.68
N LYS O 116 -37.30 -61.48 -21.80
CA LYS O 116 -38.18 -61.50 -20.63
C LYS O 116 -37.44 -61.24 -19.30
N LEU O 117 -36.39 -60.43 -19.36
CA LEU O 117 -35.58 -60.10 -18.18
C LEU O 117 -35.44 -58.58 -18.03
N ARG O 118 -35.16 -58.14 -16.80
CA ARG O 118 -34.98 -56.72 -16.52
C ARG O 118 -33.67 -56.23 -17.11
N ASP O 119 -32.62 -57.05 -17.01
CA ASP O 119 -31.31 -56.73 -17.56
C ASP O 119 -31.03 -57.80 -18.62
N PRO O 120 -31.41 -57.52 -19.88
CA PRO O 120 -31.24 -58.41 -21.03
C PRO O 120 -29.81 -58.86 -21.35
N GLN O 121 -29.50 -60.09 -20.98
CA GLN O 121 -28.18 -60.68 -21.22
C GLN O 121 -28.24 -62.20 -21.16
N HIS O 122 -27.75 -62.87 -22.20
CA HIS O 122 -27.73 -64.33 -22.23
C HIS O 122 -26.39 -64.80 -21.69
N ASP O 123 -26.30 -66.09 -21.37
CA ASP O 123 -25.08 -66.67 -20.85
C ASP O 123 -23.93 -66.30 -21.79
N LEU O 124 -24.29 -66.02 -23.04
CA LEU O 124 -23.31 -65.64 -24.06
C LEU O 124 -22.57 -64.38 -23.63
N ASP O 125 -23.34 -63.36 -23.26
CA ASP O 125 -22.80 -62.07 -22.84
C ASP O 125 -22.15 -62.07 -21.45
N ARG O 126 -21.98 -63.24 -20.85
CA ARG O 126 -21.38 -63.32 -19.52
C ARG O 126 -20.14 -64.24 -19.43
N VAL O 127 -20.35 -65.49 -19.03
CA VAL O 127 -19.25 -66.46 -18.86
C VAL O 127 -18.34 -66.67 -20.09
N LYS O 128 -17.15 -67.21 -19.84
CA LYS O 128 -16.17 -67.48 -20.89
C LYS O 128 -16.06 -68.99 -21.14
N LYS O 129 -16.33 -69.76 -20.10
CA LYS O 129 -16.31 -71.22 -20.18
C LYS O 129 -17.62 -71.70 -19.57
N PRO O 130 -18.48 -72.36 -20.37
CA PRO O 130 -19.78 -72.88 -19.92
C PRO O 130 -19.83 -73.46 -18.51
N GLU O 131 -18.78 -74.20 -18.13
CA GLU O 131 -18.69 -74.82 -16.82
C GLU O 131 -18.30 -73.86 -15.67
N TRP O 132 -17.91 -72.63 -16.04
CA TRP O 132 -17.47 -71.62 -15.07
C TRP O 132 -18.20 -70.29 -15.07
N VAL O 133 -18.73 -69.92 -13.91
CA VAL O 133 -19.42 -68.64 -13.75
C VAL O 133 -18.77 -67.91 -12.57
N ILE O 134 -18.30 -66.70 -12.84
CA ILE O 134 -17.64 -65.89 -11.84
C ILE O 134 -18.37 -64.55 -11.68
N LEU O 135 -18.90 -64.33 -10.48
CA LEU O 135 -19.65 -63.12 -10.19
C LEU O 135 -19.21 -62.40 -8.91
N VAL O 136 -19.62 -61.14 -8.79
CA VAL O 136 -19.30 -60.32 -7.63
C VAL O 136 -20.49 -60.49 -6.68
N GLY O 137 -20.27 -61.22 -5.60
CA GLY O 137 -21.30 -61.51 -4.63
C GLY O 137 -22.07 -60.37 -4.00
N VAL O 138 -22.47 -59.38 -4.80
CA VAL O 138 -23.20 -58.24 -4.28
C VAL O 138 -24.53 -58.06 -5.01
N CYS O 139 -25.62 -57.98 -4.26
CA CYS O 139 -26.94 -57.80 -4.85
C CYS O 139 -26.95 -56.44 -5.54
N THR O 140 -27.62 -56.35 -6.69
CA THR O 140 -27.68 -55.10 -7.45
C THR O 140 -28.65 -54.08 -6.87
N HIS O 141 -29.48 -54.54 -5.93
CA HIS O 141 -30.47 -53.68 -5.28
C HIS O 141 -29.82 -52.74 -4.27
N LEU O 142 -29.46 -53.28 -3.11
CA LEU O 142 -28.85 -52.47 -2.05
C LEU O 142 -27.77 -53.18 -1.22
N GLY O 143 -26.62 -53.36 -1.87
CA GLY O 143 -25.43 -53.96 -1.26
C GLY O 143 -25.41 -55.22 -0.40
N CYS O 144 -26.38 -56.10 -0.51
CA CYS O 144 -26.38 -57.33 0.29
C CYS O 144 -25.69 -58.48 -0.42
N VAL O 145 -25.24 -59.47 0.36
CA VAL O 145 -24.57 -60.62 -0.20
C VAL O 145 -25.57 -61.79 -0.31
N PRO O 146 -25.81 -62.27 -1.55
CA PRO O 146 -26.73 -63.37 -1.87
C PRO O 146 -26.46 -64.73 -1.19
N ILE O 147 -27.38 -65.66 -1.40
CA ILE O 147 -27.30 -67.01 -0.87
C ILE O 147 -27.48 -67.97 -2.04
N ALA O 148 -26.44 -68.74 -2.35
CA ALA O 148 -26.48 -69.67 -3.47
C ALA O 148 -27.19 -70.97 -3.18
N ASN O 149 -27.58 -71.66 -4.26
CA ASN O 149 -28.27 -72.94 -4.19
C ASN O 149 -29.69 -72.82 -3.63
N SER O 150 -30.32 -71.67 -3.85
CA SER O 150 -31.69 -71.47 -3.34
C SER O 150 -32.50 -70.48 -4.14
N GLY O 151 -33.73 -70.25 -3.69
CA GLY O 151 -34.61 -69.32 -4.38
C GLY O 151 -35.50 -70.02 -5.38
N ASP O 152 -36.26 -69.22 -6.11
CA ASP O 152 -37.20 -69.71 -7.12
C ASP O 152 -36.53 -70.01 -8.48
N PHE O 153 -35.22 -69.79 -8.59
CA PHE O 153 -34.53 -70.07 -9.85
C PHE O 153 -33.22 -70.83 -9.64
N GLY O 154 -33.18 -71.65 -8.60
CA GLY O 154 -32.01 -72.45 -8.29
C GLY O 154 -30.69 -71.71 -8.23
N GLY O 155 -30.72 -70.40 -8.51
CA GLY O 155 -29.50 -69.61 -8.49
C GLY O 155 -29.15 -69.06 -7.13
N TYR O 156 -29.33 -67.75 -6.95
CA TYR O 156 -29.02 -67.12 -5.67
C TYR O 156 -30.22 -66.34 -5.13
N TYR O 157 -30.24 -66.15 -3.82
CA TYR O 157 -31.33 -65.43 -3.16
C TYR O 157 -30.81 -64.41 -2.14
N CYS O 158 -31.13 -63.13 -2.34
CA CYS O 158 -30.72 -62.06 -1.42
C CYS O 158 -31.80 -61.88 -0.36
N PRO O 159 -31.52 -62.31 0.87
CA PRO O 159 -32.43 -62.25 2.02
C PRO O 159 -32.82 -60.85 2.53
N CYS O 160 -32.36 -59.81 1.85
CA CYS O 160 -32.67 -58.46 2.28
C CYS O 160 -34.02 -57.98 1.78
N HIS O 161 -34.34 -58.22 0.50
CA HIS O 161 -35.63 -57.81 -0.07
C HIS O 161 -36.24 -58.78 -1.10
N GLY O 162 -35.62 -59.95 -1.27
CA GLY O 162 -36.16 -60.92 -2.23
C GLY O 162 -35.25 -61.29 -3.39
N SER O 163 -34.90 -60.31 -4.22
CA SER O 163 -34.03 -60.52 -5.38
C SER O 163 -33.60 -61.96 -5.64
N HIS O 164 -34.20 -62.57 -6.66
CA HIS O 164 -33.86 -63.95 -7.03
C HIS O 164 -32.97 -63.90 -8.27
N TYR O 165 -31.88 -64.65 -8.24
CA TYR O 165 -30.97 -64.68 -9.38
C TYR O 165 -30.84 -66.11 -9.89
N ASP O 166 -30.79 -66.27 -11.21
CA ASP O 166 -30.70 -67.59 -11.81
C ASP O 166 -29.32 -68.22 -11.64
N ALA O 167 -29.10 -69.33 -12.33
CA ALA O 167 -27.84 -70.06 -12.28
C ALA O 167 -26.69 -69.26 -12.89
N SER O 168 -27.01 -68.37 -13.82
CA SER O 168 -25.99 -67.55 -14.47
C SER O 168 -25.84 -66.20 -13.78
N GLY O 169 -26.62 -66.01 -12.71
CA GLY O 169 -26.55 -64.78 -11.94
C GLY O 169 -27.29 -63.61 -12.56
N ARG O 170 -28.57 -63.82 -12.85
CA ARG O 170 -29.37 -62.76 -13.44
C ARG O 170 -30.61 -62.53 -12.59
N ILE O 171 -30.95 -61.27 -12.40
CA ILE O 171 -32.11 -60.95 -11.59
C ILE O 171 -33.37 -61.45 -12.28
N ARG O 172 -34.19 -62.18 -11.53
CA ARG O 172 -35.44 -62.73 -12.04
C ARG O 172 -36.60 -62.07 -11.30
N LYS O 173 -36.89 -62.58 -10.10
CA LYS O 173 -37.98 -62.05 -9.28
C LYS O 173 -37.45 -61.21 -8.13
N GLY O 174 -37.90 -59.97 -8.08
CA GLY O 174 -37.47 -59.07 -7.03
C GLY O 174 -37.25 -57.64 -7.50
N PRO O 175 -36.86 -56.75 -6.59
CA PRO O 175 -36.61 -55.33 -6.88
C PRO O 175 -35.27 -55.01 -7.56
N ALA O 176 -34.32 -55.95 -7.51
CA ALA O 176 -33.01 -55.73 -8.11
C ALA O 176 -33.08 -55.28 -9.58
N PRO O 177 -32.44 -54.15 -9.90
CA PRO O 177 -32.42 -53.57 -11.26
C PRO O 177 -31.51 -54.24 -12.29
N TYR O 178 -30.37 -54.76 -11.84
CA TYR O 178 -29.42 -55.41 -12.74
C TYR O 178 -29.16 -56.86 -12.33
N ASN O 179 -28.19 -57.50 -12.98
CA ASN O 179 -27.83 -58.89 -12.67
C ASN O 179 -26.46 -58.81 -11.98
N LEU O 180 -26.22 -59.71 -11.02
CA LEU O 180 -24.94 -59.74 -10.30
C LEU O 180 -23.82 -59.36 -11.27
N GLU O 181 -22.94 -58.45 -10.84
CA GLU O 181 -21.84 -58.00 -11.69
C GLU O 181 -20.81 -59.08 -12.02
N VAL O 182 -20.30 -59.02 -13.25
CA VAL O 182 -19.29 -59.94 -13.74
C VAL O 182 -17.98 -59.17 -13.89
N PRO O 183 -17.04 -59.41 -12.98
CA PRO O 183 -15.73 -58.75 -12.95
C PRO O 183 -14.78 -59.15 -14.06
N THR O 184 -13.75 -58.34 -14.26
CA THR O 184 -12.73 -58.59 -15.27
C THR O 184 -11.95 -59.84 -14.85
N TYR O 185 -11.51 -60.65 -15.81
CA TYR O 185 -10.76 -61.86 -15.49
C TYR O 185 -10.30 -62.65 -16.71
N GLN O 186 -9.98 -63.91 -16.47
CA GLN O 186 -9.49 -64.83 -17.50
C GLN O 186 -8.96 -66.11 -16.85
N PHE O 187 -8.36 -66.95 -17.68
CA PHE O 187 -7.77 -68.20 -17.22
C PHE O 187 -6.30 -68.20 -17.61
N VAL O 188 -5.50 -68.99 -16.92
CA VAL O 188 -4.08 -69.08 -17.20
C VAL O 188 -3.62 -70.53 -17.37
N GLY O 189 -4.37 -71.44 -16.77
CA GLY O 189 -4.05 -72.85 -16.87
C GLY O 189 -5.35 -73.63 -16.85
N ASP O 190 -5.27 -74.95 -16.89
CA ASP O 190 -6.49 -75.77 -16.87
C ASP O 190 -6.97 -75.97 -15.43
N ASP O 191 -6.69 -74.98 -14.59
CA ASP O 191 -7.09 -75.02 -13.18
C ASP O 191 -6.88 -73.70 -12.43
N LEU O 192 -6.45 -72.67 -13.14
CA LEU O 192 -6.22 -71.37 -12.51
C LEU O 192 -6.91 -70.20 -13.22
N VAL O 193 -7.63 -69.40 -12.44
CA VAL O 193 -8.33 -68.22 -12.94
C VAL O 193 -7.84 -67.00 -12.15
N VAL O 194 -7.62 -65.89 -12.86
CA VAL O 194 -7.13 -64.66 -12.23
C VAL O 194 -8.06 -63.46 -12.42
N VAL O 195 -8.98 -63.29 -11.48
CA VAL O 195 -9.94 -62.19 -11.53
C VAL O 195 -9.23 -60.88 -11.23
N GLY O 196 -9.64 -59.81 -11.91
CA GLY O 196 -9.03 -58.51 -11.68
C GLY O 196 -8.12 -58.02 -12.80
N GLY P 10 47.27 11.24 27.82
CA GLY P 10 48.68 10.91 27.43
C GLY P 10 48.79 10.37 26.01
N ARG P 11 49.98 10.50 25.43
CA ARG P 11 50.25 10.03 24.06
C ARG P 11 50.43 8.52 23.99
N LEU P 12 49.91 7.82 25.01
CA LEU P 12 49.96 6.36 25.09
C LEU P 12 48.89 5.79 24.18
N MET P 13 47.63 6.02 24.53
CA MET P 13 46.51 5.55 23.73
C MET P 13 46.44 6.34 22.44
N ASP P 14 47.34 7.30 22.28
CA ASP P 14 47.39 8.11 21.07
C ASP P 14 48.10 7.25 20.01
N ARG P 15 48.59 6.10 20.46
CA ARG P 15 49.25 5.11 19.59
C ARG P 15 48.18 4.05 19.34
N ILE P 16 47.61 3.55 20.43
CA ILE P 16 46.53 2.58 20.41
C ILE P 16 45.57 2.94 19.27
N ARG P 17 45.09 4.19 19.28
CA ARG P 17 44.17 4.68 18.26
C ARG P 17 44.68 4.44 16.84
N LYS P 18 45.94 4.75 16.61
CA LYS P 18 46.54 4.55 15.30
C LYS P 18 46.51 3.06 14.99
N TRP P 19 46.71 2.25 16.01
CA TRP P 19 46.68 0.80 15.82
C TRP P 19 45.27 0.38 15.48
N TYR P 20 44.33 0.73 16.36
CA TYR P 20 42.93 0.39 16.15
C TYR P 20 42.48 0.93 14.78
N TYR P 21 42.78 2.19 14.51
CA TYR P 21 42.40 2.79 13.25
C TYR P 21 42.84 1.90 12.09
N ASN P 22 44.05 1.37 12.17
CA ASN P 22 44.55 0.52 11.11
C ASN P 22 43.94 -0.87 11.27
N ALA P 23 43.61 -1.22 12.50
CA ALA P 23 43.02 -2.51 12.77
C ALA P 23 41.65 -2.60 12.13
N ALA P 24 40.84 -1.55 12.32
CA ALA P 24 39.49 -1.49 11.76
C ALA P 24 39.54 -1.76 10.26
N GLY P 25 40.34 -0.99 9.55
CA GLY P 25 40.47 -1.23 8.13
C GLY P 25 39.47 -0.62 7.18
N PHE P 26 38.73 0.38 7.64
CA PHE P 26 37.76 1.02 6.77
C PHE P 26 38.45 1.94 5.79
N ASN P 27 39.72 2.21 6.07
CA ASN P 27 40.49 3.07 5.21
C ASN P 27 40.91 2.34 3.95
N LYS P 28 40.88 1.01 3.98
CA LYS P 28 41.27 0.27 2.79
C LYS P 28 40.23 0.50 1.67
N TYR P 29 39.04 0.91 2.10
CA TYR P 29 37.93 1.18 1.18
C TYR P 29 37.96 2.63 0.78
N GLY P 30 38.80 3.42 1.43
CA GLY P 30 38.89 4.82 1.11
C GLY P 30 37.91 5.65 1.91
N LEU P 31 37.28 5.01 2.90
CA LEU P 31 36.31 5.68 3.75
C LEU P 31 36.99 6.42 4.89
N MET P 32 36.33 7.42 5.44
CA MET P 32 36.91 8.15 6.54
C MET P 32 36.17 7.72 7.78
N ARG P 33 36.79 7.91 8.94
CA ARG P 33 36.16 7.53 10.21
C ARG P 33 34.69 7.92 10.15
N ASP P 34 34.42 9.22 10.02
CA ASP P 34 33.05 9.71 9.95
C ASP P 34 32.15 9.11 8.87
N ASP P 35 32.76 8.56 7.81
CA ASP P 35 31.98 7.94 6.75
C ASP P 35 31.32 6.67 7.25
N THR P 36 31.86 6.08 8.30
CA THR P 36 31.31 4.82 8.81
C THR P 36 30.27 4.98 9.89
N LEU P 37 30.05 6.21 10.34
CA LEU P 37 29.07 6.45 11.39
C LEU P 37 27.70 5.92 11.01
N TYR P 38 27.04 5.25 11.96
CA TYR P 38 25.70 4.73 11.73
C TYR P 38 24.72 5.88 11.79
N GLU P 39 23.96 6.05 10.70
CA GLU P 39 23.02 7.14 10.56
C GLU P 39 21.82 7.15 11.49
N ASP P 40 22.06 7.43 12.77
CA ASP P 40 20.95 7.48 13.72
C ASP P 40 20.36 8.88 13.60
N ASP P 41 19.40 9.20 14.46
CA ASP P 41 18.74 10.50 14.40
C ASP P 41 19.65 11.72 14.33
N ASP P 42 20.68 11.77 15.16
CA ASP P 42 21.59 12.93 15.15
C ASP P 42 22.41 13.00 13.87
N VAL P 43 23.15 11.94 13.58
CA VAL P 43 23.98 11.89 12.39
C VAL P 43 23.18 12.33 11.17
N LYS P 44 21.89 12.05 11.18
CA LYS P 44 21.03 12.42 10.06
C LYS P 44 20.95 13.93 9.96
N GLU P 45 20.62 14.59 11.07
CA GLU P 45 20.51 16.05 11.07
C GLU P 45 21.87 16.63 10.73
N ALA P 46 22.89 16.05 11.36
CA ALA P 46 24.25 16.47 11.15
C ALA P 46 24.52 16.55 9.66
N LEU P 47 24.38 15.43 8.97
CA LEU P 47 24.64 15.39 7.53
C LEU P 47 23.93 16.46 6.69
N LYS P 48 22.67 16.75 7.03
CA LYS P 48 21.92 17.76 6.29
C LYS P 48 22.63 19.10 6.35
N ARG P 49 23.37 19.33 7.43
CA ARG P 49 24.08 20.58 7.60
C ARG P 49 25.40 20.68 6.84
N LEU P 50 26.01 19.56 6.51
CA LEU P 50 27.26 19.61 5.78
C LEU P 50 27.12 20.48 4.55
N PRO P 51 28.19 21.21 4.18
CA PRO P 51 28.14 22.07 3.00
C PRO P 51 28.08 21.13 1.82
N GLU P 52 27.48 21.59 0.72
CA GLU P 52 27.35 20.74 -0.46
C GLU P 52 28.63 20.00 -0.87
N ASP P 53 29.72 20.73 -1.10
CA ASP P 53 30.96 20.08 -1.52
C ASP P 53 31.38 18.89 -0.66
N LEU P 54 31.27 19.01 0.67
CA LEU P 54 31.65 17.90 1.53
C LEU P 54 30.65 16.75 1.39
N TYR P 55 29.37 17.09 1.29
CA TYR P 55 28.31 16.10 1.15
C TYR P 55 28.52 15.26 -0.10
N ASN P 56 28.71 15.91 -1.23
CA ASN P 56 28.91 15.18 -2.47
C ASN P 56 30.12 14.28 -2.46
N GLU P 57 31.18 14.73 -1.80
CA GLU P 57 32.41 13.97 -1.70
C GLU P 57 32.18 12.67 -0.91
N ARG P 58 31.60 12.82 0.27
CA ARG P 58 31.31 11.68 1.12
C ARG P 58 30.46 10.71 0.34
N MET P 59 29.50 11.24 -0.39
CA MET P 59 28.63 10.40 -1.18
C MET P 59 29.43 9.53 -2.14
N PHE P 60 30.29 10.16 -2.92
CA PHE P 60 31.12 9.40 -3.84
C PHE P 60 31.94 8.35 -3.08
N ARG P 61 32.56 8.79 -2.00
CA ARG P 61 33.36 7.92 -1.18
C ARG P 61 32.54 6.69 -0.81
N ILE P 62 31.42 6.93 -0.15
CA ILE P 62 30.54 5.84 0.26
C ILE P 62 30.09 4.96 -0.91
N LYS P 63 29.68 5.57 -2.01
CA LYS P 63 29.25 4.78 -3.14
C LYS P 63 30.42 3.96 -3.70
N ARG P 64 31.63 4.51 -3.61
CA ARG P 64 32.83 3.82 -4.12
C ARG P 64 33.15 2.61 -3.24
N ALA P 65 32.98 2.79 -1.94
CA ALA P 65 33.23 1.73 -0.98
C ALA P 65 32.29 0.57 -1.26
N LEU P 66 31.02 0.90 -1.49
CA LEU P 66 29.99 -0.09 -1.78
C LEU P 66 30.38 -0.89 -3.01
N ASP P 67 30.81 -0.20 -4.04
CA ASP P 67 31.20 -0.86 -5.28
C ASP P 67 32.36 -1.83 -5.03
N LEU P 68 33.25 -1.45 -4.13
CA LEU P 68 34.37 -2.32 -3.81
C LEU P 68 33.79 -3.56 -3.15
N SER P 69 32.96 -3.34 -2.13
CA SER P 69 32.33 -4.44 -1.40
C SER P 69 31.60 -5.42 -2.31
N LEU P 70 30.85 -4.91 -3.28
CA LEU P 70 30.12 -5.78 -4.17
C LEU P 70 31.10 -6.54 -5.05
N LYS P 71 32.27 -5.94 -5.27
CA LYS P 71 33.31 -6.54 -6.10
C LYS P 71 34.25 -7.46 -5.31
N HIS P 72 34.28 -7.29 -3.99
CA HIS P 72 35.15 -8.08 -3.12
C HIS P 72 36.60 -7.68 -3.40
N ARG P 73 36.85 -6.37 -3.41
CA ARG P 73 38.17 -5.83 -3.66
C ARG P 73 38.35 -4.69 -2.67
N ILE P 74 39.46 -3.98 -2.78
CA ILE P 74 39.75 -2.80 -1.97
C ILE P 74 40.68 -1.92 -2.76
N LEU P 75 40.97 -0.75 -2.23
CA LEU P 75 41.84 0.16 -2.93
C LEU P 75 43.29 -0.26 -2.78
N PRO P 76 44.12 0.07 -3.78
CA PRO P 76 45.54 -0.31 -3.67
C PRO P 76 46.13 0.44 -2.48
N LYS P 77 47.02 -0.23 -1.75
CA LYS P 77 47.66 0.33 -0.56
C LYS P 77 47.99 1.82 -0.63
N GLU P 78 48.40 2.27 -1.81
CA GLU P 78 48.74 3.69 -2.00
C GLU P 78 47.59 4.60 -1.60
N GLN P 79 46.40 4.26 -2.10
CA GLN P 79 45.18 5.03 -1.86
C GLN P 79 44.51 4.95 -0.50
N TRP P 80 44.99 4.09 0.39
CA TRP P 80 44.39 3.99 1.71
C TRP P 80 44.51 5.30 2.49
N VAL P 81 43.51 5.59 3.29
CA VAL P 81 43.47 6.80 4.09
C VAL P 81 44.45 6.62 5.25
N LYS P 82 45.39 7.56 5.38
CA LYS P 82 46.40 7.51 6.44
C LYS P 82 45.89 8.11 7.75
N TYR P 83 45.99 7.34 8.82
CA TYR P 83 45.51 7.77 10.11
C TYR P 83 45.56 9.26 10.34
N GLU P 84 46.72 9.86 10.08
CA GLU P 84 46.91 11.28 10.31
C GLU P 84 46.26 12.25 9.32
N GLU P 85 45.81 11.71 8.18
CA GLU P 85 45.14 12.53 7.18
C GLU P 85 43.63 12.29 7.10
N ASP P 86 43.10 11.55 8.07
CA ASP P 86 41.67 11.25 8.11
C ASP P 86 40.92 12.47 8.56
N LYS P 87 40.04 12.96 7.69
CA LYS P 87 39.26 14.15 7.95
C LYS P 87 38.02 13.91 8.80
N PRO P 88 37.94 14.56 9.98
CA PRO P 88 36.75 14.38 10.82
C PRO P 88 35.75 15.48 10.40
N TYR P 89 35.33 15.42 9.14
CA TYR P 89 34.43 16.39 8.54
C TYR P 89 33.05 16.62 9.19
N LEU P 90 32.47 15.59 9.78
CA LEU P 90 31.14 15.74 10.38
C LEU P 90 31.17 16.00 11.89
N GLU P 91 32.09 15.35 12.58
CA GLU P 91 32.23 15.46 14.03
C GLU P 91 31.84 16.80 14.67
N PRO P 92 32.34 17.93 14.14
CA PRO P 92 32.02 19.25 14.69
C PRO P 92 30.52 19.51 14.68
N TYR P 93 29.92 19.31 13.50
CA TYR P 93 28.49 19.49 13.32
C TYR P 93 27.73 18.59 14.28
N LEU P 94 28.00 17.29 14.19
CA LEU P 94 27.35 16.31 15.03
C LEU P 94 27.40 16.69 16.52
N LYS P 95 28.51 17.29 16.94
CA LYS P 95 28.69 17.71 18.32
C LYS P 95 27.65 18.76 18.72
N GLU P 96 27.43 19.74 17.84
CA GLU P 96 26.47 20.81 18.10
C GLU P 96 25.04 20.26 18.04
N VAL P 97 24.79 19.34 17.10
CA VAL P 97 23.48 18.74 16.93
C VAL P 97 23.06 18.13 18.24
N ILE P 98 24.02 17.49 18.91
CA ILE P 98 23.74 16.86 20.17
C ILE P 98 23.62 17.85 21.32
N ARG P 99 24.42 18.91 21.33
CA ARG P 99 24.33 19.90 22.40
C ARG P 99 22.93 20.49 22.37
N GLU P 100 22.51 20.87 21.16
CA GLU P 100 21.19 21.45 20.93
C GLU P 100 20.11 20.56 21.51
N ARG P 101 20.16 19.28 21.14
CA ARG P 101 19.18 18.32 21.60
C ARG P 101 19.18 18.33 23.12
N LEU P 102 20.32 17.99 23.72
CA LEU P 102 20.41 17.95 25.16
C LEU P 102 19.83 19.20 25.82
N GLU P 103 19.98 20.35 25.15
CA GLU P 103 19.43 21.58 25.70
C GLU P 103 17.92 21.42 25.74
N ARG P 104 17.31 21.16 24.58
CA ARG P 104 15.87 20.96 24.48
C ARG P 104 15.39 19.88 25.44
N GLU P 105 16.01 18.70 25.39
CA GLU P 105 15.61 17.63 26.27
C GLU P 105 15.55 18.15 27.70
N ALA P 106 16.61 18.81 28.12
CA ALA P 106 16.69 19.34 29.50
C ALA P 106 15.64 20.40 29.79
N TRP P 107 15.46 21.33 28.86
CA TRP P 107 14.52 22.42 29.00
C TRP P 107 13.07 21.96 29.10
N ASN P 108 12.68 20.99 28.27
CA ASN P 108 11.31 20.47 28.29
C ASN P 108 10.92 19.83 29.62
N LYS P 109 11.92 19.35 30.37
CA LYS P 109 11.65 18.72 31.68
C LYS P 109 11.30 19.83 32.66
N LYS P 110 12.03 20.94 32.54
CA LYS P 110 11.85 22.12 33.39
C LYS P 110 10.50 22.79 33.13
N ILE Q 2 6.89 2.09 -4.55
CA ILE Q 2 7.61 3.30 -5.06
C ILE Q 2 8.83 3.61 -4.17
N HIS Q 3 10.02 3.24 -4.63
CA HIS Q 3 11.26 3.47 -3.89
C HIS Q 3 12.41 3.96 -4.78
N PHE Q 4 12.26 3.81 -6.08
CA PHE Q 4 13.29 4.25 -7.01
C PHE Q 4 13.02 5.66 -7.53
N GLY Q 5 13.69 6.63 -6.94
CA GLY Q 5 13.51 8.02 -7.34
C GLY Q 5 13.53 8.92 -6.13
N ASN Q 6 13.25 8.35 -4.97
CA ASN Q 6 13.23 9.13 -3.73
C ASN Q 6 14.30 8.66 -2.76
N LEU Q 7 15.31 7.97 -3.29
CA LEU Q 7 16.40 7.41 -2.49
C LEU Q 7 17.47 8.36 -1.97
N ALA Q 8 18.20 9.01 -2.88
CA ALA Q 8 19.26 9.91 -2.43
C ALA Q 8 19.60 11.04 -3.39
N ARG Q 9 20.09 12.14 -2.84
CA ARG Q 9 20.50 13.30 -3.63
C ARG Q 9 21.94 13.03 -4.03
N VAL Q 10 22.13 12.67 -5.29
CA VAL Q 10 23.45 12.35 -5.80
C VAL Q 10 23.93 13.28 -6.90
N ARG Q 11 25.17 13.75 -6.80
CA ARG Q 11 25.70 14.63 -7.83
C ARG Q 11 27.12 14.35 -8.28
N HIS Q 12 27.32 14.43 -9.60
CA HIS Q 12 28.63 14.28 -10.23
C HIS Q 12 29.31 12.93 -10.22
N ILE Q 13 28.58 11.85 -10.34
CA ILE Q 13 29.26 10.57 -10.35
C ILE Q 13 28.97 9.90 -11.69
N ILE Q 14 30.00 9.61 -12.45
CA ILE Q 14 29.79 8.95 -13.72
C ILE Q 14 30.19 7.50 -13.55
N THR Q 15 29.45 6.58 -14.18
CA THR Q 15 29.82 5.18 -14.10
C THR Q 15 29.79 4.62 -15.51
N TYR Q 16 30.58 3.58 -15.73
CA TYR Q 16 30.64 2.98 -17.05
C TYR Q 16 30.51 1.50 -16.86
N SER Q 17 29.76 0.84 -17.74
CA SER Q 17 29.57 -0.61 -17.65
C SER Q 17 29.35 -1.17 -19.05
N LEU Q 18 29.61 -2.47 -19.25
CA LEU Q 18 29.40 -3.05 -20.57
C LEU Q 18 28.35 -4.15 -20.53
N SER Q 19 27.69 -4.37 -21.67
CA SER Q 19 26.69 -5.41 -21.78
C SER Q 19 27.36 -6.70 -21.31
N PRO Q 20 26.58 -7.63 -20.76
CA PRO Q 20 27.11 -8.90 -20.28
C PRO Q 20 27.67 -9.73 -21.43
N PHE Q 21 27.24 -9.40 -22.64
CA PHE Q 21 27.67 -10.12 -23.81
C PHE Q 21 28.98 -9.62 -24.42
N GLU Q 22 29.46 -8.47 -23.97
CA GLU Q 22 30.71 -7.97 -24.51
C GLU Q 22 31.82 -8.31 -23.52
N GLN Q 23 31.49 -9.00 -22.43
CA GLN Q 23 32.52 -9.36 -21.45
C GLN Q 23 32.50 -10.80 -20.95
N ARG Q 24 33.54 -11.15 -20.19
CA ARG Q 24 33.70 -12.49 -19.65
C ARG Q 24 33.04 -12.68 -18.29
N ALA Q 25 32.35 -13.80 -18.12
CA ALA Q 25 31.63 -14.10 -16.88
C ALA Q 25 32.56 -14.22 -15.67
N ILE Q 26 33.55 -15.09 -15.80
CA ILE Q 26 34.52 -15.29 -14.75
C ILE Q 26 35.85 -14.93 -15.39
N PRO Q 27 36.30 -13.67 -15.24
CA PRO Q 27 37.56 -13.26 -15.85
C PRO Q 27 38.69 -13.16 -14.86
N ASN Q 28 39.90 -13.19 -15.40
CA ASN Q 28 41.13 -13.05 -14.63
C ASN Q 28 41.11 -13.89 -13.36
N ILE Q 29 40.92 -15.20 -13.54
CA ILE Q 29 40.87 -16.11 -12.41
C ILE Q 29 42.16 -16.18 -11.60
N PHE Q 30 43.29 -16.18 -12.30
CA PHE Q 30 44.60 -16.25 -11.63
C PHE Q 30 45.20 -14.90 -11.37
N SER Q 31 45.05 -13.98 -12.31
CA SER Q 31 45.60 -12.65 -12.10
C SER Q 31 44.88 -11.81 -11.05
N ASP Q 32 43.58 -12.04 -10.86
CA ASP Q 32 42.81 -11.25 -9.91
C ASP Q 32 41.99 -12.09 -8.92
N ALA Q 33 41.20 -13.02 -9.44
CA ALA Q 33 40.35 -13.86 -8.62
C ALA Q 33 41.07 -14.48 -7.42
N LEU Q 34 41.76 -15.59 -7.65
CA LEU Q 34 42.46 -16.30 -6.60
C LEU Q 34 43.31 -15.44 -5.65
N PRO Q 35 44.15 -14.56 -6.20
CA PRO Q 35 44.98 -13.71 -5.33
C PRO Q 35 44.16 -13.06 -4.22
N ASN Q 36 42.94 -12.65 -4.56
CA ASN Q 36 42.04 -12.02 -3.61
C ASN Q 36 41.40 -13.04 -2.69
N VAL Q 37 41.08 -14.23 -3.23
CA VAL Q 37 40.49 -15.27 -2.42
C VAL Q 37 41.44 -15.49 -1.27
N TRP Q 38 42.73 -15.55 -1.59
CA TRP Q 38 43.76 -15.74 -0.59
C TRP Q 38 43.79 -14.53 0.32
N ARG Q 39 43.83 -13.34 -0.29
CA ARG Q 39 43.87 -12.10 0.49
C ARG Q 39 42.81 -12.11 1.58
N ARG Q 40 41.58 -12.41 1.18
CA ARG Q 40 40.44 -12.45 2.08
C ARG Q 40 40.62 -13.50 3.16
N PHE Q 41 41.09 -14.68 2.75
CA PHE Q 41 41.31 -15.76 3.68
C PHE Q 41 42.30 -15.38 4.77
N SER Q 42 43.37 -14.70 4.39
CA SER Q 42 44.38 -14.29 5.35
C SER Q 42 43.87 -13.28 6.38
N SER Q 43 43.25 -12.23 5.89
CA SER Q 43 42.72 -11.17 6.75
C SER Q 43 41.83 -11.69 7.88
N GLN Q 44 41.27 -12.89 7.72
CA GLN Q 44 40.35 -13.42 8.73
C GLN Q 44 40.81 -14.58 9.62
N VAL Q 45 41.59 -15.51 9.07
CA VAL Q 45 42.05 -16.66 9.84
C VAL Q 45 42.29 -16.40 11.32
N PHE Q 46 43.11 -15.40 11.61
CA PHE Q 46 43.45 -15.10 13.00
C PHE Q 46 42.34 -14.50 13.86
N LYS Q 47 41.14 -14.38 13.29
CA LYS Q 47 39.98 -13.84 14.02
C LYS Q 47 39.00 -14.98 14.26
N VAL Q 48 38.80 -15.78 13.22
CA VAL Q 48 37.89 -16.90 13.27
C VAL Q 48 38.56 -18.13 13.89
N ALA Q 49 39.48 -18.73 13.12
CA ALA Q 49 40.20 -19.95 13.51
C ALA Q 49 40.48 -20.12 14.99
N PRO Q 50 41.10 -19.12 15.62
CA PRO Q 50 41.40 -19.23 17.05
C PRO Q 50 40.30 -19.85 17.90
N PRO Q 51 39.26 -19.08 18.25
CA PRO Q 51 38.21 -19.70 19.09
C PRO Q 51 37.69 -21.05 18.62
N PHE Q 52 37.75 -21.34 17.33
CA PHE Q 52 37.28 -22.64 16.85
C PHE Q 52 38.27 -23.71 17.22
N LEU Q 53 39.56 -23.38 17.13
CA LEU Q 53 40.62 -24.31 17.49
C LEU Q 53 40.54 -24.48 19.01
N GLY Q 54 40.43 -23.35 19.71
CA GLY Q 54 40.33 -23.36 21.15
C GLY Q 54 39.13 -24.15 21.63
N ALA Q 55 38.22 -24.47 20.71
CA ALA Q 55 37.04 -25.25 21.04
C ALA Q 55 37.43 -26.70 20.92
N TYR Q 56 37.99 -27.04 19.76
CA TYR Q 56 38.44 -28.40 19.47
C TYR Q 56 39.20 -28.97 20.65
N LEU Q 57 40.19 -28.22 21.11
CA LEU Q 57 40.99 -28.66 22.24
C LEU Q 57 40.09 -29.04 23.39
N LEU Q 58 39.34 -28.07 23.92
CA LEU Q 58 38.43 -28.34 25.03
C LEU Q 58 37.63 -29.61 24.77
N TYR Q 59 37.25 -29.83 23.52
CA TYR Q 59 36.48 -31.01 23.13
C TYR Q 59 37.32 -32.26 23.35
N SER Q 60 38.52 -32.26 22.76
CA SER Q 60 39.45 -33.39 22.87
C SER Q 60 39.75 -33.70 24.31
N TRP Q 61 40.11 -32.68 25.08
CA TRP Q 61 40.41 -32.91 26.48
C TRP Q 61 39.23 -33.60 27.17
N GLY Q 62 38.13 -32.87 27.28
CA GLY Q 62 36.95 -33.41 27.94
C GLY Q 62 36.62 -34.82 27.49
N THR Q 63 36.80 -35.11 26.21
CA THR Q 63 36.51 -36.45 25.70
C THR Q 63 37.48 -37.47 26.27
N GLN Q 64 38.78 -37.27 26.03
CA GLN Q 64 39.82 -38.19 26.53
C GLN Q 64 39.79 -38.36 28.06
N GLU Q 65 39.57 -37.26 28.79
CA GLU Q 65 39.51 -37.32 30.24
C GLU Q 65 38.36 -38.21 30.69
N PHE Q 66 37.23 -38.09 30.00
CA PHE Q 66 36.06 -38.88 30.34
C PHE Q 66 36.40 -40.36 30.24
N GLU Q 67 36.99 -40.74 29.11
CA GLU Q 67 37.38 -42.12 28.88
C GLU Q 67 38.39 -42.58 29.91
N ARG Q 68 39.28 -41.67 30.29
CA ARG Q 68 40.30 -41.99 31.28
C ARG Q 68 39.66 -42.33 32.62
N LEU Q 69 38.67 -41.55 33.03
CA LEU Q 69 38.01 -41.79 34.30
C LEU Q 69 37.18 -43.07 34.31
N LYS Q 70 37.11 -43.74 33.16
CA LYS Q 70 36.38 -44.99 33.06
C LYS Q 70 37.33 -46.16 33.28
N ARG Q 71 38.61 -45.91 33.00
CA ARG Q 71 39.67 -46.91 33.16
C ARG Q 71 39.91 -47.14 34.64
N LYS Q 72 40.37 -48.34 35.00
CA LYS Q 72 40.61 -48.64 36.40
C LYS Q 72 42.03 -48.29 36.81
N ASN Q 73 42.15 -47.82 38.05
CA ASN Q 73 43.43 -47.45 38.64
C ASN Q 73 43.93 -48.63 39.47
N PRO Q 74 44.99 -49.32 39.02
CA PRO Q 74 45.53 -50.47 39.76
C PRO Q 74 45.83 -50.20 41.23
N ALA Q 75 45.98 -48.91 41.58
CA ALA Q 75 46.28 -48.49 42.94
C ALA Q 75 45.10 -48.63 43.90
N ASP Q 76 44.09 -49.40 43.50
CA ASP Q 76 42.92 -49.63 44.34
C ASP Q 76 42.94 -51.10 44.74
N TYR Q 77 43.68 -51.90 43.97
CA TYR Q 77 43.77 -53.33 44.20
C TYR Q 77 45.16 -53.87 44.54
N GLU Q 78 46.15 -52.99 44.77
CA GLU Q 78 47.50 -53.45 45.12
C GLU Q 78 47.44 -54.11 46.50
N ASN Q 79 46.41 -53.70 47.26
CA ASN Q 79 46.14 -54.16 48.63
C ASN Q 79 45.01 -55.19 48.78
N ASP Q 80 45.34 -56.29 49.47
CA ASP Q 80 44.43 -57.38 49.77
C ASP Q 80 45.24 -58.63 50.16
N GLU R 11 35.11 -82.76 6.89
CA GLU R 11 34.81 -81.71 7.91
C GLU R 11 34.77 -80.32 7.24
N LEU R 12 34.60 -79.27 8.05
CA LEU R 12 34.55 -77.87 7.57
C LEU R 12 35.22 -76.88 8.54
N VAL R 13 35.93 -75.89 7.99
CA VAL R 13 36.59 -74.91 8.84
C VAL R 13 36.11 -73.47 8.61
N ASP R 14 35.78 -72.79 9.70
CA ASP R 14 35.29 -71.41 9.65
C ASP R 14 36.48 -70.46 9.57
N PRO R 15 36.69 -69.83 8.39
CA PRO R 15 37.82 -68.91 8.26
C PRO R 15 37.96 -67.95 9.43
N LEU R 16 36.92 -67.83 10.24
CA LEU R 16 36.97 -66.95 11.38
C LEU R 16 38.01 -67.44 12.38
N THR R 17 37.77 -68.62 12.96
CA THR R 17 38.69 -69.20 13.94
C THR R 17 40.15 -69.24 13.47
N THR R 18 40.35 -69.39 12.16
CA THR R 18 41.70 -69.41 11.59
C THR R 18 42.35 -68.05 11.69
N ILE R 19 41.65 -67.02 11.21
CA ILE R 19 42.18 -65.66 11.24
C ILE R 19 42.23 -65.10 12.65
N ARG R 20 41.48 -65.71 13.56
CA ARG R 20 41.48 -65.29 14.95
C ARG R 20 42.81 -65.74 15.54
N GLU R 21 43.19 -66.98 15.22
CA GLU R 21 44.46 -67.54 15.71
C GLU R 21 45.60 -66.68 15.19
N HIS R 22 45.62 -66.51 13.87
CA HIS R 22 46.65 -65.72 13.21
C HIS R 22 46.83 -64.33 13.82
N CYS R 23 45.72 -63.67 14.18
CA CYS R 23 45.80 -62.33 14.75
C CYS R 23 46.29 -62.31 16.19
N GLU R 24 45.94 -63.33 16.96
CA GLU R 24 46.36 -63.38 18.34
C GLU R 24 47.87 -63.45 18.49
N GLN R 25 48.55 -63.81 17.40
CA GLN R 25 50.01 -63.91 17.40
C GLN R 25 50.60 -62.58 16.93
N THR R 26 49.88 -61.49 17.20
CA THR R 26 50.31 -60.14 16.82
C THR R 26 50.70 -59.33 18.04
N GLU R 27 51.73 -58.52 17.87
CA GLU R 27 52.28 -57.67 18.92
C GLU R 27 51.23 -57.09 19.88
N LYS R 28 50.31 -56.29 19.35
CA LYS R 28 49.26 -55.64 20.14
C LYS R 28 48.37 -56.61 20.91
N CYS R 29 47.97 -57.68 20.22
CA CYS R 29 47.11 -58.70 20.82
C CYS R 29 47.83 -59.37 21.97
N VAL R 30 49.02 -59.87 21.66
CA VAL R 30 49.83 -60.55 22.66
C VAL R 30 50.02 -59.69 23.90
N LYS R 31 50.44 -58.43 23.71
CA LYS R 31 50.66 -57.52 24.83
C LYS R 31 49.42 -57.38 25.71
N ALA R 32 48.25 -57.32 25.07
CA ALA R 32 46.98 -57.17 25.78
C ALA R 32 46.54 -58.51 26.38
N ARG R 33 46.67 -59.57 25.59
CA ARG R 33 46.31 -60.93 26.01
C ARG R 33 47.08 -61.25 27.28
N GLU R 34 48.32 -60.78 27.34
CA GLU R 34 49.20 -60.99 28.47
C GLU R 34 48.63 -60.33 29.72
N ARG R 35 48.42 -59.02 29.65
CA ARG R 35 47.89 -58.27 30.79
C ARG R 35 46.59 -58.89 31.30
N LEU R 36 45.86 -59.55 30.40
CA LEU R 36 44.60 -60.19 30.75
C LEU R 36 44.84 -61.42 31.62
N GLU R 37 45.72 -62.31 31.16
CA GLU R 37 46.04 -63.52 31.89
C GLU R 37 46.44 -63.16 33.31
N LEU R 38 47.28 -62.13 33.45
CA LEU R 38 47.73 -61.69 34.77
C LEU R 38 46.54 -61.31 35.62
N CYS R 39 45.70 -60.44 35.07
CA CYS R 39 44.52 -60.00 35.79
C CYS R 39 43.70 -61.22 36.21
N ASP R 40 43.32 -62.03 35.23
CA ASP R 40 42.53 -63.22 35.50
C ASP R 40 43.18 -63.98 36.65
N ALA R 41 44.46 -64.30 36.48
CA ALA R 41 45.22 -65.03 37.48
C ALA R 41 45.08 -64.45 38.89
N ARG R 42 45.35 -63.16 39.06
CA ARG R 42 45.26 -62.56 40.40
C ARG R 42 43.84 -62.31 40.89
N VAL R 43 42.87 -62.32 39.98
CA VAL R 43 41.49 -62.10 40.39
C VAL R 43 40.89 -63.44 40.82
N SER R 44 41.37 -64.52 40.19
CA SER R 44 40.89 -65.86 40.49
C SER R 44 41.54 -66.41 41.76
N SER R 45 42.73 -65.89 42.08
CA SER R 45 43.48 -66.33 43.25
C SER R 45 43.12 -65.69 44.60
N ARG R 46 42.29 -64.65 44.60
CA ARG R 46 41.91 -64.02 45.87
C ARG R 46 40.47 -64.40 46.22
N SER R 47 39.99 -64.03 47.40
CA SER R 47 38.63 -64.37 47.81
C SER R 47 37.81 -63.21 48.39
N HIS R 48 38.28 -61.99 48.21
CA HIS R 48 37.56 -60.83 48.71
C HIS R 48 37.81 -59.53 47.93
N THR R 49 38.16 -59.67 46.65
CA THR R 49 38.43 -58.51 45.80
C THR R 49 37.23 -58.07 44.99
N GLU R 50 37.08 -56.76 44.81
CA GLU R 50 35.98 -56.21 44.04
C GLU R 50 36.29 -56.28 42.55
N GLU R 51 37.59 -56.22 42.24
CA GLU R 51 38.12 -56.24 40.88
C GLU R 51 37.51 -57.26 39.91
N GLN R 52 37.57 -56.93 38.63
CA GLN R 52 37.07 -57.77 37.54
C GLN R 52 38.04 -57.51 36.39
N CYS R 53 38.08 -58.41 35.41
CA CYS R 53 39.01 -58.23 34.30
C CYS R 53 38.38 -57.81 32.97
N THR R 54 37.23 -57.14 33.05
CA THR R 54 36.54 -56.69 31.85
C THR R 54 37.45 -55.81 31.00
N GLU R 55 37.86 -54.68 31.57
CA GLU R 55 38.72 -53.72 30.89
C GLU R 55 39.79 -54.40 30.05
N GLU R 56 40.54 -55.32 30.66
CA GLU R 56 41.60 -56.04 29.97
C GLU R 56 41.07 -56.94 28.87
N LEU R 57 39.97 -57.63 29.16
CA LEU R 57 39.35 -58.50 28.18
C LEU R 57 38.99 -57.67 26.95
N PHE R 58 38.46 -56.49 27.19
CA PHE R 58 38.09 -55.61 26.11
C PHE R 58 39.32 -55.18 25.31
N ASP R 59 40.27 -54.51 25.97
CA ASP R 59 41.47 -54.06 25.27
C ASP R 59 41.96 -55.15 24.33
N PHE R 60 41.81 -56.40 24.74
CA PHE R 60 42.22 -57.53 23.93
C PHE R 60 41.29 -57.74 22.72
N LEU R 61 40.01 -57.99 23.01
CA LEU R 61 39.01 -58.22 21.99
C LEU R 61 38.99 -57.10 20.97
N HIS R 62 39.18 -55.89 21.46
CA HIS R 62 39.18 -54.71 20.59
C HIS R 62 40.34 -54.80 19.62
N ALA R 63 41.51 -55.15 20.14
CA ALA R 63 42.71 -55.27 19.34
C ALA R 63 42.64 -56.47 18.39
N ARG R 64 42.15 -57.59 18.89
CA ARG R 64 42.05 -58.79 18.08
C ARG R 64 41.08 -58.59 16.93
N ASP R 65 39.87 -58.21 17.31
CA ASP R 65 38.78 -58.01 16.38
C ASP R 65 39.08 -56.95 15.32
N HIS R 66 39.69 -55.84 15.72
CA HIS R 66 40.04 -54.82 14.74
C HIS R 66 40.84 -55.53 13.64
N CYS R 67 41.75 -56.38 14.08
CA CYS R 67 42.61 -57.14 13.18
C CYS R 67 41.77 -58.05 12.28
N VAL R 68 40.89 -58.84 12.88
CA VAL R 68 40.05 -59.77 12.13
C VAL R 68 39.35 -59.10 10.98
N ALA R 69 38.65 -58.02 11.29
CA ALA R 69 37.90 -57.26 10.31
C ALA R 69 38.70 -57.02 9.05
N HIS R 70 39.89 -56.44 9.22
CA HIS R 70 40.79 -56.16 8.12
C HIS R 70 40.87 -57.31 7.10
N LYS R 71 40.80 -58.55 7.58
CA LYS R 71 40.94 -59.73 6.71
C LYS R 71 39.76 -60.68 6.53
N LEU R 72 39.03 -60.95 7.61
CA LEU R 72 37.92 -61.89 7.59
C LEU R 72 37.03 -61.93 6.35
N PHE R 73 36.59 -60.77 5.88
CA PHE R 73 35.72 -60.75 4.71
C PHE R 73 36.35 -61.19 3.40
N ASN R 74 37.68 -61.29 3.38
CA ASN R 74 38.40 -61.73 2.18
C ASN R 74 38.07 -63.18 1.87
N LYS R 75 37.93 -63.97 2.94
CA LYS R 75 37.66 -65.40 2.82
C LYS R 75 36.20 -65.79 2.77
N LEU R 76 35.29 -64.82 2.95
CA LEU R 76 33.86 -65.11 2.90
C LEU R 76 33.24 -64.83 1.52
N LYS R 77 32.15 -65.53 1.21
CA LYS R 77 31.50 -65.37 -0.10
C LYS R 77 30.44 -64.28 -0.16
N UNK S 3 6.03 20.90 -40.74
CA UNK S 3 6.22 20.29 -39.40
C UNK S 3 7.12 19.04 -39.45
N UNK S 4 7.57 18.68 -40.65
CA UNK S 4 8.46 17.53 -40.82
C UNK S 4 9.69 17.75 -39.95
N UNK S 5 10.15 19.00 -39.93
CA UNK S 5 11.31 19.37 -39.13
C UNK S 5 10.95 20.55 -38.21
N UNK S 6 11.37 20.46 -36.95
CA UNK S 6 11.10 21.52 -35.99
C UNK S 6 12.17 21.47 -34.93
N UNK S 7 12.30 22.52 -34.14
CA UNK S 7 13.31 22.55 -33.10
C UNK S 7 12.77 22.02 -31.78
N UNK S 8 12.22 20.81 -31.82
CA UNK S 8 11.63 20.11 -30.68
C UNK S 8 11.78 20.81 -29.32
N UNK S 9 10.74 21.51 -28.87
N UNK S 10 12.08 22.78 -27.13
CA UNK S 10 12.71 22.37 -25.88
C UNK S 10 11.68 22.14 -24.78
N UNK S 11 12.12 22.14 -23.51
CA UNK S 11 11.24 21.93 -22.36
C UNK S 11 11.63 22.72 -21.12
N UNK S 12 10.64 23.32 -20.45
CA UNK S 12 10.91 24.11 -19.26
C UNK S 12 10.11 23.73 -18.02
N UNK S 13 10.36 24.43 -16.92
CA UNK S 13 9.68 24.19 -15.64
C UNK S 13 8.45 25.10 -15.50
N UNK S 14 8.13 25.52 -14.27
CA UNK S 14 6.98 26.41 -14.05
C UNK S 14 6.56 26.51 -12.60
N UNK S 15 5.82 27.57 -12.29
CA UNK S 15 5.30 27.84 -10.95
C UNK S 15 6.25 27.42 -9.84
CA ARG S 16 23.15 27.16 -22.62
C ARG S 16 23.37 28.67 -22.56
N PRO S 17 24.36 29.12 -21.76
CA PRO S 17 24.71 30.53 -21.60
C PRO S 17 25.38 31.17 -22.82
N LEU S 18 25.67 32.47 -22.70
CA LEU S 18 26.34 33.24 -23.75
C LEU S 18 27.63 33.82 -23.15
N LEU S 19 28.75 33.68 -23.88
CA LEU S 19 30.05 34.15 -23.42
C LEU S 19 30.93 34.85 -24.48
N CYS S 20 30.51 34.81 -25.75
CA CYS S 20 31.26 35.44 -26.84
C CYS S 20 30.38 36.04 -27.95
N ARG S 21 30.85 37.13 -28.56
CA ARG S 21 30.13 37.84 -29.63
C ARG S 21 29.64 36.88 -30.71
N GLU S 22 30.24 35.69 -30.75
CA GLU S 22 29.91 34.67 -31.73
C GLU S 22 28.57 33.96 -31.48
N SER S 23 28.25 33.74 -30.20
CA SER S 23 27.01 33.08 -29.80
C SER S 23 25.93 34.12 -29.53
N MET S 24 26.34 35.37 -29.43
CA MET S 24 25.43 36.49 -29.17
C MET S 24 25.08 37.29 -30.42
N SER S 25 25.82 37.06 -31.52
CA SER S 25 25.57 37.77 -32.77
C SER S 25 24.36 37.16 -33.51
N GLY S 26 23.35 38.00 -33.73
CA GLY S 26 22.14 37.58 -34.41
C GLY S 26 21.02 37.44 -33.38
N ARG S 27 21.40 37.47 -32.11
CA ARG S 27 20.48 37.34 -30.99
C ARG S 27 19.74 38.66 -30.72
N SER S 28 20.07 39.71 -31.48
CA SER S 28 19.43 41.00 -31.31
C SER S 28 18.10 41.06 -32.07
N ALA S 29 17.05 41.52 -31.39
CA ALA S 29 15.75 41.61 -32.02
C ALA S 29 15.93 42.30 -33.35
N ARG S 30 15.59 41.60 -34.43
CA ARG S 30 15.72 42.16 -35.77
C ARG S 30 14.54 43.04 -36.17
N ARG S 31 13.35 42.44 -36.16
CA ARG S 31 12.10 43.14 -36.52
C ARG S 31 10.98 42.69 -35.55
N ASP S 32 9.71 42.86 -35.96
CA ASP S 32 8.58 42.48 -35.11
C ASP S 32 8.69 41.03 -34.62
N LEU S 33 7.94 40.70 -33.59
CA LEU S 33 7.99 39.36 -33.03
C LEU S 33 6.88 38.46 -33.60
N VAL S 34 7.21 37.24 -33.94
CA VAL S 34 6.22 36.33 -34.51
C VAL S 34 6.09 35.10 -33.65
N ALA S 35 4.87 34.57 -33.54
CA ALA S 35 4.63 33.37 -32.74
C ALA S 35 3.96 32.34 -33.63
N GLY S 36 4.34 31.08 -33.47
CA GLY S 36 3.75 30.04 -34.28
C GLY S 36 3.52 28.77 -33.50
N ILE S 37 2.50 28.03 -33.92
CA ILE S 37 2.19 26.77 -33.28
C ILE S 37 1.75 25.78 -34.33
N SER S 38 2.25 24.56 -34.19
CA SER S 38 1.92 23.53 -35.16
C SER S 38 1.21 22.42 -34.40
N LEU S 39 0.54 21.53 -35.13
CA LEU S 39 -0.18 20.42 -34.50
C LEU S 39 0.80 19.27 -34.29
N ASN S 40 1.82 19.23 -35.14
CA ASN S 40 2.84 18.17 -35.09
C ASN S 40 4.21 18.80 -35.28
N ALA S 41 4.55 19.77 -34.45
CA ALA S 41 5.85 20.40 -34.62
C ALA S 41 6.15 21.39 -33.51
N PRO S 42 7.45 21.61 -33.23
CA PRO S 42 7.93 22.52 -32.20
C PRO S 42 7.34 23.91 -32.33
N ALA S 43 7.03 24.53 -31.20
CA ALA S 43 6.48 25.87 -31.20
C ALA S 43 7.65 26.75 -31.63
N SER S 44 7.41 27.62 -32.62
CA SER S 44 8.47 28.50 -33.11
C SER S 44 8.38 29.97 -32.65
N VAL S 45 9.49 30.69 -32.81
CA VAL S 45 9.63 32.10 -32.42
C VAL S 45 10.78 32.77 -33.20
N ARG S 46 10.66 34.08 -33.48
CA ARG S 46 11.69 34.86 -34.18
C ARG S 46 11.97 36.18 -33.44
N ALA T 1 29.27 -22.70 -38.02
CA ALA T 1 29.39 -22.31 -36.59
C ALA T 1 28.10 -22.63 -35.86
N LEU T 2 28.16 -23.60 -34.95
CA LEU T 2 26.98 -24.01 -34.19
C LEU T 2 26.46 -22.92 -33.28
N LEU T 3 27.35 -22.24 -32.58
CA LEU T 3 26.89 -21.23 -31.63
C LEU T 3 26.14 -20.18 -32.41
N ARG T 4 26.64 -19.83 -33.58
CA ARG T 4 25.98 -18.85 -34.39
C ARG T 4 24.64 -19.44 -34.82
N GLN T 5 24.68 -20.61 -35.47
CA GLN T 5 23.44 -21.25 -35.93
C GLN T 5 22.46 -21.49 -34.82
N ALA T 6 22.95 -22.11 -33.75
CA ALA T 6 22.13 -22.40 -32.60
C ALA T 6 21.38 -21.13 -32.26
N TYR T 7 22.12 -20.07 -32.01
CA TYR T 7 21.52 -18.81 -31.66
C TYR T 7 20.40 -18.48 -32.62
N SER T 8 20.70 -18.44 -33.90
CA SER T 8 19.69 -18.10 -34.90
C SER T 8 18.41 -18.93 -34.87
N ALA T 9 18.56 -20.22 -35.06
CA ALA T 9 17.41 -21.13 -35.12
C ALA T 9 16.80 -21.54 -33.79
N LEU T 10 17.58 -21.57 -32.73
CA LEU T 10 17.03 -22.02 -31.45
C LEU T 10 16.83 -20.97 -30.36
N PHE T 11 17.83 -20.14 -30.13
CA PHE T 11 17.76 -19.18 -29.04
C PHE T 11 17.21 -17.79 -29.30
N ARG T 12 17.12 -17.39 -30.57
CA ARG T 12 16.63 -16.05 -30.88
C ARG T 12 15.14 -15.88 -30.57
N ARG T 13 14.27 -16.64 -31.23
CA ARG T 13 12.84 -16.54 -30.95
C ARG T 13 12.47 -17.27 -29.65
N THR T 14 11.79 -16.56 -28.75
CA THR T 14 11.39 -17.13 -27.47
C THR T 14 10.58 -18.42 -27.69
N SER T 15 9.75 -18.43 -28.71
CA SER T 15 8.95 -19.60 -29.02
C SER T 15 9.83 -20.81 -29.32
N THR T 16 10.87 -20.61 -30.13
CA THR T 16 11.76 -21.72 -30.46
C THR T 16 12.67 -22.07 -29.29
N PHE T 17 12.98 -21.09 -28.45
CA PHE T 17 13.84 -21.37 -27.32
C PHE T 17 13.11 -22.38 -26.45
N ALA T 18 11.81 -22.16 -26.27
CA ALA T 18 10.97 -23.06 -25.47
C ALA T 18 10.90 -24.44 -26.11
N LEU T 19 10.67 -24.47 -27.42
CA LEU T 19 10.56 -25.74 -28.09
C LEU T 19 11.84 -26.53 -27.87
N THR T 20 12.98 -25.83 -27.90
CA THR T 20 14.27 -26.47 -27.71
C THR T 20 14.38 -27.05 -26.30
N VAL T 21 14.00 -26.27 -25.30
CA VAL T 21 14.07 -26.72 -23.92
C VAL T 21 13.27 -27.99 -23.68
N VAL T 22 12.13 -28.11 -24.35
CA VAL T 22 11.29 -29.30 -24.23
C VAL T 22 11.93 -30.48 -24.95
N LEU T 23 12.01 -30.41 -26.28
CA LEU T 23 12.61 -31.50 -27.04
C LEU T 23 14.00 -31.81 -26.44
N GLY T 24 14.71 -30.77 -26.02
CA GLY T 24 16.01 -30.95 -25.42
C GLY T 24 15.92 -31.78 -24.15
N ALA T 25 14.90 -31.52 -23.37
CA ALA T 25 14.69 -32.26 -22.14
C ALA T 25 14.31 -33.70 -22.46
N VAL T 26 13.37 -33.89 -23.36
CA VAL T 26 12.94 -35.23 -23.74
C VAL T 26 14.14 -36.13 -24.09
N LEU T 27 15.06 -35.59 -24.88
CA LEU T 27 16.25 -36.34 -25.29
C LEU T 27 17.22 -36.46 -24.13
N PHE T 28 17.39 -35.39 -23.35
CA PHE T 28 18.31 -35.44 -22.21
C PHE T 28 17.89 -36.48 -21.20
N GLU T 29 16.59 -36.60 -20.96
CA GLU T 29 16.11 -37.57 -19.99
C GLU T 29 16.55 -38.94 -20.47
N ARG T 30 15.98 -39.34 -21.60
CA ARG T 30 16.26 -40.62 -22.24
C ARG T 30 17.73 -41.03 -22.16
N ALA T 31 18.63 -40.08 -22.37
CA ALA T 31 20.05 -40.38 -22.33
C ALA T 31 20.68 -40.32 -20.95
N PHE T 32 20.24 -39.37 -20.12
CA PHE T 32 20.82 -39.27 -18.79
C PHE T 32 20.47 -40.45 -17.94
N ASP T 33 19.25 -40.95 -18.10
CA ASP T 33 18.80 -42.11 -17.32
C ASP T 33 19.60 -43.34 -17.76
N GLN T 34 19.46 -43.73 -19.03
CA GLN T 34 20.20 -44.89 -19.55
C GLN T 34 21.66 -44.87 -19.09
N GLY T 35 22.31 -43.73 -19.26
CA GLY T 35 23.69 -43.60 -18.86
C GLY T 35 23.95 -43.86 -17.38
N ALA T 36 23.21 -43.18 -16.51
CA ALA T 36 23.39 -43.35 -15.07
C ALA T 36 23.07 -44.76 -14.64
N ASP T 37 21.99 -45.33 -15.18
CA ASP T 37 21.62 -46.71 -14.85
C ASP T 37 22.79 -47.60 -15.23
N ALA T 38 23.32 -47.36 -16.42
CA ALA T 38 24.45 -48.10 -16.92
C ALA T 38 25.59 -48.04 -15.91
N ILE T 39 26.00 -46.83 -15.55
CA ILE T 39 27.09 -46.62 -14.60
C ILE T 39 26.85 -47.33 -13.27
N PHE T 40 25.65 -47.16 -12.74
CA PHE T 40 25.32 -47.77 -11.46
C PHE T 40 25.43 -49.29 -11.51
N GLU T 41 24.95 -49.89 -12.59
CA GLU T 41 25.03 -51.33 -12.70
C GLU T 41 26.46 -51.83 -12.83
N HIS T 42 27.26 -51.23 -13.71
CA HIS T 42 28.63 -51.70 -13.85
C HIS T 42 29.32 -51.60 -12.48
N LEU T 43 29.11 -50.49 -11.79
CA LEU T 43 29.71 -50.33 -10.47
C LEU T 43 29.31 -51.40 -9.48
N ASN T 44 28.26 -52.16 -9.81
CA ASN T 44 27.76 -53.21 -8.92
C ASN T 44 27.59 -54.57 -9.61
N GLU T 45 28.52 -54.93 -10.48
CA GLU T 45 28.41 -56.20 -11.20
C GLU T 45 28.13 -57.41 -10.31
N GLY T 46 27.24 -58.27 -10.81
CA GLY T 46 26.85 -59.49 -10.13
C GLY T 46 26.16 -59.41 -8.77
N LYS T 47 25.77 -58.21 -8.34
CA LYS T 47 25.11 -58.04 -7.03
C LYS T 47 23.62 -57.84 -7.16
N LEU T 48 23.21 -57.29 -8.28
CA LEU T 48 21.80 -57.01 -8.54
C LEU T 48 21.02 -58.23 -8.98
N TRP T 49 19.75 -58.28 -8.60
CA TRP T 49 18.89 -59.37 -8.98
C TRP T 49 18.99 -59.50 -10.49
N LYS T 50 19.00 -58.37 -11.18
CA LYS T 50 19.09 -58.39 -12.63
C LYS T 50 20.19 -59.35 -13.10
N HIS T 51 21.26 -59.42 -12.31
CA HIS T 51 22.40 -60.26 -12.60
C HIS T 51 22.25 -61.73 -12.29
N ILE T 52 21.81 -62.03 -11.06
CA ILE T 52 21.68 -63.42 -10.63
C ILE T 52 20.36 -64.10 -10.97
N LYS T 53 19.43 -63.33 -11.50
CA LYS T 53 18.10 -63.81 -11.85
C LYS T 53 18.06 -65.14 -12.61
N HIS T 54 18.94 -65.30 -13.59
CA HIS T 54 18.98 -66.51 -14.42
C HIS T 54 19.02 -67.83 -13.67
N LYS T 55 19.75 -67.87 -12.54
CA LYS T 55 19.89 -69.07 -11.75
C LYS T 55 18.58 -69.74 -11.32
N TYR T 56 17.55 -68.92 -11.07
CA TYR T 56 16.26 -69.45 -10.63
C TYR T 56 15.17 -69.20 -11.65
N GLU T 57 15.54 -68.52 -12.74
CA GLU T 57 14.60 -68.24 -13.81
C GLU T 57 14.47 -69.53 -14.61
N ALA T 58 13.50 -70.37 -14.23
CA ALA T 58 13.28 -71.65 -14.91
C ALA T 58 11.87 -72.24 -14.63
N SER T 59 10.88 -71.71 -15.34
CA SER T 59 9.48 -72.13 -15.21
C SER T 59 9.15 -73.52 -15.77
N GLU T 60 9.23 -73.68 -17.08
O1 UNL U . -13.44 11.04 9.51
O1 UNL V . -6.49 33.64 26.00
O1 UNL W . -10.67 13.18 14.01
CHA HEM X . -16.10 -32.27 10.37
CHB HEM X . -17.24 -28.56 7.65
CHC HEM X . -13.17 -26.56 9.00
CHD HEM X . -11.83 -30.33 11.45
C1A HEM X . -16.76 -31.42 9.51
C2A HEM X . -17.98 -31.73 8.87
C3A HEM X . -18.28 -30.68 8.11
C4A HEM X . -17.23 -29.77 8.27
CMA HEM X . -19.52 -30.37 7.27
CAA HEM X . -18.84 -32.91 9.19
CBA HEM X . -19.55 -32.67 10.53
CGA HEM X . -20.42 -33.85 10.97
O1A HEM X . -19.93 -34.72 11.73
O2A HEM X . -21.60 -33.88 10.54
C1B HEM X . -16.26 -27.65 7.84
C2B HEM X . -16.25 -26.33 7.19
C3B HEM X . -15.13 -25.73 7.72
C4B HEM X . -14.40 -26.75 8.47
CMB HEM X . -17.23 -25.70 6.20
CAB HEM X . -14.75 -24.41 7.53
CBB HEM X . -14.01 -24.12 6.29
C1C HEM X . -12.48 -27.38 9.81
C2C HEM X . -11.12 -27.12 10.23
C3C HEM X . -10.80 -28.17 11.05
C4C HEM X . -11.90 -29.10 10.94
CMC HEM X . -10.25 -25.93 9.90
CAC HEM X . -9.66 -28.28 11.89
CBC HEM X . -8.23 -28.11 11.27
C1D HEM X . -12.88 -31.17 11.33
C2D HEM X . -12.91 -32.45 12.04
C3D HEM X . -14.12 -33.01 11.77
C4D HEM X . -14.85 -32.06 10.89
CMD HEM X . -11.83 -32.98 12.96
CAD HEM X . -14.47 -34.36 12.24
CBD HEM X . -15.30 -34.49 13.52
CGD HEM X . -16.79 -34.35 13.29
O1D HEM X . -17.34 -34.93 12.32
O2D HEM X . -17.45 -33.65 14.09
NA HEM X . -16.28 -30.21 9.13
NB HEM X . -15.13 -27.88 8.64
NC HEM X . -12.97 -28.58 10.23
ND HEM X . -14.08 -30.92 10.64
FE HEM X . -14.65 -29.38 9.70
CHA HEM Y . -18.02 -8.36 -0.59
CHB HEM Y . -16.40 -11.67 2.31
CHC HEM Y . -17.65 -15.04 -0.78
CHD HEM Y . -18.76 -11.64 -3.83
C1A HEM Y . -17.56 -9.00 0.48
C2A HEM Y . -17.28 -8.35 1.73
C3A HEM Y . -16.74 -9.28 2.51
C4A HEM Y . -16.82 -10.49 1.78
CMA HEM Y . -16.18 -9.06 3.90
CAA HEM Y . -17.55 -6.89 2.13
CBA HEM Y . -18.89 -6.65 2.85
CGA HEM Y . -20.12 -7.11 2.04
O1A HEM Y . -20.70 -8.16 2.39
O2A HEM Y . -20.51 -6.43 1.05
C1B HEM Y . -16.47 -12.87 1.68
C2B HEM Y . -16.06 -14.13 2.38
C3B HEM Y . -16.43 -15.09 1.43
C4B HEM Y . -17.09 -14.40 0.28
CMB HEM Y . -15.63 -14.36 3.84
CAB HEM Y . -16.36 -16.48 1.59
CBB HEM Y . -15.14 -17.18 2.12
C1C HEM Y . -18.12 -14.43 -1.91
C2C HEM Y . -18.74 -15.12 -3.08
C3C HEM Y . -18.98 -14.16 -3.95
C4C HEM Y . -18.57 -12.89 -3.30
CMC HEM Y . -19.10 -16.59 -3.31
CAC HEM Y . -19.68 -14.30 -5.15
CBC HEM Y . -19.48 -15.30 -6.22
C1D HEM Y . -18.57 -10.41 -3.28
C2D HEM Y . -18.75 -9.13 -3.97
C3D HEM Y . -18.63 -8.19 -3.06
C4D HEM Y . -18.30 -8.93 -1.80
CMD HEM Y . -19.22 -8.85 -5.38
CAD HEM Y . -19.04 -6.75 -3.35
CBD HEM Y . -20.18 -6.28 -2.46
CGD HEM Y . -20.85 -5.00 -2.95
O1D HEM Y . -21.71 -5.09 -3.84
O2D HEM Y . -20.52 -3.90 -2.45
NA HEM Y . -17.34 -10.32 0.53
NB HEM Y . -17.05 -13.04 0.43
NC HEM Y . -18.11 -13.06 -2.06
ND HEM Y . -18.21 -10.29 -1.99
FE HEM Y . -17.66 -11.71 -0.79
C1 UQ Z . -17.44 -4.78 5.58
C2 UQ Z . -17.56 -3.83 4.35
C3 UQ Z . -16.41 -3.46 3.60
C4 UQ Z . -15.01 -4.02 4.01
C5 UQ Z . -14.87 -4.97 5.24
C6 UQ Z . -16.03 -5.35 5.99
CM5 UQ Z . -13.42 -5.45 5.54
CM3 UQ Z . -16.13 -1.17 2.63
CM2 UQ Z . -19.26 -2.08 4.59
C7 UQ Z . -16.03 -6.31 7.28
C8 UQ Z . -14.99 -7.43 7.49
C9 UQ Z . -14.69 -8.05 8.68
C10 UQ Z . -15.45 -7.61 9.94
C11 UQ Z . -13.63 -9.16 8.88
C12 UQ Z . -13.44 -9.70 10.34
O2 UQ Z . -18.86 -3.33 3.99
O3 UQ Z . -16.51 -2.58 2.45
O4 UQ Z . -14.00 -3.70 3.37
O1 UQ Z . -18.48 -5.09 6.22
C1 CDL AA . -33.98 -4.59 2.28
O1 CDL AA . -33.58 -4.50 0.84
CA2 CDL AA . -35.51 -4.63 2.48
OA2 CDL AA . -36.13 -4.07 1.38
PA1 CDL AA . -37.52 -3.31 1.47
OA3 CDL AA . -38.13 -3.16 0.11
OA4 CDL AA . -37.36 -1.91 1.99
OA5 CDL AA . -38.46 -4.21 2.40
CA3 CDL AA . -38.94 -3.80 3.63
CA4 CDL AA . -39.31 -5.03 4.47
OA6 CDL AA . -40.48 -5.68 4.01
CA5 CDL AA . -40.14 -6.90 3.46
OA7 CDL AA . -39.42 -7.74 3.98
C11 CDL AA . -40.78 -7.14 2.08
C12 CDL AA . -41.57 -8.48 1.92
CA6 CDL AA . -39.53 -4.53 5.92
OA8 CDL AA . -38.40 -4.92 6.69
CA7 CDL AA . -38.50 -4.58 8.02
OA9 CDL AA . -38.23 -3.51 8.50
C31 CDL AA . -38.96 -5.73 8.92
CB2 CDL AA . -33.41 -3.41 3.10
OB2 CDL AA . -33.89 -3.45 4.38
PB2 CDL AA . -33.01 -3.80 5.62
OB3 CDL AA . -33.59 -3.19 6.87
OB4 CDL AA . -31.62 -3.24 5.51
OB5 CDL AA . -33.04 -5.38 5.65
CB3 CDL AA . -33.92 -6.10 6.45
CB4 CDL AA . -33.98 -7.60 6.02
OB6 CDL AA . -32.79 -8.12 5.45
CB5 CDL AA . -32.32 -9.15 6.22
OB7 CDL AA . -31.86 -9.05 7.33
C51 CDL AA . -32.43 -10.54 5.52
C52 CDL AA . -32.20 -11.80 6.43
C53 CDL AA . -32.92 -13.08 5.91
CB6 CDL AA . -35.11 -7.75 4.98
OB8 CDL AA . -36.37 -7.81 5.63
CB7 CDL AA . -36.65 -9.05 6.17
OB9 CDL AA . -36.42 -9.38 7.31
C71 CDL AA . -37.30 -10.02 5.17
C72 CDL AA . -38.26 -11.07 5.80
C26 PEE BA . -25.49 -21.00 -6.44
C25 PEE BA . -26.25 -19.91 -7.26
C24 PEE BA . -26.98 -18.87 -6.34
C23 PEE BA . -27.84 -17.77 -7.05
C22 PEE BA . -28.58 -16.82 -6.08
C21 PEE BA . -29.59 -17.14 -5.22
C20 PEE BA . -29.47 -17.70 -3.80
C19 PEE BA . -30.60 -17.30 -2.86
C18 PEE BA . -30.67 -16.23 -2.01
C17 PEE BA . -31.77 -15.16 -1.93
C16 PEE BA . -31.29 -13.86 -1.23
C15 PEE BA . -31.44 -12.54 -2.05
C14 PEE BA . -31.75 -11.31 -1.18
C13 PEE BA . -31.44 -9.95 -1.80
C12 PEE BA . -32.59 -9.33 -2.65
C11 PEE BA . -32.77 -7.81 -2.44
C10 PEE BA . -33.90 -7.44 -1.45
O4 PEE BA . -33.69 -7.44 -0.22
O2 PEE BA . -35.15 -7.12 -2.04
C2 PEE BA . -36.08 -6.23 -1.27
C1 PEE BA . -36.19 -4.84 -1.96
O3P PEE BA . -34.96 -4.42 -2.61
P PEE BA . -34.75 -2.90 -3.18
O2P PEE BA . -35.24 -2.87 -4.72
O1P PEE BA . -33.19 -2.52 -3.06
O4P PEE BA . -35.60 -1.81 -2.29
C4 PEE BA . -35.04 -0.62 -1.61
C5 PEE BA . -36.06 0.11 -0.70
N PEE BA . -35.63 0.12 0.73
C3 PEE BA . -37.48 -6.88 -1.02
O3 PEE BA . -37.44 -8.34 -0.77
C30 PEE BA . -37.33 -8.73 0.60
O5 PEE BA . -37.19 -7.93 1.56
C31 PEE BA . -37.43 -10.26 0.81
C32 PEE BA . -36.31 -10.90 1.69
C33 PEE BA . -36.61 -12.40 1.99
C34 PEE BA . -35.41 -13.33 1.64
C35 PEE BA . -35.76 -14.84 1.80
C36 PEE BA . -34.88 -15.75 0.92
C37 PEE BA . -35.39 -17.21 0.89
C38 PEE BA . -34.39 -18.21 1.52
C39 PEE BA . -33.47 -18.94 0.51
C40 PEE BA . -32.23 -19.67 1.15
C41 PEE BA . -31.25 -20.25 0.08
C42 PEE BA . -31.89 -21.39 -0.79
C43 PEE BA . -30.91 -22.54 -1.19
C44 PEE BA . -30.63 -22.73 -2.69
C45 PEE BA . -29.14 -22.94 -3.01
C46 PEE BA . -28.56 -21.73 -3.77
C13 PEE CA . -16.81 -2.64 18.63
C12 PEE CA . -15.34 -3.04 18.80
C11 PEE CA . -14.72 -2.46 20.12
C10 PEE CA . -14.16 -1.00 20.01
O4 PEE CA . -14.13 -0.38 18.92
O2 PEE CA . -13.71 -0.47 21.26
C2 PEE CA . -12.59 0.52 21.23
C1 PEE CA . -13.08 1.96 21.65
O3P PEE CA . -13.22 2.90 20.51
P PEE CA . -13.62 4.48 20.70
O2P PEE CA . -14.48 4.65 22.05
O1P PEE CA . -14.52 4.92 19.43
O4P PEE CA . -12.25 5.42 20.74
C4 PEE CA . -11.86 6.28 21.87
C5 PEE CA . -10.41 6.05 22.38
C3 PEE CA . -11.33 0.02 22.04
O3 PEE CA . -10.06 0.71 21.66
C30 PEE CA . -9.07 -0.09 21.02
O5 PEE CA . -9.28 -1.22 20.51
C31 PEE CA . -7.66 0.59 21.00
C32 PEE CA . -6.83 0.41 22.29
C1 GOL DA . -21.40 -39.61 13.08
O1 GOL DA . -22.42 -38.80 12.41
C2 GOL DA . -21.82 -40.13 14.48
O2 GOL DA . -23.07 -39.49 14.92
C3 GOL DA . -20.69 -39.94 15.54
O3 GOL DA . -21.24 -39.64 16.86
O1 UNL EA . -31.06 -40.37 -3.39
O1 UNL FA . -33.59 -39.10 -2.38
FE HEC GA . -34.25 -56.06 19.08
CHA HEC GA . -33.81 -55.11 15.94
CHB HEC GA . -35.16 -52.97 19.86
CHC HEC GA . -34.85 -56.95 22.25
CHD HEC GA . -33.22 -59.05 18.38
NA HEC GA . -34.46 -54.42 18.11
C1A HEC GA . -34.23 -54.16 16.78
C2A HEC GA . -34.54 -52.75 16.38
C3A HEC GA . -34.74 -52.13 17.55
C4A HEC GA . -34.82 -53.18 18.58
CMA HEC GA . -34.97 -50.65 17.63
CAA HEC GA . -34.93 -52.08 15.06
CBA HEC GA . -34.13 -52.43 13.82
CGA HEC GA . -34.49 -51.54 12.65
O1A HEC GA . -33.86 -51.71 11.59
O2A HEC GA . -35.40 -50.68 12.79
NB HEC GA . -34.81 -55.15 20.72
C1B HEC GA . -35.13 -53.85 20.87
C2B HEC GA . -35.37 -53.51 22.26
C3B HEC GA . -35.31 -54.62 22.91
C4B HEC GA . -34.99 -55.64 21.97
CMB HEC GA . -35.63 -52.15 22.88
CAB HEC GA . -35.58 -54.94 24.35
CBB HEC GA . -37.00 -54.52 24.67
NC HEC GA . -34.10 -57.67 20.05
C1C HEC GA . -34.42 -57.92 21.35
C2C HEC GA . -34.07 -59.26 21.75
C3C HEC GA . -33.54 -59.79 20.72
C4C HEC GA . -33.59 -58.82 19.65
CMC HEC GA . -34.08 -59.91 23.11
CAC HEC GA . -32.81 -61.09 20.55
CBC HEC GA . -33.68 -62.30 20.75
ND HEC GA . -33.73 -56.92 17.50
C1D HEC GA . -33.34 -58.19 17.35
C2D HEC GA . -33.19 -58.55 15.93
C3D HEC GA . -33.23 -57.43 15.22
C4D HEC GA . -33.60 -56.41 16.24
CMD HEC GA . -33.06 -59.90 15.28
CAD HEC GA . -32.97 -57.32 13.72
CBD HEC GA . -34.23 -57.27 12.86
CGD HEC GA . -33.91 -57.09 11.38
O1D HEC GA . -33.04 -56.24 11.07
O2D HEC GA . -34.55 -57.77 10.54
C1 CDL HA . -34.76 -0.59 8.77
O1 CDL HA . -35.27 -1.79 9.49
CA2 CDL HA . -33.42 -0.03 9.34
OA2 CDL HA . -32.61 -1.09 9.71
PA1 CDL HA . -32.20 -1.37 11.21
OA3 CDL HA . -33.40 -1.31 12.13
OA4 CDL HA . -31.26 -0.32 11.73
OA5 CDL HA . -31.51 -2.81 11.23
CA3 CDL HA . -31.69 -3.76 10.25
CA4 CDL HA . -31.44 -5.16 10.85
OA6 CDL HA . -30.67 -6.04 10.01
CA5 CDL HA . -29.32 -6.08 10.35
OA7 CDL HA . -28.73 -5.32 11.09
C11 CDL HA . -28.58 -7.27 9.67
C12 CDL HA . -29.29 -8.65 9.70
CA6 CDL HA . -32.83 -5.77 11.12
OA8 CDL HA . -33.33 -6.41 9.96
CA7 CDL HA . -34.29 -7.36 10.28
OA9 CDL HA . -35.44 -7.13 10.58
C31 CDL HA . -33.76 -8.79 10.21
CB2 CDL HA . -35.77 0.58 8.77
OB2 CDL HA . -36.19 0.85 10.05
PB2 CDL HA . -37.18 2.02 10.41
OB3 CDL HA . -38.18 2.24 9.30
OB4 CDL HA . -36.45 3.34 10.58
OB5 CDL HA . -37.91 1.58 11.71
CB3 CDL HA . -37.40 0.67 12.59
CB4 CDL HA . -38.35 -0.55 12.65
OB6 CDL HA . -38.44 -1.13 13.94
CB5 CDL HA . -39.43 -0.56 14.70
OB7 CDL HA . -40.52 -0.19 14.29
C51 CDL HA . -39.04 -0.42 16.16
C52 CDL HA . -38.70 -1.76 16.87
C53 CDL HA . -38.87 -1.68 18.41
CB6 CDL HA . -37.82 -1.58 11.66
OB8 CDL HA . -36.58 -2.12 12.12
CB7 CDL HA . -36.63 -3.49 12.23
OB9 CDL HA . -36.90 -4.28 11.35
C71 CDL HA . -36.30 -3.97 13.66
C72 CDL HA . -34.89 -4.60 13.87
C73 CDL HA . -34.95 -5.99 14.58
C74 CDL HA . -34.59 -5.90 16.08
C1 BOG IA . -23.19 -22.67 30.35
O1 BOG IA . -23.34 -21.33 29.91
C2 BOG IA . -21.94 -22.79 31.29
O2 BOG IA . -20.74 -22.42 30.62
C3 BOG IA . -21.83 -24.24 31.80
O3 BOG IA . -20.69 -24.37 32.67
C4 BOG IA . -23.15 -24.63 32.53
O4 BOG IA . -23.07 -26.00 33.01
C5 BOG IA . -24.36 -24.47 31.55
O5 BOG IA . -24.42 -23.09 31.05
C6 BOG IA . -25.69 -24.80 32.22
O6 BOG IA . -25.69 -24.56 33.63
C1' BOG IA . -23.55 -21.06 28.49
C2' BOG IA . -24.46 -19.83 28.37
C3' BOG IA . -23.75 -18.63 27.81
C4' BOG IA . -24.62 -18.00 26.74
C5' BOG IA . -23.80 -17.43 25.58
C6' BOG IA . -24.69 -16.92 24.46
C7' BOG IA . -24.13 -15.64 23.86
C8' BOG IA . -25.06 -15.20 22.78
C1 BOG JA . -26.93 -31.14 34.04
O1 BOG JA . -28.33 -31.22 34.25
C2 BOG JA . -26.42 -29.66 34.23
O2 BOG JA . -27.05 -28.77 33.32
C3 BOG JA . -24.89 -29.61 34.02
O3 BOG JA . -24.41 -28.28 34.20
C4 BOG JA . -24.21 -30.59 35.03
O4 BOG JA . -22.78 -30.55 34.86
C5 BOG JA . -24.77 -32.04 34.81
O5 BOG JA . -26.24 -32.06 34.96
C6 BOG JA . -24.17 -33.07 35.80
O6 BOG JA . -24.43 -34.42 35.42
C1' BOG JA . -28.98 -32.51 34.24
FE1 FES KA . 15.92 -50.71 37.72
FE2 FES KA . 17.98 -50.13 36.11
S1 FES KA . 18.03 -51.29 37.98
S2 FES KA . 15.84 -49.66 35.76
C27 PEE LA . -14.24 -17.21 21.02
C26 PEE LA . -14.76 -15.91 21.66
C25 PEE LA . -16.14 -15.48 21.07
C24 PEE LA . -16.95 -14.57 22.04
C23 PEE LA . -18.44 -14.94 22.20
C22 PEE LA . -19.36 -13.75 22.51
C21 PEE LA . -20.63 -13.57 22.06
C20 PEE LA . -21.09 -12.77 20.82
C19 PEE LA . -21.42 -11.31 21.09
C18 PEE LA . -20.73 -10.22 20.74
C17 PEE LA . -21.13 -8.77 20.91
C16 PEE LA . -19.98 -7.86 21.39
C15 PEE LA . -20.37 -6.37 21.55
C14 PEE LA . -19.61 -5.61 22.65
C13 PEE LA . -20.13 -4.17 22.90
C12 PEE LA . -19.17 -3.21 23.65
C11 PEE LA . -18.11 -2.56 22.71
C10 PEE LA . -18.51 -1.18 22.09
O4 PEE LA . -19.64 -1.00 21.59
O2 PEE LA . -17.46 -0.20 22.09
C2 PEE LA . -17.31 0.76 23.26
C1 PEE LA . -18.62 1.60 23.55
O3P PEE LA . -18.55 3.02 23.16
P PEE LA . -19.19 4.20 24.11
O2P PEE LA . -20.69 3.83 24.53
O1P PEE LA . -19.24 5.57 23.26
O4P PEE LA . -18.22 4.40 25.47
C4 PEE LA . -18.07 5.66 26.26
C5 PEE LA . -17.13 5.54 27.50
N PEE LA . -17.25 6.71 28.39
C3 PEE LA . -16.67 0.08 24.52
O3 PEE LA . -16.49 0.99 25.69
C30 PEE LA . -15.32 1.82 25.65
O5 PEE LA . -15.34 3.03 25.30
C31 PEE LA . -13.99 1.09 26.12
C32 PEE LA . -13.95 0.60 27.60
C33 PEE LA . -14.51 -0.84 27.76
C34 PEE LA . -13.78 -1.66 28.84
C35 PEE LA . -14.15 -3.15 28.79
C36 PEE LA . -14.18 -3.80 30.20
C37 PEE LA . -13.19 -4.97 30.35
C38 PEE LA . -13.88 -6.34 30.27
C39 PEE LA . -13.41 -7.37 31.33
C40 PEE LA . -14.30 -8.65 31.42
C41 PEE LA . -13.60 -9.88 32.07
C42 PEE LA . -14.02 -10.05 33.56
C43 PEE LA . -14.25 -11.51 34.01
C44 PEE LA . -15.34 -11.72 35.11
C45 PEE LA . -16.74 -12.09 34.56
C46 PEE LA . -17.44 -13.12 35.47
O1 UNL MA . 11.88 -1.27 -18.80
O1 UNL NA . 14.93 -0.44 -13.06
O3P PEE OA . 12.39 -12.65 -17.56
P PEE OA . 13.21 -11.43 -18.27
O2P PEE OA . 13.95 -12.01 -19.60
O1P PEE OA . 14.33 -10.87 -17.24
O4P PEE OA . 12.22 -10.18 -18.69
O1 UNL PA . 14.92 10.34 -38.40
CHA HEM QA . 7.01 -35.19 11.17
CHB HEM QA . 9.29 -31.02 11.35
CHC HEM QA . 5.75 -29.25 8.74
CHD HEM QA . 3.36 -33.28 8.82
C1A HEM QA . 7.93 -34.20 11.49
C2A HEM QA . 9.13 -34.40 12.28
C3A HEM QA . 9.72 -33.20 12.39
C4A HEM QA . 8.94 -32.32 11.58
CMA HEM QA . 11.01 -32.88 13.10
CAA HEM QA . 9.69 -35.75 12.67
CBA HEM QA . 10.29 -36.51 11.47
CGA HEM QA . 10.78 -37.90 11.83
O1A HEM QA . 10.01 -38.87 11.71
O2A HEM QA . 11.95 -38.01 12.26
C1B HEM QA . 8.57 -30.18 10.56
C2B HEM QA . 8.90 -28.81 10.34
C3B HEM QA . 7.96 -28.36 9.50
C4B HEM QA . 6.97 -29.40 9.35
CMB HEM QA . 10.06 -28.02 10.87
CAB HEM QA . 7.91 -27.12 8.91
CBB HEM QA . 7.49 -26.00 9.75
C1C HEM QA . 4.77 -30.17 8.57
C2C HEM QA . 3.51 -29.92 7.97
C3C HEM QA . 2.90 -31.12 7.83
C4C HEM QA . 3.73 -32.04 8.54
CMC HEM QA . 3.00 -28.58 7.43
CAC HEM QA . 1.71 -31.40 7.12
CBC HEM QA . 0.43 -30.59 7.43
C1D HEM QA . 4.17 -34.16 9.44
C2D HEM QA . 3.86 -35.54 9.57
C3D HEM QA . 4.90 -36.11 10.20
C4D HEM QA . 5.86 -35.06 10.44
CMD HEM QA . 2.61 -36.26 9.06
CAD HEM QA . 4.88 -37.51 10.70
CBD HEM QA . 5.52 -38.55 9.81
CGD HEM QA . 7.01 -38.66 10.00
O1D HEM QA . 7.46 -38.66 11.16
O2D HEM QA . 7.75 -38.75 8.99
NA HEM QA . 7.83 -32.93 11.04
NB HEM QA . 7.39 -30.55 9.94
NC HEM QA . 4.92 -31.46 8.94
ND HEM QA . 5.43 -33.87 9.94
FE HEM QA . 6.44 -32.23 9.92
CHA HEM RA . 15.61 -10.63 6.59
CHB HEM RA . 12.97 -14.56 5.97
CHC HEM RA . 13.58 -15.68 10.56
CHD HEM RA . 15.87 -11.59 11.23
C1A HEM RA . 14.93 -11.68 6.05
C2A HEM RA . 14.71 -11.84 4.62
C3A HEM RA . 13.89 -12.90 4.47
C4A HEM RA . 13.72 -13.44 5.76
CMA HEM RA . 13.31 -13.42 3.17
CAA HEM RA . 15.34 -11.03 3.48
CBA HEM RA . 16.67 -11.53 2.89
CGA HEM RA . 17.73 -11.78 3.96
O1A HEM RA . 17.91 -12.95 4.35
O2A HEM RA . 18.36 -10.79 4.42
C1B HEM RA . 12.84 -15.18 7.17
C2B HEM RA . 12.16 -16.48 7.33
C3B HEM RA . 12.35 -16.79 8.61
C4B HEM RA . 13.16 -15.71 9.23
CMB HEM RA . 11.49 -17.38 6.26
CAB HEM RA . 11.93 -17.97 9.22
CBB HEM RA . 10.57 -18.59 9.09
C1C HEM RA . 14.27 -14.67 11.18
C2C HEM RA . 14.82 -14.73 12.54
C3C HEM RA . 15.47 -13.54 12.71
C4C HEM RA . 15.35 -12.84 11.46
CMC HEM RA . 14.74 -15.90 13.51
CAC HEM RA . 16.15 -13.04 13.80
CBC HEM RA . 15.73 -13.06 15.27
C1D HEM RA . 15.87 -10.89 10.04
C2D HEM RA . 16.41 -9.57 9.88
C3D HEM RA . 16.50 -9.34 8.57
C4D HEM RA . 15.82 -10.49 7.93
CMD HEM RA . 16.94 -8.65 10.97
CAD HEM RA . 17.26 -8.14 8.01
CBD HEM RA . 18.39 -8.54 7.07
CGD HEM RA . 19.41 -7.41 6.85
O1D HEM RA . 20.25 -7.19 7.73
O2D HEM RA . 19.33 -6.73 5.79
NA HEM RA . 14.39 -12.72 6.75
NB HEM RA . 13.44 -14.72 8.34
NC HEM RA . 14.70 -13.56 10.51
ND HEM RA . 15.40 -11.41 8.88
FE HEM RA . 14.47 -13.10 8.66
C1 BOG SA . 5.60 -6.50 1.52
O1 BOG SA . 6.46 -6.45 2.62
C2 BOG SA . 4.72 -7.80 1.56
O2 BOG SA . 5.51 -8.99 1.55
C3 BOG SA . 3.77 -7.80 0.36
O3 BOG SA . 2.95 -8.96 0.38
C4 BOG SA . 2.91 -6.49 0.40
O4 BOG SA . 2.01 -6.45 -0.72
C5 BOG SA . 3.85 -5.22 0.38
O5 BOG SA . 4.79 -5.27 1.51
C6 BOG SA . 3.07 -3.88 0.45
O6 BOG SA . 2.02 -3.88 1.44
O1 UNL TA . 22.70 -37.59 27.30
C1 UQ UA . 15.37 -11.24 -0.77
C2 UQ UA . 15.76 -9.81 -0.26
C3 UQ UA . 14.79 -8.91 0.20
C4 UQ UA . 13.28 -9.33 0.21
C5 UQ UA . 12.87 -10.75 -0.30
C6 UQ UA . 13.86 -11.67 -0.77
CM5 UQ UA . 11.34 -11.06 -0.27
CM3 UQ UA . 14.98 -6.48 -0.22
CM2 UQ UA . 17.63 -8.82 -1.48
C7 UQ UA . 13.58 -13.15 -1.32
C8 UQ UA . 12.37 -13.99 -0.86
C9 UQ UA . 11.85 -15.09 -1.52
C10 UQ UA . 12.52 -15.51 -2.84
C11 UQ UA . 10.64 -15.92 -1.04
C12 UQ UA . 10.15 -17.10 -1.94
O2 UQ UA . 17.15 -9.45 -0.27
O3 UQ UA . 15.14 -7.60 0.69
O4 UQ UA . 12.42 -8.53 0.62
O1 UQ UA . 16.26 -12.03 -1.17
C1 CDL VA . 31.56 -13.30 3.21
O1 CDL VA . 31.24 -12.28 4.25
CA2 CDL VA . 33.02 -13.82 3.27
OA2 CDL VA . 33.83 -12.85 3.86
PA1 CDL VA . 35.35 -12.61 3.50
OA3 CDL VA . 36.03 -11.79 4.57
OA4 CDL VA . 35.52 -11.83 2.24
OA5 CDL VA . 35.99 -14.06 3.41
CA3 CDL VA . 36.45 -14.61 2.24
CA4 CDL VA . 36.49 -16.14 2.42
OA6 CDL VA . 37.49 -16.58 3.31
CA5 CDL VA . 36.91 -17.13 4.42
OA7 CDL VA . 36.03 -17.96 4.43
C11 CDL VA . 37.51 -16.62 5.73
C12 CDL VA . 37.97 -17.72 6.74
CA6 CDL VA . 36.75 -16.73 1.01
OA8 CDL VA . 35.53 -17.21 0.48
CA7 CDL VA . 35.66 -17.77 -0.77
OA9 CDL VA . 35.65 -17.18 -1.83
C31 CDL VA . 35.80 -19.29 -0.74
CB2 CDL VA . 31.30 -12.74 1.80
OB2 CDL VA . 31.71 -13.63 0.86
PB2 CDL VA . 30.73 -14.47 0.00
OB3 CDL VA . 31.38 -14.89 -1.29
OB4 CDL VA . 29.51 -13.67 -0.43
OB5 CDL VA . 30.35 -15.69 0.94
CB3 CDL VA . 30.97 -16.91 0.85
CB4 CDL VA . 30.66 -17.81 2.09
OB6 CDL VA . 29.41 -17.60 2.73
CB5 CDL VA . 28.68 -18.77 2.68
OB7 CDL VA . 28.19 -19.25 1.68
C51 CDL VA . 28.52 -19.45 4.05
C52 CDL VA . 28.01 -20.92 4.03
C53 CDL VA . 28.37 -21.71 5.32
CB6 CDL VA . 31.79 -17.58 3.12
OB8 CDL VA . 32.95 -18.31 2.76
CB7 CDL VA . 32.88 -19.66 3.08
OB9 CDL VA . 32.55 -20.56 2.33
C71 CDL VA . 33.28 -19.96 4.54
C72 CDL VA . 33.93 -21.34 4.81
C26 PEE WA . 20.14 -19.20 19.31
C25 PEE WA . 21.11 -18.00 19.36
C24 PEE WA . 22.02 -17.92 18.09
C23 PEE WA . 23.20 -16.89 18.16
C22 PEE WA . 24.11 -16.85 16.92
C21 PEE WA . 24.93 -17.81 16.47
C20 PEE WA . 24.56 -19.01 15.58
C19 PEE WA . 25.69 -19.48 14.65
C18 PEE WA . 25.93 -19.13 13.37
C17 PEE WA . 27.23 -18.58 12.77
C16 PEE WA . 27.02 -17.89 11.41
C15 PEE WA . 27.54 -16.44 11.30
C14 PEE WA . 28.18 -16.11 9.94
C13 PEE WA . 28.21 -14.61 9.55
C12 PEE WA . 29.44 -13.83 10.06
C11 PEE WA . 29.99 -12.83 9.01
C10 PEE WA . 31.14 -13.40 8.14
O4 PEE WA . 30.90 -14.12 7.16
O2 PEE WA . 32.44 -13.05 8.59
C2 PEE WA . 33.52 -13.01 7.55
C1 PEE WA . 34.02 -11.56 7.35
O3P PEE WA . 32.97 -10.56 7.51
P PEE WA . 33.20 -9.02 7.06
O2P PEE WA . 33.76 -8.20 8.33
O1P PEE WA . 31.80 -8.38 6.60
O4P PEE WA . 34.26 -8.92 5.80
C4 PEE WA . 34.00 -8.20 4.54
C5 PEE WA . 35.08 -8.44 3.46
N PEE WA . 34.53 -9.18 2.29
C3 PEE WA . 34.66 -14.03 7.87
O3 PEE WA . 34.17 -15.29 8.43
C30 PEE WA . 33.91 -16.34 7.50
O5 PEE WA . 33.84 -16.20 6.26
C31 PEE WA . 33.74 -17.73 8.18
C32 PEE WA . 32.48 -18.53 7.73
C33 PEE WA . 32.40 -19.92 8.39
C34 PEE WA . 31.05 -20.17 9.10
C35 PEE WA . 31.01 -21.49 9.90
C36 PEE WA . 29.95 -21.48 11.03
C37 PEE WA . 30.06 -22.73 11.93
C38 PEE WA . 28.78 -23.61 11.89
C39 PEE WA . 27.80 -23.37 13.07
C40 PEE WA . 26.38 -23.99 12.90
C41 PEE WA . 25.40 -23.55 14.02
C42 PEE WA . 25.78 -24.13 15.42
C43 PEE WA . 24.59 -24.59 16.30
C44 PEE WA . 24.37 -23.85 17.64
C45 PEE WA . 22.93 -23.44 17.92
C46 PEE WA . 22.72 -21.94 17.76
C1 GOL XA . 10.26 -44.35 13.40
O1 GOL XA . 11.30 -43.41 13.83
C2 GOL XA . 10.76 -45.46 12.43
O2 GOL XA . 11.89 -44.95 11.60
C3 GOL XA . 9.63 -46.07 11.57
O3 GOL XA . 10.00 -46.18 10.15
FE HEC YA . 18.02 -63.39 18.91
CHA HEC YA . 18.09 -60.78 20.99
CHB HEC YA . 19.59 -61.62 16.60
CHC HEC YA . 18.06 -66.07 16.83
CHD HEC YA . 16.42 -65.15 21.17
NA HEC YA . 18.69 -61.58 18.83
C1A HEC YA . 18.67 -60.59 19.78
C2A HEC YA . 19.38 -59.38 19.35
C3A HEC YA . 19.63 -59.61 18.06
C4A HEC YA . 19.30 -60.98 17.77
CMA HEC YA . 20.21 -58.60 17.12
CAA HEC YA . 19.93 -58.16 20.06
CBA HEC YA . 19.16 -57.51 21.20
CGA HEC YA . 19.83 -56.24 21.72
O1A HEC YA . 19.29 -55.60 22.66
O2A HEC YA . 20.90 -55.86 21.17
NB HEC YA . 18.68 -63.79 17.13
C1B HEC YA . 19.31 -62.92 16.29
C2B HEC YA . 19.52 -63.48 14.99
C3B HEC YA . 19.11 -64.73 15.08
C4B HEC YA . 18.60 -64.92 16.38
CMB HEC YA . 20.12 -62.86 13.74
CAB HEC YA . 19.20 -65.89 14.09
CBB HEC YA . 20.63 -66.08 13.62
NC HEC YA . 17.41 -65.22 19.02
C1C HEC YA . 17.52 -66.22 18.06
C2C HEC YA . 16.83 -67.40 18.46
C3C HEC YA . 16.28 -67.12 19.63
C4C HEC YA . 16.72 -65.79 20.02
CMC HEC YA . 16.61 -68.68 17.68
CAC HEC YA . 15.22 -67.85 20.42
CBC HEC YA . 15.80 -69.11 21.08
ND HEC YA . 17.42 -63.04 20.70
C1D HEC YA . 16.78 -63.90 21.50
C2D HEC YA . 16.66 -63.33 22.83
C3D HEC YA . 17.03 -62.05 22.79
C4D HEC YA . 17.54 -61.91 21.43
CMD HEC YA . 16.17 -64.04 24.10
CAD HEC YA . 16.86 -61.04 23.93
CBD HEC YA . 18.12 -60.82 24.76
CGD HEC YA . 17.93 -59.76 25.85
O1D HEC YA . 17.32 -58.71 25.56
O2D HEC YA . 18.42 -59.97 27.00
C1 CDL ZA . 32.73 -14.07 -4.09
O1 CDL ZA . 32.87 -15.55 -4.00
CA2 CDL ZA . 31.51 -13.60 -4.94
OA2 CDL ZA . 30.45 -14.44 -4.74
PA1 CDL ZA . 29.89 -15.40 -5.87
OA3 CDL ZA . 31.00 -16.15 -6.56
OA4 CDL ZA . 29.19 -14.63 -6.96
OA5 CDL ZA . 28.88 -16.40 -5.15
CA3 CDL ZA . 28.91 -16.66 -3.80
CA4 CDL ZA . 28.29 -18.06 -3.53
OA6 CDL ZA . 27.40 -18.09 -2.40
CA5 CDL ZA . 26.07 -18.03 -2.78
OA7 CDL ZA . 25.63 -17.72 -3.85
C11 CDL ZA . 25.13 -18.39 -1.62
C12 CDL ZA . 25.45 -19.70 -0.85
CA6 CDL ZA . 29.47 -19.03 -3.29
OA8 CDL ZA . 29.86 -19.01 -1.94
CA7 CDL ZA . 30.53 -20.15 -1.60
OA9 CDL ZA . 31.67 -20.41 -1.86
C31 CDL ZA . 29.67 -21.13 -0.79
CB2 CDL ZA . 34.01 -13.38 -4.66
OB2 CDL ZA . 34.39 -13.97 -5.85
PB2 CDL ZA . 35.63 -13.46 -6.69
OB3 CDL ZA . 36.71 -12.90 -5.81
OB4 CDL ZA . 35.26 -12.34 -7.64
OB5 CDL ZA . 36.15 -14.72 -7.49
CB3 CDL ZA . 35.38 -15.83 -7.76
CB4 CDL ZA . 36.00 -17.05 -7.02
OB6 CDL ZA . 35.88 -18.27 -7.73
CB5 CDL ZA . 36.94 -18.48 -8.56
OB7 CDL ZA . 38.10 -18.26 -8.33
C51 CDL ZA . 36.51 -19.09 -9.90
C52 CDL ZA . 35.81 -20.48 -9.79
C53 CDL ZA . 35.94 -21.31 -11.09
CB6 CDL ZA . 35.28 -17.19 -5.68
OB8 CDL ZA . 33.95 -17.60 -5.87
CB7 CDL ZA . 33.65 -18.76 -5.19
OB9 CDL ZA . 33.77 -18.94 -4.00
C71 CDL ZA . 33.14 -19.86 -6.13
C72 CDL ZA . 31.62 -20.14 -6.08
C73 CDL ZA . 31.29 -21.65 -5.91
C74 CDL ZA . 30.85 -22.31 -7.23
C1 BOG AB . 14.87 -40.73 -10.25
O1 BOG AB . 15.52 -39.51 -10.54
C2 BOG AB . 13.83 -41.08 -11.37
O2 BOG AB . 12.83 -40.07 -11.46
C3 BOG AB . 13.16 -42.42 -11.07
O3 BOG AB . 12.21 -42.75 -12.08
C4 BOG AB . 14.25 -43.51 -10.97
O4 BOG AB . 13.68 -44.80 -10.68
C5 BOG AB . 15.28 -43.12 -9.85
O5 BOG AB . 15.87 -41.80 -10.14
C6 BOG AB . 16.43 -44.13 -9.74
O6 BOG AB . 16.78 -44.73 -10.99
C1' BOG AB . 15.66 -38.50 -9.51
C2' BOG AB . 16.98 -37.77 -9.70
C3' BOG AB . 16.81 -36.36 -10.16
C4' BOG AB . 17.69 -35.47 -9.31
C5' BOG AB . 17.13 -34.07 -9.11
C6' BOG AB . 18.00 -33.25 -8.18
C7' BOG AB . 17.95 -31.80 -8.57
C8' BOG AB . 18.84 -31.07 -7.61
C1 BOG BB . 12.76 -51.66 -8.28
O1 BOG BB . 12.83 -53.05 -8.11
C2 BOG BB . 12.84 -51.27 -9.80
O2 BOG BB . 14.06 -51.72 -10.39
C3 BOG BB . 12.73 -49.74 -9.96
O3 BOG BB . 12.79 -49.36 -11.33
C4 BOG BB . 11.39 -49.27 -9.32
O4 BOG BB . 11.24 -47.85 -9.44
C5 BOG BB . 11.33 -49.70 -7.80
O5 BOG BB . 11.51 -51.17 -7.67
C6 BOG BB . 10.00 -49.31 -7.11
O6 BOG BB . 10.18 -48.53 -5.92
C1' BOG BB . 14.03 -53.61 -7.52
FE1 FES CB . -30.75 -57.64 -2.39
FE2 FES CB . -32.50 -55.71 -1.70
S1 FES CB . -32.95 -57.72 -2.49
S2 FES CB . -30.29 -55.67 -1.50
C27 PEE DB . 8.18 -29.23 -6.06
C26 PEE DB . 8.92 -28.71 -7.29
C25 PEE DB . 10.38 -28.32 -6.97
C24 PEE DB . 11.31 -28.33 -8.22
C23 PEE DB . 12.67 -29.06 -8.03
C22 PEE DB . 13.82 -28.49 -8.85
C21 PEE DB . 15.11 -28.36 -8.44
C20 PEE DB . 15.79 -27.11 -7.87
C19 PEE DB . 16.45 -26.21 -8.91
C18 PEE DB . 16.08 -24.98 -9.32
C17 PEE DB . 16.84 -24.06 -10.28
C16 PEE DB . 15.91 -23.37 -11.29
C15 PEE DB . 16.62 -22.37 -12.25
C14 PEE DB . 15.97 -22.24 -13.64
C13 PEE DB . 16.81 -21.40 -14.64
C12 PEE DB . 16.05 -20.88 -15.88
C11 PEE DB . 15.24 -19.58 -15.57
C10 PEE DB . 15.99 -18.21 -15.82
O4 PEE DB . 17.16 -18.03 -15.42
O2 PEE DB . 15.21 -17.21 -16.48
C2 PEE DB . 15.21 -17.10 -18.00
C1 PEE DB . 16.65 -16.91 -18.60
O3P PEE DB . 16.93 -15.58 -19.14
P PEE DB . 17.75 -15.36 -20.54
O2P PEE DB . 19.11 -16.24 -20.53
O1P PEE DB . 18.15 -13.79 -20.65
O4P PEE DB . 16.80 -15.77 -21.85
C4 PEE DB . 16.89 -15.17 -23.19
C5 PEE DB . 15.85 -15.70 -24.21
N PEE DB . 16.16 -15.29 -25.59
C3 PEE DB . 14.33 -18.20 -18.70
O3 PEE DB . 14.27 -18.12 -20.17
C30 PEE DB . 13.32 -17.20 -20.71
O5 PEE DB . 13.62 -16.07 -21.13
C31 PEE DB . 11.84 -17.75 -20.74
C32 PEE DB . 11.59 -18.96 -21.67
C33 PEE DB . 11.79 -20.31 -20.95
C34 PEE DB . 10.82 -21.41 -21.42
C35 PEE DB . 10.84 -22.64 -20.50
C36 PEE DB . 10.63 -23.97 -21.27
C37 PEE DB . 9.37 -24.75 -20.81
C38 PEE DB . 9.71 -25.93 -19.88
C39 PEE DB . 8.90 -27.23 -20.13
C40 PEE DB . 9.48 -28.46 -19.40
C41 PEE DB . 8.51 -29.67 -19.35
C42 PEE DB . 8.84 -30.73 -20.42
C43 PEE DB . 8.66 -32.19 -19.97
C44 PEE DB . 9.59 -33.25 -20.62
C45 PEE DB . 10.84 -33.57 -19.78
C46 PEE DB . 11.24 -35.05 -19.89
#